data_7X5C
#
_entry.id   7X5C
#
loop_
_entity.id
_entity.type
_entity.pdbx_description
1 polymer 'Telomerase-associated protein p75OB1'
2 polymer 'Telomerase associated protein p50PBM'
#
loop_
_entity_poly.entity_id
_entity_poly.type
_entity_poly.pdbx_seq_one_letter_code
_entity_poly.pdbx_strand_id
1 'polypeptide(L)'
;MEIEEDLNLKILEDVKKLYLQSFDYIKNGISSGGSGGSIDLSRITFLYKFISVNPTLLLINEKTQAKRRIFQGEYLYGKK
KIQFNIIAKNLEIERELIQFFKKPYQCYIMHNVQVFQMLNKNKNNNVVEFMDSEDLQSSVDSQLYYLIDESSHVLEDDSM
DFISTLTRLSDS
;
A
2 'polypeptide(L)' QDDFGDGCLLQIVN B
#
# COMPACT_ATOMS: atom_id res chain seq x y z
N MET A 1 14.61 -29.72 -13.46
CA MET A 1 14.27 -28.33 -13.81
C MET A 1 12.96 -27.91 -13.10
N GLU A 2 12.99 -26.74 -12.49
CA GLU A 2 11.81 -26.13 -11.84
C GLU A 2 11.02 -25.36 -12.90
N ILE A 3 9.70 -25.61 -12.97
CA ILE A 3 8.81 -25.00 -13.98
C ILE A 3 8.39 -23.60 -13.50
N GLU A 4 8.24 -22.67 -14.46
CA GLU A 4 7.89 -21.25 -14.18
C GLU A 4 6.46 -21.11 -13.59
N GLU A 5 5.61 -22.16 -13.80
CA GLU A 5 4.26 -22.21 -13.22
C GLU A 5 4.33 -22.21 -11.68
N ASP A 6 5.42 -22.79 -11.12
CA ASP A 6 5.67 -22.87 -9.66
C ASP A 6 5.79 -21.49 -9.01
N LEU A 7 6.18 -20.46 -9.82
CA LEU A 7 6.16 -19.05 -9.39
C LEU A 7 4.69 -18.61 -9.22
N ASN A 8 3.89 -18.89 -10.25
CA ASN A 8 2.43 -18.56 -10.29
C ASN A 8 1.66 -19.36 -9.22
N LEU A 9 2.18 -20.54 -8.87
CA LEU A 9 1.56 -21.45 -7.88
C LEU A 9 2.01 -21.11 -6.46
N LYS A 10 3.24 -20.56 -6.31
CA LYS A 10 3.74 -20.14 -4.99
C LYS A 10 3.01 -18.85 -4.59
N ILE A 11 2.84 -17.92 -5.54
CA ILE A 11 2.09 -16.66 -5.30
C ILE A 11 0.59 -16.96 -5.17
N LEU A 12 0.11 -18.06 -5.77
CA LEU A 12 -1.29 -18.50 -5.61
C LEU A 12 -1.57 -18.79 -4.11
N GLU A 13 -0.67 -19.60 -3.49
CA GLU A 13 -0.80 -19.97 -2.06
C GLU A 13 -0.31 -18.84 -1.14
N ASP A 14 0.61 -18.00 -1.63
CA ASP A 14 1.22 -16.89 -0.83
C ASP A 14 0.22 -15.75 -0.68
N VAL A 15 -0.49 -15.46 -1.78
CA VAL A 15 -1.55 -14.44 -1.82
C VAL A 15 -2.71 -14.86 -0.93
N LYS A 16 -3.20 -16.11 -1.11
CA LYS A 16 -4.39 -16.59 -0.40
C LYS A 16 -4.11 -16.73 1.11
N LYS A 17 -2.92 -17.22 1.47
CA LYS A 17 -2.46 -17.37 2.88
C LYS A 17 -2.37 -16.01 3.58
N LEU A 18 -1.58 -15.09 2.98
CA LEU A 18 -1.41 -13.73 3.53
C LEU A 18 -2.72 -12.96 3.51
N TYR A 19 -3.62 -13.29 2.56
CA TYR A 19 -4.96 -12.68 2.49
C TYR A 19 -5.74 -13.03 3.76
N LEU A 20 -5.84 -14.33 4.07
CA LEU A 20 -6.61 -14.81 5.23
C LEU A 20 -6.09 -14.18 6.54
N GLN A 21 -4.77 -14.19 6.67
CA GLN A 21 -4.07 -13.70 7.85
C GLN A 21 -4.28 -12.18 8.05
N SER A 22 -3.98 -11.38 7.00
CA SER A 22 -4.04 -9.91 7.08
C SER A 22 -5.48 -9.41 7.11
N PHE A 23 -6.39 -10.06 6.34
CA PHE A 23 -7.84 -9.73 6.33
C PHE A 23 -8.39 -9.75 7.77
N ASP A 24 -8.03 -10.81 8.50
CA ASP A 24 -8.38 -11.00 9.93
C ASP A 24 -7.73 -9.89 10.80
N TYR A 25 -6.45 -9.62 10.52
CA TYR A 25 -5.63 -8.59 11.21
C TYR A 25 -6.19 -7.16 11.01
N ILE A 26 -6.79 -6.91 9.84
CA ILE A 26 -7.34 -5.59 9.47
C ILE A 26 -8.73 -5.41 10.14
N LYS A 27 -9.50 -6.52 10.22
CA LYS A 27 -10.78 -6.58 10.98
C LYS A 27 -10.54 -6.37 12.48
N ASN A 28 -9.40 -6.89 12.96
CA ASN A 28 -9.02 -6.84 14.39
C ASN A 28 -8.47 -5.44 14.74
N GLY A 29 -7.64 -4.89 13.84
CA GLY A 29 -7.01 -3.58 14.02
C GLY A 29 -5.53 -3.60 13.61
N ILE A 30 -5.10 -2.55 12.88
CA ILE A 30 -3.70 -2.40 12.43
C ILE A 30 -2.80 -1.96 13.60
N SER A 31 -2.09 -2.93 14.21
CA SER A 31 -1.15 -2.71 15.33
C SER A 31 -1.82 -2.05 16.56
N SER A 32 -2.42 -2.89 17.42
CA SER A 32 -3.01 -2.44 18.68
C SER A 32 -1.88 -2.12 19.68
N GLY A 33 -1.51 -0.82 19.72
CA GLY A 33 -0.39 -0.35 20.54
C GLY A 33 0.95 -0.76 19.94
N GLY A 34 1.84 -1.30 20.80
CA GLY A 34 3.16 -1.78 20.37
C GLY A 34 3.10 -3.20 19.83
N SER A 35 2.63 -3.35 18.56
CA SER A 35 2.48 -4.63 17.86
C SER A 35 1.62 -5.63 18.67
N GLY A 36 0.28 -5.56 18.46
CA GLY A 36 -0.66 -6.42 19.18
C GLY A 36 -2.02 -6.50 18.51
N GLY A 37 -2.05 -6.27 17.19
CA GLY A 37 -3.28 -6.32 16.40
C GLY A 37 -3.84 -7.73 16.31
N SER A 38 -3.11 -8.59 15.56
CA SER A 38 -3.46 -10.01 15.37
C SER A 38 -2.21 -10.73 14.85
N ILE A 39 -1.85 -10.47 13.58
CA ILE A 39 -0.55 -10.86 13.00
C ILE A 39 0.14 -9.57 12.51
N ASP A 40 1.09 -9.06 13.32
CA ASP A 40 1.71 -7.75 13.08
C ASP A 40 2.92 -7.91 12.15
N LEU A 41 2.70 -7.51 10.91
CA LEU A 41 3.70 -7.53 9.83
C LEU A 41 3.70 -6.16 9.11
N SER A 42 4.78 -5.90 8.36
CA SER A 42 4.98 -4.65 7.63
C SER A 42 4.18 -4.64 6.30
N ARG A 43 3.99 -5.84 5.72
CA ARG A 43 3.34 -6.03 4.41
C ARG A 43 2.13 -6.97 4.55
N ILE A 44 1.04 -6.62 3.85
CA ILE A 44 -0.25 -7.33 3.91
C ILE A 44 -0.68 -7.77 2.49
N THR A 45 -1.80 -8.53 2.40
CA THR A 45 -2.42 -8.90 1.11
C THR A 45 -3.95 -8.86 1.26
N PHE A 46 -4.63 -8.19 0.33
CA PHE A 46 -6.09 -8.07 0.35
C PHE A 46 -6.64 -8.05 -1.07
N LEU A 47 -7.97 -8.11 -1.17
CA LEU A 47 -8.70 -8.08 -2.43
C LEU A 47 -9.68 -6.89 -2.39
N TYR A 48 -9.77 -6.16 -3.51
CA TYR A 48 -10.82 -5.15 -3.73
C TYR A 48 -10.92 -4.86 -5.23
N LYS A 49 -12.00 -4.17 -5.64
CA LYS A 49 -12.18 -3.72 -7.03
C LYS A 49 -11.82 -2.23 -7.18
N PHE A 50 -11.16 -1.89 -8.28
CA PHE A 50 -10.66 -0.53 -8.55
C PHE A 50 -11.82 0.50 -8.55
N ILE A 51 -11.68 1.54 -7.71
CA ILE A 51 -12.66 2.62 -7.60
C ILE A 51 -12.35 3.69 -8.68
N SER A 52 -11.34 4.53 -8.39
CA SER A 52 -10.92 5.65 -9.25
C SER A 52 -9.50 6.10 -8.87
N VAL A 53 -8.83 6.82 -9.80
CA VAL A 53 -7.62 7.59 -9.48
C VAL A 53 -8.07 9.02 -9.09
N ASN A 54 -7.60 9.50 -7.94
CA ASN A 54 -7.88 10.86 -7.48
C ASN A 54 -7.04 11.84 -8.34
N PRO A 55 -7.61 12.99 -8.81
CA PRO A 55 -6.90 14.00 -9.65
C PRO A 55 -5.63 14.56 -8.95
N THR A 56 -5.63 14.53 -7.60
CA THR A 56 -4.54 15.07 -6.79
C THR A 56 -3.48 13.97 -6.51
N LEU A 57 -2.27 14.40 -6.17
CA LEU A 57 -1.13 13.51 -5.85
C LEU A 57 -0.56 13.86 -4.46
N LEU A 58 0.24 12.93 -3.90
CA LEU A 58 0.79 13.03 -2.54
C LEU A 58 2.33 13.19 -2.60
N LEU A 59 2.87 14.25 -1.95
CA LEU A 59 4.32 14.42 -1.80
C LEU A 59 4.85 13.34 -0.84
N ILE A 60 5.61 12.41 -1.41
CA ILE A 60 6.13 11.23 -0.70
C ILE A 60 7.58 11.45 -0.21
N ASN A 61 8.29 12.43 -0.82
CA ASN A 61 9.70 12.74 -0.47
C ASN A 61 10.01 14.24 -0.65
N GLU A 62 10.53 14.88 0.43
CA GLU A 62 10.85 16.32 0.44
C GLU A 62 12.20 16.61 -0.24
N LYS A 63 13.21 15.73 -0.01
CA LYS A 63 14.59 15.93 -0.54
C LYS A 63 14.63 16.00 -2.07
N THR A 64 13.94 15.08 -2.74
CA THR A 64 13.95 14.95 -4.21
C THR A 64 12.61 15.41 -4.84
N GLN A 65 11.67 15.91 -3.98
CA GLN A 65 10.41 16.58 -4.39
C GLN A 65 9.63 15.78 -5.46
N ALA A 66 9.17 14.58 -5.08
CA ALA A 66 8.38 13.69 -5.96
C ALA A 66 7.02 13.44 -5.33
N LYS A 67 5.98 13.51 -6.19
CA LYS A 67 4.59 13.24 -5.80
C LYS A 67 4.11 11.98 -6.54
N ARG A 68 3.23 11.20 -5.90
CA ARG A 68 2.73 9.94 -6.46
C ARG A 68 1.20 9.97 -6.54
N ARG A 69 0.64 9.36 -7.61
CA ARG A 69 -0.82 9.30 -7.85
C ARG A 69 -1.56 8.48 -6.77
N ILE A 70 -2.82 8.85 -6.54
CA ILE A 70 -3.69 8.23 -5.53
C ILE A 70 -4.63 7.23 -6.23
N PHE A 71 -4.50 5.94 -5.88
CA PHE A 71 -5.40 4.87 -6.33
C PHE A 71 -6.33 4.54 -5.17
N GLN A 72 -7.58 5.05 -5.23
CA GLN A 72 -8.56 4.92 -4.14
C GLN A 72 -8.90 3.44 -3.90
N GLY A 73 -8.57 2.96 -2.69
CA GLY A 73 -8.74 1.56 -2.31
C GLY A 73 -9.59 1.42 -1.06
N GLU A 74 -10.90 1.23 -1.26
CA GLU A 74 -11.86 0.95 -0.19
C GLU A 74 -12.38 -0.48 -0.33
N TYR A 75 -12.54 -1.17 0.81
CA TYR A 75 -13.08 -2.54 0.87
C TYR A 75 -13.60 -2.79 2.27
N LEU A 76 -14.65 -3.62 2.38
CA LEU A 76 -15.27 -3.96 3.67
C LEU A 76 -14.61 -5.21 4.24
N TYR A 77 -13.78 -5.01 5.26
CA TYR A 77 -13.14 -6.09 6.02
C TYR A 77 -14.04 -6.40 7.23
N GLY A 78 -14.80 -7.49 7.14
CA GLY A 78 -15.69 -7.92 8.20
C GLY A 78 -16.92 -7.03 8.32
N LYS A 79 -16.77 -5.95 9.09
CA LYS A 79 -17.85 -4.99 9.37
C LYS A 79 -17.43 -3.60 8.86
N LYS A 80 -16.13 -3.30 9.01
CA LYS A 80 -15.56 -1.96 8.75
C LYS A 80 -15.21 -1.83 7.26
N LYS A 81 -15.38 -0.63 6.70
CA LYS A 81 -14.90 -0.34 5.34
C LYS A 81 -13.60 0.46 5.46
N ILE A 82 -12.48 -0.22 5.17
CA ILE A 82 -11.15 0.39 5.21
C ILE A 82 -10.92 1.14 3.89
N GLN A 83 -10.97 2.46 4.00
CA GLN A 83 -10.84 3.40 2.88
C GLN A 83 -9.51 4.12 3.01
N PHE A 84 -8.47 3.61 2.34
CA PHE A 84 -7.14 4.24 2.30
C PHE A 84 -6.61 4.29 0.88
N ASN A 85 -5.65 5.20 0.67
CA ASN A 85 -5.13 5.55 -0.64
C ASN A 85 -3.95 4.65 -0.97
N ILE A 86 -4.13 3.82 -2.01
CA ILE A 86 -3.07 2.96 -2.54
C ILE A 86 -2.06 3.82 -3.32
N ILE A 87 -0.79 3.73 -2.93
CA ILE A 87 0.33 4.51 -3.51
C ILE A 87 1.23 3.54 -4.30
N ALA A 88 2.09 4.08 -5.15
CA ALA A 88 3.13 3.31 -5.86
C ALA A 88 4.53 3.77 -5.36
N LYS A 89 5.56 2.94 -5.52
CA LYS A 89 6.91 3.27 -5.03
C LYS A 89 7.60 4.25 -5.99
N ASN A 90 7.95 3.73 -7.18
CA ASN A 90 8.69 4.50 -8.20
C ASN A 90 7.72 4.95 -9.31
N LEU A 91 8.26 5.68 -10.29
CA LEU A 91 7.53 6.11 -11.50
C LEU A 91 7.12 4.88 -12.34
N GLU A 92 7.98 3.84 -12.32
CA GLU A 92 7.75 2.57 -13.03
C GLU A 92 6.58 1.78 -12.40
N ILE A 93 6.44 1.91 -11.07
CA ILE A 93 5.36 1.23 -10.31
C ILE A 93 4.05 2.02 -10.49
N GLU A 94 4.16 3.35 -10.60
CA GLU A 94 3.01 4.23 -10.80
C GLU A 94 2.40 3.99 -12.19
N ARG A 95 3.28 3.92 -13.22
CA ARG A 95 2.86 3.80 -14.62
C ARG A 95 2.29 2.40 -14.90
N GLU A 96 2.85 1.34 -14.28
CA GLU A 96 2.33 -0.03 -14.48
C GLU A 96 0.93 -0.16 -13.86
N LEU A 97 0.72 0.50 -12.69
CA LEU A 97 -0.57 0.51 -11.99
C LEU A 97 -1.65 1.26 -12.82
N ILE A 98 -1.32 2.46 -13.35
CA ILE A 98 -2.30 3.26 -14.15
C ILE A 98 -2.64 2.55 -15.49
N GLN A 99 -1.65 1.80 -16.03
CA GLN A 99 -1.83 1.00 -17.27
C GLN A 99 -2.57 -0.32 -16.99
N PHE A 100 -2.60 -0.72 -15.71
CA PHE A 100 -3.29 -1.94 -15.26
C PHE A 100 -4.74 -1.62 -14.86
N PHE A 101 -4.96 -0.41 -14.31
CA PHE A 101 -6.27 0.04 -13.79
C PHE A 101 -7.12 0.71 -14.91
N LYS A 102 -6.87 0.26 -16.17
CA LYS A 102 -7.64 0.68 -17.36
C LYS A 102 -9.11 0.26 -17.25
N LYS A 103 -9.33 -0.95 -16.72
CA LYS A 103 -10.68 -1.45 -16.42
C LYS A 103 -11.13 -0.91 -15.04
N PRO A 104 -12.26 -0.14 -14.97
CA PRO A 104 -12.87 0.25 -13.68
C PRO A 104 -13.59 -0.95 -13.04
N TYR A 105 -13.70 -0.92 -11.69
CA TYR A 105 -14.31 -2.01 -10.88
C TYR A 105 -13.55 -3.34 -11.09
N GLN A 106 -12.24 -3.20 -11.34
CA GLN A 106 -11.34 -4.32 -11.62
C GLN A 106 -11.00 -5.04 -10.30
N CYS A 107 -11.59 -6.22 -10.09
CA CYS A 107 -11.42 -6.99 -8.84
C CYS A 107 -10.12 -7.80 -8.88
N TYR A 108 -9.12 -7.31 -8.14
CA TYR A 108 -7.77 -7.88 -8.07
C TYR A 108 -7.34 -8.09 -6.61
N ILE A 109 -6.27 -8.88 -6.44
CA ILE A 109 -5.67 -9.19 -5.14
C ILE A 109 -4.30 -8.50 -5.06
N MET A 110 -4.22 -7.44 -4.26
CA MET A 110 -2.99 -6.69 -4.07
C MET A 110 -2.13 -7.42 -3.01
N HIS A 111 -1.02 -7.99 -3.48
CA HIS A 111 -0.08 -8.77 -2.65
C HIS A 111 1.09 -7.89 -2.22
N ASN A 112 1.61 -8.10 -0.98
CA ASN A 112 2.88 -7.49 -0.47
C ASN A 112 2.71 -5.96 -0.23
N VAL A 113 1.46 -5.53 0.03
CA VAL A 113 1.12 -4.12 0.21
C VAL A 113 1.73 -3.57 1.52
N GLN A 114 2.70 -2.66 1.37
CA GLN A 114 3.49 -2.16 2.50
C GLN A 114 2.90 -0.83 3.00
N VAL A 115 2.35 -0.82 4.23
CA VAL A 115 1.65 0.37 4.77
C VAL A 115 2.65 1.42 5.30
N PHE A 116 2.46 2.70 4.86
CA PHE A 116 3.28 3.85 5.29
C PHE A 116 2.40 4.92 5.97
N GLN A 117 2.70 5.19 7.25
CA GLN A 117 2.01 6.22 8.06
C GLN A 117 2.78 7.55 7.94
N MET A 118 2.07 8.66 7.67
CA MET A 118 2.71 9.98 7.41
C MET A 118 3.16 10.67 8.71
N LEU A 119 4.34 11.31 8.62
CA LEU A 119 4.98 12.03 9.73
C LEU A 119 6.04 13.01 9.15
N ASN A 120 6.77 13.71 10.02
CA ASN A 120 7.91 14.58 9.61
C ASN A 120 8.75 14.96 10.84
N LYS A 121 9.83 15.73 10.63
CA LYS A 121 10.67 16.28 11.70
C LYS A 121 9.85 17.32 12.50
N ASN A 122 10.12 17.40 13.81
CA ASN A 122 9.39 18.31 14.71
C ASN A 122 10.34 18.85 15.79
N LYS A 123 10.91 20.03 15.51
CA LYS A 123 11.71 20.83 16.48
C LYS A 123 11.96 22.24 15.91
N ASN A 124 11.76 22.39 14.57
CA ASN A 124 11.85 23.66 13.82
C ASN A 124 13.32 24.13 13.66
N ASN A 125 13.63 24.70 12.49
CA ASN A 125 14.96 25.25 12.16
C ASN A 125 15.30 26.48 13.04
N ASN A 126 14.36 27.44 13.12
CA ASN A 126 14.52 28.75 13.82
C ASN A 126 15.72 29.58 13.28
N VAL A 127 16.23 29.20 12.10
CA VAL A 127 17.43 29.79 11.50
C VAL A 127 17.46 29.45 10.00
N VAL A 128 18.20 30.26 9.20
CA VAL A 128 18.30 30.11 7.73
C VAL A 128 16.91 30.30 7.08
N GLU A 129 16.07 31.12 7.76
CA GLU A 129 14.68 31.43 7.35
C GLU A 129 14.66 32.42 6.16
N PHE A 130 15.85 32.80 5.66
CA PHE A 130 16.02 33.59 4.43
C PHE A 130 15.47 32.82 3.19
N MET A 131 15.47 31.48 3.28
CA MET A 131 14.93 30.58 2.23
C MET A 131 13.39 30.66 2.13
N ASP A 132 12.76 31.12 3.23
CA ASP A 132 11.28 31.24 3.33
C ASP A 132 10.76 32.39 2.44
N SER A 133 9.62 32.13 1.78
CA SER A 133 8.96 33.08 0.85
C SER A 133 7.62 33.55 1.45
N GLU A 134 7.54 33.55 2.80
CA GLU A 134 6.34 33.88 3.58
C GLU A 134 5.21 32.85 3.32
N ASP A 135 5.31 31.70 3.99
CA ASP A 135 4.30 30.63 3.89
C ASP A 135 4.29 29.78 5.18
N LEU A 136 3.34 30.08 6.08
CA LEU A 136 3.16 29.36 7.34
C LEU A 136 2.46 28.02 7.06
N GLN A 137 2.99 26.94 7.65
CA GLN A 137 2.54 25.56 7.36
C GLN A 137 1.16 25.29 7.98
N SER A 138 0.25 24.72 7.18
CA SER A 138 -1.12 24.39 7.60
C SER A 138 -1.17 23.01 8.31
N SER A 139 -2.25 22.77 9.07
CA SER A 139 -2.45 21.53 9.85
C SER A 139 -2.89 20.36 8.94
N VAL A 140 -2.00 19.35 8.81
CA VAL A 140 -2.28 18.13 8.02
C VAL A 140 -2.54 16.95 8.97
N ASP A 141 -3.61 16.18 8.69
CA ASP A 141 -3.93 14.94 9.42
C ASP A 141 -2.96 13.83 8.94
N SER A 142 -2.19 13.27 9.89
CA SER A 142 -1.19 12.22 9.61
C SER A 142 -1.89 10.86 9.36
N GLN A 143 -2.32 10.66 8.11
CA GLN A 143 -3.02 9.43 7.66
C GLN A 143 -1.99 8.36 7.23
N LEU A 144 -2.42 7.09 7.17
CA LEU A 144 -1.59 5.97 6.66
C LEU A 144 -2.08 5.59 5.24
N TYR A 145 -1.17 5.66 4.27
CA TYR A 145 -1.42 5.36 2.87
C TYR A 145 -0.72 4.04 2.52
N TYR A 146 -1.43 3.13 1.82
CA TYR A 146 -0.96 1.76 1.56
C TYR A 146 -0.07 1.72 0.30
N LEU A 147 1.25 1.76 0.53
CA LEU A 147 2.29 1.79 -0.52
C LEU A 147 2.42 0.42 -1.23
N ILE A 148 2.61 0.49 -2.56
CA ILE A 148 2.89 -0.65 -3.44
C ILE A 148 4.31 -0.51 -3.99
N ASP A 149 5.17 -1.42 -3.54
CA ASP A 149 6.59 -1.48 -3.96
C ASP A 149 6.77 -2.39 -5.19
N GLU A 150 8.02 -2.48 -5.65
CA GLU A 150 8.41 -3.37 -6.78
C GLU A 150 8.42 -4.87 -6.40
N SER A 151 8.26 -5.18 -5.09
CA SER A 151 8.12 -6.57 -4.60
C SER A 151 6.63 -7.00 -4.60
N SER A 152 5.73 -6.00 -4.68
CA SER A 152 4.28 -6.20 -4.75
C SER A 152 3.85 -6.80 -6.09
N HIS A 153 2.71 -7.52 -6.06
CA HIS A 153 2.10 -8.18 -7.25
C HIS A 153 0.58 -8.01 -7.16
N VAL A 154 -0.03 -7.37 -8.16
CA VAL A 154 -1.48 -7.15 -8.21
C VAL A 154 -2.11 -8.16 -9.21
N LEU A 155 -2.75 -9.22 -8.66
CA LEU A 155 -3.27 -10.35 -9.46
C LEU A 155 -4.74 -10.12 -9.82
N GLU A 156 -5.02 -9.89 -11.10
CA GLU A 156 -6.39 -9.58 -11.59
C GLU A 156 -7.20 -10.90 -11.73
N ASP A 157 -8.32 -11.02 -10.99
CA ASP A 157 -9.27 -12.14 -11.20
C ASP A 157 -10.35 -11.69 -12.20
N ASP A 158 -10.23 -12.19 -13.43
CA ASP A 158 -11.17 -11.91 -14.54
C ASP A 158 -12.56 -12.51 -14.23
N SER A 159 -12.56 -13.60 -13.45
CA SER A 159 -13.77 -14.28 -12.98
C SER A 159 -14.06 -13.87 -11.51
N MET A 160 -14.86 -14.67 -10.79
CA MET A 160 -15.09 -14.48 -9.35
C MET A 160 -14.80 -15.80 -8.60
N ASP A 161 -14.02 -16.72 -9.21
CA ASP A 161 -13.75 -18.05 -8.62
C ASP A 161 -12.63 -17.98 -7.58
N PHE A 162 -11.63 -17.10 -7.79
CA PHE A 162 -10.53 -16.89 -6.83
C PHE A 162 -11.05 -16.01 -5.68
N ILE A 163 -11.87 -15.00 -6.03
CA ILE A 163 -12.61 -14.16 -5.06
C ILE A 163 -13.48 -15.06 -4.16
N SER A 164 -14.16 -16.05 -4.79
CA SER A 164 -15.02 -17.04 -4.13
C SER A 164 -14.21 -17.82 -3.09
N THR A 165 -13.06 -18.35 -3.55
CA THR A 165 -12.11 -19.12 -2.73
C THR A 165 -11.68 -18.32 -1.47
N LEU A 166 -11.30 -17.06 -1.69
CA LEU A 166 -10.72 -16.20 -0.65
C LEU A 166 -11.74 -15.80 0.42
N THR A 167 -12.91 -15.34 -0.02
CA THR A 167 -13.96 -14.85 0.89
C THR A 167 -14.57 -16.00 1.73
N ARG A 168 -14.66 -17.21 1.13
CA ARG A 168 -15.23 -18.39 1.81
C ARG A 168 -14.19 -19.02 2.75
N LEU A 169 -12.89 -18.82 2.43
CA LEU A 169 -11.77 -19.30 3.27
C LEU A 169 -11.56 -18.40 4.50
N SER A 170 -11.76 -17.09 4.33
CA SER A 170 -11.58 -16.10 5.41
C SER A 170 -12.83 -16.06 6.32
N ASP A 171 -13.99 -15.75 5.69
CA ASP A 171 -15.32 -15.67 6.33
C ASP A 171 -15.43 -14.46 7.30
N SER A 172 -16.63 -13.88 7.36
CA SER A 172 -16.96 -12.72 8.22
C SER A 172 -18.44 -12.77 8.64
N GLN B 1 17.10 10.80 -2.03
CA GLN B 1 17.80 9.55 -2.28
C GLN B 1 16.82 8.52 -2.87
N ASP B 2 15.91 8.04 -2.01
CA ASP B 2 14.83 7.11 -2.38
C ASP B 2 13.48 7.77 -2.06
N ASP B 3 12.44 7.47 -2.85
CA ASP B 3 11.09 8.10 -2.73
C ASP B 3 10.50 7.92 -1.31
N PHE B 4 10.68 6.71 -0.76
CA PHE B 4 10.17 6.33 0.57
C PHE B 4 11.34 6.07 1.54
N GLY B 5 12.55 6.54 1.16
CA GLY B 5 13.73 6.49 2.00
C GLY B 5 13.92 7.77 2.82
N ASP B 6 15.07 7.88 3.53
CA ASP B 6 15.39 9.01 4.45
C ASP B 6 15.15 10.40 3.79
N GLY B 7 14.18 11.15 4.34
CA GLY B 7 13.71 12.42 3.76
C GLY B 7 12.34 12.29 3.10
N CYS B 8 11.65 11.19 3.42
CA CYS B 8 10.23 10.98 3.06
C CYS B 8 9.28 11.71 4.03
N LEU B 9 8.00 11.84 3.62
CA LEU B 9 6.92 12.43 4.43
C LEU B 9 6.10 11.31 5.12
N LEU B 10 6.54 10.05 4.96
CA LEU B 10 5.82 8.85 5.44
C LEU B 10 6.81 7.71 5.72
N GLN B 11 6.64 7.05 6.88
CA GLN B 11 7.47 5.93 7.35
C GLN B 11 6.60 4.67 7.47
N ILE B 12 7.20 3.51 7.23
CA ILE B 12 6.51 2.20 7.27
C ILE B 12 6.05 1.89 8.73
N VAL B 13 4.85 1.28 8.89
CA VAL B 13 4.35 0.80 10.20
C VAL B 13 5.13 -0.46 10.66
N ASN B 14 5.88 -0.33 11.76
CA ASN B 14 6.69 -1.43 12.34
C ASN B 14 7.05 -1.10 13.80
N MET A 1 3.84 -10.20 -16.69
CA MET A 1 4.67 -10.67 -15.56
C MET A 1 4.48 -12.20 -15.38
N GLU A 2 5.30 -12.98 -16.09
CA GLU A 2 5.30 -14.46 -16.00
C GLU A 2 6.63 -15.01 -16.53
N ILE A 3 7.35 -15.73 -15.66
CA ILE A 3 8.58 -16.44 -16.03
C ILE A 3 8.24 -17.92 -16.26
N GLU A 4 7.68 -18.51 -15.21
CA GLU A 4 7.19 -19.90 -15.19
C GLU A 4 6.02 -19.97 -14.18
N GLU A 5 5.33 -21.13 -14.13
CA GLU A 5 4.26 -21.40 -13.15
C GLU A 5 4.73 -21.18 -11.70
N ASP A 6 6.02 -21.46 -11.43
CA ASP A 6 6.64 -21.33 -10.08
C ASP A 6 6.48 -19.93 -9.48
N LEU A 7 6.55 -18.88 -10.33
CA LEU A 7 6.27 -17.49 -9.91
C LEU A 7 4.80 -17.41 -9.44
N ASN A 8 3.94 -17.90 -10.32
CA ASN A 8 2.47 -17.81 -10.20
C ASN A 8 1.93 -18.72 -9.07
N LEU A 9 2.73 -19.74 -8.70
CA LEU A 9 2.38 -20.73 -7.66
C LEU A 9 2.82 -20.23 -6.28
N LYS A 10 4.02 -19.62 -6.21
CA LYS A 10 4.57 -19.11 -4.94
C LYS A 10 3.71 -17.92 -4.47
N ILE A 11 3.30 -17.06 -5.42
CA ILE A 11 2.40 -15.93 -5.12
C ILE A 11 0.99 -16.45 -4.83
N LEU A 12 0.54 -17.53 -5.52
CA LEU A 12 -0.78 -18.17 -5.30
C LEU A 12 -0.96 -18.53 -3.80
N GLU A 13 0.00 -19.31 -3.28
CA GLU A 13 -0.03 -19.82 -1.90
C GLU A 13 0.21 -18.70 -0.90
N ASP A 14 1.02 -17.70 -1.29
CA ASP A 14 1.42 -16.58 -0.42
C ASP A 14 0.29 -15.54 -0.33
N VAL A 15 -0.49 -15.42 -1.42
CA VAL A 15 -1.65 -14.51 -1.50
C VAL A 15 -2.72 -15.01 -0.55
N LYS A 16 -3.16 -16.27 -0.76
CA LYS A 16 -4.26 -16.86 0.01
C LYS A 16 -3.90 -16.95 1.51
N LYS A 17 -2.67 -17.39 1.83
CA LYS A 17 -2.15 -17.45 3.21
C LYS A 17 -2.20 -16.06 3.90
N LEU A 18 -1.48 -15.08 3.32
CA LEU A 18 -1.43 -13.70 3.87
C LEU A 18 -2.83 -13.07 3.88
N TYR A 19 -3.69 -13.47 2.93
CA TYR A 19 -5.06 -12.96 2.84
C TYR A 19 -5.85 -13.38 4.09
N LEU A 20 -5.85 -14.68 4.42
CA LEU A 20 -6.61 -15.23 5.57
C LEU A 20 -6.18 -14.55 6.88
N GLN A 21 -4.86 -14.58 7.09
CA GLN A 21 -4.20 -14.05 8.29
C GLN A 21 -4.50 -12.55 8.47
N SER A 22 -4.21 -11.76 7.41
CA SER A 22 -4.35 -10.30 7.45
C SER A 22 -5.84 -9.89 7.45
N PHE A 23 -6.71 -10.69 6.78
CA PHE A 23 -8.16 -10.40 6.67
C PHE A 23 -8.76 -10.24 8.06
N ASP A 24 -8.43 -11.22 8.93
CA ASP A 24 -8.84 -11.19 10.35
C ASP A 24 -8.19 -9.99 11.08
N TYR A 25 -6.88 -9.81 10.86
CA TYR A 25 -6.07 -8.73 11.46
C TYR A 25 -6.57 -7.31 11.04
N ILE A 26 -7.22 -7.22 9.87
CA ILE A 26 -7.81 -5.98 9.34
C ILE A 26 -9.18 -5.75 10.02
N LYS A 27 -9.91 -6.87 10.27
CA LYS A 27 -11.18 -6.86 11.05
C LYS A 27 -10.92 -6.51 12.54
N ASN A 28 -9.69 -6.78 13.02
CA ASN A 28 -9.25 -6.39 14.37
C ASN A 28 -8.79 -4.92 14.35
N GLY A 29 -7.99 -4.56 13.34
CA GLY A 29 -7.39 -3.23 13.21
C GLY A 29 -5.88 -3.30 12.98
N ILE A 30 -5.40 -2.49 12.01
CA ILE A 30 -3.96 -2.44 11.63
C ILE A 30 -3.14 -1.78 12.76
N SER A 31 -2.55 -2.62 13.62
CA SER A 31 -1.84 -2.20 14.85
C SER A 31 -1.01 -3.37 15.41
N SER A 32 -0.06 -3.07 16.31
CA SER A 32 0.79 -4.08 16.95
C SER A 32 -0.03 -4.91 17.96
N GLY A 33 0.09 -6.25 17.88
CA GLY A 33 -0.66 -7.17 18.74
C GLY A 33 0.16 -8.39 19.13
N GLY A 34 0.60 -9.15 18.13
CA GLY A 34 1.43 -10.36 18.35
C GLY A 34 1.29 -11.34 17.19
N SER A 35 2.27 -12.25 17.04
CA SER A 35 2.26 -13.30 15.99
C SER A 35 1.26 -14.41 16.35
N GLY A 36 -0.03 -14.12 16.13
CA GLY A 36 -1.13 -15.02 16.46
C GLY A 36 -2.44 -14.24 16.59
N GLY A 37 -3.33 -14.38 15.58
CA GLY A 37 -4.60 -13.65 15.55
C GLY A 37 -4.42 -12.23 15.00
N SER A 38 -4.00 -11.31 15.90
CA SER A 38 -3.69 -9.91 15.53
C SER A 38 -2.23 -9.82 15.02
N ILE A 39 -1.97 -10.51 13.89
CA ILE A 39 -0.63 -10.66 13.30
C ILE A 39 -0.14 -9.31 12.73
N ASP A 40 0.70 -8.60 13.51
CA ASP A 40 1.26 -7.32 13.08
C ASP A 40 2.53 -7.57 12.24
N LEU A 41 2.48 -7.12 10.99
CA LEU A 41 3.56 -7.27 10.01
C LEU A 41 3.59 -6.02 9.12
N SER A 42 4.71 -5.83 8.41
CA SER A 42 4.93 -4.66 7.55
C SER A 42 3.99 -4.67 6.32
N ARG A 43 3.70 -5.90 5.83
CA ARG A 43 3.00 -6.11 4.54
C ARG A 43 1.83 -7.09 4.72
N ILE A 44 0.72 -6.77 4.05
CA ILE A 44 -0.56 -7.51 4.13
C ILE A 44 -1.03 -7.93 2.72
N THR A 45 -2.13 -8.68 2.64
CA THR A 45 -2.77 -9.06 1.36
C THR A 45 -4.29 -9.06 1.54
N PHE A 46 -4.98 -8.31 0.68
CA PHE A 46 -6.43 -8.16 0.73
C PHE A 46 -7.02 -8.13 -0.68
N LEU A 47 -8.35 -8.17 -0.73
CA LEU A 47 -9.12 -8.27 -1.97
C LEU A 47 -10.14 -7.11 -2.00
N TYR A 48 -10.22 -6.43 -3.16
CA TYR A 48 -11.25 -5.40 -3.43
C TYR A 48 -11.30 -5.07 -4.93
N LYS A 49 -12.38 -4.36 -5.35
CA LYS A 49 -12.50 -3.85 -6.73
C LYS A 49 -12.14 -2.35 -6.78
N PHE A 50 -11.46 -1.96 -7.87
CA PHE A 50 -10.93 -0.60 -8.06
C PHE A 50 -12.06 0.45 -8.05
N ILE A 51 -11.84 1.58 -7.37
CA ILE A 51 -12.81 2.69 -7.34
C ILE A 51 -12.42 3.69 -8.45
N SER A 52 -11.40 4.55 -8.17
CA SER A 52 -10.96 5.61 -9.12
C SER A 52 -9.51 6.05 -8.79
N VAL A 53 -8.91 6.83 -9.71
CA VAL A 53 -7.66 7.58 -9.46
C VAL A 53 -8.03 9.03 -9.15
N ASN A 54 -7.34 9.62 -8.17
CA ASN A 54 -7.50 11.01 -7.78
C ASN A 54 -6.58 11.85 -8.71
N PRO A 55 -7.09 13.01 -9.27
CA PRO A 55 -6.27 13.93 -10.10
C PRO A 55 -4.99 14.38 -9.37
N THR A 56 -5.10 14.47 -8.03
CA THR A 56 -4.01 14.87 -7.16
C THR A 56 -3.04 13.68 -6.95
N LEU A 57 -1.76 14.02 -6.77
CA LEU A 57 -0.68 13.05 -6.52
C LEU A 57 0.04 13.44 -5.21
N LEU A 58 0.40 12.43 -4.42
CA LEU A 58 1.00 12.59 -3.10
C LEU A 58 2.52 12.70 -3.19
N LEU A 59 3.08 13.83 -2.70
CA LEU A 59 4.52 14.01 -2.58
C LEU A 59 5.06 13.11 -1.45
N ILE A 60 5.93 12.17 -1.83
CA ILE A 60 6.52 11.19 -0.91
C ILE A 60 7.95 11.58 -0.49
N ASN A 61 8.59 12.53 -1.21
CA ASN A 61 9.98 12.96 -0.91
C ASN A 61 10.23 14.43 -1.31
N GLU A 62 10.69 15.23 -0.32
CA GLU A 62 10.91 16.67 -0.47
C GLU A 62 12.16 16.99 -1.33
N LYS A 63 13.24 16.21 -1.15
CA LYS A 63 14.56 16.45 -1.80
C LYS A 63 14.47 16.31 -3.34
N THR A 64 14.04 15.14 -3.84
CA THR A 64 14.00 14.83 -5.28
C THR A 64 12.61 15.10 -5.90
N GLN A 65 11.65 15.58 -5.06
CA GLN A 65 10.33 16.10 -5.49
C GLN A 65 9.52 15.10 -6.37
N ALA A 66 9.52 13.82 -5.95
CA ALA A 66 8.79 12.75 -6.66
C ALA A 66 7.42 12.51 -5.99
N LYS A 67 6.36 12.49 -6.81
CA LYS A 67 4.97 12.26 -6.36
C LYS A 67 4.46 10.94 -6.97
N ARG A 68 3.41 10.38 -6.34
CA ARG A 68 2.75 9.13 -6.80
C ARG A 68 1.24 9.35 -6.80
N ARG A 69 0.52 8.81 -7.82
CA ARG A 69 -0.94 8.92 -7.89
C ARG A 69 -1.64 8.20 -6.72
N ILE A 70 -2.83 8.71 -6.40
CA ILE A 70 -3.68 8.21 -5.31
C ILE A 70 -4.75 7.30 -5.93
N PHE A 71 -4.80 6.05 -5.50
CA PHE A 71 -5.83 5.08 -5.94
C PHE A 71 -6.80 4.85 -4.79
N GLN A 72 -8.06 5.31 -4.96
CA GLN A 72 -9.12 5.14 -3.95
C GLN A 72 -9.39 3.64 -3.76
N GLY A 73 -9.04 3.11 -2.57
CA GLY A 73 -9.13 1.68 -2.28
C GLY A 73 -9.92 1.41 -1.01
N GLU A 74 -11.23 1.16 -1.17
CA GLU A 74 -12.14 0.89 -0.04
C GLU A 74 -12.90 -0.41 -0.26
N TYR A 75 -13.18 -1.12 0.84
CA TYR A 75 -13.90 -2.40 0.86
C TYR A 75 -14.31 -2.74 2.30
N LEU A 76 -15.38 -3.54 2.46
CA LEU A 76 -15.90 -3.94 3.77
C LEU A 76 -15.29 -5.30 4.17
N TYR A 77 -14.48 -5.29 5.23
CA TYR A 77 -13.84 -6.50 5.78
C TYR A 77 -14.55 -6.88 7.08
N GLY A 78 -15.20 -8.06 7.08
CA GLY A 78 -16.01 -8.51 8.21
C GLY A 78 -17.31 -7.75 8.32
N LYS A 79 -17.26 -6.60 9.05
CA LYS A 79 -18.40 -5.68 9.21
C LYS A 79 -17.95 -4.20 9.10
N LYS A 80 -16.63 -3.95 9.15
CA LYS A 80 -16.05 -2.58 9.09
C LYS A 80 -15.64 -2.23 7.65
N LYS A 81 -15.78 -0.96 7.26
CA LYS A 81 -15.42 -0.49 5.91
C LYS A 81 -14.03 0.19 5.95
N ILE A 82 -13.04 -0.53 5.44
CA ILE A 82 -11.64 -0.12 5.42
C ILE A 82 -11.37 0.71 4.13
N GLN A 83 -11.05 1.99 4.33
CA GLN A 83 -10.98 3.01 3.28
C GLN A 83 -9.61 3.70 3.31
N PHE A 84 -8.68 3.25 2.44
CA PHE A 84 -7.30 3.82 2.38
C PHE A 84 -6.85 4.04 0.93
N ASN A 85 -5.88 4.94 0.76
CA ASN A 85 -5.34 5.33 -0.55
C ASN A 85 -4.10 4.51 -0.87
N ILE A 86 -4.17 3.78 -1.98
CA ILE A 86 -3.09 2.95 -2.49
C ILE A 86 -2.04 3.85 -3.21
N ILE A 87 -0.75 3.59 -2.93
CA ILE A 87 0.39 4.38 -3.45
C ILE A 87 1.31 3.44 -4.26
N ALA A 88 2.27 3.99 -4.99
CA ALA A 88 3.28 3.22 -5.73
C ALA A 88 4.70 3.59 -5.25
N LYS A 89 5.64 2.63 -5.30
CA LYS A 89 6.99 2.80 -4.72
C LYS A 89 7.87 3.63 -5.67
N ASN A 90 8.27 3.01 -6.80
CA ASN A 90 9.13 3.66 -7.79
C ASN A 90 8.28 4.42 -8.81
N LEU A 91 8.97 5.24 -9.60
CA LEU A 91 8.42 5.93 -10.79
C LEU A 91 7.87 4.93 -11.83
N GLU A 92 8.54 3.76 -11.92
CA GLU A 92 8.15 2.65 -12.81
C GLU A 92 6.88 1.94 -12.30
N ILE A 93 6.73 1.87 -10.97
CA ILE A 93 5.56 1.23 -10.32
C ILE A 93 4.35 2.18 -10.35
N GLU A 94 4.62 3.49 -10.38
CA GLU A 94 3.58 4.54 -10.47
C GLU A 94 2.91 4.48 -11.84
N ARG A 95 3.74 4.51 -12.91
CA ARG A 95 3.24 4.44 -14.29
C ARG A 95 2.60 3.05 -14.57
N GLU A 96 3.12 1.99 -13.90
CA GLU A 96 2.55 0.64 -13.95
C GLU A 96 1.07 0.67 -13.51
N LEU A 97 0.85 1.11 -12.27
CA LEU A 97 -0.46 1.05 -11.61
C LEU A 97 -1.52 1.93 -12.31
N ILE A 98 -1.13 3.17 -12.71
CA ILE A 98 -2.07 4.10 -13.40
C ILE A 98 -2.49 3.56 -14.78
N GLN A 99 -1.57 2.80 -15.44
CA GLN A 99 -1.85 2.16 -16.75
C GLN A 99 -2.45 0.75 -16.59
N PHE A 100 -2.43 0.21 -15.36
CA PHE A 100 -2.97 -1.14 -15.04
C PHE A 100 -4.46 -1.05 -14.67
N PHE A 101 -4.81 0.03 -13.93
CA PHE A 101 -6.15 0.25 -13.37
C PHE A 101 -7.07 0.97 -14.38
N LYS A 102 -7.04 0.54 -15.65
CA LYS A 102 -7.86 1.14 -16.73
C LYS A 102 -9.35 0.85 -16.53
N LYS A 103 -9.65 -0.42 -16.22
CA LYS A 103 -11.01 -0.88 -15.92
C LYS A 103 -11.44 -0.33 -14.53
N PRO A 104 -12.57 0.44 -14.44
CA PRO A 104 -13.19 0.78 -13.14
C PRO A 104 -13.94 -0.44 -12.59
N TYR A 105 -14.00 -0.53 -11.25
CA TYR A 105 -14.62 -1.67 -10.53
C TYR A 105 -13.87 -2.99 -10.85
N GLN A 106 -12.56 -2.83 -11.09
CA GLN A 106 -11.61 -3.92 -11.43
C GLN A 106 -11.30 -4.75 -10.18
N CYS A 107 -11.92 -5.93 -10.06
CA CYS A 107 -11.75 -6.79 -8.88
C CYS A 107 -10.43 -7.59 -8.97
N TYR A 108 -9.50 -7.23 -8.08
CA TYR A 108 -8.16 -7.82 -8.02
C TYR A 108 -7.77 -8.09 -6.56
N ILE A 109 -6.69 -8.85 -6.38
CA ILE A 109 -6.12 -9.15 -5.08
C ILE A 109 -4.80 -8.39 -4.95
N MET A 110 -4.74 -7.44 -4.02
CA MET A 110 -3.53 -6.67 -3.76
C MET A 110 -2.65 -7.42 -2.74
N HIS A 111 -1.47 -7.85 -3.19
CA HIS A 111 -0.54 -8.70 -2.43
C HIS A 111 0.71 -7.91 -2.03
N ASN A 112 1.24 -8.18 -0.80
CA ASN A 112 2.51 -7.60 -0.28
C ASN A 112 2.36 -6.08 0.01
N VAL A 113 1.11 -5.66 0.26
CA VAL A 113 0.75 -4.23 0.45
C VAL A 113 1.39 -3.68 1.74
N GLN A 114 2.38 -2.81 1.57
CA GLN A 114 3.20 -2.29 2.67
C GLN A 114 2.67 -0.92 3.11
N VAL A 115 2.24 -0.80 4.38
CA VAL A 115 1.64 0.45 4.89
C VAL A 115 2.74 1.47 5.31
N PHE A 116 2.56 2.74 4.89
CA PHE A 116 3.47 3.87 5.21
C PHE A 116 2.70 5.02 5.87
N GLN A 117 3.07 5.33 7.12
CA GLN A 117 2.44 6.40 7.93
C GLN A 117 3.23 7.73 7.77
N MET A 118 2.51 8.84 7.50
CA MET A 118 3.12 10.18 7.29
C MET A 118 3.74 10.76 8.58
N LEU A 119 4.88 11.44 8.39
CA LEU A 119 5.60 12.19 9.44
C LEU A 119 6.26 13.43 8.79
N ASN A 120 7.07 14.18 9.55
CA ASN A 120 7.82 15.33 9.02
C ASN A 120 9.00 15.67 9.94
N LYS A 121 9.95 16.46 9.41
CA LYS A 121 11.18 16.86 10.11
C LYS A 121 11.16 18.39 10.42
N ASN A 122 10.83 18.72 11.68
CA ASN A 122 10.76 20.13 12.16
C ASN A 122 12.17 20.61 12.57
N LYS A 123 12.90 21.23 11.62
CA LYS A 123 14.25 21.82 11.85
C LYS A 123 14.31 23.20 11.19
N ASN A 124 14.64 24.23 11.99
CA ASN A 124 14.89 25.59 11.49
C ASN A 124 15.87 26.31 12.42
N ASN A 125 16.82 27.03 11.82
CA ASN A 125 17.77 27.89 12.53
C ASN A 125 18.37 28.86 11.51
N ASN A 126 17.49 29.62 10.82
CA ASN A 126 17.91 30.59 9.79
C ASN A 126 18.41 31.87 10.48
N VAL A 127 19.65 31.78 10.98
CA VAL A 127 20.36 32.89 11.66
C VAL A 127 21.63 33.25 10.86
N VAL A 128 21.76 32.69 9.64
CA VAL A 128 22.88 32.96 8.74
C VAL A 128 22.68 34.30 8.02
N GLU A 129 23.80 34.92 7.66
CA GLU A 129 23.83 36.22 6.94
C GLU A 129 24.57 36.04 5.60
N PHE A 130 24.82 37.17 4.89
CA PHE A 130 25.51 37.22 3.58
C PHE A 130 24.71 36.46 2.50
N MET A 131 24.79 35.12 2.54
CA MET A 131 24.08 34.21 1.63
C MET A 131 22.55 34.25 1.90
N ASP A 132 21.77 34.32 0.81
CA ASP A 132 20.30 34.18 0.88
C ASP A 132 19.95 32.69 1.15
N SER A 133 19.40 32.43 2.34
CA SER A 133 18.89 31.12 2.73
C SER A 133 17.35 31.11 2.62
N GLU A 134 16.82 30.13 1.86
CA GLU A 134 15.36 29.96 1.69
C GLU A 134 14.70 29.50 3.01
N ASP A 135 13.39 29.79 3.13
CA ASP A 135 12.58 29.39 4.30
C ASP A 135 12.21 27.91 4.17
N LEU A 136 12.38 27.15 5.27
CA LEU A 136 12.21 25.69 5.27
C LEU A 136 10.73 25.32 5.54
N GLN A 137 10.19 25.84 6.66
CA GLN A 137 8.84 25.50 7.20
C GLN A 137 8.77 24.00 7.62
N SER A 138 7.65 23.61 8.23
CA SER A 138 7.40 22.22 8.65
C SER A 138 5.90 21.96 8.77
N SER A 139 5.24 21.84 7.61
CA SER A 139 3.82 21.47 7.52
C SER A 139 3.69 19.94 7.68
N VAL A 140 3.62 19.49 8.95
CA VAL A 140 3.55 18.07 9.31
C VAL A 140 2.14 17.49 9.08
N ASP A 141 2.07 16.34 8.39
CA ASP A 141 0.82 15.57 8.23
C ASP A 141 0.95 14.23 8.99
N SER A 142 -0.20 13.67 9.38
CA SER A 142 -0.29 12.38 10.05
C SER A 142 -1.44 11.59 9.42
N GLN A 143 -1.08 10.65 8.51
CA GLN A 143 -2.04 9.79 7.80
C GLN A 143 -1.28 8.62 7.16
N LEU A 144 -1.81 7.40 7.31
CA LEU A 144 -1.20 6.18 6.77
C LEU A 144 -1.86 5.79 5.44
N TYR A 145 -1.02 5.62 4.41
CA TYR A 145 -1.42 5.25 3.05
C TYR A 145 -0.80 3.89 2.72
N TYR A 146 -1.51 3.08 1.93
CA TYR A 146 -1.11 1.69 1.62
C TYR A 146 -0.21 1.65 0.36
N LEU A 147 1.10 1.66 0.60
CA LEU A 147 2.14 1.67 -0.43
C LEU A 147 2.26 0.29 -1.12
N ILE A 148 2.45 0.32 -2.45
CA ILE A 148 2.71 -0.87 -3.28
C ILE A 148 4.11 -0.79 -3.87
N ASP A 149 4.95 -1.76 -3.51
CA ASP A 149 6.33 -1.86 -3.98
C ASP A 149 6.45 -2.78 -5.19
N GLU A 150 7.67 -2.88 -5.73
CA GLU A 150 8.00 -3.73 -6.90
C GLU A 150 7.88 -5.24 -6.58
N SER A 151 8.00 -5.60 -5.28
CA SER A 151 7.83 -7.00 -4.82
C SER A 151 6.33 -7.34 -4.68
N SER A 152 5.48 -6.29 -4.58
CA SER A 152 4.02 -6.42 -4.54
C SER A 152 3.46 -6.86 -5.91
N HIS A 153 2.32 -7.57 -5.87
CA HIS A 153 1.65 -8.09 -7.07
C HIS A 153 0.15 -7.80 -6.98
N VAL A 154 -0.40 -7.18 -8.03
CA VAL A 154 -1.84 -6.94 -8.17
C VAL A 154 -2.42 -8.01 -9.13
N LEU A 155 -3.08 -9.03 -8.55
CA LEU A 155 -3.62 -10.18 -9.29
C LEU A 155 -5.04 -9.89 -9.78
N GLU A 156 -5.15 -9.41 -11.03
CA GLU A 156 -6.42 -9.12 -11.70
C GLU A 156 -7.17 -10.45 -11.94
N ASP A 157 -8.35 -10.63 -11.31
CA ASP A 157 -9.13 -11.90 -11.40
C ASP A 157 -9.67 -12.06 -12.83
N ASP A 158 -9.75 -13.32 -13.30
CA ASP A 158 -10.27 -13.66 -14.64
C ASP A 158 -11.76 -13.34 -14.73
N SER A 159 -12.50 -13.78 -13.70
CA SER A 159 -13.95 -13.54 -13.59
C SER A 159 -14.27 -13.13 -12.13
N MET A 160 -14.38 -14.12 -11.23
CA MET A 160 -14.59 -13.91 -9.78
C MET A 160 -14.30 -15.23 -9.04
N ASP A 161 -13.49 -16.09 -9.68
CA ASP A 161 -13.31 -17.50 -9.26
C ASP A 161 -12.24 -17.62 -8.15
N PHE A 162 -11.17 -16.79 -8.25
CA PHE A 162 -10.12 -16.74 -7.22
C PHE A 162 -10.66 -15.98 -5.98
N ILE A 163 -11.52 -14.98 -6.26
CA ILE A 163 -12.27 -14.25 -5.23
C ILE A 163 -13.20 -15.20 -4.47
N SER A 164 -13.87 -16.10 -5.24
CA SER A 164 -14.77 -17.13 -4.70
C SER A 164 -14.01 -18.01 -3.70
N THR A 165 -12.82 -18.45 -4.14
CA THR A 165 -11.91 -19.29 -3.35
C THR A 165 -11.49 -18.58 -2.04
N LEU A 166 -11.00 -17.34 -2.17
CA LEU A 166 -10.45 -16.57 -1.05
C LEU A 166 -11.51 -16.25 0.02
N THR A 167 -12.71 -15.83 -0.44
CA THR A 167 -13.77 -15.37 0.47
C THR A 167 -14.41 -16.54 1.24
N ARG A 168 -14.46 -17.74 0.62
CA ARG A 168 -15.01 -18.94 1.29
C ARG A 168 -13.96 -19.60 2.20
N LEU A 169 -12.67 -19.34 1.90
CA LEU A 169 -11.53 -19.77 2.75
C LEU A 169 -11.48 -18.93 4.05
N SER A 170 -11.65 -17.60 3.90
CA SER A 170 -11.55 -16.64 5.01
C SER A 170 -12.83 -16.64 5.86
N ASP A 171 -13.98 -16.47 5.18
CA ASP A 171 -15.35 -16.38 5.79
C ASP A 171 -15.52 -15.08 6.63
N SER A 172 -16.80 -14.63 6.75
CA SER A 172 -17.19 -13.40 7.49
C SER A 172 -16.59 -12.14 6.83
N GLN B 1 18.00 11.65 -2.11
CA GLN B 1 18.57 11.17 -3.37
C GLN B 1 17.63 10.13 -4.02
N ASP B 2 17.04 9.27 -3.17
CA ASP B 2 16.02 8.28 -3.59
C ASP B 2 14.61 8.78 -3.24
N ASP B 3 13.58 7.96 -3.51
CA ASP B 3 12.17 8.29 -3.23
C ASP B 3 11.82 8.07 -1.74
N PHE B 4 12.09 6.87 -1.22
CA PHE B 4 11.74 6.50 0.18
C PHE B 4 12.99 6.50 1.09
N GLY B 5 14.06 7.19 0.66
CA GLY B 5 15.24 7.42 1.50
C GLY B 5 15.05 8.59 2.47
N ASP B 6 16.15 9.11 3.09
CA ASP B 6 16.08 10.26 4.03
C ASP B 6 15.56 11.51 3.29
N GLY B 7 14.47 12.09 3.79
CA GLY B 7 13.76 13.20 3.12
C GLY B 7 12.38 12.77 2.65
N CYS B 8 12.06 11.49 2.84
CA CYS B 8 10.73 10.93 2.60
C CYS B 8 9.74 11.44 3.69
N LEU B 9 8.54 11.85 3.26
CA LEU B 9 7.50 12.42 4.16
C LEU B 9 6.66 11.32 4.82
N LEU B 10 6.92 10.03 4.52
CA LEU B 10 6.25 8.89 5.18
C LEU B 10 7.27 7.76 5.47
N GLN B 11 7.04 7.05 6.59
CA GLN B 11 7.87 5.93 7.05
C GLN B 11 6.95 4.71 7.29
N ILE B 12 7.49 3.50 7.07
CA ILE B 12 6.74 2.24 7.12
C ILE B 12 6.23 1.95 8.56
N VAL B 13 5.03 1.32 8.68
CA VAL B 13 4.45 0.92 9.97
C VAL B 13 5.34 -0.16 10.69
N ASN B 14 6.03 0.27 11.76
CA ASN B 14 6.78 -0.63 12.66
C ASN B 14 7.23 0.18 13.92
N MET A 1 8.77 -10.03 -16.97
CA MET A 1 9.05 -11.27 -17.74
C MET A 1 8.10 -12.39 -17.30
N GLU A 2 7.73 -13.28 -18.24
CA GLU A 2 6.84 -14.42 -17.97
C GLU A 2 7.64 -15.54 -17.27
N ILE A 3 7.76 -15.42 -15.93
CA ILE A 3 8.51 -16.37 -15.09
C ILE A 3 7.72 -17.69 -14.98
N GLU A 4 8.43 -18.80 -14.66
CA GLU A 4 7.85 -20.16 -14.52
C GLU A 4 6.68 -20.20 -13.52
N GLU A 5 5.89 -21.30 -13.60
CA GLU A 5 4.67 -21.51 -12.79
C GLU A 5 4.96 -21.35 -11.29
N ASP A 6 6.15 -21.84 -10.86
CA ASP A 6 6.57 -21.92 -9.45
C ASP A 6 6.50 -20.55 -8.75
N LEU A 7 6.91 -19.49 -9.48
CA LEU A 7 6.86 -18.11 -9.00
C LEU A 7 5.39 -17.68 -8.82
N ASN A 8 4.59 -17.93 -9.86
CA ASN A 8 3.15 -17.59 -9.87
C ASN A 8 2.36 -18.41 -8.81
N LEU A 9 2.91 -19.59 -8.45
CA LEU A 9 2.29 -20.50 -7.48
C LEU A 9 2.72 -20.15 -6.03
N LYS A 10 3.95 -19.62 -5.86
CA LYS A 10 4.46 -19.23 -4.52
C LYS A 10 3.85 -17.90 -4.10
N ILE A 11 3.64 -16.99 -5.08
CA ILE A 11 2.95 -15.72 -4.83
C ILE A 11 1.45 -15.98 -4.65
N LEU A 12 0.92 -17.04 -5.32
CA LEU A 12 -0.47 -17.51 -5.15
C LEU A 12 -0.73 -17.99 -3.71
N GLU A 13 0.20 -18.83 -3.19
CA GLU A 13 0.08 -19.39 -1.84
C GLU A 13 0.33 -18.27 -0.81
N ASP A 14 1.18 -17.28 -1.20
CA ASP A 14 1.35 -16.03 -0.43
C ASP A 14 0.03 -15.24 -0.39
N VAL A 15 -0.67 -15.15 -1.54
CA VAL A 15 -1.93 -14.38 -1.65
C VAL A 15 -2.95 -14.90 -0.64
N LYS A 16 -3.30 -16.19 -0.76
CA LYS A 16 -4.35 -16.82 0.05
C LYS A 16 -3.97 -16.79 1.55
N LYS A 17 -2.76 -17.27 1.87
CA LYS A 17 -2.22 -17.30 3.27
C LYS A 17 -2.27 -15.92 3.92
N LEU A 18 -1.59 -14.95 3.29
CA LEU A 18 -1.49 -13.58 3.79
C LEU A 18 -2.84 -12.88 3.78
N TYR A 19 -3.78 -13.33 2.93
CA TYR A 19 -5.16 -12.80 2.92
C TYR A 19 -5.91 -13.25 4.19
N LEU A 20 -5.84 -14.56 4.52
CA LEU A 20 -6.55 -15.14 5.70
C LEU A 20 -6.06 -14.45 6.99
N GLN A 21 -4.72 -14.41 7.07
CA GLN A 21 -3.96 -13.82 8.15
C GLN A 21 -4.27 -12.32 8.33
N SER A 22 -4.12 -11.54 7.23
CA SER A 22 -4.31 -10.08 7.25
C SER A 22 -5.77 -9.72 7.49
N PHE A 23 -6.70 -10.30 6.69
CA PHE A 23 -8.17 -10.03 6.77
C PHE A 23 -8.66 -10.05 8.22
N ASP A 24 -8.28 -11.12 8.96
CA ASP A 24 -8.70 -11.31 10.36
C ASP A 24 -7.94 -10.35 11.32
N TYR A 25 -6.67 -10.06 10.98
CA TYR A 25 -5.82 -9.09 11.71
C TYR A 25 -6.35 -7.63 11.53
N ILE A 26 -6.97 -7.34 10.38
CA ILE A 26 -7.48 -5.98 10.04
C ILE A 26 -8.87 -5.77 10.69
N LYS A 27 -9.68 -6.86 10.77
CA LYS A 27 -10.93 -6.90 11.57
C LYS A 27 -10.60 -6.63 13.05
N ASN A 28 -9.45 -7.18 13.48
CA ASN A 28 -8.92 -7.00 14.84
C ASN A 28 -8.37 -5.57 15.02
N GLY A 29 -7.72 -5.06 13.96
CA GLY A 29 -7.15 -3.71 13.92
C GLY A 29 -5.67 -3.71 13.52
N ILE A 30 -5.30 -2.79 12.61
CA ILE A 30 -3.89 -2.57 12.20
C ILE A 30 -3.11 -2.02 13.40
N SER A 31 -2.43 -2.92 14.13
CA SER A 31 -1.72 -2.60 15.39
C SER A 31 -2.68 -1.91 16.39
N SER A 32 -3.71 -2.68 16.81
CA SER A 32 -4.83 -2.20 17.63
C SER A 32 -4.37 -1.64 19.00
N GLY A 33 -3.28 -2.22 19.54
CA GLY A 33 -2.73 -1.83 20.83
C GLY A 33 -2.04 -3.00 21.51
N GLY A 34 -2.86 -3.98 21.94
CA GLY A 34 -2.37 -5.18 22.61
C GLY A 34 -2.94 -6.42 21.96
N SER A 35 -2.32 -6.83 20.83
CA SER A 35 -2.78 -7.99 20.04
C SER A 35 -2.48 -9.30 20.79
N GLY A 36 -3.43 -9.69 21.68
CA GLY A 36 -3.33 -10.95 22.43
C GLY A 36 -3.71 -12.13 21.55
N GLY A 37 -2.72 -12.64 20.80
CA GLY A 37 -2.92 -13.68 19.79
C GLY A 37 -2.66 -13.13 18.39
N SER A 38 -3.39 -13.67 17.39
CA SER A 38 -3.32 -13.24 15.98
C SER A 38 -1.92 -13.44 15.36
N ILE A 39 -1.74 -12.95 14.13
CA ILE A 39 -0.44 -12.89 13.43
C ILE A 39 0.12 -11.46 13.47
N ASP A 40 1.32 -11.28 12.91
CA ASP A 40 1.99 -9.99 12.83
C ASP A 40 2.78 -9.88 11.51
N LEU A 41 2.50 -8.81 10.74
CA LEU A 41 3.17 -8.50 9.46
C LEU A 41 3.10 -6.98 9.19
N SER A 42 4.07 -6.47 8.41
CA SER A 42 4.12 -5.05 8.00
C SER A 42 3.45 -4.86 6.63
N ARG A 43 3.50 -5.92 5.80
CA ARG A 43 2.80 -5.98 4.51
C ARG A 43 1.61 -6.93 4.61
N ILE A 44 0.45 -6.46 4.15
CA ILE A 44 -0.81 -7.20 4.16
C ILE A 44 -1.23 -7.56 2.72
N THR A 45 -2.05 -8.62 2.58
CA THR A 45 -2.65 -8.99 1.29
C THR A 45 -4.17 -9.02 1.44
N PHE A 46 -4.84 -8.47 0.43
CA PHE A 46 -6.31 -8.40 0.37
C PHE A 46 -6.73 -8.39 -1.10
N LEU A 47 -8.00 -8.07 -1.33
CA LEU A 47 -8.57 -7.91 -2.66
C LEU A 47 -9.66 -6.82 -2.61
N TYR A 48 -9.86 -6.11 -3.72
CA TYR A 48 -10.92 -5.09 -3.87
C TYR A 48 -11.04 -4.68 -5.35
N LYS A 49 -12.05 -3.84 -5.66
CA LYS A 49 -12.23 -3.30 -7.03
C LYS A 49 -11.86 -1.82 -7.08
N PHE A 50 -11.23 -1.42 -8.20
CA PHE A 50 -10.73 -0.06 -8.42
C PHE A 50 -11.87 0.96 -8.36
N ILE A 51 -11.90 1.78 -7.31
CA ILE A 51 -12.91 2.82 -7.13
C ILE A 51 -12.71 3.91 -8.20
N SER A 52 -11.67 4.74 -7.99
CA SER A 52 -11.29 5.84 -8.88
C SER A 52 -9.84 6.24 -8.52
N VAL A 53 -9.12 6.84 -9.47
CA VAL A 53 -7.84 7.52 -9.16
C VAL A 53 -8.16 9.00 -8.87
N ASN A 54 -7.57 9.54 -7.81
CA ASN A 54 -7.76 10.93 -7.39
C ASN A 54 -7.01 11.85 -8.38
N PRO A 55 -7.65 12.97 -8.87
CA PRO A 55 -6.98 13.97 -9.75
C PRO A 55 -5.75 14.60 -9.08
N THR A 56 -5.72 14.54 -7.73
CA THR A 56 -4.64 15.08 -6.92
C THR A 56 -3.57 13.98 -6.72
N LEU A 57 -2.31 14.39 -6.68
CA LEU A 57 -1.15 13.50 -6.41
C LEU A 57 -0.53 13.81 -5.04
N LEU A 58 0.19 12.84 -4.49
CA LEU A 58 0.75 12.89 -3.13
C LEU A 58 2.27 12.95 -3.17
N LEU A 59 2.87 13.97 -2.52
CA LEU A 59 4.32 14.05 -2.35
C LEU A 59 4.78 13.03 -1.29
N ILE A 60 5.61 12.09 -1.74
CA ILE A 60 6.13 11.00 -0.89
C ILE A 60 7.56 11.32 -0.39
N ASN A 61 8.28 12.22 -1.10
CA ASN A 61 9.67 12.62 -0.74
C ASN A 61 9.95 14.10 -1.09
N GLU A 62 10.23 14.92 -0.05
CA GLU A 62 10.45 16.38 -0.22
C GLU A 62 11.80 16.67 -0.93
N LYS A 63 12.82 15.81 -0.69
CA LYS A 63 14.18 16.02 -1.25
C LYS A 63 14.22 15.89 -2.80
N THR A 64 13.67 14.79 -3.34
CA THR A 64 13.74 14.51 -4.79
C THR A 64 12.39 14.82 -5.49
N GLN A 65 11.40 15.35 -4.73
CA GLN A 65 10.14 15.94 -5.25
C GLN A 65 9.34 14.98 -6.17
N ALA A 66 9.13 13.74 -5.70
CA ALA A 66 8.34 12.72 -6.44
C ALA A 66 6.91 12.65 -5.89
N LYS A 67 5.91 12.85 -6.77
CA LYS A 67 4.48 12.80 -6.42
C LYS A 67 3.80 11.62 -7.17
N ARG A 68 3.16 10.70 -6.43
CA ARG A 68 2.50 9.50 -7.00
C ARG A 68 0.98 9.71 -7.08
N ARG A 69 0.32 8.97 -7.98
CA ARG A 69 -1.15 8.92 -8.06
C ARG A 69 -1.76 8.22 -6.82
N ILE A 70 -2.99 8.64 -6.48
CA ILE A 70 -3.76 8.11 -5.35
C ILE A 70 -4.84 7.16 -5.89
N PHE A 71 -4.64 5.85 -5.73
CA PHE A 71 -5.63 4.84 -6.16
C PHE A 71 -6.55 4.55 -4.97
N GLN A 72 -7.76 5.12 -5.02
CA GLN A 72 -8.74 5.00 -3.93
C GLN A 72 -9.23 3.55 -3.84
N GLY A 73 -9.08 2.97 -2.65
CA GLY A 73 -9.40 1.59 -2.39
C GLY A 73 -10.14 1.42 -1.08
N GLU A 74 -11.44 1.10 -1.15
CA GLU A 74 -12.22 0.72 0.04
C GLU A 74 -12.56 -0.78 -0.05
N TYR A 75 -12.41 -1.49 1.08
CA TYR A 75 -12.84 -2.88 1.22
C TYR A 75 -13.33 -3.11 2.65
N LEU A 76 -14.32 -3.98 2.79
CA LEU A 76 -14.96 -4.28 4.08
C LEU A 76 -14.37 -5.59 4.64
N TYR A 77 -13.62 -5.45 5.74
CA TYR A 77 -13.01 -6.56 6.46
C TYR A 77 -13.93 -6.92 7.63
N GLY A 78 -14.66 -8.04 7.48
CA GLY A 78 -15.61 -8.49 8.49
C GLY A 78 -16.90 -7.70 8.45
N LYS A 79 -16.85 -6.49 9.02
CA LYS A 79 -17.99 -5.57 9.10
C LYS A 79 -17.51 -4.10 9.01
N LYS A 80 -16.21 -3.86 9.26
CA LYS A 80 -15.63 -2.50 9.18
C LYS A 80 -15.05 -2.24 7.78
N LYS A 81 -15.27 -1.03 7.26
CA LYS A 81 -14.76 -0.63 5.95
C LYS A 81 -13.46 0.17 6.14
N ILE A 82 -12.37 -0.38 5.61
CA ILE A 82 -11.06 0.28 5.62
C ILE A 82 -10.88 0.99 4.27
N GLN A 83 -10.88 2.32 4.33
CA GLN A 83 -10.75 3.21 3.15
C GLN A 83 -9.30 3.69 3.04
N PHE A 84 -8.52 2.94 2.28
CA PHE A 84 -7.08 3.16 2.08
C PHE A 84 -6.80 3.80 0.71
N ASN A 85 -5.59 4.34 0.54
CA ASN A 85 -5.12 4.94 -0.71
C ASN A 85 -3.81 4.28 -1.14
N ILE A 86 -3.88 3.55 -2.25
CA ILE A 86 -2.77 2.78 -2.81
C ILE A 86 -1.78 3.73 -3.51
N ILE A 87 -0.48 3.53 -3.24
CA ILE A 87 0.64 4.35 -3.77
C ILE A 87 1.60 3.41 -4.53
N ALA A 88 2.55 3.97 -5.27
CA ALA A 88 3.58 3.21 -5.98
C ALA A 88 4.98 3.61 -5.49
N LYS A 89 5.91 2.61 -5.40
CA LYS A 89 7.25 2.84 -4.85
C LYS A 89 8.07 3.71 -5.81
N ASN A 90 8.29 3.21 -7.02
CA ASN A 90 9.10 3.88 -8.04
C ASN A 90 8.20 4.40 -9.17
N LEU A 91 8.83 5.08 -10.13
CA LEU A 91 8.19 5.53 -11.38
C LEU A 91 7.76 4.33 -12.26
N GLU A 92 8.53 3.23 -12.16
CA GLU A 92 8.24 1.97 -12.88
C GLU A 92 7.00 1.26 -12.30
N ILE A 93 6.78 1.43 -10.98
CA ILE A 93 5.62 0.85 -10.28
C ILE A 93 4.41 1.78 -10.45
N GLU A 94 4.67 3.08 -10.63
CA GLU A 94 3.62 4.08 -10.89
C GLU A 94 3.02 3.85 -12.28
N ARG A 95 3.91 3.75 -13.31
CA ARG A 95 3.50 3.50 -14.70
C ARG A 95 2.75 2.16 -14.80
N GLU A 96 3.18 1.19 -13.98
CA GLU A 96 2.55 -0.12 -13.86
C GLU A 96 1.09 0.01 -13.45
N LEU A 97 0.86 0.60 -12.27
CA LEU A 97 -0.46 0.68 -11.63
C LEU A 97 -1.46 1.54 -12.46
N ILE A 98 -1.02 2.73 -12.93
CA ILE A 98 -1.92 3.64 -13.70
C ILE A 98 -2.30 3.03 -15.07
N GLN A 99 -1.38 2.24 -15.66
CA GLN A 99 -1.60 1.58 -16.97
C GLN A 99 -2.21 0.17 -16.80
N PHE A 100 -2.32 -0.32 -15.56
CA PHE A 100 -2.99 -1.61 -15.26
C PHE A 100 -4.46 -1.34 -14.85
N PHE A 101 -4.70 -0.19 -14.18
CA PHE A 101 -6.02 0.21 -13.66
C PHE A 101 -6.81 1.04 -14.69
N LYS A 102 -6.72 0.62 -15.98
CA LYS A 102 -7.38 1.29 -17.12
C LYS A 102 -8.91 1.22 -17.00
N LYS A 103 -9.38 0.04 -16.59
CA LYS A 103 -10.81 -0.24 -16.40
C LYS A 103 -11.27 0.26 -15.01
N PRO A 104 -12.42 1.01 -14.93
CA PRO A 104 -13.06 1.36 -13.64
C PRO A 104 -13.79 0.14 -13.04
N TYR A 105 -13.93 0.13 -11.68
CA TYR A 105 -14.60 -0.97 -10.91
C TYR A 105 -13.88 -2.32 -11.13
N GLN A 106 -12.59 -2.24 -11.51
CA GLN A 106 -11.78 -3.39 -11.91
C GLN A 106 -11.38 -4.20 -10.68
N CYS A 107 -11.92 -5.42 -10.55
CA CYS A 107 -11.67 -6.28 -9.39
C CYS A 107 -10.35 -7.05 -9.56
N TYR A 108 -9.48 -6.90 -8.55
CA TYR A 108 -8.15 -7.52 -8.52
C TYR A 108 -7.72 -7.84 -7.09
N ILE A 109 -6.72 -8.71 -6.98
CA ILE A 109 -6.20 -9.19 -5.70
C ILE A 109 -4.83 -8.53 -5.45
N MET A 110 -4.75 -7.64 -4.45
CA MET A 110 -3.50 -6.91 -4.18
C MET A 110 -2.67 -7.65 -3.10
N HIS A 111 -1.56 -8.24 -3.56
CA HIS A 111 -0.58 -8.94 -2.73
C HIS A 111 0.60 -8.01 -2.39
N ASN A 112 1.14 -8.15 -1.15
CA ASN A 112 2.42 -7.50 -0.71
C ASN A 112 2.22 -5.97 -0.54
N VAL A 113 1.03 -5.60 -0.05
CA VAL A 113 0.65 -4.19 0.13
C VAL A 113 1.18 -3.66 1.47
N GLN A 114 2.22 -2.83 1.39
CA GLN A 114 2.89 -2.24 2.56
C GLN A 114 2.16 -0.97 3.01
N VAL A 115 2.30 -0.57 4.29
CA VAL A 115 1.61 0.61 4.84
C VAL A 115 2.62 1.65 5.37
N PHE A 116 2.53 2.89 4.87
CA PHE A 116 3.40 4.02 5.28
C PHE A 116 2.54 5.15 5.89
N GLN A 117 2.81 5.47 7.16
CA GLN A 117 2.12 6.53 7.91
C GLN A 117 2.91 7.86 7.79
N MET A 118 2.19 8.96 7.53
CA MET A 118 2.77 10.32 7.37
C MET A 118 3.36 10.85 8.70
N LEU A 119 4.55 11.45 8.60
CA LEU A 119 5.30 12.06 9.71
C LEU A 119 6.36 13.03 9.15
N ASN A 120 7.23 13.57 10.02
CA ASN A 120 8.43 14.32 9.60
C ASN A 120 9.40 14.41 10.78
N LYS A 121 10.71 14.31 10.49
CA LYS A 121 11.78 14.44 11.50
C LYS A 121 11.91 15.92 11.93
N ASN A 122 11.52 16.21 13.18
CA ASN A 122 11.47 17.58 13.73
C ASN A 122 12.48 17.72 14.90
N LYS A 123 13.42 18.66 14.76
CA LYS A 123 14.48 18.92 15.74
C LYS A 123 14.87 20.41 15.68
N ASN A 124 14.63 21.14 16.77
CA ASN A 124 14.93 22.58 16.87
C ASN A 124 16.42 22.78 17.16
N ASN A 125 17.21 22.98 16.09
CA ASN A 125 18.68 23.12 16.16
C ASN A 125 19.18 24.05 15.05
N ASN A 126 20.29 24.76 15.33
CA ASN A 126 20.94 25.67 14.36
C ASN A 126 21.53 24.88 13.18
N VAL A 127 21.07 25.20 11.97
CA VAL A 127 21.59 24.62 10.73
C VAL A 127 21.34 25.59 9.56
N VAL A 128 22.41 25.86 8.80
CA VAL A 128 22.35 26.72 7.60
C VAL A 128 23.59 26.43 6.73
N GLU A 129 23.38 26.35 5.41
CA GLU A 129 24.43 26.01 4.45
C GLU A 129 24.95 27.32 3.81
N PHE A 130 26.27 27.35 3.49
CA PHE A 130 26.91 28.51 2.84
C PHE A 130 26.43 28.60 1.36
N MET A 131 25.25 29.20 1.19
CA MET A 131 24.54 29.32 -0.09
C MET A 131 23.29 30.18 0.16
N ASP A 132 22.76 30.84 -0.89
CA ASP A 132 21.52 31.62 -0.77
C ASP A 132 20.29 30.69 -0.78
N SER A 133 20.13 29.99 0.35
CA SER A 133 19.06 29.01 0.58
C SER A 133 18.89 28.85 2.09
N GLU A 134 17.81 29.44 2.62
CA GLU A 134 17.54 29.51 4.08
C GLU A 134 16.03 29.65 4.36
N ASP A 135 15.21 29.63 3.29
CA ASP A 135 13.73 29.67 3.38
C ASP A 135 13.21 28.23 3.34
N LEU A 136 12.42 27.86 4.36
CA LEU A 136 11.84 26.50 4.47
C LEU A 136 10.50 26.54 5.24
N GLN A 137 9.57 25.64 4.86
CA GLN A 137 8.27 25.45 5.54
C GLN A 137 8.14 23.99 6.02
N SER A 138 7.07 23.70 6.78
CA SER A 138 6.81 22.37 7.34
C SER A 138 6.19 21.43 6.28
N SER A 139 6.67 20.19 6.25
CA SER A 139 6.20 19.14 5.34
C SER A 139 5.85 17.88 6.16
N VAL A 140 4.64 17.89 6.73
CA VAL A 140 4.15 16.83 7.63
C VAL A 140 2.61 16.74 7.56
N ASP A 141 2.08 15.53 7.71
CA ASP A 141 0.64 15.26 7.64
C ASP A 141 0.29 14.11 8.62
N SER A 142 -1.01 13.86 8.85
CA SER A 142 -1.47 12.74 9.68
C SER A 142 -2.48 11.89 8.87
N GLN A 143 -1.95 10.96 8.06
CA GLN A 143 -2.73 9.99 7.28
C GLN A 143 -1.80 8.84 6.84
N LEU A 144 -2.31 7.61 6.77
CA LEU A 144 -1.53 6.43 6.33
C LEU A 144 -2.00 6.00 4.93
N TYR A 145 -1.03 5.68 4.08
CA TYR A 145 -1.23 5.33 2.67
C TYR A 145 -0.59 3.97 2.40
N TYR A 146 -1.30 3.12 1.63
CA TYR A 146 -0.87 1.74 1.35
C TYR A 146 0.08 1.69 0.14
N LEU A 147 1.37 1.67 0.44
CA LEU A 147 2.46 1.64 -0.53
C LEU A 147 2.57 0.25 -1.20
N ILE A 148 2.64 0.26 -2.55
CA ILE A 148 2.94 -0.91 -3.37
C ILE A 148 4.40 -0.83 -3.84
N ASP A 149 5.23 -1.73 -3.31
CA ASP A 149 6.64 -1.85 -3.72
C ASP A 149 6.78 -2.83 -4.89
N GLU A 150 8.01 -2.95 -5.40
CA GLU A 150 8.34 -3.76 -6.60
C GLU A 150 8.24 -5.29 -6.38
N SER A 151 7.99 -5.73 -5.13
CA SER A 151 7.79 -7.16 -4.80
C SER A 151 6.29 -7.54 -4.85
N SER A 152 5.43 -6.54 -5.07
CA SER A 152 3.96 -6.68 -5.08
C SER A 152 3.44 -7.30 -6.38
N HIS A 153 2.24 -7.90 -6.28
CA HIS A 153 1.55 -8.58 -7.39
C HIS A 153 0.07 -8.20 -7.35
N VAL A 154 -0.43 -7.59 -8.44
CA VAL A 154 -1.84 -7.22 -8.59
C VAL A 154 -2.52 -8.23 -9.54
N LEU A 155 -3.11 -9.28 -8.95
CA LEU A 155 -3.70 -10.41 -9.71
C LEU A 155 -5.16 -10.10 -10.04
N GLU A 156 -5.42 -9.49 -11.21
CA GLU A 156 -6.81 -9.24 -11.68
C GLU A 156 -7.54 -10.57 -11.92
N ASP A 157 -8.74 -10.72 -11.35
CA ASP A 157 -9.51 -11.96 -11.51
C ASP A 157 -10.32 -11.90 -12.83
N ASP A 158 -10.12 -12.91 -13.69
CA ASP A 158 -10.80 -13.00 -15.00
C ASP A 158 -12.31 -13.24 -14.78
N SER A 159 -12.59 -14.14 -13.85
CA SER A 159 -13.94 -14.38 -13.33
C SER A 159 -13.88 -14.30 -11.80
N MET A 160 -15.05 -14.20 -11.15
CA MET A 160 -15.16 -13.99 -9.69
C MET A 160 -14.72 -15.24 -8.86
N ASP A 161 -14.25 -16.30 -9.55
CA ASP A 161 -13.78 -17.55 -8.91
C ASP A 161 -12.61 -17.32 -7.92
N PHE A 162 -11.74 -16.34 -8.21
CA PHE A 162 -10.56 -16.05 -7.35
C PHE A 162 -11.06 -15.38 -6.06
N ILE A 163 -11.94 -14.37 -6.23
CA ILE A 163 -12.64 -13.69 -5.11
C ILE A 163 -13.43 -14.71 -4.27
N SER A 164 -14.07 -15.66 -4.98
CA SER A 164 -14.92 -16.68 -4.38
C SER A 164 -14.10 -17.57 -3.44
N THR A 165 -12.95 -18.07 -3.96
CA THR A 165 -12.05 -18.97 -3.24
C THR A 165 -11.55 -18.32 -1.94
N LEU A 166 -11.09 -17.06 -2.06
CA LEU A 166 -10.55 -16.29 -0.94
C LEU A 166 -11.59 -16.01 0.15
N THR A 167 -12.77 -15.51 -0.27
CA THR A 167 -13.81 -15.04 0.67
C THR A 167 -14.47 -16.22 1.43
N ARG A 168 -14.47 -17.43 0.82
CA ARG A 168 -14.99 -18.65 1.48
C ARG A 168 -13.89 -19.32 2.33
N LEU A 169 -12.62 -19.03 1.99
CA LEU A 169 -11.44 -19.58 2.68
C LEU A 169 -11.27 -18.88 4.05
N SER A 170 -11.41 -17.54 4.05
CA SER A 170 -11.31 -16.70 5.27
C SER A 170 -12.65 -16.65 6.01
N ASP A 171 -13.71 -16.36 5.23
CA ASP A 171 -15.07 -16.09 5.71
C ASP A 171 -15.13 -14.73 6.46
N SER A 172 -16.22 -13.98 6.21
CA SER A 172 -16.43 -12.65 6.82
C SER A 172 -16.73 -12.77 8.32
N GLN B 1 17.85 10.18 -0.77
CA GLN B 1 17.82 10.09 -2.23
C GLN B 1 16.62 9.21 -2.69
N ASP B 2 16.42 8.08 -1.98
CA ASP B 2 15.36 7.10 -2.29
C ASP B 2 13.95 7.71 -2.07
N ASP B 3 12.94 7.19 -2.83
CA ASP B 3 11.57 7.75 -2.84
C ASP B 3 10.92 7.70 -1.44
N PHE B 4 11.15 6.59 -0.73
CA PHE B 4 10.64 6.38 0.64
C PHE B 4 11.84 6.27 1.61
N GLY B 5 13.00 6.82 1.18
CA GLY B 5 14.18 6.96 2.03
C GLY B 5 14.22 8.31 2.74
N ASP B 6 15.21 8.48 3.64
CA ASP B 6 15.32 9.66 4.54
C ASP B 6 15.15 10.99 3.78
N GLY B 7 14.13 11.77 4.20
CA GLY B 7 13.65 12.93 3.44
C GLY B 7 12.27 12.67 2.85
N CYS B 8 11.74 11.46 3.10
CA CYS B 8 10.34 11.11 2.82
C CYS B 8 9.41 11.68 3.90
N LEU B 9 8.15 11.92 3.54
CA LEU B 9 7.13 12.47 4.46
C LEU B 9 6.31 11.32 5.11
N LEU B 10 6.68 10.07 4.82
CA LEU B 10 5.99 8.87 5.33
C LEU B 10 7.00 7.75 5.59
N GLN B 11 6.80 7.04 6.72
CA GLN B 11 7.63 5.90 7.14
C GLN B 11 6.70 4.72 7.47
N ILE B 12 7.20 3.49 7.28
CA ILE B 12 6.42 2.25 7.40
C ILE B 12 5.95 2.03 8.88
N VAL B 13 4.72 1.47 9.04
CA VAL B 13 4.16 1.13 10.36
C VAL B 13 4.93 -0.04 11.03
N ASN B 14 5.62 0.29 12.13
CA ASN B 14 6.37 -0.67 12.98
C ASN B 14 6.90 0.08 14.23
N MET A 1 16.29 -18.59 -16.38
CA MET A 1 15.12 -18.41 -15.48
C MET A 1 13.91 -17.94 -16.30
N GLU A 2 12.71 -18.46 -15.99
CA GLU A 2 11.45 -18.09 -16.66
C GLU A 2 10.29 -18.08 -15.64
N ILE A 3 9.26 -17.28 -15.92
CA ILE A 3 8.08 -17.15 -15.06
C ILE A 3 7.09 -18.29 -15.38
N GLU A 4 7.37 -19.48 -14.82
CA GLU A 4 6.48 -20.65 -14.94
C GLU A 4 5.28 -20.51 -14.02
N GLU A 5 4.41 -21.55 -14.08
CA GLU A 5 3.28 -21.73 -13.16
C GLU A 5 3.74 -21.60 -11.70
N ASP A 6 4.96 -22.12 -11.43
CA ASP A 6 5.56 -22.22 -10.08
C ASP A 6 5.69 -20.86 -9.40
N LEU A 7 5.95 -19.82 -10.21
CA LEU A 7 6.03 -18.43 -9.73
C LEU A 7 4.63 -17.93 -9.34
N ASN A 8 3.66 -18.22 -10.20
CA ASN A 8 2.24 -17.85 -10.00
C ASN A 8 1.60 -18.69 -8.86
N LEU A 9 2.18 -19.86 -8.58
CA LEU A 9 1.70 -20.81 -7.54
C LEU A 9 2.32 -20.48 -6.17
N LYS A 10 3.58 -19.99 -6.16
CA LYS A 10 4.27 -19.62 -4.90
C LYS A 10 3.71 -18.28 -4.40
N ILE A 11 3.39 -17.36 -5.33
CA ILE A 11 2.71 -16.09 -4.97
C ILE A 11 1.25 -16.40 -4.60
N LEU A 12 0.64 -17.43 -5.24
CA LEU A 12 -0.74 -17.89 -4.93
C LEU A 12 -0.87 -18.31 -3.46
N GLU A 13 0.06 -19.17 -2.98
CA GLU A 13 0.06 -19.61 -1.57
C GLU A 13 0.36 -18.43 -0.64
N ASP A 14 1.21 -17.49 -1.10
CA ASP A 14 1.51 -16.24 -0.35
C ASP A 14 0.30 -15.30 -0.31
N VAL A 15 -0.52 -15.32 -1.38
CA VAL A 15 -1.73 -14.46 -1.49
C VAL A 15 -2.79 -14.92 -0.49
N LYS A 16 -3.22 -16.19 -0.63
CA LYS A 16 -4.33 -16.76 0.17
C LYS A 16 -3.98 -16.81 1.67
N LYS A 17 -2.70 -17.11 1.98
CA LYS A 17 -2.17 -17.11 3.35
C LYS A 17 -2.25 -15.72 3.97
N LEU A 18 -1.59 -14.74 3.31
CA LEU A 18 -1.57 -13.35 3.79
C LEU A 18 -2.96 -12.69 3.67
N TYR A 19 -3.85 -13.25 2.83
CA TYR A 19 -5.23 -12.75 2.72
C TYR A 19 -5.98 -13.07 4.01
N LEU A 20 -5.92 -14.34 4.44
CA LEU A 20 -6.59 -14.83 5.67
C LEU A 20 -6.04 -14.11 6.91
N GLN A 21 -4.69 -14.06 6.96
CA GLN A 21 -3.95 -13.43 8.05
C GLN A 21 -4.28 -11.93 8.17
N SER A 22 -4.20 -11.20 7.04
CA SER A 22 -4.41 -9.74 7.02
C SER A 22 -5.90 -9.39 7.18
N PHE A 23 -6.79 -10.19 6.58
CA PHE A 23 -8.26 -9.97 6.64
C PHE A 23 -8.71 -9.86 8.09
N ASP A 24 -8.30 -10.87 8.89
CA ASP A 24 -8.64 -10.95 10.33
C ASP A 24 -7.87 -9.90 11.14
N TYR A 25 -6.61 -9.66 10.74
CA TYR A 25 -5.71 -8.63 11.32
C TYR A 25 -6.32 -7.21 11.19
N ILE A 26 -7.03 -6.96 10.10
CA ILE A 26 -7.65 -5.67 9.79
C ILE A 26 -8.96 -5.50 10.61
N LYS A 27 -9.76 -6.60 10.66
CA LYS A 27 -10.97 -6.68 11.52
C LYS A 27 -10.61 -6.48 13.01
N ASN A 28 -9.40 -6.94 13.36
CA ASN A 28 -8.81 -6.81 14.70
C ASN A 28 -8.35 -5.36 14.95
N GLY A 29 -7.67 -4.80 13.94
CA GLY A 29 -7.08 -3.46 14.00
C GLY A 29 -5.62 -3.50 13.53
N ILE A 30 -5.20 -2.45 12.81
CA ILE A 30 -3.84 -2.36 12.21
C ILE A 30 -2.78 -2.14 13.33
N SER A 31 -2.32 -3.26 13.92
CA SER A 31 -1.26 -3.29 14.96
C SER A 31 -0.66 -4.71 14.97
N SER A 32 0.69 -4.82 15.03
CA SER A 32 1.41 -6.11 15.06
C SER A 32 0.91 -7.00 16.22
N GLY A 33 0.69 -6.37 17.40
CA GLY A 33 0.10 -7.01 18.57
C GLY A 33 0.98 -8.08 19.20
N GLY A 34 0.94 -9.29 18.63
CA GLY A 34 1.66 -10.46 19.15
C GLY A 34 0.81 -11.71 19.04
N SER A 35 1.23 -12.78 19.74
CA SER A 35 0.53 -14.06 19.77
C SER A 35 -0.90 -13.92 20.32
N GLY A 36 -1.88 -13.85 19.39
CA GLY A 36 -3.29 -13.68 19.75
C GLY A 36 -4.08 -13.02 18.63
N GLY A 37 -4.10 -13.70 17.45
CA GLY A 37 -4.83 -13.22 16.28
C GLY A 37 -4.02 -12.25 15.44
N SER A 38 -3.66 -11.10 16.05
CA SER A 38 -2.87 -10.05 15.39
C SER A 38 -1.47 -10.59 15.01
N ILE A 39 -1.34 -10.97 13.73
CA ILE A 39 -0.11 -11.57 13.20
C ILE A 39 0.92 -10.49 12.80
N ASP A 40 2.21 -10.85 12.89
CA ASP A 40 3.32 -9.94 12.62
C ASP A 40 3.57 -9.84 11.09
N LEU A 41 3.41 -8.63 10.54
CA LEU A 41 3.78 -8.29 9.16
C LEU A 41 3.87 -6.77 8.99
N SER A 42 4.74 -6.35 8.09
CA SER A 42 4.83 -4.96 7.63
C SER A 42 4.04 -4.81 6.30
N ARG A 43 3.84 -5.95 5.61
CA ARG A 43 3.15 -6.03 4.32
C ARG A 43 1.97 -7.00 4.40
N ILE A 44 0.81 -6.55 3.90
CA ILE A 44 -0.48 -7.28 3.96
C ILE A 44 -0.91 -7.75 2.55
N THR A 45 -2.00 -8.54 2.50
CA THR A 45 -2.66 -8.93 1.24
C THR A 45 -4.18 -8.92 1.45
N PHE A 46 -4.90 -8.36 0.47
CA PHE A 46 -6.36 -8.21 0.53
C PHE A 46 -6.94 -8.23 -0.90
N LEU A 47 -8.27 -8.06 -0.95
CA LEU A 47 -9.05 -8.14 -2.19
C LEU A 47 -9.99 -6.91 -2.22
N TYR A 48 -10.05 -6.21 -3.38
CA TYR A 48 -11.05 -5.15 -3.63
C TYR A 48 -11.09 -4.82 -5.14
N LYS A 49 -12.03 -3.94 -5.55
CA LYS A 49 -12.17 -3.49 -6.95
C LYS A 49 -11.74 -2.03 -7.11
N PHE A 50 -11.08 -1.71 -8.24
CA PHE A 50 -10.54 -0.37 -8.52
C PHE A 50 -11.66 0.70 -8.50
N ILE A 51 -11.50 1.70 -7.61
CA ILE A 51 -12.46 2.81 -7.53
C ILE A 51 -12.15 3.83 -8.66
N SER A 52 -11.15 4.70 -8.43
CA SER A 52 -10.72 5.75 -9.40
C SER A 52 -9.37 6.35 -8.96
N VAL A 53 -8.69 7.04 -9.89
CA VAL A 53 -7.52 7.88 -9.58
C VAL A 53 -8.00 9.30 -9.25
N ASN A 54 -7.61 9.80 -8.07
CA ASN A 54 -7.93 11.17 -7.62
C ASN A 54 -7.07 12.19 -8.42
N PRO A 55 -7.63 13.41 -8.78
CA PRO A 55 -6.85 14.48 -9.49
C PRO A 55 -5.57 14.89 -8.75
N THR A 56 -5.58 14.71 -7.42
CA THR A 56 -4.49 15.10 -6.53
C THR A 56 -3.47 13.94 -6.38
N LEU A 57 -2.22 14.31 -6.03
CA LEU A 57 -1.11 13.36 -5.80
C LEU A 57 -0.48 13.64 -4.42
N LEU A 58 0.12 12.58 -3.84
CA LEU A 58 0.69 12.58 -2.48
C LEU A 58 2.22 12.74 -2.55
N LEU A 59 2.76 13.81 -1.95
CA LEU A 59 4.21 14.05 -1.86
C LEU A 59 4.83 13.02 -0.89
N ILE A 60 5.53 12.04 -1.48
CA ILE A 60 6.16 10.92 -0.75
C ILE A 60 7.47 11.36 -0.06
N ASN A 61 8.11 12.43 -0.59
CA ASN A 61 9.40 12.94 -0.07
C ASN A 61 9.60 14.43 -0.40
N GLU A 62 10.28 15.16 0.49
CA GLU A 62 10.54 16.61 0.33
C GLU A 62 11.79 16.87 -0.55
N LYS A 63 12.86 16.05 -0.39
CA LYS A 63 14.17 16.31 -1.05
C LYS A 63 14.09 16.26 -2.61
N THR A 64 13.64 15.13 -3.21
CA THR A 64 13.55 15.02 -4.68
C THR A 64 12.18 15.53 -5.20
N GLN A 65 11.29 15.94 -4.25
CA GLN A 65 9.97 16.56 -4.56
C GLN A 65 9.08 15.64 -5.42
N ALA A 66 9.19 14.32 -5.20
CA ALA A 66 8.39 13.33 -5.92
C ALA A 66 7.02 13.16 -5.26
N LYS A 67 5.95 13.32 -6.06
CA LYS A 67 4.57 12.99 -5.66
C LYS A 67 4.14 11.73 -6.42
N ARG A 68 3.11 11.03 -5.92
CA ARG A 68 2.61 9.80 -6.57
C ARG A 68 1.07 9.80 -6.58
N ARG A 69 0.49 9.25 -7.65
CA ARG A 69 -0.97 9.25 -7.89
C ARG A 69 -1.74 8.48 -6.81
N ILE A 70 -2.93 9.01 -6.48
CA ILE A 70 -3.84 8.43 -5.49
C ILE A 70 -4.77 7.42 -6.18
N PHE A 71 -4.48 6.13 -6.02
CA PHE A 71 -5.39 5.05 -6.45
C PHE A 71 -6.33 4.76 -5.28
N GLN A 72 -7.52 5.39 -5.31
CA GLN A 72 -8.51 5.30 -4.22
C GLN A 72 -8.94 3.84 -3.99
N GLY A 73 -8.84 3.39 -2.72
CA GLY A 73 -9.10 2.00 -2.37
C GLY A 73 -9.88 1.86 -1.07
N GLU A 74 -11.19 1.62 -1.19
CA GLU A 74 -12.07 1.33 -0.04
C GLU A 74 -12.66 -0.10 -0.18
N TYR A 75 -12.65 -0.87 0.93
CA TYR A 75 -13.23 -2.23 0.99
C TYR A 75 -13.66 -2.53 2.43
N LEU A 76 -14.69 -3.37 2.58
CA LEU A 76 -15.26 -3.76 3.87
C LEU A 76 -14.66 -5.10 4.32
N TYR A 77 -13.86 -5.06 5.39
CA TYR A 77 -13.27 -6.24 6.04
C TYR A 77 -14.03 -6.54 7.32
N GLY A 78 -14.80 -7.64 7.33
CA GLY A 78 -15.61 -8.00 8.47
C GLY A 78 -16.77 -7.05 8.64
N LYS A 79 -16.64 -6.12 9.61
CA LYS A 79 -17.69 -5.13 9.95
C LYS A 79 -17.13 -3.70 9.98
N LYS A 80 -16.02 -3.47 9.26
CA LYS A 80 -15.43 -2.12 9.08
C LYS A 80 -15.01 -1.91 7.62
N LYS A 81 -15.23 -0.69 7.09
CA LYS A 81 -14.74 -0.31 5.75
C LYS A 81 -13.42 0.47 5.90
N ILE A 82 -12.35 -0.11 5.36
CA ILE A 82 -11.02 0.51 5.28
C ILE A 82 -10.94 1.38 4.02
N GLN A 83 -10.79 2.71 4.22
CA GLN A 83 -10.75 3.72 3.15
C GLN A 83 -9.38 4.39 3.14
N PHE A 84 -8.43 3.85 2.34
CA PHE A 84 -7.07 4.42 2.22
C PHE A 84 -6.64 4.50 0.75
N ASN A 85 -5.60 5.31 0.53
CA ASN A 85 -5.10 5.61 -0.80
C ASN A 85 -3.92 4.67 -1.12
N ILE A 86 -4.09 3.90 -2.19
CA ILE A 86 -3.04 3.03 -2.71
C ILE A 86 -2.01 3.89 -3.47
N ILE A 87 -0.73 3.75 -3.08
CA ILE A 87 0.40 4.52 -3.64
C ILE A 87 1.32 3.53 -4.38
N ALA A 88 2.25 4.05 -5.20
CA ALA A 88 3.27 3.22 -5.88
C ALA A 88 4.68 3.66 -5.45
N LYS A 89 5.63 2.69 -5.40
CA LYS A 89 7.00 2.95 -4.91
C LYS A 89 7.75 3.86 -5.89
N ASN A 90 7.64 3.54 -7.18
CA ASN A 90 8.45 4.17 -8.25
C ASN A 90 7.54 4.75 -9.34
N LEU A 91 8.17 5.40 -10.32
CA LEU A 91 7.52 5.84 -11.57
C LEU A 91 7.20 4.63 -12.47
N GLU A 92 8.08 3.61 -12.41
CA GLU A 92 7.91 2.33 -13.14
C GLU A 92 6.74 1.51 -12.52
N ILE A 93 6.54 1.65 -11.21
CA ILE A 93 5.45 0.94 -10.48
C ILE A 93 4.13 1.73 -10.60
N GLU A 94 4.23 3.07 -10.73
CA GLU A 94 3.06 3.93 -10.94
C GLU A 94 2.49 3.73 -12.35
N ARG A 95 3.39 3.66 -13.35
CA ARG A 95 3.01 3.44 -14.75
C ARG A 95 2.42 2.03 -14.91
N GLU A 96 2.97 1.07 -14.14
CA GLU A 96 2.44 -0.30 -14.04
C GLU A 96 0.95 -0.27 -13.65
N LEU A 97 0.66 0.40 -12.52
CA LEU A 97 -0.69 0.45 -11.94
C LEU A 97 -1.71 1.16 -12.86
N ILE A 98 -1.34 2.33 -13.43
CA ILE A 98 -2.27 3.11 -14.31
C ILE A 98 -2.58 2.36 -15.63
N GLN A 99 -1.60 1.57 -16.13
CA GLN A 99 -1.76 0.75 -17.36
C GLN A 99 -2.48 -0.59 -17.05
N PHE A 100 -2.46 -1.00 -15.77
CA PHE A 100 -3.09 -2.26 -15.34
C PHE A 100 -4.56 -2.04 -14.93
N PHE A 101 -4.86 -0.83 -14.43
CA PHE A 101 -6.22 -0.46 -13.94
C PHE A 101 -7.03 0.25 -15.06
N LYS A 102 -6.81 -0.23 -16.31
CA LYS A 102 -7.55 0.22 -17.51
C LYS A 102 -9.04 -0.11 -17.40
N LYS A 103 -9.34 -1.27 -16.80
CA LYS A 103 -10.71 -1.66 -16.46
C LYS A 103 -11.10 -0.98 -15.12
N PRO A 104 -12.15 -0.11 -15.09
CA PRO A 104 -12.70 0.42 -13.82
C PRO A 104 -13.53 -0.65 -13.09
N TYR A 105 -13.54 -0.58 -11.74
CA TYR A 105 -14.18 -1.57 -10.85
C TYR A 105 -13.55 -2.97 -11.06
N GLN A 106 -12.26 -2.98 -11.46
CA GLN A 106 -11.47 -4.19 -11.68
C GLN A 106 -11.23 -4.91 -10.35
N CYS A 107 -11.85 -6.08 -10.18
CA CYS A 107 -11.70 -6.88 -8.96
C CYS A 107 -10.38 -7.67 -9.00
N TYR A 108 -9.44 -7.27 -8.12
CA TYR A 108 -8.10 -7.84 -8.06
C TYR A 108 -7.69 -8.10 -6.60
N ILE A 109 -6.64 -8.91 -6.45
CA ILE A 109 -6.05 -9.25 -5.15
C ILE A 109 -4.71 -8.51 -5.03
N MET A 110 -4.66 -7.48 -4.18
CA MET A 110 -3.42 -6.72 -3.97
C MET A 110 -2.56 -7.46 -2.93
N HIS A 111 -1.45 -8.02 -3.41
CA HIS A 111 -0.49 -8.80 -2.60
C HIS A 111 0.73 -7.94 -2.21
N ASN A 112 1.23 -8.15 -0.97
CA ASN A 112 2.53 -7.59 -0.47
C ASN A 112 2.42 -6.06 -0.23
N VAL A 113 1.17 -5.59 -0.01
CA VAL A 113 0.86 -4.15 0.15
C VAL A 113 1.54 -3.58 1.41
N GLN A 114 2.53 -2.73 1.18
CA GLN A 114 3.40 -2.19 2.23
C GLN A 114 2.84 -0.88 2.78
N VAL A 115 2.28 -0.91 4.00
CA VAL A 115 1.62 0.26 4.61
C VAL A 115 2.66 1.29 5.12
N PHE A 116 2.60 2.52 4.58
CA PHE A 116 3.48 3.63 5.00
C PHE A 116 2.67 4.70 5.76
N GLN A 117 3.08 4.95 7.00
CA GLN A 117 2.51 5.99 7.86
C GLN A 117 3.26 7.30 7.65
N MET A 118 2.56 8.34 7.15
CA MET A 118 3.15 9.66 6.92
C MET A 118 3.53 10.33 8.24
N LEU A 119 4.63 11.09 8.21
CA LEU A 119 5.18 11.80 9.38
C LEU A 119 6.01 13.01 8.92
N ASN A 120 6.39 13.87 9.88
CA ASN A 120 7.03 15.16 9.60
C ASN A 120 7.82 15.61 10.86
N LYS A 121 8.97 14.96 11.07
CA LYS A 121 9.81 15.15 12.26
C LYS A 121 11.26 15.40 11.84
N ASN A 122 11.78 16.60 12.15
CA ASN A 122 13.20 16.95 11.95
C ASN A 122 13.99 16.45 13.18
N LYS A 123 13.73 17.09 14.34
CA LYS A 123 14.26 16.71 15.66
C LYS A 123 15.79 16.47 15.64
N ASN A 124 16.53 17.50 15.22
CA ASN A 124 17.99 17.43 15.02
C ASN A 124 18.64 18.77 15.43
N ASN A 125 19.19 18.80 16.66
CA ASN A 125 19.87 19.98 17.21
C ASN A 125 21.29 20.09 16.63
N ASN A 126 21.55 21.20 15.93
CA ASN A 126 22.89 21.51 15.40
C ASN A 126 23.68 22.38 16.39
N VAL A 127 25.02 22.37 16.25
CA VAL A 127 25.95 23.17 17.07
C VAL A 127 26.77 24.08 16.11
N VAL A 128 26.08 25.07 15.52
CA VAL A 128 26.66 25.95 14.50
C VAL A 128 27.43 27.11 15.14
N GLU A 129 28.43 27.59 14.41
CA GLU A 129 29.20 28.80 14.77
C GLU A 129 28.69 30.01 13.96
N PHE A 130 27.60 29.80 13.20
CA PHE A 130 27.00 30.81 12.32
C PHE A 130 26.22 31.87 13.14
N MET A 131 25.81 32.96 12.47
CA MET A 131 25.07 34.08 13.08
C MET A 131 23.76 33.60 13.75
N ASP A 132 23.02 32.72 13.06
CA ASP A 132 21.70 32.24 13.50
C ASP A 132 21.40 30.84 12.94
N SER A 133 20.46 30.16 13.61
CA SER A 133 19.88 28.88 13.17
C SER A 133 18.52 28.70 13.87
N GLU A 134 17.42 28.94 13.12
CA GLU A 134 16.06 28.78 13.64
C GLU A 134 15.70 27.28 13.71
N ASP A 135 15.29 26.83 14.91
CA ASP A 135 14.85 25.44 15.14
C ASP A 135 13.48 25.20 14.46
N LEU A 136 12.43 25.87 14.99
CA LEU A 136 11.04 25.87 14.45
C LEU A 136 10.49 24.43 14.21
N GLN A 137 9.73 23.92 15.18
CA GLN A 137 9.13 22.56 15.10
C GLN A 137 7.60 22.65 15.14
N SER A 138 6.97 21.96 14.18
CA SER A 138 5.51 21.79 14.10
C SER A 138 5.22 20.45 13.40
N SER A 139 4.06 19.83 13.73
CA SER A 139 3.68 18.51 13.17
C SER A 139 2.17 18.43 12.91
N VAL A 140 1.82 17.96 11.69
CA VAL A 140 0.43 17.67 11.29
C VAL A 140 0.03 16.22 11.66
N ASP A 141 -1.20 15.82 11.28
CA ASP A 141 -1.70 14.46 11.53
C ASP A 141 -0.86 13.42 10.74
N SER A 142 -0.33 12.44 11.47
CA SER A 142 0.51 11.36 10.91
C SER A 142 -0.37 10.19 10.41
N GLN A 143 -0.98 10.38 9.23
CA GLN A 143 -1.99 9.42 8.67
C GLN A 143 -1.29 8.41 7.74
N LEU A 144 -1.83 7.17 7.70
CA LEU A 144 -1.21 6.04 6.95
C LEU A 144 -1.95 5.77 5.63
N TYR A 145 -1.18 5.47 4.57
CA TYR A 145 -1.69 5.13 3.23
C TYR A 145 -0.97 3.86 2.75
N TYR A 146 -1.66 3.07 1.92
CA TYR A 146 -1.21 1.71 1.54
C TYR A 146 -0.32 1.77 0.28
N LEU A 147 1.00 1.76 0.50
CA LEU A 147 2.03 1.84 -0.56
C LEU A 147 2.22 0.45 -1.22
N ILE A 148 2.54 0.46 -2.53
CA ILE A 148 2.84 -0.74 -3.33
C ILE A 148 4.29 -0.69 -3.79
N ASP A 149 5.12 -1.62 -3.27
CA ASP A 149 6.53 -1.72 -3.65
C ASP A 149 6.70 -2.59 -4.91
N GLU A 150 7.93 -2.62 -5.44
CA GLU A 150 8.27 -3.35 -6.69
C GLU A 150 8.20 -4.89 -6.54
N SER A 151 8.13 -5.40 -5.30
CA SER A 151 7.94 -6.85 -5.03
C SER A 151 6.45 -7.19 -4.84
N SER A 152 5.60 -6.16 -4.68
CA SER A 152 4.15 -6.30 -4.63
C SER A 152 3.56 -6.69 -6.00
N HIS A 153 2.52 -7.53 -5.96
CA HIS A 153 1.86 -8.07 -7.15
C HIS A 153 0.35 -7.85 -7.05
N VAL A 154 -0.23 -7.18 -8.05
CA VAL A 154 -1.69 -6.99 -8.15
C VAL A 154 -2.25 -8.04 -9.13
N LEU A 155 -2.89 -9.09 -8.58
CA LEU A 155 -3.41 -10.22 -9.36
C LEU A 155 -4.87 -9.98 -9.73
N GLU A 156 -5.13 -9.51 -10.97
CA GLU A 156 -6.50 -9.35 -11.48
C GLU A 156 -7.21 -10.71 -11.53
N ASP A 157 -8.35 -10.82 -10.83
CA ASP A 157 -9.25 -11.96 -11.00
C ASP A 157 -10.15 -11.66 -12.21
N ASP A 158 -9.74 -12.21 -13.37
CA ASP A 158 -10.42 -12.03 -14.65
C ASP A 158 -11.87 -12.60 -14.58
N SER A 159 -11.97 -13.80 -13.99
CA SER A 159 -13.25 -14.45 -13.64
C SER A 159 -13.68 -13.93 -12.23
N MET A 160 -14.51 -14.70 -11.50
CA MET A 160 -14.81 -14.41 -10.08
C MET A 160 -14.50 -15.66 -9.22
N ASP A 161 -13.60 -16.53 -9.72
CA ASP A 161 -13.28 -17.82 -9.08
C ASP A 161 -12.23 -17.66 -7.97
N PHE A 162 -11.29 -16.69 -8.16
CA PHE A 162 -10.23 -16.41 -7.17
C PHE A 162 -10.87 -15.69 -5.95
N ILE A 163 -11.82 -14.78 -6.26
CA ILE A 163 -12.67 -14.11 -5.25
C ILE A 163 -13.48 -15.16 -4.49
N SER A 164 -14.11 -16.09 -5.26
CA SER A 164 -14.95 -17.16 -4.72
C SER A 164 -14.15 -18.03 -3.74
N THR A 165 -12.88 -18.31 -4.12
CA THR A 165 -11.94 -19.07 -3.29
C THR A 165 -11.66 -18.32 -1.98
N LEU A 166 -11.20 -17.07 -2.08
CA LEU A 166 -10.76 -16.29 -0.92
C LEU A 166 -11.91 -15.99 0.06
N THR A 167 -13.13 -15.78 -0.45
CA THR A 167 -14.31 -15.46 0.38
C THR A 167 -14.93 -16.72 1.00
N ARG A 168 -14.67 -17.91 0.40
CA ARG A 168 -15.13 -19.21 0.98
C ARG A 168 -14.08 -19.74 1.98
N LEU A 169 -12.83 -19.27 1.81
CA LEU A 169 -11.70 -19.55 2.73
C LEU A 169 -11.89 -18.73 4.03
N SER A 170 -12.05 -17.41 3.88
CA SER A 170 -12.19 -16.48 5.02
C SER A 170 -13.61 -16.55 5.59
N ASP A 171 -14.62 -16.27 4.72
CA ASP A 171 -16.06 -16.19 5.07
C ASP A 171 -16.35 -15.02 6.03
N SER A 172 -17.58 -14.45 5.92
CA SER A 172 -18.05 -13.34 6.79
C SER A 172 -17.15 -12.08 6.64
N GLN B 1 18.14 11.84 -4.15
CA GLN B 1 18.27 10.43 -4.43
C GLN B 1 17.58 9.60 -3.33
N ASP B 2 17.05 8.41 -3.71
CA ASP B 2 16.31 7.50 -2.83
C ASP B 2 15.07 8.21 -2.24
N ASP B 3 13.93 8.17 -2.97
CA ASP B 3 12.66 8.86 -2.61
C ASP B 3 12.20 8.46 -1.19
N PHE B 4 12.17 7.15 -0.93
CA PHE B 4 11.75 6.56 0.36
C PHE B 4 12.95 6.43 1.33
N GLY B 5 14.08 7.08 0.98
CA GLY B 5 15.22 7.24 1.87
C GLY B 5 15.08 8.46 2.78
N ASP B 6 16.21 9.00 3.28
CA ASP B 6 16.20 10.11 4.25
C ASP B 6 15.69 11.41 3.60
N GLY B 7 14.62 11.98 4.19
CA GLY B 7 13.90 13.13 3.63
C GLY B 7 12.54 12.74 3.04
N CYS B 8 12.09 11.53 3.41
CA CYS B 8 10.77 10.99 3.04
C CYS B 8 9.70 11.40 4.08
N LEU B 9 8.48 11.77 3.61
CA LEU B 9 7.35 12.17 4.48
C LEU B 9 6.48 10.96 4.88
N LEU B 10 6.95 9.73 4.64
CA LEU B 10 6.28 8.51 5.15
C LEU B 10 7.29 7.40 5.46
N GLN B 11 7.09 6.76 6.63
CA GLN B 11 7.88 5.62 7.11
C GLN B 11 6.94 4.43 7.31
N ILE B 12 7.43 3.23 6.97
CA ILE B 12 6.65 1.97 6.99
C ILE B 12 6.26 1.60 8.45
N VAL B 13 5.04 1.02 8.63
CA VAL B 13 4.59 0.48 9.94
C VAL B 13 5.42 -0.78 10.34
N ASN B 14 6.31 -0.60 11.35
CA ASN B 14 7.16 -1.69 11.90
C ASN B 14 7.70 -1.26 13.29
N MET A 1 12.78 -16.20 -20.51
CA MET A 1 11.70 -17.23 -20.52
C MET A 1 11.42 -17.75 -19.08
N GLU A 2 12.31 -17.37 -18.12
CA GLU A 2 12.24 -17.88 -16.74
C GLU A 2 11.32 -17.00 -15.87
N ILE A 3 10.01 -17.24 -16.01
CA ILE A 3 8.98 -16.76 -15.07
C ILE A 3 8.21 -18.01 -14.63
N GLU A 4 7.51 -18.63 -15.61
CA GLU A 4 6.81 -19.92 -15.48
C GLU A 4 5.54 -19.79 -14.61
N GLU A 5 4.58 -20.71 -14.83
CA GLU A 5 3.35 -20.84 -14.04
C GLU A 5 3.67 -21.04 -12.53
N ASP A 6 4.81 -21.71 -12.24
CA ASP A 6 5.24 -22.05 -10.87
C ASP A 6 5.51 -20.80 -10.00
N LEU A 7 5.90 -19.68 -10.64
CA LEU A 7 6.00 -18.37 -9.98
C LEU A 7 4.59 -17.94 -9.53
N ASN A 8 3.64 -18.08 -10.46
CA ASN A 8 2.22 -17.72 -10.26
C ASN A 8 1.54 -18.69 -9.25
N LEU A 9 2.13 -19.88 -9.09
CA LEU A 9 1.63 -20.91 -8.15
C LEU A 9 2.13 -20.63 -6.73
N LYS A 10 3.40 -20.19 -6.60
CA LYS A 10 4.00 -19.91 -5.28
C LYS A 10 3.43 -18.61 -4.69
N ILE A 11 3.20 -17.59 -5.56
CA ILE A 11 2.57 -16.34 -5.13
C ILE A 11 1.09 -16.60 -4.80
N LEU A 12 0.46 -17.56 -5.52
CA LEU A 12 -0.95 -17.99 -5.26
C LEU A 12 -1.13 -18.47 -3.81
N GLU A 13 -0.23 -19.38 -3.35
CA GLU A 13 -0.28 -19.93 -1.99
C GLU A 13 0.08 -18.84 -0.96
N ASP A 14 0.98 -17.91 -1.35
CA ASP A 14 1.34 -16.73 -0.52
C ASP A 14 0.19 -15.71 -0.46
N VAL A 15 -0.61 -15.64 -1.54
CA VAL A 15 -1.75 -14.70 -1.63
C VAL A 15 -2.85 -15.14 -0.66
N LYS A 16 -3.31 -16.40 -0.81
CA LYS A 16 -4.40 -16.96 0.01
C LYS A 16 -4.02 -17.00 1.50
N LYS A 17 -2.77 -17.42 1.80
CA LYS A 17 -2.23 -17.49 3.18
C LYS A 17 -2.22 -16.10 3.83
N LEU A 18 -1.51 -15.15 3.19
CA LEU A 18 -1.37 -13.78 3.71
C LEU A 18 -2.72 -13.06 3.68
N TYR A 19 -3.65 -13.49 2.80
CA TYR A 19 -5.01 -12.93 2.75
C TYR A 19 -5.75 -13.27 4.03
N LEU A 20 -5.79 -14.58 4.37
CA LEU A 20 -6.52 -15.08 5.55
C LEU A 20 -6.00 -14.43 6.83
N GLN A 21 -4.67 -14.47 6.99
CA GLN A 21 -3.97 -13.95 8.16
C GLN A 21 -4.17 -12.43 8.30
N SER A 22 -4.03 -11.69 7.19
CA SER A 22 -4.13 -10.21 7.20
C SER A 22 -5.59 -9.76 7.29
N PHE A 23 -6.52 -10.54 6.70
CA PHE A 23 -7.97 -10.20 6.66
C PHE A 23 -8.49 -10.09 8.10
N ASP A 24 -8.16 -11.14 8.88
CA ASP A 24 -8.47 -11.21 10.32
C ASP A 24 -7.75 -10.09 11.09
N TYR A 25 -6.48 -9.88 10.74
CA TYR A 25 -5.60 -8.83 11.34
C TYR A 25 -6.14 -7.39 11.11
N ILE A 26 -6.77 -7.16 9.94
CA ILE A 26 -7.34 -5.85 9.54
C ILE A 26 -8.67 -5.62 10.30
N LYS A 27 -9.46 -6.69 10.41
CA LYS A 27 -10.72 -6.72 11.18
C LYS A 27 -10.46 -6.62 12.69
N ASN A 28 -9.25 -7.05 13.10
CA ASN A 28 -8.79 -6.98 14.50
C ASN A 28 -8.20 -5.58 14.80
N GLY A 29 -7.70 -4.93 13.74
CA GLY A 29 -7.01 -3.64 13.85
C GLY A 29 -5.54 -3.76 13.51
N ILE A 30 -5.02 -2.83 12.69
CA ILE A 30 -3.60 -2.82 12.26
C ILE A 30 -2.68 -2.54 13.48
N SER A 31 -1.66 -3.39 13.65
CA SER A 31 -0.73 -3.34 14.78
C SER A 31 0.63 -3.91 14.36
N SER A 32 1.70 -3.19 14.68
CA SER A 32 3.08 -3.61 14.37
C SER A 32 3.63 -4.56 15.47
N GLY A 33 2.75 -5.04 16.37
CA GLY A 33 3.10 -6.00 17.42
C GLY A 33 1.96 -6.98 17.66
N GLY A 34 2.17 -8.25 17.26
CA GLY A 34 1.13 -9.28 17.35
C GLY A 34 1.71 -10.69 17.28
N SER A 35 1.84 -11.35 18.44
CA SER A 35 2.36 -12.72 18.56
C SER A 35 1.22 -13.65 18.99
N GLY A 36 0.90 -14.67 18.17
CA GLY A 36 -0.18 -15.62 18.47
C GLY A 36 -1.56 -14.99 18.24
N GLY A 37 -1.97 -14.12 19.17
CA GLY A 37 -3.16 -13.29 19.01
C GLY A 37 -2.90 -12.20 17.98
N SER A 38 -3.34 -12.47 16.72
CA SER A 38 -3.03 -11.68 15.51
C SER A 38 -1.54 -11.85 15.12
N ILE A 39 -1.14 -11.19 14.01
CA ILE A 39 0.25 -11.25 13.50
C ILE A 39 0.80 -9.83 13.28
N ASP A 40 2.10 -9.64 13.51
CA ASP A 40 2.80 -8.39 13.15
C ASP A 40 3.56 -8.58 11.83
N LEU A 41 3.50 -7.56 10.97
CA LEU A 41 4.20 -7.53 9.67
C LEU A 41 4.19 -6.09 9.11
N SER A 42 5.05 -5.88 8.10
CA SER A 42 5.16 -4.60 7.38
C SER A 42 4.27 -4.60 6.12
N ARG A 43 4.08 -5.81 5.53
CA ARG A 43 3.35 -5.99 4.26
C ARG A 43 2.25 -7.06 4.39
N ILE A 44 1.08 -6.79 3.78
CA ILE A 44 -0.14 -7.64 3.84
C ILE A 44 -0.61 -8.03 2.42
N THR A 45 -1.69 -8.82 2.34
CA THR A 45 -2.36 -9.16 1.07
C THR A 45 -3.88 -9.10 1.27
N PHE A 46 -4.56 -8.22 0.52
CA PHE A 46 -6.01 -8.05 0.62
C PHE A 46 -6.66 -8.06 -0.77
N LEU A 47 -7.99 -7.96 -0.76
CA LEU A 47 -8.83 -8.01 -1.96
C LEU A 47 -9.70 -6.75 -1.97
N TYR A 48 -9.88 -6.14 -3.17
CA TYR A 48 -10.86 -5.04 -3.39
C TYR A 48 -11.05 -4.80 -4.89
N LYS A 49 -12.03 -3.94 -5.24
CA LYS A 49 -12.24 -3.46 -6.61
C LYS A 49 -11.80 -1.99 -6.74
N PHE A 50 -11.07 -1.70 -7.82
CA PHE A 50 -10.47 -0.37 -8.07
C PHE A 50 -11.55 0.71 -8.19
N ILE A 51 -11.54 1.69 -7.28
CA ILE A 51 -12.54 2.77 -7.30
C ILE A 51 -12.26 3.72 -8.48
N SER A 52 -11.11 4.40 -8.39
CA SER A 52 -10.62 5.37 -9.38
C SER A 52 -9.26 5.90 -8.91
N VAL A 53 -8.53 6.61 -9.77
CA VAL A 53 -7.34 7.36 -9.35
C VAL A 53 -7.76 8.84 -9.13
N ASN A 54 -7.41 9.38 -7.95
CA ASN A 54 -7.76 10.75 -7.57
C ASN A 54 -6.93 11.75 -8.42
N PRO A 55 -7.55 12.89 -8.89
CA PRO A 55 -6.86 13.95 -9.69
C PRO A 55 -5.61 14.51 -8.99
N THR A 56 -5.58 14.40 -7.66
CA THR A 56 -4.47 14.90 -6.85
C THR A 56 -3.52 13.74 -6.50
N LEU A 57 -2.24 14.08 -6.26
CA LEU A 57 -1.16 13.13 -5.98
C LEU A 57 -0.47 13.50 -4.65
N LEU A 58 -0.07 12.47 -3.88
CA LEU A 58 0.59 12.65 -2.58
C LEU A 58 2.08 12.94 -2.77
N LEU A 59 2.57 14.04 -2.18
CA LEU A 59 4.00 14.30 -2.05
C LEU A 59 4.59 13.30 -1.04
N ILE A 60 5.27 12.27 -1.56
CA ILE A 60 5.80 11.16 -0.76
C ILE A 60 7.13 11.54 -0.08
N ASN A 61 7.88 12.48 -0.71
CA ASN A 61 9.19 12.93 -0.19
C ASN A 61 9.45 14.40 -0.54
N GLU A 62 9.98 15.15 0.44
CA GLU A 62 10.23 16.59 0.31
C GLU A 62 11.56 16.86 -0.44
N LYS A 63 12.60 16.04 -0.18
CA LYS A 63 13.97 16.29 -0.71
C LYS A 63 14.01 16.33 -2.26
N THR A 64 13.53 15.27 -2.93
CA THR A 64 13.54 15.20 -4.41
C THR A 64 12.17 15.57 -5.02
N GLN A 65 11.20 15.93 -4.14
CA GLN A 65 9.86 16.47 -4.53
C GLN A 65 9.06 15.52 -5.45
N ALA A 66 9.18 14.21 -5.20
CA ALA A 66 8.42 13.19 -5.96
C ALA A 66 7.00 13.06 -5.37
N LYS A 67 6.00 13.02 -6.26
CA LYS A 67 4.60 12.74 -5.91
C LYS A 67 4.17 11.45 -6.61
N ARG A 68 3.24 10.71 -5.98
CA ARG A 68 2.67 9.49 -6.56
C ARG A 68 1.13 9.56 -6.49
N ARG A 69 0.50 9.01 -7.53
CA ARG A 69 -0.94 9.04 -7.73
C ARG A 69 -1.69 8.21 -6.67
N ILE A 70 -2.90 8.69 -6.33
CA ILE A 70 -3.75 8.12 -5.29
C ILE A 70 -4.70 7.09 -5.92
N PHE A 71 -4.29 5.82 -5.89
CA PHE A 71 -5.13 4.71 -6.36
C PHE A 71 -6.14 4.37 -5.24
N GLN A 72 -7.32 4.99 -5.31
CA GLN A 72 -8.37 4.91 -4.27
C GLN A 72 -8.86 3.47 -4.09
N GLY A 73 -8.74 3.00 -2.85
CA GLY A 73 -9.15 1.66 -2.47
C GLY A 73 -10.00 1.69 -1.22
N GLU A 74 -11.27 1.30 -1.33
CA GLU A 74 -12.15 1.11 -0.17
C GLU A 74 -12.87 -0.24 -0.29
N TYR A 75 -12.76 -1.04 0.78
CA TYR A 75 -13.38 -2.37 0.86
C TYR A 75 -13.84 -2.60 2.30
N LEU A 76 -14.92 -3.34 2.46
CA LEU A 76 -15.53 -3.65 3.75
C LEU A 76 -15.02 -5.01 4.26
N TYR A 77 -14.08 -4.95 5.22
CA TYR A 77 -13.46 -6.13 5.84
C TYR A 77 -14.24 -6.48 7.13
N GLY A 78 -15.03 -7.56 7.08
CA GLY A 78 -15.73 -8.08 8.25
C GLY A 78 -16.99 -7.28 8.61
N LYS A 79 -16.78 -6.08 9.16
CA LYS A 79 -17.86 -5.19 9.64
C LYS A 79 -17.46 -3.70 9.52
N LYS A 80 -16.29 -3.43 8.92
CA LYS A 80 -15.73 -2.06 8.83
C LYS A 80 -15.20 -1.79 7.40
N LYS A 81 -15.42 -0.57 6.90
CA LYS A 81 -14.89 -0.14 5.59
C LYS A 81 -13.52 0.53 5.79
N ILE A 82 -12.46 -0.15 5.32
CA ILE A 82 -11.09 0.39 5.34
C ILE A 82 -10.85 1.13 4.02
N GLN A 83 -10.54 2.43 4.13
CA GLN A 83 -10.34 3.33 2.98
C GLN A 83 -8.84 3.67 2.86
N PHE A 84 -8.15 2.79 2.13
CA PHE A 84 -6.69 2.81 1.95
C PHE A 84 -6.34 3.44 0.58
N ASN A 85 -5.49 4.47 0.61
CA ASN A 85 -5.02 5.17 -0.61
C ASN A 85 -3.71 4.52 -1.08
N ILE A 86 -3.80 3.72 -2.14
CA ILE A 86 -2.67 2.93 -2.67
C ILE A 86 -1.68 3.85 -3.44
N ILE A 87 -0.38 3.63 -3.20
CA ILE A 87 0.73 4.46 -3.73
C ILE A 87 1.71 3.55 -4.50
N ALA A 88 2.61 4.15 -5.31
CA ALA A 88 3.65 3.42 -6.08
C ALA A 88 5.05 3.80 -5.55
N LYS A 89 6.00 2.81 -5.50
CA LYS A 89 7.36 3.06 -4.95
C LYS A 89 8.13 4.01 -5.86
N ASN A 90 8.11 3.70 -7.16
CA ASN A 90 8.79 4.51 -8.20
C ASN A 90 7.78 4.97 -9.25
N LEU A 91 8.26 5.83 -10.15
CA LEU A 91 7.51 6.27 -11.34
C LEU A 91 7.21 5.09 -12.30
N GLU A 92 8.13 4.10 -12.31
CA GLU A 92 7.98 2.86 -13.11
C GLU A 92 6.90 1.95 -12.50
N ILE A 93 6.78 1.98 -11.15
CA ILE A 93 5.71 1.24 -10.45
C ILE A 93 4.35 1.92 -10.69
N GLU A 94 4.37 3.26 -10.82
CA GLU A 94 3.16 4.04 -11.09
C GLU A 94 2.63 3.79 -12.51
N ARG A 95 3.56 3.77 -13.50
CA ARG A 95 3.19 3.62 -14.91
C ARG A 95 2.60 2.21 -15.17
N GLU A 96 3.15 1.17 -14.52
CA GLU A 96 2.66 -0.21 -14.69
C GLU A 96 1.29 -0.39 -14.00
N LEU A 97 1.06 0.34 -12.88
CA LEU A 97 -0.25 0.34 -12.17
C LEU A 97 -1.35 1.01 -13.00
N ILE A 98 -1.09 2.23 -13.54
CA ILE A 98 -2.08 2.98 -14.35
C ILE A 98 -2.38 2.24 -15.67
N GLN A 99 -1.35 1.56 -16.25
CA GLN A 99 -1.51 0.73 -17.47
C GLN A 99 -2.26 -0.58 -17.15
N PHE A 100 -2.14 -1.06 -15.91
CA PHE A 100 -2.84 -2.27 -15.44
C PHE A 100 -4.33 -1.94 -15.16
N PHE A 101 -4.58 -0.73 -14.64
CA PHE A 101 -5.93 -0.26 -14.30
C PHE A 101 -6.55 0.48 -15.51
N LYS A 102 -6.81 -0.28 -16.58
CA LYS A 102 -7.58 0.20 -17.76
C LYS A 102 -9.08 0.15 -17.45
N LYS A 103 -9.47 -0.97 -16.82
CA LYS A 103 -10.85 -1.18 -16.35
C LYS A 103 -11.00 -0.61 -14.92
N PRO A 104 -11.98 0.33 -14.69
CA PRO A 104 -12.39 0.72 -13.32
C PRO A 104 -13.28 -0.36 -12.69
N TYR A 105 -13.49 -0.26 -11.37
CA TYR A 105 -14.22 -1.28 -10.55
C TYR A 105 -13.57 -2.68 -10.68
N GLN A 106 -12.27 -2.68 -11.01
CA GLN A 106 -11.50 -3.90 -11.33
C GLN A 106 -11.20 -4.69 -10.05
N CYS A 107 -11.84 -5.86 -9.91
CA CYS A 107 -11.66 -6.73 -8.76
C CYS A 107 -10.35 -7.54 -8.88
N TYR A 108 -9.45 -7.33 -7.92
CA TYR A 108 -8.13 -7.98 -7.88
C TYR A 108 -7.67 -8.18 -6.43
N ILE A 109 -6.63 -9.01 -6.28
CA ILE A 109 -5.98 -9.30 -5.00
C ILE A 109 -4.61 -8.61 -5.01
N MET A 110 -4.45 -7.55 -4.22
CA MET A 110 -3.16 -6.86 -4.09
C MET A 110 -2.32 -7.58 -3.03
N HIS A 111 -1.17 -8.09 -3.47
CA HIS A 111 -0.24 -8.89 -2.66
C HIS A 111 1.00 -8.06 -2.32
N ASN A 112 1.51 -8.23 -1.06
CA ASN A 112 2.79 -7.61 -0.59
C ASN A 112 2.62 -6.06 -0.38
N VAL A 113 1.38 -5.66 -0.04
CA VAL A 113 1.02 -4.24 0.13
C VAL A 113 1.61 -3.68 1.45
N GLN A 114 2.54 -2.74 1.34
CA GLN A 114 3.26 -2.15 2.47
C GLN A 114 2.52 -0.91 3.00
N VAL A 115 2.46 -0.74 4.33
CA VAL A 115 1.74 0.39 4.96
C VAL A 115 2.72 1.48 5.42
N PHE A 116 2.51 2.72 4.93
CA PHE A 116 3.28 3.93 5.34
C PHE A 116 2.34 4.92 6.03
N GLN A 117 2.69 5.29 7.27
CA GLN A 117 1.96 6.30 8.06
C GLN A 117 2.69 7.65 7.99
N MET A 118 1.93 8.73 7.75
CA MET A 118 2.49 10.06 7.45
C MET A 118 3.02 10.75 8.72
N LEU A 119 4.16 11.45 8.57
CA LEU A 119 4.79 12.24 9.62
C LEU A 119 5.78 13.25 8.96
N ASN A 120 6.47 14.04 9.79
CA ASN A 120 7.62 14.85 9.32
C ASN A 120 8.39 15.34 10.56
N LYS A 121 9.57 15.96 10.32
CA LYS A 121 10.49 16.44 11.38
C LYS A 121 9.75 17.33 12.40
N ASN A 122 9.81 16.93 13.68
CA ASN A 122 9.28 17.73 14.79
C ASN A 122 10.24 18.89 15.09
N LYS A 123 11.53 18.62 14.86
CA LYS A 123 12.63 19.56 15.06
C LYS A 123 13.53 19.59 13.82
N ASN A 124 14.10 20.77 13.53
CA ASN A 124 15.11 20.97 12.48
C ASN A 124 16.33 21.73 13.07
N ASN A 125 17.28 22.10 12.22
CA ASN A 125 18.46 22.90 12.61
C ASN A 125 18.56 24.13 11.71
N ASN A 126 19.10 25.23 12.26
CA ASN A 126 19.34 26.48 11.52
C ASN A 126 20.40 26.26 10.42
N VAL A 127 20.19 26.92 9.27
CA VAL A 127 21.15 26.92 8.17
C VAL A 127 22.34 27.85 8.51
N VAL A 128 23.46 27.24 8.93
CA VAL A 128 24.75 27.92 9.11
C VAL A 128 25.65 27.64 7.88
N GLU A 129 25.62 26.39 7.43
CA GLU A 129 26.38 25.91 6.27
C GLU A 129 25.63 26.26 4.97
N PHE A 130 26.38 26.77 3.96
CA PHE A 130 25.81 27.31 2.72
C PHE A 130 25.46 26.18 1.72
N MET A 131 24.35 25.44 2.01
CA MET A 131 23.81 24.38 1.13
C MET A 131 22.28 24.47 1.10
N ASP A 132 21.63 24.01 2.20
CA ASP A 132 20.15 23.91 2.30
C ASP A 132 19.63 25.05 3.19
N SER A 133 19.30 26.18 2.55
CA SER A 133 18.71 27.36 3.22
C SER A 133 17.17 27.31 3.19
N GLU A 134 16.62 26.39 2.37
CA GLU A 134 15.17 26.24 2.19
C GLU A 134 14.60 25.24 3.23
N ASP A 135 14.57 25.70 4.49
CA ASP A 135 14.12 24.90 5.64
C ASP A 135 13.82 25.84 6.82
N LEU A 136 12.53 25.91 7.20
CA LEU A 136 12.05 26.77 8.29
C LEU A 136 10.97 26.00 9.08
N GLN A 137 9.85 25.73 8.41
CA GLN A 137 8.68 25.05 9.00
C GLN A 137 8.53 23.63 8.43
N SER A 138 7.87 22.75 9.20
CA SER A 138 7.61 21.35 8.83
C SER A 138 6.29 21.24 8.01
N SER A 139 5.93 20.00 7.62
CA SER A 139 4.67 19.71 6.91
C SER A 139 4.27 18.24 7.19
N VAL A 140 3.53 18.04 8.30
CA VAL A 140 3.09 16.70 8.75
C VAL A 140 1.68 16.38 8.19
N ASP A 141 1.27 15.12 8.32
CA ASP A 141 -0.10 14.65 7.95
C ASP A 141 -0.48 13.47 8.87
N SER A 142 -1.80 13.25 9.05
CA SER A 142 -2.34 12.29 10.05
C SER A 142 -2.81 10.96 9.40
N GLN A 143 -2.90 10.93 8.06
CA GLN A 143 -3.42 9.75 7.32
C GLN A 143 -2.31 8.67 7.17
N LEU A 144 -2.70 7.47 6.71
CA LEU A 144 -1.76 6.39 6.33
C LEU A 144 -2.13 5.86 4.93
N TYR A 145 -1.10 5.78 4.05
CA TYR A 145 -1.25 5.39 2.64
C TYR A 145 -0.52 4.05 2.41
N TYR A 146 -1.11 3.19 1.56
CA TYR A 146 -0.63 1.82 1.34
C TYR A 146 0.28 1.76 0.11
N LEU A 147 1.58 1.81 0.38
CA LEU A 147 2.64 1.82 -0.62
C LEU A 147 2.81 0.44 -1.26
N ILE A 148 2.93 0.45 -2.61
CA ILE A 148 3.25 -0.74 -3.42
C ILE A 148 4.71 -0.63 -3.88
N ASP A 149 5.55 -1.44 -3.25
CA ASP A 149 6.95 -1.60 -3.66
C ASP A 149 7.05 -2.63 -4.81
N GLU A 150 8.23 -2.72 -5.42
CA GLU A 150 8.45 -3.56 -6.64
C GLU A 150 8.44 -5.09 -6.35
N SER A 151 8.30 -5.51 -5.09
CA SER A 151 8.13 -6.94 -4.72
C SER A 151 6.65 -7.35 -4.84
N SER A 152 5.74 -6.34 -4.84
CA SER A 152 4.29 -6.53 -4.88
C SER A 152 3.79 -7.06 -6.24
N HIS A 153 2.65 -7.78 -6.18
CA HIS A 153 1.96 -8.35 -7.35
C HIS A 153 0.46 -8.05 -7.22
N VAL A 154 -0.12 -7.40 -8.25
CA VAL A 154 -1.56 -7.13 -8.33
C VAL A 154 -2.21 -8.18 -9.26
N LEU A 155 -2.81 -9.21 -8.66
CA LEU A 155 -3.38 -10.35 -9.40
C LEU A 155 -4.86 -10.10 -9.69
N GLU A 156 -5.19 -9.72 -10.94
CA GLU A 156 -6.58 -9.50 -11.36
C GLU A 156 -7.35 -10.83 -11.42
N ASP A 157 -8.58 -10.81 -10.92
CA ASP A 157 -9.52 -11.93 -10.99
C ASP A 157 -9.98 -12.12 -12.46
N ASP A 158 -10.32 -13.35 -12.84
CA ASP A 158 -10.88 -13.67 -14.17
C ASP A 158 -12.30 -13.08 -14.28
N SER A 159 -13.10 -13.26 -13.21
CA SER A 159 -14.44 -12.67 -13.10
C SER A 159 -14.73 -12.37 -11.61
N MET A 160 -15.01 -13.43 -10.82
CA MET A 160 -15.28 -13.32 -9.37
C MET A 160 -14.89 -14.65 -8.67
N ASP A 161 -14.17 -15.54 -9.38
CA ASP A 161 -13.86 -16.90 -8.88
C ASP A 161 -12.74 -16.89 -7.83
N PHE A 162 -11.79 -15.94 -7.94
CA PHE A 162 -10.70 -15.79 -6.97
C PHE A 162 -11.28 -15.19 -5.66
N ILE A 163 -12.23 -14.25 -5.82
CA ILE A 163 -13.02 -13.67 -4.71
C ILE A 163 -13.80 -14.79 -4.02
N SER A 164 -14.45 -15.63 -4.84
CA SER A 164 -15.28 -16.76 -4.40
C SER A 164 -14.47 -17.71 -3.51
N THR A 165 -13.25 -18.02 -3.96
CA THR A 165 -12.27 -18.84 -3.23
C THR A 165 -11.93 -18.19 -1.88
N LEU A 166 -11.55 -16.91 -1.90
CA LEU A 166 -11.04 -16.21 -0.72
C LEU A 166 -12.14 -15.89 0.31
N THR A 167 -13.39 -15.73 -0.15
CA THR A 167 -14.53 -15.35 0.72
C THR A 167 -15.13 -16.61 1.40
N ARG A 168 -14.98 -17.80 0.76
CA ARG A 168 -15.34 -19.09 1.40
C ARG A 168 -14.19 -19.57 2.32
N LEU A 169 -12.97 -19.10 2.00
CA LEU A 169 -11.75 -19.48 2.72
C LEU A 169 -11.66 -18.73 4.06
N SER A 170 -11.91 -17.41 4.02
CA SER A 170 -11.88 -16.52 5.20
C SER A 170 -13.25 -16.50 5.91
N ASP A 171 -14.32 -16.63 5.11
CA ASP A 171 -15.73 -16.67 5.57
C ASP A 171 -16.23 -15.29 6.05
N SER A 172 -17.51 -14.98 5.73
CA SER A 172 -18.15 -13.70 6.11
C SER A 172 -18.62 -13.75 7.57
N GLN B 1 17.74 11.11 -1.91
CA GLN B 1 18.19 9.74 -1.69
C GLN B 1 16.97 8.81 -1.64
N ASP B 2 16.63 8.23 -2.82
CA ASP B 2 15.46 7.33 -3.02
C ASP B 2 14.11 8.08 -2.82
N ASP B 3 13.01 7.47 -3.27
CA ASP B 3 11.65 8.04 -3.14
C ASP B 3 11.16 7.92 -1.69
N PHE B 4 11.42 6.76 -1.08
CA PHE B 4 10.98 6.42 0.29
C PHE B 4 12.22 6.22 1.21
N GLY B 5 13.29 6.99 0.92
CA GLY B 5 14.48 7.03 1.77
C GLY B 5 14.37 8.08 2.88
N ASP B 6 15.51 8.70 3.26
CA ASP B 6 15.56 9.75 4.31
C ASP B 6 15.13 11.11 3.74
N GLY B 7 14.06 11.71 4.31
CA GLY B 7 13.51 12.99 3.85
C GLY B 7 12.14 12.84 3.20
N CYS B 8 11.40 11.83 3.66
CA CYS B 8 10.01 11.57 3.23
C CYS B 8 8.98 12.21 4.18
N LEU B 9 7.72 12.30 3.70
CA LEU B 9 6.57 12.78 4.49
C LEU B 9 5.84 11.57 5.16
N LEU B 10 6.44 10.36 5.05
CA LEU B 10 5.84 9.12 5.57
C LEU B 10 6.94 8.11 5.97
N GLN B 11 6.57 7.21 6.89
CA GLN B 11 7.44 6.16 7.45
C GLN B 11 6.63 4.87 7.55
N ILE B 12 7.29 3.74 7.26
CA ILE B 12 6.64 2.43 7.26
C ILE B 12 6.34 1.99 8.74
N VAL B 13 5.12 1.44 8.97
CA VAL B 13 4.64 1.03 10.32
C VAL B 13 5.50 -0.14 10.91
N ASN B 14 6.31 0.19 11.93
CA ASN B 14 7.15 -0.78 12.69
C ASN B 14 7.22 -0.32 14.17
N MET A 1 7.75 -15.17 -23.30
CA MET A 1 7.88 -14.17 -22.22
C MET A 1 6.82 -14.43 -21.14
N GLU A 2 7.17 -15.30 -20.20
CA GLU A 2 6.33 -15.68 -19.04
C GLU A 2 7.19 -16.54 -18.11
N ILE A 3 7.12 -16.27 -16.80
CA ILE A 3 7.82 -17.07 -15.78
C ILE A 3 7.04 -18.38 -15.55
N GLU A 4 7.75 -19.44 -15.13
CA GLU A 4 7.15 -20.76 -14.82
C GLU A 4 6.00 -20.63 -13.79
N GLU A 5 5.08 -21.62 -13.84
CA GLU A 5 3.88 -21.65 -12.98
C GLU A 5 4.28 -21.58 -11.49
N ASP A 6 5.48 -22.10 -11.17
CA ASP A 6 6.07 -22.16 -9.83
C ASP A 6 6.08 -20.77 -9.13
N LEU A 7 6.37 -19.72 -9.92
CA LEU A 7 6.33 -18.32 -9.44
C LEU A 7 4.88 -17.96 -9.13
N ASN A 8 4.00 -18.24 -10.09
CA ASN A 8 2.55 -17.95 -10.00
C ASN A 8 1.88 -18.75 -8.86
N LEU A 9 2.52 -19.87 -8.48
CA LEU A 9 2.04 -20.76 -7.41
C LEU A 9 2.56 -20.30 -6.04
N LYS A 10 3.82 -19.80 -5.98
CA LYS A 10 4.42 -19.37 -4.70
C LYS A 10 3.77 -18.04 -4.26
N ILE A 11 3.51 -17.13 -5.23
CA ILE A 11 2.80 -15.87 -4.97
C ILE A 11 1.35 -16.19 -4.61
N LEU A 12 0.76 -17.23 -5.26
CA LEU A 12 -0.61 -17.73 -4.98
C LEU A 12 -0.76 -18.16 -3.51
N GLU A 13 0.21 -18.96 -3.00
CA GLU A 13 0.15 -19.46 -1.63
C GLU A 13 0.42 -18.31 -0.66
N ASP A 14 1.29 -17.36 -1.07
CA ASP A 14 1.54 -16.12 -0.32
C ASP A 14 0.28 -15.23 -0.31
N VAL A 15 -0.51 -15.25 -1.41
CA VAL A 15 -1.74 -14.45 -1.55
C VAL A 15 -2.77 -14.94 -0.55
N LYS A 16 -3.16 -16.23 -0.68
CA LYS A 16 -4.22 -16.83 0.15
C LYS A 16 -3.84 -16.79 1.64
N LYS A 17 -2.59 -17.18 1.96
CA LYS A 17 -2.05 -17.16 3.35
C LYS A 17 -2.14 -15.76 3.96
N LEU A 18 -1.47 -14.78 3.31
CA LEU A 18 -1.46 -13.39 3.79
C LEU A 18 -2.85 -12.77 3.75
N TYR A 19 -3.75 -13.28 2.86
CA TYR A 19 -5.13 -12.77 2.78
C TYR A 19 -5.89 -13.19 4.04
N LEU A 20 -5.90 -14.50 4.33
CA LEU A 20 -6.66 -15.07 5.49
C LEU A 20 -6.18 -14.43 6.80
N GLN A 21 -4.84 -14.43 6.96
CA GLN A 21 -4.15 -13.86 8.11
C GLN A 21 -4.48 -12.36 8.27
N SER A 22 -4.19 -11.56 7.22
CA SER A 22 -4.29 -10.09 7.29
C SER A 22 -5.76 -9.65 7.36
N PHE A 23 -6.67 -10.37 6.67
CA PHE A 23 -8.11 -10.06 6.64
C PHE A 23 -8.66 -10.02 8.07
N ASP A 24 -8.34 -11.08 8.84
CA ASP A 24 -8.82 -11.23 10.24
C ASP A 24 -8.07 -10.29 11.19
N TYR A 25 -6.80 -9.98 10.84
CA TYR A 25 -5.95 -9.01 11.55
C TYR A 25 -6.48 -7.57 11.40
N ILE A 26 -6.97 -7.25 10.19
CA ILE A 26 -7.51 -5.92 9.83
C ILE A 26 -8.88 -5.74 10.53
N LYS A 27 -9.67 -6.84 10.56
CA LYS A 27 -10.95 -6.92 11.32
C LYS A 27 -10.71 -6.68 12.82
N ASN A 28 -9.57 -7.19 13.32
CA ASN A 28 -9.17 -7.04 14.73
C ASN A 28 -8.56 -5.63 14.97
N GLY A 29 -8.09 -5.00 13.89
CA GLY A 29 -7.42 -3.69 13.93
C GLY A 29 -5.93 -3.85 13.68
N ILE A 30 -5.33 -2.89 12.93
CA ILE A 30 -3.89 -2.89 12.62
C ILE A 30 -3.07 -2.67 13.92
N SER A 31 -2.64 -3.78 14.52
CA SER A 31 -1.90 -3.80 15.79
C SER A 31 -0.57 -4.55 15.61
N SER A 32 0.49 -3.79 15.29
CA SER A 32 1.86 -4.30 15.18
C SER A 32 2.38 -4.70 16.59
N GLY A 33 2.29 -6.00 16.89
CA GLY A 33 2.68 -6.55 18.19
C GLY A 33 2.64 -8.06 18.21
N GLY A 34 1.62 -8.62 17.53
CA GLY A 34 1.48 -10.05 17.39
C GLY A 34 0.77 -10.69 18.57
N SER A 35 1.54 -11.46 19.37
CA SER A 35 1.06 -12.21 20.54
C SER A 35 0.11 -13.36 20.12
N GLY A 36 -1.12 -13.01 19.72
CA GLY A 36 -2.12 -13.99 19.27
C GLY A 36 -3.31 -13.30 18.62
N GLY A 37 -3.89 -13.94 17.59
CA GLY A 37 -5.01 -13.37 16.84
C GLY A 37 -4.56 -12.34 15.82
N SER A 38 -4.15 -11.16 16.33
CA SER A 38 -3.56 -10.10 15.52
C SER A 38 -2.13 -10.50 15.08
N ILE A 39 -2.02 -11.11 13.90
CA ILE A 39 -0.72 -11.49 13.32
C ILE A 39 0.08 -10.23 12.93
N ASP A 40 1.28 -10.08 13.48
CA ASP A 40 2.14 -8.90 13.21
C ASP A 40 2.84 -9.07 11.86
N LEU A 41 2.61 -8.11 10.96
CA LEU A 41 3.31 -8.00 9.69
C LEU A 41 3.26 -6.55 9.19
N SER A 42 4.26 -6.17 8.40
CA SER A 42 4.40 -4.84 7.82
C SER A 42 3.69 -4.77 6.45
N ARG A 43 3.58 -5.94 5.80
CA ARG A 43 2.89 -6.10 4.50
C ARG A 43 1.70 -7.06 4.66
N ILE A 44 0.59 -6.67 4.03
CA ILE A 44 -0.69 -7.40 4.04
C ILE A 44 -1.05 -7.86 2.61
N THR A 45 -2.15 -8.60 2.47
CA THR A 45 -2.73 -8.95 1.16
C THR A 45 -4.26 -8.94 1.28
N PHE A 46 -4.91 -8.22 0.36
CA PHE A 46 -6.35 -8.06 0.36
C PHE A 46 -6.90 -8.08 -1.08
N LEU A 47 -8.21 -7.89 -1.16
CA LEU A 47 -8.98 -8.01 -2.40
C LEU A 47 -9.93 -6.81 -2.44
N TYR A 48 -10.03 -6.14 -3.61
CA TYR A 48 -11.06 -5.11 -3.86
C TYR A 48 -11.13 -4.81 -5.36
N LYS A 49 -12.20 -4.11 -5.77
CA LYS A 49 -12.38 -3.60 -7.13
C LYS A 49 -11.92 -2.13 -7.22
N PHE A 50 -11.20 -1.79 -8.30
CA PHE A 50 -10.63 -0.45 -8.51
C PHE A 50 -11.71 0.64 -8.48
N ILE A 51 -11.58 1.62 -7.58
CA ILE A 51 -12.54 2.73 -7.51
C ILE A 51 -12.21 3.74 -8.63
N SER A 52 -11.22 4.60 -8.39
CA SER A 52 -10.72 5.61 -9.35
C SER A 52 -9.34 6.11 -8.91
N VAL A 53 -8.68 6.87 -9.79
CA VAL A 53 -7.52 7.71 -9.42
C VAL A 53 -8.03 9.10 -9.02
N ASN A 54 -7.44 9.68 -7.96
CA ASN A 54 -7.79 11.03 -7.48
C ASN A 54 -7.20 12.09 -8.45
N PRO A 55 -7.90 13.26 -8.68
CA PRO A 55 -7.39 14.35 -9.56
C PRO A 55 -5.98 14.85 -9.15
N THR A 56 -5.69 14.77 -7.84
CA THR A 56 -4.41 15.19 -7.27
C THR A 56 -3.56 13.94 -6.91
N LEU A 57 -2.24 14.16 -6.88
CA LEU A 57 -1.23 13.13 -6.52
C LEU A 57 -0.75 13.34 -5.07
N LEU A 58 0.16 12.47 -4.59
CA LEU A 58 0.66 12.51 -3.19
C LEU A 58 2.19 12.57 -3.18
N LEU A 59 2.74 13.65 -2.60
CA LEU A 59 4.17 13.79 -2.36
C LEU A 59 4.65 12.84 -1.25
N ILE A 60 5.62 11.98 -1.60
CA ILE A 60 6.19 10.96 -0.70
C ILE A 60 7.58 11.36 -0.19
N ASN A 61 8.22 12.38 -0.83
CA ASN A 61 9.57 12.87 -0.43
C ASN A 61 9.80 14.33 -0.87
N GLU A 62 10.05 15.21 0.11
CA GLU A 62 10.19 16.67 -0.11
C GLU A 62 11.53 17.01 -0.79
N LYS A 63 12.63 16.32 -0.39
CA LYS A 63 13.99 16.62 -0.91
C LYS A 63 14.09 16.47 -2.44
N THR A 64 13.56 15.37 -2.99
CA THR A 64 13.70 15.04 -4.42
C THR A 64 12.33 15.11 -5.16
N GLN A 65 11.29 15.62 -4.45
CA GLN A 65 9.97 15.99 -5.03
C GLN A 65 9.34 14.91 -5.94
N ALA A 66 9.19 13.68 -5.39
CA ALA A 66 8.51 12.58 -6.11
C ALA A 66 7.07 12.45 -5.61
N LYS A 67 6.12 12.46 -6.56
CA LYS A 67 4.68 12.31 -6.27
C LYS A 67 4.15 11.04 -6.97
N ARG A 68 3.13 10.41 -6.35
CA ARG A 68 2.52 9.16 -6.87
C ARG A 68 1.01 9.37 -7.03
N ARG A 69 0.42 8.72 -8.07
CA ARG A 69 -1.04 8.77 -8.30
C ARG A 69 -1.77 8.04 -7.14
N ILE A 70 -2.77 8.72 -6.57
CA ILE A 70 -3.65 8.18 -5.53
C ILE A 70 -4.66 7.19 -6.15
N PHE A 71 -4.50 5.89 -5.85
CA PHE A 71 -5.47 4.86 -6.24
C PHE A 71 -6.41 4.62 -5.05
N GLN A 72 -7.65 5.09 -5.17
CA GLN A 72 -8.67 4.99 -4.10
C GLN A 72 -8.97 3.51 -3.80
N GLY A 73 -8.66 3.06 -2.56
CA GLY A 73 -8.75 1.64 -2.19
C GLY A 73 -9.62 1.42 -0.95
N GLU A 74 -10.90 1.10 -1.18
CA GLU A 74 -11.87 0.83 -0.09
C GLU A 74 -12.48 -0.56 -0.27
N TYR A 75 -12.61 -1.28 0.86
CA TYR A 75 -13.21 -2.63 0.91
C TYR A 75 -13.71 -2.91 2.34
N LEU A 76 -14.72 -3.78 2.47
CA LEU A 76 -15.29 -4.16 3.79
C LEU A 76 -14.64 -5.45 4.28
N TYR A 77 -13.89 -5.33 5.39
CA TYR A 77 -13.25 -6.45 6.09
C TYR A 77 -14.05 -6.77 7.36
N GLY A 78 -14.85 -7.85 7.31
CA GLY A 78 -15.61 -8.30 8.47
C GLY A 78 -16.79 -7.39 8.80
N LYS A 79 -16.54 -6.38 9.65
CA LYS A 79 -17.58 -5.46 10.16
C LYS A 79 -17.17 -3.98 9.98
N LYS A 80 -16.12 -3.74 9.19
CA LYS A 80 -15.58 -2.38 8.96
C LYS A 80 -15.25 -2.19 7.48
N LYS A 81 -15.28 -0.94 7.01
CA LYS A 81 -14.84 -0.56 5.66
C LYS A 81 -13.52 0.21 5.77
N ILE A 82 -12.44 -0.41 5.30
CA ILE A 82 -11.10 0.20 5.32
C ILE A 82 -10.89 0.99 4.02
N GLN A 83 -10.76 2.31 4.18
CA GLN A 83 -10.76 3.29 3.07
C GLN A 83 -9.42 4.04 3.06
N PHE A 84 -8.42 3.45 2.40
CA PHE A 84 -7.05 4.05 2.31
C PHE A 84 -6.56 4.05 0.87
N ASN A 85 -5.62 4.96 0.60
CA ASN A 85 -5.14 5.22 -0.77
C ASN A 85 -3.87 4.43 -1.05
N ILE A 86 -3.94 3.66 -2.14
CA ILE A 86 -2.83 2.85 -2.65
C ILE A 86 -1.79 3.78 -3.34
N ILE A 87 -0.51 3.59 -3.00
CA ILE A 87 0.63 4.41 -3.48
C ILE A 87 1.61 3.47 -4.22
N ALA A 88 2.69 4.02 -4.81
CA ALA A 88 3.73 3.21 -5.48
C ALA A 88 5.14 3.68 -5.06
N LYS A 89 6.13 2.75 -5.11
CA LYS A 89 7.53 3.06 -4.77
C LYS A 89 8.12 4.13 -5.71
N ASN A 90 8.29 3.74 -6.98
CA ASN A 90 9.01 4.56 -7.97
C ASN A 90 8.08 4.97 -9.11
N LEU A 91 8.62 5.82 -10.00
CA LEU A 91 7.92 6.27 -11.22
C LEU A 91 7.52 5.08 -12.13
N GLU A 92 8.36 4.03 -12.12
CA GLU A 92 8.14 2.80 -12.90
C GLU A 92 6.97 1.98 -12.35
N ILE A 93 6.81 2.00 -11.02
CA ILE A 93 5.78 1.23 -10.31
C ILE A 93 4.40 1.90 -10.49
N GLU A 94 4.36 3.25 -10.37
CA GLU A 94 3.10 4.01 -10.49
C GLU A 94 2.60 4.04 -11.95
N ARG A 95 3.54 4.10 -12.93
CA ARG A 95 3.18 4.17 -14.36
C ARG A 95 2.59 2.82 -14.80
N GLU A 96 3.15 1.71 -14.27
CA GLU A 96 2.65 0.36 -14.60
C GLU A 96 1.22 0.21 -14.04
N LEU A 97 1.00 0.72 -12.81
CA LEU A 97 -0.30 0.62 -12.11
C LEU A 97 -1.41 1.45 -12.80
N ILE A 98 -1.11 2.72 -13.19
CA ILE A 98 -2.10 3.61 -13.85
C ILE A 98 -2.50 3.06 -15.24
N GLN A 99 -1.55 2.36 -15.88
CA GLN A 99 -1.76 1.72 -17.20
C GLN A 99 -2.34 0.30 -17.06
N PHE A 100 -2.24 -0.31 -15.85
CA PHE A 100 -2.82 -1.64 -15.57
C PHE A 100 -4.31 -1.48 -15.21
N PHE A 101 -4.62 -0.42 -14.46
CA PHE A 101 -5.99 -0.09 -14.02
C PHE A 101 -6.72 0.67 -15.14
N LYS A 102 -6.95 -0.03 -16.26
CA LYS A 102 -7.68 0.48 -17.43
C LYS A 102 -9.17 0.51 -17.11
N LYS A 103 -9.65 -0.66 -16.70
CA LYS A 103 -11.05 -0.91 -16.38
C LYS A 103 -11.39 -0.34 -15.00
N PRO A 104 -12.44 0.53 -14.88
CA PRO A 104 -12.99 0.92 -13.57
C PRO A 104 -13.76 -0.24 -12.94
N TYR A 105 -13.73 -0.32 -11.61
CA TYR A 105 -14.36 -1.41 -10.82
C TYR A 105 -13.76 -2.76 -11.22
N GLN A 106 -12.42 -2.75 -11.37
CA GLN A 106 -11.62 -3.89 -11.78
C GLN A 106 -11.26 -4.74 -10.56
N CYS A 107 -11.88 -5.92 -10.44
CA CYS A 107 -11.65 -6.85 -9.33
C CYS A 107 -10.27 -7.51 -9.44
N TYR A 108 -9.46 -7.33 -8.40
CA TYR A 108 -8.11 -7.90 -8.32
C TYR A 108 -7.70 -8.13 -6.85
N ILE A 109 -6.64 -8.93 -6.69
CA ILE A 109 -6.06 -9.26 -5.38
C ILE A 109 -4.74 -8.49 -5.26
N MET A 110 -4.70 -7.45 -4.43
CA MET A 110 -3.47 -6.70 -4.18
C MET A 110 -2.63 -7.47 -3.14
N HIS A 111 -1.51 -8.01 -3.60
CA HIS A 111 -0.59 -8.84 -2.80
C HIS A 111 0.65 -8.04 -2.39
N ASN A 112 1.14 -8.30 -1.14
CA ASN A 112 2.43 -7.76 -0.62
C ASN A 112 2.34 -6.23 -0.37
N VAL A 113 1.12 -5.79 -0.06
CA VAL A 113 0.79 -4.37 0.11
C VAL A 113 1.37 -3.84 1.43
N GLN A 114 2.39 -3.01 1.31
CA GLN A 114 3.07 -2.41 2.47
C GLN A 114 2.29 -1.18 2.96
N VAL A 115 2.49 -0.78 4.22
CA VAL A 115 1.82 0.42 4.79
C VAL A 115 2.87 1.45 5.26
N PHE A 116 2.70 2.71 4.82
CA PHE A 116 3.55 3.85 5.21
C PHE A 116 2.71 4.95 5.87
N GLN A 117 3.02 5.23 7.15
CA GLN A 117 2.36 6.26 7.96
C GLN A 117 3.06 7.62 7.78
N MET A 118 2.29 8.66 7.43
CA MET A 118 2.82 10.03 7.19
C MET A 118 3.34 10.67 8.50
N LEU A 119 4.54 11.26 8.40
CA LEU A 119 5.20 12.04 9.45
C LEU A 119 6.07 13.14 8.79
N ASN A 120 6.94 13.79 9.56
CA ASN A 120 7.97 14.69 9.02
C ASN A 120 9.11 14.87 10.04
N LYS A 121 10.33 15.04 9.55
CA LYS A 121 11.53 15.23 10.39
C LYS A 121 11.59 16.67 10.93
N ASN A 122 11.43 17.66 10.02
CA ASN A 122 11.52 19.13 10.33
C ASN A 122 12.75 19.46 11.19
N LYS A 123 13.92 19.57 10.54
CA LYS A 123 15.21 19.71 11.23
C LYS A 123 16.24 20.42 10.33
N ASN A 124 16.40 19.88 9.11
CA ASN A 124 17.35 20.41 8.13
C ASN A 124 16.77 21.66 7.44
N ASN A 125 17.62 22.69 7.27
CA ASN A 125 17.28 23.93 6.56
C ASN A 125 17.42 23.68 5.05
N ASN A 126 16.28 23.73 4.34
CA ASN A 126 16.24 23.56 2.87
C ASN A 126 16.95 24.75 2.18
N VAL A 127 16.62 25.96 2.64
CA VAL A 127 17.18 27.21 2.11
C VAL A 127 17.12 28.29 3.21
N VAL A 128 18.19 29.10 3.32
CA VAL A 128 18.30 30.18 4.31
C VAL A 128 18.22 31.58 3.65
N GLU A 129 18.46 31.63 2.33
CA GLU A 129 18.42 32.89 1.56
C GLU A 129 17.16 32.95 0.69
N PHE A 130 16.19 33.76 1.14
CA PHE A 130 15.06 34.23 0.33
C PHE A 130 14.64 35.61 0.84
N MET A 131 14.22 36.46 -0.11
CA MET A 131 13.77 37.84 0.16
C MET A 131 12.54 37.85 1.08
N ASP A 132 11.70 36.82 0.90
CA ASP A 132 10.45 36.66 1.65
C ASP A 132 10.72 35.86 2.94
N SER A 133 10.73 34.51 2.84
CA SER A 133 10.91 33.57 3.99
C SER A 133 9.86 33.81 5.13
N GLU A 134 8.73 34.46 4.77
CA GLU A 134 7.69 34.87 5.72
C GLU A 134 6.70 33.72 6.00
N ASP A 135 6.48 32.91 4.96
CA ASP A 135 5.51 31.80 4.98
C ASP A 135 6.04 30.60 5.81
N LEU A 136 5.14 29.68 6.13
CA LEU A 136 5.47 28.41 6.80
C LEU A 136 5.07 27.28 5.85
N GLN A 137 5.91 26.24 5.77
CA GLN A 137 5.74 25.10 4.82
C GLN A 137 4.44 24.30 5.12
N SER A 138 4.12 23.35 4.21
CA SER A 138 2.87 22.56 4.24
C SER A 138 2.64 21.85 5.59
N SER A 139 1.35 21.77 6.01
CA SER A 139 0.94 21.11 7.25
C SER A 139 1.23 19.59 7.18
N VAL A 140 1.80 19.05 8.26
CA VAL A 140 2.10 17.62 8.37
C VAL A 140 0.80 16.87 8.74
N ASP A 141 0.11 16.34 7.73
CA ASP A 141 -1.11 15.53 7.91
C ASP A 141 -0.71 14.06 8.10
N SER A 142 -0.60 13.64 9.37
CA SER A 142 -0.23 12.28 9.75
C SER A 142 -1.41 11.32 9.50
N GLN A 143 -1.37 10.66 8.34
CA GLN A 143 -2.33 9.62 7.94
C GLN A 143 -1.57 8.51 7.18
N LEU A 144 -1.88 7.24 7.48
CA LEU A 144 -1.24 6.09 6.82
C LEU A 144 -1.90 5.78 5.46
N TYR A 145 -1.05 5.56 4.46
CA TYR A 145 -1.45 5.17 3.10
C TYR A 145 -0.79 3.83 2.76
N TYR A 146 -1.45 3.00 1.93
CA TYR A 146 -0.98 1.65 1.60
C TYR A 146 -0.03 1.68 0.39
N LEU A 147 1.27 1.61 0.69
CA LEU A 147 2.36 1.68 -0.30
C LEU A 147 2.55 0.33 -1.02
N ILE A 148 2.64 0.37 -2.35
CA ILE A 148 2.96 -0.78 -3.20
C ILE A 148 4.41 -0.69 -3.66
N ASP A 149 5.17 -1.78 -3.45
CA ASP A 149 6.57 -1.86 -3.88
C ASP A 149 6.72 -2.83 -5.04
N GLU A 150 7.97 -3.00 -5.52
CA GLU A 150 8.27 -3.82 -6.72
C GLU A 150 8.09 -5.35 -6.50
N SER A 151 7.90 -5.77 -5.24
CA SER A 151 7.62 -7.18 -4.90
C SER A 151 6.10 -7.43 -4.82
N SER A 152 5.32 -6.34 -4.73
CA SER A 152 3.86 -6.38 -4.72
C SER A 152 3.29 -6.79 -6.09
N HIS A 153 2.38 -7.78 -6.08
CA HIS A 153 1.75 -8.34 -7.30
C HIS A 153 0.25 -8.08 -7.25
N VAL A 154 -0.30 -7.46 -8.31
CA VAL A 154 -1.75 -7.23 -8.47
C VAL A 154 -2.34 -8.33 -9.37
N LEU A 155 -2.97 -9.34 -8.74
CA LEU A 155 -3.53 -10.50 -9.44
C LEU A 155 -4.97 -10.22 -9.88
N GLU A 156 -5.11 -9.78 -11.14
CA GLU A 156 -6.41 -9.47 -11.75
C GLU A 156 -7.27 -10.74 -11.89
N ASP A 157 -8.43 -10.75 -11.22
CA ASP A 157 -9.43 -11.83 -11.39
C ASP A 157 -10.22 -11.56 -12.69
N ASP A 158 -10.25 -12.57 -13.57
CA ASP A 158 -10.97 -12.50 -14.86
C ASP A 158 -12.50 -12.41 -14.62
N SER A 159 -13.03 -13.31 -13.77
CA SER A 159 -14.46 -13.41 -13.50
C SER A 159 -14.74 -13.10 -12.00
N MET A 160 -14.77 -14.15 -11.14
CA MET A 160 -15.05 -13.98 -9.69
C MET A 160 -14.67 -15.28 -8.90
N ASP A 161 -14.00 -16.24 -9.55
CA ASP A 161 -13.70 -17.56 -8.93
C ASP A 161 -12.53 -17.48 -7.94
N PHE A 162 -11.60 -16.53 -8.16
CA PHE A 162 -10.48 -16.29 -7.23
C PHE A 162 -11.04 -15.59 -5.97
N ILE A 163 -11.96 -14.63 -6.20
CA ILE A 163 -12.71 -13.93 -5.14
C ILE A 163 -13.48 -14.94 -4.28
N SER A 164 -14.17 -15.86 -4.97
CA SER A 164 -15.02 -16.89 -4.35
C SER A 164 -14.19 -17.74 -3.38
N THR A 165 -12.99 -18.17 -3.86
CA THR A 165 -12.05 -18.99 -3.08
C THR A 165 -11.63 -18.27 -1.78
N LEU A 166 -11.22 -17.00 -1.93
CA LEU A 166 -10.66 -16.21 -0.81
C LEU A 166 -11.72 -15.85 0.26
N THR A 167 -12.94 -15.48 -0.19
CA THR A 167 -14.00 -14.99 0.73
C THR A 167 -14.60 -16.14 1.56
N ARG A 168 -14.63 -17.37 0.98
CA ARG A 168 -15.14 -18.57 1.68
C ARG A 168 -14.05 -19.18 2.58
N LEU A 169 -12.77 -18.95 2.19
CA LEU A 169 -11.58 -19.41 2.96
C LEU A 169 -11.41 -18.54 4.23
N SER A 170 -11.58 -17.21 4.08
CA SER A 170 -11.42 -16.24 5.19
C SER A 170 -12.63 -16.30 6.12
N ASP A 171 -13.83 -16.01 5.55
CA ASP A 171 -15.13 -16.11 6.24
C ASP A 171 -15.31 -15.06 7.37
N SER A 172 -16.50 -14.45 7.44
CA SER A 172 -16.88 -13.52 8.53
C SER A 172 -18.39 -13.57 8.79
N GLN B 1 19.81 9.96 -2.11
CA GLN B 1 18.68 10.80 -2.52
C GLN B 1 17.43 9.95 -2.80
N ASP B 2 17.42 8.71 -2.25
CA ASP B 2 16.32 7.72 -2.42
C ASP B 2 14.96 8.30 -2.00
N ASP B 3 13.89 7.92 -2.72
CA ASP B 3 12.52 8.42 -2.49
C ASP B 3 12.09 8.21 -1.02
N PHE B 4 12.23 6.97 -0.53
CA PHE B 4 11.83 6.59 0.84
C PHE B 4 13.04 6.60 1.81
N GLY B 5 14.03 7.45 1.49
CA GLY B 5 15.17 7.70 2.38
C GLY B 5 14.93 8.94 3.24
N ASP B 6 16.03 9.60 3.67
CA ASP B 6 15.97 10.78 4.55
C ASP B 6 15.30 11.96 3.82
N GLY B 7 14.15 12.42 4.35
CA GLY B 7 13.37 13.51 3.73
C GLY B 7 12.08 13.02 3.10
N CYS B 8 11.72 11.76 3.38
CA CYS B 8 10.40 11.20 3.03
C CYS B 8 9.30 11.77 3.97
N LEU B 9 8.10 11.96 3.41
CA LEU B 9 6.91 12.42 4.17
C LEU B 9 6.24 11.25 4.91
N LEU B 10 6.70 10.01 4.69
CA LEU B 10 6.09 8.80 5.29
C LEU B 10 7.16 7.75 5.63
N GLN B 11 6.92 7.03 6.75
CA GLN B 11 7.77 5.93 7.24
C GLN B 11 6.88 4.69 7.44
N ILE B 12 7.46 3.51 7.19
CA ILE B 12 6.74 2.22 7.24
C ILE B 12 6.27 1.92 8.69
N VAL B 13 5.07 1.32 8.84
CA VAL B 13 4.51 0.91 10.15
C VAL B 13 5.36 -0.24 10.78
N ASN B 14 6.05 0.10 11.89
CA ASN B 14 6.83 -0.87 12.71
C ASN B 14 7.36 -0.14 13.97
N MET A 1 8.62 -15.29 -22.11
CA MET A 1 8.08 -15.41 -20.74
C MET A 1 8.63 -16.68 -20.09
N GLU A 2 9.57 -16.51 -19.14
CA GLU A 2 10.28 -17.60 -18.46
C GLU A 2 9.47 -18.14 -17.26
N ILE A 3 8.34 -17.47 -16.97
CA ILE A 3 7.45 -17.79 -15.85
C ILE A 3 6.61 -19.05 -16.18
N GLU A 4 6.83 -20.12 -15.39
CA GLU A 4 6.01 -21.34 -15.44
C GLU A 4 4.86 -21.25 -14.42
N GLU A 5 4.04 -22.32 -14.34
CA GLU A 5 2.89 -22.39 -13.41
C GLU A 5 3.35 -22.27 -11.95
N ASP A 6 4.59 -22.73 -11.68
CA ASP A 6 5.18 -22.81 -10.32
C ASP A 6 5.21 -21.44 -9.62
N LEU A 7 5.51 -20.38 -10.40
CA LEU A 7 5.48 -18.99 -9.92
C LEU A 7 4.04 -18.61 -9.53
N ASN A 8 3.10 -18.90 -10.45
CA ASN A 8 1.66 -18.61 -10.25
C ASN A 8 1.07 -19.38 -9.06
N LEU A 9 1.72 -20.50 -8.71
CA LEU A 9 1.31 -21.38 -7.60
C LEU A 9 1.90 -20.92 -6.25
N LYS A 10 3.17 -20.46 -6.27
CA LYS A 10 3.85 -20.03 -5.03
C LYS A 10 3.32 -18.67 -4.56
N ILE A 11 2.91 -17.81 -5.53
CA ILE A 11 2.23 -16.55 -5.23
C ILE A 11 0.79 -16.84 -4.79
N LEU A 12 0.15 -17.88 -5.41
CA LEU A 12 -1.24 -18.30 -5.05
C LEU A 12 -1.32 -18.66 -3.54
N GLU A 13 -0.38 -19.51 -3.09
CA GLU A 13 -0.34 -19.99 -1.70
C GLU A 13 0.09 -18.87 -0.75
N ASP A 14 0.94 -17.94 -1.25
CA ASP A 14 1.43 -16.77 -0.49
C ASP A 14 0.31 -15.70 -0.39
N VAL A 15 -0.57 -15.68 -1.42
CA VAL A 15 -1.71 -14.74 -1.50
C VAL A 15 -2.78 -15.15 -0.50
N LYS A 16 -3.25 -16.41 -0.59
CA LYS A 16 -4.33 -16.93 0.26
C LYS A 16 -3.93 -16.91 1.75
N LYS A 17 -2.66 -17.28 2.04
CA LYS A 17 -2.09 -17.24 3.40
C LYS A 17 -2.16 -15.82 3.98
N LEU A 18 -1.52 -14.87 3.27
CA LEU A 18 -1.47 -13.47 3.69
C LEU A 18 -2.84 -12.80 3.58
N TYR A 19 -3.77 -13.38 2.80
CA TYR A 19 -5.15 -12.88 2.72
C TYR A 19 -5.89 -13.18 4.03
N LEU A 20 -5.79 -14.44 4.47
CA LEU A 20 -6.48 -14.93 5.68
C LEU A 20 -5.93 -14.25 6.93
N GLN A 21 -4.59 -14.17 6.99
CA GLN A 21 -3.85 -13.56 8.09
C GLN A 21 -4.17 -12.06 8.19
N SER A 22 -4.07 -11.34 7.05
CA SER A 22 -4.27 -9.88 7.01
C SER A 22 -5.74 -9.50 7.19
N PHE A 23 -6.66 -10.24 6.55
CA PHE A 23 -8.12 -9.95 6.62
C PHE A 23 -8.57 -9.95 8.09
N ASP A 24 -8.19 -11.01 8.81
CA ASP A 24 -8.46 -11.18 10.26
C ASP A 24 -7.77 -10.08 11.08
N TYR A 25 -6.50 -9.80 10.73
CA TYR A 25 -5.65 -8.77 11.37
C TYR A 25 -6.29 -7.35 11.25
N ILE A 26 -6.88 -7.06 10.08
CA ILE A 26 -7.47 -5.75 9.77
C ILE A 26 -8.80 -5.57 10.52
N LYS A 27 -9.61 -6.66 10.57
CA LYS A 27 -10.87 -6.70 11.37
C LYS A 27 -10.58 -6.44 12.85
N ASN A 28 -9.46 -7.03 13.32
CA ASN A 28 -8.96 -6.88 14.71
C ASN A 28 -8.42 -5.44 14.91
N GLY A 29 -7.89 -4.87 13.81
CA GLY A 29 -7.31 -3.52 13.80
C GLY A 29 -5.84 -3.58 13.41
N ILE A 30 -5.34 -2.53 12.72
CA ILE A 30 -3.92 -2.45 12.32
C ILE A 30 -3.03 -2.24 13.58
N SER A 31 -2.72 -3.36 14.23
CA SER A 31 -2.00 -3.44 15.50
C SER A 31 -1.40 -4.85 15.58
N SER A 32 -0.06 -4.93 15.69
CA SER A 32 0.68 -6.19 15.56
C SER A 32 1.29 -6.59 16.92
N GLY A 33 2.07 -7.70 16.92
CA GLY A 33 2.76 -8.18 18.12
C GLY A 33 1.93 -9.19 18.92
N GLY A 34 1.02 -9.91 18.23
CA GLY A 34 0.18 -10.93 18.85
C GLY A 34 0.03 -12.12 17.92
N SER A 35 1.12 -12.90 17.80
CA SER A 35 1.21 -14.06 16.90
C SER A 35 0.04 -15.06 17.14
N GLY A 36 -0.89 -15.09 16.18
CA GLY A 36 -2.12 -15.88 16.26
C GLY A 36 -3.30 -15.11 15.68
N GLY A 37 -3.67 -14.01 16.36
CA GLY A 37 -4.78 -13.14 15.93
C GLY A 37 -4.26 -11.90 15.23
N SER A 38 -3.62 -11.01 16.02
CA SER A 38 -2.93 -9.82 15.50
C SER A 38 -1.51 -10.21 15.04
N ILE A 39 -1.48 -11.02 13.96
CA ILE A 39 -0.24 -11.62 13.42
C ILE A 39 0.81 -10.55 13.01
N ASP A 40 2.09 -10.95 13.06
CA ASP A 40 3.22 -10.02 12.83
C ASP A 40 3.59 -9.97 11.33
N LEU A 41 3.32 -8.80 10.72
CA LEU A 41 3.76 -8.45 9.35
C LEU A 41 3.73 -6.93 9.16
N SER A 42 4.51 -6.44 8.19
CA SER A 42 4.52 -5.02 7.79
C SER A 42 3.75 -4.83 6.46
N ARG A 43 3.72 -5.92 5.67
CA ARG A 43 2.97 -6.00 4.41
C ARG A 43 1.84 -7.01 4.51
N ILE A 44 0.69 -6.63 3.92
CA ILE A 44 -0.56 -7.40 3.93
C ILE A 44 -0.94 -7.85 2.51
N THR A 45 -1.97 -8.71 2.41
CA THR A 45 -2.58 -9.08 1.11
C THR A 45 -4.09 -9.08 1.29
N PHE A 46 -4.79 -8.49 0.30
CA PHE A 46 -6.25 -8.38 0.32
C PHE A 46 -6.81 -8.40 -1.09
N LEU A 47 -8.13 -8.31 -1.15
CA LEU A 47 -8.93 -8.31 -2.38
C LEU A 47 -9.81 -7.05 -2.35
N TYR A 48 -9.96 -6.38 -3.52
CA TYR A 48 -10.95 -5.29 -3.70
C TYR A 48 -11.08 -4.97 -5.19
N LYS A 49 -12.05 -4.10 -5.53
CA LYS A 49 -12.24 -3.56 -6.88
C LYS A 49 -11.81 -2.08 -6.93
N PHE A 50 -11.14 -1.68 -8.03
CA PHE A 50 -10.64 -0.31 -8.23
C PHE A 50 -11.79 0.71 -8.17
N ILE A 51 -11.53 1.89 -7.61
CA ILE A 51 -12.53 2.99 -7.55
C ILE A 51 -12.20 3.99 -8.67
N SER A 52 -11.26 4.91 -8.41
CA SER A 52 -10.80 5.94 -9.38
C SER A 52 -9.38 6.40 -8.99
N VAL A 53 -8.73 7.17 -9.87
CA VAL A 53 -7.52 7.94 -9.53
C VAL A 53 -7.97 9.33 -9.05
N ASN A 54 -7.35 9.84 -7.98
CA ASN A 54 -7.64 11.18 -7.46
C ASN A 54 -6.89 12.23 -8.31
N PRO A 55 -7.52 13.41 -8.64
CA PRO A 55 -6.89 14.49 -9.44
C PRO A 55 -5.59 15.04 -8.81
N THR A 56 -5.40 14.81 -7.50
CA THR A 56 -4.25 15.30 -6.73
C THR A 56 -3.25 14.16 -6.47
N LEU A 57 -1.98 14.54 -6.27
CA LEU A 57 -0.85 13.62 -6.06
C LEU A 57 -0.28 13.82 -4.63
N LEU A 58 0.40 12.78 -4.12
CA LEU A 58 0.93 12.74 -2.74
C LEU A 58 2.44 12.98 -2.72
N LEU A 59 2.90 13.97 -1.91
CA LEU A 59 4.32 14.22 -1.66
C LEU A 59 4.86 13.17 -0.67
N ILE A 60 5.86 12.41 -1.14
CA ILE A 60 6.47 11.33 -0.36
C ILE A 60 7.81 11.77 0.27
N ASN A 61 8.53 12.73 -0.38
CA ASN A 61 9.86 13.19 0.11
C ASN A 61 10.09 14.67 -0.21
N GLU A 62 10.49 15.42 0.82
CA GLU A 62 10.75 16.88 0.74
C GLU A 62 12.04 17.18 -0.05
N LYS A 63 12.91 16.16 -0.14
CA LYS A 63 14.26 16.25 -0.76
C LYS A 63 14.19 16.75 -2.23
N THR A 64 13.45 15.99 -3.07
CA THR A 64 13.41 16.22 -4.53
C THR A 64 12.03 16.73 -4.96
N GLN A 65 11.07 16.72 -4.01
CA GLN A 65 9.64 17.03 -4.27
C GLN A 65 9.03 16.02 -5.25
N ALA A 66 9.12 14.72 -4.90
CA ALA A 66 8.51 13.64 -5.70
C ALA A 66 7.05 13.42 -5.26
N LYS A 67 6.09 13.68 -6.18
CA LYS A 67 4.66 13.48 -5.94
C LYS A 67 4.10 12.45 -6.94
N ARG A 68 3.46 11.37 -6.44
CA ARG A 68 2.90 10.29 -7.29
C ARG A 68 1.39 10.10 -7.05
N ARG A 69 0.73 9.42 -8.02
CA ARG A 69 -0.75 9.22 -8.05
C ARG A 69 -1.35 8.64 -6.76
N ILE A 70 -2.63 8.98 -6.53
CA ILE A 70 -3.48 8.41 -5.48
C ILE A 70 -4.49 7.46 -6.16
N PHE A 71 -4.39 6.16 -5.87
CA PHE A 71 -5.32 5.14 -6.39
C PHE A 71 -6.31 4.77 -5.28
N GLN A 72 -7.56 5.22 -5.43
CA GLN A 72 -8.62 5.02 -4.43
C GLN A 72 -9.00 3.54 -4.32
N GLY A 73 -9.00 3.03 -3.09
CA GLY A 73 -9.35 1.65 -2.80
C GLY A 73 -10.17 1.54 -1.52
N GLU A 74 -11.45 1.17 -1.63
CA GLU A 74 -12.30 0.88 -0.45
C GLU A 74 -12.84 -0.56 -0.52
N TYR A 75 -12.81 -1.24 0.63
CA TYR A 75 -13.28 -2.62 0.79
C TYR A 75 -13.70 -2.83 2.26
N LEU A 76 -14.67 -3.71 2.47
CA LEU A 76 -15.21 -4.02 3.81
C LEU A 76 -14.52 -5.29 4.33
N TYR A 77 -13.68 -5.12 5.35
CA TYR A 77 -12.97 -6.21 6.02
C TYR A 77 -13.74 -6.57 7.30
N GLY A 78 -14.52 -7.67 7.22
CA GLY A 78 -15.32 -8.13 8.33
C GLY A 78 -16.43 -7.15 8.70
N LYS A 79 -16.23 -6.43 9.81
CA LYS A 79 -17.26 -5.54 10.41
C LYS A 79 -16.90 -4.05 10.22
N LYS A 80 -15.88 -3.77 9.40
CA LYS A 80 -15.39 -2.40 9.15
C LYS A 80 -15.08 -2.21 7.66
N LYS A 81 -15.23 -0.97 7.16
CA LYS A 81 -14.80 -0.58 5.82
C LYS A 81 -13.49 0.21 5.94
N ILE A 82 -12.45 -0.22 5.23
CA ILE A 82 -11.15 0.49 5.17
C ILE A 82 -11.04 1.19 3.81
N GLN A 83 -10.92 2.53 3.86
CA GLN A 83 -10.78 3.40 2.68
C GLN A 83 -9.33 3.88 2.61
N PHE A 84 -8.54 3.14 1.84
CA PHE A 84 -7.09 3.31 1.70
C PHE A 84 -6.74 3.89 0.32
N ASN A 85 -5.53 4.47 0.22
CA ASN A 85 -5.01 5.04 -1.04
C ASN A 85 -3.70 4.33 -1.42
N ILE A 86 -3.76 3.59 -2.52
CA ILE A 86 -2.64 2.84 -3.10
C ILE A 86 -1.64 3.82 -3.76
N ILE A 87 -0.35 3.66 -3.43
CA ILE A 87 0.77 4.45 -4.01
C ILE A 87 1.74 3.47 -4.70
N ALA A 88 2.69 3.98 -5.50
CA ALA A 88 3.73 3.16 -6.15
C ALA A 88 5.11 3.47 -5.57
N LYS A 89 6.06 2.50 -5.61
CA LYS A 89 7.43 2.67 -5.05
C LYS A 89 8.25 3.64 -5.93
N ASN A 90 8.11 3.51 -7.26
CA ASN A 90 8.86 4.33 -8.23
C ASN A 90 7.93 4.74 -9.39
N LEU A 91 8.47 5.53 -10.33
CA LEU A 91 7.76 5.94 -11.57
C LEU A 91 7.48 4.73 -12.50
N GLU A 92 8.37 3.73 -12.45
CA GLU A 92 8.21 2.45 -13.17
C GLU A 92 7.03 1.63 -12.62
N ILE A 93 6.85 1.70 -11.29
CA ILE A 93 5.75 1.00 -10.59
C ILE A 93 4.45 1.82 -10.72
N GLU A 94 4.60 3.14 -10.91
CA GLU A 94 3.48 4.08 -11.09
C GLU A 94 2.83 3.84 -12.46
N ARG A 95 3.66 3.83 -13.52
CA ARG A 95 3.20 3.59 -14.90
C ARG A 95 2.61 2.19 -15.03
N GLU A 96 3.17 1.23 -14.27
CA GLU A 96 2.63 -0.13 -14.13
C GLU A 96 1.15 -0.08 -13.66
N LEU A 97 0.92 0.63 -12.55
CA LEU A 97 -0.41 0.72 -11.91
C LEU A 97 -1.43 1.50 -12.78
N ILE A 98 -1.03 2.65 -13.36
CA ILE A 98 -1.96 3.50 -14.19
C ILE A 98 -2.34 2.76 -15.49
N GLN A 99 -1.41 1.91 -16.01
CA GLN A 99 -1.66 1.08 -17.22
C GLN A 99 -2.40 -0.22 -16.86
N PHE A 100 -2.37 -0.62 -15.58
CA PHE A 100 -3.10 -1.82 -15.09
C PHE A 100 -4.58 -1.45 -14.84
N PHE A 101 -4.80 -0.25 -14.28
CA PHE A 101 -6.14 0.23 -13.89
C PHE A 101 -6.83 0.95 -15.07
N LYS A 102 -6.92 0.23 -16.22
CA LYS A 102 -7.61 0.73 -17.43
C LYS A 102 -9.12 0.77 -17.18
N LYS A 103 -9.63 -0.33 -16.60
CA LYS A 103 -11.05 -0.45 -16.21
C LYS A 103 -11.21 -0.14 -14.71
N PRO A 104 -12.12 0.82 -14.33
CA PRO A 104 -12.57 0.97 -12.92
C PRO A 104 -13.53 -0.16 -12.51
N TYR A 105 -13.73 -0.31 -11.19
CA TYR A 105 -14.55 -1.39 -10.57
C TYR A 105 -14.03 -2.80 -10.93
N GLN A 106 -12.72 -2.84 -11.23
CA GLN A 106 -11.99 -4.05 -11.64
C GLN A 106 -11.55 -4.83 -10.39
N CYS A 107 -12.09 -6.06 -10.21
CA CYS A 107 -11.78 -6.90 -9.05
C CYS A 107 -10.42 -7.61 -9.24
N TYR A 108 -9.53 -7.42 -8.27
CA TYR A 108 -8.18 -8.00 -8.28
C TYR A 108 -7.70 -8.22 -6.83
N ILE A 109 -6.62 -9.00 -6.70
CA ILE A 109 -6.01 -9.37 -5.43
C ILE A 109 -4.65 -8.64 -5.32
N MET A 110 -4.56 -7.63 -4.45
CA MET A 110 -3.30 -6.92 -4.23
C MET A 110 -2.48 -7.67 -3.18
N HIS A 111 -1.31 -8.15 -3.60
CA HIS A 111 -0.39 -8.96 -2.78
C HIS A 111 0.85 -8.14 -2.42
N ASN A 112 1.35 -8.27 -1.17
CA ASN A 112 2.62 -7.62 -0.70
C ASN A 112 2.44 -6.09 -0.60
N VAL A 113 1.28 -5.69 -0.06
CA VAL A 113 0.88 -4.28 0.06
C VAL A 113 1.43 -3.69 1.38
N GLN A 114 2.33 -2.72 1.25
CA GLN A 114 3.02 -2.09 2.39
C GLN A 114 2.23 -0.86 2.87
N VAL A 115 2.32 -0.54 4.17
CA VAL A 115 1.61 0.62 4.75
C VAL A 115 2.61 1.65 5.29
N PHE A 116 2.39 2.93 4.92
CA PHE A 116 3.22 4.08 5.33
C PHE A 116 2.34 5.14 6.02
N GLN A 117 2.60 5.39 7.31
CA GLN A 117 1.93 6.40 8.12
C GLN A 117 2.75 7.71 8.07
N MET A 118 2.09 8.84 7.75
CA MET A 118 2.81 10.11 7.49
C MET A 118 3.35 10.77 8.78
N LEU A 119 4.58 11.32 8.66
CA LEU A 119 5.25 12.12 9.71
C LEU A 119 5.84 13.37 9.04
N ASN A 120 6.55 14.20 9.82
CA ASN A 120 7.17 15.43 9.31
C ASN A 120 8.36 15.86 10.18
N LYS A 121 9.17 16.81 9.66
CA LYS A 121 10.32 17.40 10.38
C LYS A 121 11.31 16.32 10.85
N ASN A 122 11.62 15.38 9.93
CA ASN A 122 12.47 14.20 10.20
C ASN A 122 13.85 14.59 10.74
N LYS A 123 14.47 15.59 10.09
CA LYS A 123 15.77 16.14 10.51
C LYS A 123 16.02 17.53 9.87
N ASN A 124 16.68 18.41 10.63
CA ASN A 124 17.13 19.74 10.17
C ASN A 124 18.43 20.10 10.94
N ASN A 125 19.10 19.06 11.46
CA ASN A 125 20.30 19.19 12.30
C ASN A 125 21.54 19.56 11.44
N ASN A 126 21.77 20.87 11.30
CA ASN A 126 22.91 21.44 10.55
C ASN A 126 24.04 21.83 11.52
N VAL A 127 25.31 21.56 11.14
CA VAL A 127 26.48 21.80 12.02
C VAL A 127 27.40 22.89 11.42
N VAL A 128 28.04 22.60 10.26
CA VAL A 128 28.99 23.52 9.60
C VAL A 128 28.38 24.11 8.31
N GLU A 129 28.40 25.44 8.20
CA GLU A 129 27.91 26.17 7.00
C GLU A 129 29.09 26.37 6.01
N PHE A 130 28.83 26.14 4.71
CA PHE A 130 29.86 26.28 3.64
C PHE A 130 29.22 26.46 2.25
N MET A 131 27.91 26.20 2.12
CA MET A 131 27.18 26.35 0.84
C MET A 131 25.66 26.55 1.08
N ASP A 132 25.09 25.81 2.05
CA ASP A 132 23.65 25.82 2.34
C ASP A 132 23.40 26.03 3.85
N SER A 133 22.32 26.77 4.17
CA SER A 133 21.93 27.08 5.57
C SER A 133 20.44 27.46 5.62
N GLU A 134 19.66 26.97 4.65
CA GLU A 134 18.20 27.19 4.56
C GLU A 134 17.46 25.85 4.77
N ASP A 135 16.12 25.90 4.85
CA ASP A 135 15.27 24.70 5.00
C ASP A 135 13.79 25.07 4.84
N LEU A 136 12.93 24.04 4.88
CA LEU A 136 11.48 24.17 4.78
C LEU A 136 10.82 23.44 5.95
N GLN A 137 9.85 24.10 6.60
CA GLN A 137 9.04 23.51 7.68
C GLN A 137 7.97 22.60 7.07
N SER A 138 8.36 21.35 6.81
CA SER A 138 7.46 20.30 6.33
C SER A 138 6.48 19.92 7.47
N SER A 139 5.17 19.99 7.19
CA SER A 139 4.13 19.71 8.19
C SER A 139 2.88 19.12 7.48
N VAL A 140 2.65 17.81 7.67
CA VAL A 140 1.53 17.07 7.08
C VAL A 140 0.69 16.40 8.19
N ASP A 141 -0.54 15.99 7.85
CA ASP A 141 -1.39 15.20 8.74
C ASP A 141 -0.93 13.73 8.72
N SER A 142 -0.98 13.07 9.89
CA SER A 142 -0.51 11.69 10.05
C SER A 142 -1.58 10.68 9.56
N GLN A 143 -1.70 10.58 8.23
CA GLN A 143 -2.59 9.61 7.55
C GLN A 143 -1.74 8.47 6.98
N LEU A 144 -2.31 7.27 6.89
CA LEU A 144 -1.58 6.08 6.40
C LEU A 144 -2.07 5.68 5.00
N TYR A 145 -1.12 5.62 4.05
CA TYR A 145 -1.35 5.26 2.64
C TYR A 145 -0.71 3.90 2.35
N TYR A 146 -1.34 3.10 1.49
CA TYR A 146 -0.89 1.74 1.17
C TYR A 146 0.09 1.76 -0.02
N LEU A 147 1.38 1.84 0.31
CA LEU A 147 2.50 1.88 -0.65
C LEU A 147 2.72 0.48 -1.26
N ILE A 148 2.78 0.44 -2.59
CA ILE A 148 3.07 -0.77 -3.37
C ILE A 148 4.52 -0.74 -3.81
N ASP A 149 5.34 -1.62 -3.20
CA ASP A 149 6.74 -1.76 -3.55
C ASP A 149 6.92 -2.70 -4.75
N GLU A 150 8.14 -2.75 -5.26
CA GLU A 150 8.46 -3.47 -6.52
C GLU A 150 8.48 -5.02 -6.37
N SER A 151 8.16 -5.55 -5.17
CA SER A 151 7.97 -7.01 -4.93
C SER A 151 6.47 -7.37 -4.92
N SER A 152 5.60 -6.34 -4.87
CA SER A 152 4.15 -6.50 -4.92
C SER A 152 3.66 -7.04 -6.27
N HIS A 153 2.62 -7.90 -6.19
CA HIS A 153 1.96 -8.51 -7.37
C HIS A 153 0.45 -8.28 -7.28
N VAL A 154 -0.13 -7.67 -8.33
CA VAL A 154 -1.59 -7.43 -8.41
C VAL A 154 -2.22 -8.46 -9.37
N LEU A 155 -2.86 -9.49 -8.78
CA LEU A 155 -3.45 -10.63 -9.52
C LEU A 155 -4.91 -10.34 -9.88
N GLU A 156 -5.15 -9.94 -11.14
CA GLU A 156 -6.51 -9.66 -11.64
C GLU A 156 -7.34 -10.95 -11.71
N ASP A 157 -8.55 -10.93 -11.11
CA ASP A 157 -9.51 -12.03 -11.26
C ASP A 157 -10.47 -11.67 -12.40
N ASP A 158 -10.28 -12.33 -13.55
CA ASP A 158 -11.14 -12.17 -14.75
C ASP A 158 -12.49 -12.90 -14.54
N SER A 159 -12.47 -13.91 -13.68
CA SER A 159 -13.64 -14.72 -13.31
C SER A 159 -14.17 -14.21 -11.93
N MET A 160 -14.83 -15.09 -11.15
CA MET A 160 -15.24 -14.79 -9.76
C MET A 160 -14.70 -15.89 -8.82
N ASP A 161 -14.01 -16.92 -9.38
CA ASP A 161 -13.61 -18.14 -8.63
C ASP A 161 -12.44 -17.87 -7.66
N PHE A 162 -11.56 -16.91 -7.99
CA PHE A 162 -10.43 -16.54 -7.11
C PHE A 162 -10.99 -15.78 -5.90
N ILE A 163 -11.97 -14.88 -6.16
CA ILE A 163 -12.76 -14.20 -5.11
C ILE A 163 -13.44 -15.25 -4.23
N SER A 164 -14.08 -16.23 -4.89
CA SER A 164 -14.87 -17.30 -4.25
C SER A 164 -14.02 -18.07 -3.24
N THR A 165 -12.78 -18.44 -3.66
CA THR A 165 -11.84 -19.21 -2.83
C THR A 165 -11.46 -18.43 -1.55
N LEU A 166 -10.99 -17.19 -1.76
CA LEU A 166 -10.48 -16.34 -0.67
C LEU A 166 -11.57 -16.03 0.37
N THR A 167 -12.77 -15.69 -0.14
CA THR A 167 -13.89 -15.27 0.73
C THR A 167 -14.50 -16.48 1.48
N ARG A 168 -14.53 -17.68 0.85
CA ARG A 168 -15.13 -18.88 1.49
C ARG A 168 -14.14 -19.51 2.50
N LEU A 169 -12.85 -19.15 2.39
CA LEU A 169 -11.82 -19.50 3.39
C LEU A 169 -11.93 -18.56 4.62
N SER A 170 -12.04 -17.23 4.37
CA SER A 170 -11.96 -16.19 5.42
C SER A 170 -13.29 -16.00 6.17
N ASP A 171 -14.43 -16.16 5.47
CA ASP A 171 -15.77 -15.84 6.02
C ASP A 171 -16.17 -16.84 7.13
N SER A 172 -16.36 -16.30 8.34
CA SER A 172 -16.73 -17.08 9.54
C SER A 172 -17.33 -16.15 10.61
N GLN B 1 18.51 12.08 -2.64
CA GLN B 1 18.44 10.64 -2.90
C GLN B 1 17.42 9.96 -1.96
N ASP B 2 16.96 8.75 -2.38
CA ASP B 2 16.05 7.88 -1.61
C ASP B 2 14.70 8.58 -1.31
N ASP B 3 13.68 8.28 -2.12
CA ASP B 3 12.32 8.87 -1.98
C ASP B 3 11.61 8.40 -0.69
N PHE B 4 12.02 7.22 -0.15
CA PHE B 4 11.53 6.70 1.16
C PHE B 4 12.68 6.63 2.18
N GLY B 5 13.72 7.46 1.99
CA GLY B 5 14.82 7.60 2.96
C GLY B 5 14.55 8.73 3.95
N ASP B 6 15.50 8.99 4.86
CA ASP B 6 15.35 10.03 5.92
C ASP B 6 15.18 11.43 5.28
N GLY B 7 13.98 12.02 5.48
CA GLY B 7 13.49 13.17 4.69
C GLY B 7 12.24 12.81 3.90
N CYS B 8 11.68 11.62 4.20
CA CYS B 8 10.41 11.14 3.65
C CYS B 8 9.26 11.50 4.60
N LEU B 9 8.17 12.08 4.07
CA LEU B 9 7.01 12.54 4.88
C LEU B 9 6.07 11.39 5.26
N LEU B 10 6.46 10.13 4.99
CA LEU B 10 5.75 8.94 5.49
C LEU B 10 6.75 7.82 5.82
N GLN B 11 6.53 7.16 6.98
CA GLN B 11 7.35 6.06 7.50
C GLN B 11 6.50 4.79 7.60
N ILE B 12 7.12 3.65 7.27
CA ILE B 12 6.45 2.34 7.25
C ILE B 12 6.06 1.90 8.69
N VAL B 13 4.86 1.31 8.85
CA VAL B 13 4.38 0.82 10.16
C VAL B 13 5.10 -0.50 10.57
N ASN B 14 6.01 -0.40 11.54
CA ASN B 14 6.69 -1.55 12.16
C ASN B 14 7.29 -1.10 13.53
N MET A 1 3.76 -9.77 -13.51
CA MET A 1 5.05 -10.23 -14.06
C MET A 1 5.42 -11.57 -13.37
N GLU A 2 4.77 -12.65 -13.84
CA GLU A 2 5.00 -14.02 -13.38
C GLU A 2 5.13 -14.90 -14.65
N ILE A 3 6.37 -15.07 -15.13
CA ILE A 3 6.64 -15.71 -16.45
C ILE A 3 6.29 -17.21 -16.40
N GLU A 4 7.02 -17.95 -15.54
CA GLU A 4 6.80 -19.39 -15.33
C GLU A 4 5.56 -19.60 -14.46
N GLU A 5 4.83 -20.70 -14.71
CA GLU A 5 3.58 -21.02 -14.01
C GLU A 5 3.83 -21.23 -12.50
N ASP A 6 5.05 -21.73 -12.17
CA ASP A 6 5.48 -21.98 -10.77
C ASP A 6 5.58 -20.68 -9.95
N LEU A 7 5.88 -19.57 -10.64
CA LEU A 7 5.88 -18.23 -10.02
C LEU A 7 4.43 -17.87 -9.66
N ASN A 8 3.50 -18.14 -10.61
CA ASN A 8 2.04 -17.94 -10.42
C ASN A 8 1.49 -18.84 -9.30
N LEU A 9 2.12 -20.01 -9.11
CA LEU A 9 1.71 -21.01 -8.11
C LEU A 9 2.21 -20.64 -6.71
N LYS A 10 3.45 -20.09 -6.64
CA LYS A 10 4.06 -19.72 -5.36
C LYS A 10 3.39 -18.45 -4.81
N ILE A 11 3.12 -17.46 -5.70
CA ILE A 11 2.43 -16.21 -5.33
C ILE A 11 0.96 -16.53 -5.00
N LEU A 12 0.38 -17.57 -5.66
CA LEU A 12 -1.00 -18.04 -5.37
C LEU A 12 -1.14 -18.45 -3.90
N GLU A 13 -0.21 -19.34 -3.44
CA GLU A 13 -0.23 -19.87 -2.07
C GLU A 13 0.18 -18.78 -1.06
N ASP A 14 1.02 -17.82 -1.52
CA ASP A 14 1.38 -16.63 -0.72
C ASP A 14 0.23 -15.62 -0.62
N VAL A 15 -0.60 -15.53 -1.67
CA VAL A 15 -1.74 -14.60 -1.73
C VAL A 15 -2.83 -15.06 -0.77
N LYS A 16 -3.28 -16.32 -0.93
CA LYS A 16 -4.35 -16.90 -0.10
C LYS A 16 -3.96 -16.91 1.40
N LYS A 17 -2.71 -17.32 1.67
CA LYS A 17 -2.14 -17.35 3.04
C LYS A 17 -2.15 -15.96 3.69
N LEU A 18 -1.43 -15.01 3.05
CA LEU A 18 -1.32 -13.63 3.55
C LEU A 18 -2.68 -12.93 3.59
N TYR A 19 -3.62 -13.35 2.71
CA TYR A 19 -4.98 -12.80 2.69
C TYR A 19 -5.69 -13.18 3.99
N LEU A 20 -5.81 -14.49 4.25
CA LEU A 20 -6.55 -15.04 5.42
C LEU A 20 -6.02 -14.42 6.73
N GLN A 21 -4.69 -14.47 6.85
CA GLN A 21 -3.94 -13.96 8.00
C GLN A 21 -4.21 -12.45 8.20
N SER A 22 -3.90 -11.64 7.16
CA SER A 22 -4.00 -10.17 7.25
C SER A 22 -5.46 -9.73 7.37
N PHE A 23 -6.39 -10.49 6.76
CA PHE A 23 -7.83 -10.18 6.76
C PHE A 23 -8.32 -10.07 8.21
N ASP A 24 -7.92 -11.07 9.04
CA ASP A 24 -8.22 -11.09 10.49
C ASP A 24 -7.60 -9.85 11.18
N TYR A 25 -6.31 -9.61 10.87
CA TYR A 25 -5.50 -8.49 11.42
C TYR A 25 -6.17 -7.10 11.15
N ILE A 26 -6.73 -6.95 9.94
CA ILE A 26 -7.32 -5.67 9.46
C ILE A 26 -8.73 -5.47 10.09
N LYS A 27 -9.48 -6.59 10.26
CA LYS A 27 -10.79 -6.61 10.96
C LYS A 27 -10.63 -6.15 12.43
N ASN A 28 -9.47 -6.46 13.02
CA ASN A 28 -9.17 -6.10 14.41
C ASN A 28 -8.60 -4.68 14.49
N GLY A 29 -7.84 -4.29 13.44
CA GLY A 29 -7.27 -2.94 13.32
C GLY A 29 -5.77 -3.01 13.02
N ILE A 30 -5.30 -2.08 12.15
CA ILE A 30 -3.89 -1.98 11.78
C ILE A 30 -3.07 -1.41 12.96
N SER A 31 -2.34 -2.31 13.65
CA SER A 31 -1.46 -2.03 14.81
C SER A 31 -2.28 -1.83 16.12
N SER A 32 -3.36 -1.02 16.06
CA SER A 32 -4.27 -0.78 17.20
C SER A 32 -5.06 -2.05 17.58
N GLY A 33 -5.20 -2.98 16.61
CA GLY A 33 -5.84 -4.26 16.83
C GLY A 33 -4.84 -5.34 17.24
N GLY A 34 -5.22 -6.18 18.22
CA GLY A 34 -4.37 -7.23 18.72
C GLY A 34 -5.15 -8.25 19.55
N SER A 35 -6.14 -8.91 18.92
CA SER A 35 -6.97 -9.94 19.56
C SER A 35 -7.53 -10.93 18.52
N GLY A 36 -7.93 -12.13 19.00
CA GLY A 36 -8.40 -13.22 18.14
C GLY A 36 -7.22 -13.89 17.43
N GLY A 37 -6.84 -13.33 16.26
CA GLY A 37 -5.61 -13.71 15.57
C GLY A 37 -4.61 -12.56 15.59
N SER A 38 -4.84 -11.56 14.71
CA SER A 38 -4.07 -10.31 14.62
C SER A 38 -2.55 -10.56 14.52
N ILE A 39 -2.17 -11.32 13.48
CA ILE A 39 -0.76 -11.59 13.13
C ILE A 39 0.02 -10.29 12.85
N ASP A 40 1.31 -10.28 13.22
CA ASP A 40 2.18 -9.10 13.09
C ASP A 40 2.99 -9.17 11.80
N LEU A 41 2.67 -8.28 10.85
CA LEU A 41 3.45 -8.06 9.62
C LEU A 41 3.34 -6.58 9.18
N SER A 42 4.29 -6.14 8.38
CA SER A 42 4.35 -4.77 7.84
C SER A 42 3.57 -4.67 6.52
N ARG A 43 3.53 -5.80 5.79
CA ARG A 43 2.86 -5.90 4.48
C ARG A 43 1.71 -6.91 4.58
N ILE A 44 0.57 -6.51 4.04
CA ILE A 44 -0.67 -7.31 4.05
C ILE A 44 -1.01 -7.77 2.61
N THR A 45 -2.04 -8.60 2.47
CA THR A 45 -2.62 -8.98 1.17
C THR A 45 -4.14 -8.97 1.30
N PHE A 46 -4.79 -8.21 0.43
CA PHE A 46 -6.24 -8.06 0.45
C PHE A 46 -6.80 -8.09 -0.98
N LEU A 47 -8.09 -7.82 -1.06
CA LEU A 47 -8.89 -7.93 -2.28
C LEU A 47 -9.79 -6.69 -2.34
N TYR A 48 -9.94 -6.08 -3.53
CA TYR A 48 -10.98 -5.06 -3.80
C TYR A 48 -11.04 -4.77 -5.31
N LYS A 49 -12.14 -4.11 -5.76
CA LYS A 49 -12.24 -3.60 -7.14
C LYS A 49 -11.86 -2.11 -7.20
N PHE A 50 -11.18 -1.75 -8.30
CA PHE A 50 -10.64 -0.40 -8.54
C PHE A 50 -11.75 0.67 -8.48
N ILE A 51 -11.67 1.58 -7.50
CA ILE A 51 -12.66 2.66 -7.35
C ILE A 51 -12.37 3.74 -8.43
N SER A 52 -11.24 4.46 -8.28
CA SER A 52 -10.83 5.55 -9.17
C SER A 52 -9.45 6.09 -8.74
N VAL A 53 -8.72 6.72 -9.67
CA VAL A 53 -7.53 7.54 -9.33
C VAL A 53 -8.01 8.96 -9.00
N ASN A 54 -7.62 9.47 -7.83
CA ASN A 54 -7.86 10.87 -7.43
C ASN A 54 -6.96 11.79 -8.30
N PRO A 55 -7.50 12.95 -8.83
CA PRO A 55 -6.70 13.95 -9.58
C PRO A 55 -5.43 14.39 -8.81
N THR A 56 -5.58 14.43 -7.48
CA THR A 56 -4.53 14.82 -6.55
C THR A 56 -3.51 13.67 -6.38
N LEU A 57 -2.26 14.05 -6.08
CA LEU A 57 -1.13 13.12 -5.89
C LEU A 57 -0.41 13.44 -4.56
N LEU A 58 0.03 12.37 -3.88
CA LEU A 58 0.73 12.46 -2.59
C LEU A 58 2.23 12.69 -2.79
N LEU A 59 2.72 13.84 -2.30
CA LEU A 59 4.17 14.08 -2.17
C LEU A 59 4.70 13.16 -1.05
N ILE A 60 5.53 12.20 -1.44
CA ILE A 60 6.12 11.21 -0.52
C ILE A 60 7.48 11.68 0.01
N ASN A 61 8.21 12.53 -0.77
CA ASN A 61 9.56 13.01 -0.38
C ASN A 61 9.83 14.44 -0.91
N GLU A 62 10.33 15.30 -0.02
CA GLU A 62 10.56 16.73 -0.32
C GLU A 62 11.83 16.95 -1.17
N LYS A 63 12.88 16.12 -0.95
CA LYS A 63 14.20 16.31 -1.62
C LYS A 63 14.11 16.11 -3.15
N THR A 64 13.67 14.95 -3.61
CA THR A 64 13.63 14.62 -5.05
C THR A 64 12.22 14.89 -5.64
N GLN A 65 11.29 15.39 -4.78
CA GLN A 65 9.96 15.90 -5.19
C GLN A 65 9.12 14.86 -5.97
N ALA A 66 9.02 13.63 -5.42
CA ALA A 66 8.21 12.55 -6.04
C ALA A 66 6.76 12.61 -5.53
N LYS A 67 5.82 12.90 -6.44
CA LYS A 67 4.37 12.88 -6.15
C LYS A 67 3.72 11.67 -6.84
N ARG A 68 3.25 10.71 -6.02
CA ARG A 68 2.66 9.45 -6.48
C ARG A 68 1.14 9.55 -6.50
N ARG A 69 0.51 8.84 -7.46
CA ARG A 69 -0.95 8.87 -7.66
C ARG A 69 -1.70 8.16 -6.52
N ILE A 70 -2.88 8.69 -6.20
CA ILE A 70 -3.79 8.14 -5.21
C ILE A 70 -4.77 7.18 -5.90
N PHE A 71 -4.49 5.88 -5.84
CA PHE A 71 -5.42 4.84 -6.31
C PHE A 71 -6.41 4.55 -5.17
N GLN A 72 -7.57 5.23 -5.19
CA GLN A 72 -8.59 5.12 -4.15
C GLN A 72 -9.09 3.67 -4.01
N GLY A 73 -9.00 3.15 -2.79
CA GLY A 73 -9.36 1.79 -2.49
C GLY A 73 -10.15 1.70 -1.20
N GLU A 74 -11.40 1.26 -1.28
CA GLU A 74 -12.19 0.88 -0.09
C GLU A 74 -12.61 -0.58 -0.22
N TYR A 75 -12.74 -1.25 0.93
CA TYR A 75 -13.21 -2.65 1.00
C TYR A 75 -13.70 -2.93 2.43
N LEU A 76 -14.70 -3.81 2.54
CA LEU A 76 -15.29 -4.21 3.84
C LEU A 76 -14.64 -5.51 4.33
N TYR A 77 -13.85 -5.38 5.40
CA TYR A 77 -13.17 -6.50 6.06
C TYR A 77 -14.01 -6.94 7.26
N GLY A 78 -14.60 -8.15 7.16
CA GLY A 78 -15.44 -8.70 8.22
C GLY A 78 -16.81 -8.03 8.28
N LYS A 79 -16.85 -6.85 8.90
CA LYS A 79 -18.06 -6.01 9.03
C LYS A 79 -17.75 -4.54 8.64
N LYS A 80 -16.49 -4.11 8.88
CA LYS A 80 -16.09 -2.68 8.79
C LYS A 80 -15.46 -2.37 7.43
N LYS A 81 -15.68 -1.15 6.92
CA LYS A 81 -15.07 -0.66 5.67
C LYS A 81 -13.78 0.12 6.01
N ILE A 82 -12.65 -0.34 5.46
CA ILE A 82 -11.37 0.37 5.53
C ILE A 82 -11.17 1.12 4.20
N GLN A 83 -10.97 2.45 4.30
CA GLN A 83 -10.80 3.35 3.16
C GLN A 83 -9.32 3.77 3.08
N PHE A 84 -8.58 3.05 2.25
CA PHE A 84 -7.11 3.14 2.12
C PHE A 84 -6.72 3.73 0.74
N ASN A 85 -5.75 4.65 0.74
CA ASN A 85 -5.24 5.28 -0.49
C ASN A 85 -3.96 4.54 -0.94
N ILE A 86 -4.07 3.82 -2.07
CA ILE A 86 -2.97 3.02 -2.64
C ILE A 86 -1.95 3.95 -3.35
N ILE A 87 -0.65 3.68 -3.12
CA ILE A 87 0.47 4.52 -3.60
C ILE A 87 1.44 3.63 -4.41
N ALA A 88 2.38 4.22 -5.17
CA ALA A 88 3.43 3.48 -5.90
C ALA A 88 4.82 3.84 -5.34
N LYS A 89 5.77 2.86 -5.32
CA LYS A 89 7.13 3.09 -4.78
C LYS A 89 7.94 3.99 -5.73
N ASN A 90 8.30 3.42 -6.89
CA ASN A 90 9.08 4.11 -7.93
C ASN A 90 8.14 4.70 -9.00
N LEU A 91 8.74 5.46 -9.92
CA LEU A 91 8.06 5.99 -11.12
C LEU A 91 7.66 4.85 -12.09
N GLU A 92 8.44 3.75 -12.07
CA GLU A 92 8.14 2.54 -12.88
C GLU A 92 6.99 1.73 -12.26
N ILE A 93 6.77 1.87 -10.93
CA ILE A 93 5.64 1.23 -10.24
C ILE A 93 4.34 2.03 -10.58
N GLU A 94 4.48 3.36 -10.69
CA GLU A 94 3.41 4.26 -11.18
C GLU A 94 2.87 3.79 -12.54
N ARG A 95 3.80 3.62 -13.52
CA ARG A 95 3.42 3.31 -14.92
C ARG A 95 2.74 1.93 -15.04
N GLU A 96 3.26 0.92 -14.29
CA GLU A 96 2.75 -0.48 -14.41
C GLU A 96 1.35 -0.61 -13.77
N LEU A 97 1.12 0.14 -12.68
CA LEU A 97 -0.18 0.15 -11.98
C LEU A 97 -1.27 0.80 -12.86
N ILE A 98 -0.98 2.01 -13.38
CA ILE A 98 -1.96 2.78 -14.19
C ILE A 98 -2.28 2.06 -15.52
N GLN A 99 -1.26 1.42 -16.13
CA GLN A 99 -1.43 0.63 -17.38
C GLN A 99 -2.20 -0.67 -17.11
N PHE A 100 -2.12 -1.17 -15.86
CA PHE A 100 -2.87 -2.35 -15.42
C PHE A 100 -4.34 -1.96 -15.12
N PHE A 101 -4.53 -0.75 -14.55
CA PHE A 101 -5.86 -0.22 -14.15
C PHE A 101 -6.48 0.57 -15.33
N LYS A 102 -6.70 -0.16 -16.45
CA LYS A 102 -7.45 0.35 -17.61
C LYS A 102 -8.94 0.35 -17.33
N LYS A 103 -9.39 -0.75 -16.72
CA LYS A 103 -10.80 -0.97 -16.41
C LYS A 103 -11.15 -0.35 -15.04
N PRO A 104 -12.18 0.56 -14.98
CA PRO A 104 -12.79 0.99 -13.71
C PRO A 104 -13.61 -0.17 -13.10
N TYR A 105 -13.58 -0.28 -11.76
CA TYR A 105 -14.26 -1.34 -10.98
C TYR A 105 -13.66 -2.74 -11.28
N GLN A 106 -12.36 -2.73 -11.66
CA GLN A 106 -11.57 -3.93 -11.95
C GLN A 106 -11.30 -4.71 -10.65
N CYS A 107 -11.88 -5.91 -10.52
CA CYS A 107 -11.75 -6.74 -9.31
C CYS A 107 -10.40 -7.49 -9.32
N TYR A 108 -9.55 -7.21 -8.33
CA TYR A 108 -8.21 -7.80 -8.22
C TYR A 108 -7.81 -8.04 -6.75
N ILE A 109 -6.73 -8.82 -6.59
CA ILE A 109 -6.12 -9.16 -5.30
C ILE A 109 -4.77 -8.44 -5.21
N MET A 110 -4.65 -7.46 -4.29
CA MET A 110 -3.38 -6.74 -4.09
C MET A 110 -2.54 -7.48 -3.04
N HIS A 111 -1.40 -8.01 -3.49
CA HIS A 111 -0.47 -8.83 -2.69
C HIS A 111 0.76 -8.01 -2.31
N ASN A 112 1.25 -8.17 -1.05
CA ASN A 112 2.52 -7.53 -0.54
C ASN A 112 2.34 -6.00 -0.44
N VAL A 113 1.17 -5.58 0.03
CA VAL A 113 0.82 -4.16 0.18
C VAL A 113 1.38 -3.60 1.50
N GLN A 114 2.34 -2.70 1.41
CA GLN A 114 3.03 -2.14 2.58
C GLN A 114 2.32 -0.86 3.04
N VAL A 115 2.37 -0.54 4.35
CA VAL A 115 1.68 0.65 4.90
C VAL A 115 2.71 1.67 5.43
N PHE A 116 2.57 2.93 4.97
CA PHE A 116 3.42 4.07 5.38
C PHE A 116 2.57 5.17 6.05
N GLN A 117 2.87 5.46 7.33
CA GLN A 117 2.22 6.51 8.11
C GLN A 117 3.08 7.79 8.05
N MET A 118 2.45 8.96 7.80
CA MET A 118 3.16 10.22 7.56
C MET A 118 3.63 10.86 8.89
N LEU A 119 4.87 11.39 8.87
CA LEU A 119 5.51 12.02 10.05
C LEU A 119 6.51 13.10 9.59
N ASN A 120 7.20 13.70 10.57
CA ASN A 120 8.32 14.64 10.35
C ASN A 120 9.38 14.46 11.45
N LYS A 121 9.19 13.42 12.28
CA LYS A 121 9.99 13.14 13.48
C LYS A 121 11.40 12.67 13.09
N ASN A 122 12.36 13.61 13.13
CA ASN A 122 13.79 13.36 12.85
C ASN A 122 14.64 14.46 13.50
N LYS A 123 15.75 14.06 14.14
CA LYS A 123 16.67 14.97 14.84
C LYS A 123 18.09 14.85 14.23
N ASN A 124 18.59 15.96 13.66
CA ASN A 124 19.95 16.03 13.08
C ASN A 124 20.74 17.15 13.80
N ASN A 125 20.41 18.42 13.48
CA ASN A 125 21.00 19.64 14.11
C ASN A 125 22.55 19.71 13.98
N ASN A 126 23.12 18.97 13.00
CA ASN A 126 24.59 18.85 12.80
C ASN A 126 24.97 19.42 11.42
N VAL A 127 26.21 19.95 11.31
CA VAL A 127 26.74 20.64 10.11
C VAL A 127 25.95 21.94 9.86
N VAL A 128 26.43 23.03 10.47
CA VAL A 128 25.82 24.36 10.36
C VAL A 128 26.52 25.20 9.27
N GLU A 129 27.87 25.07 9.18
CA GLU A 129 28.73 25.80 8.23
C GLU A 129 28.67 27.34 8.44
N PHE A 130 29.18 28.13 7.46
CA PHE A 130 29.22 29.61 7.53
C PHE A 130 27.81 30.20 7.42
N MET A 131 26.99 29.61 6.53
CA MET A 131 25.58 30.03 6.31
C MET A 131 24.74 29.75 7.57
N ASP A 132 23.74 30.59 7.83
CA ASP A 132 22.83 30.44 8.99
C ASP A 132 21.67 29.48 8.61
N SER A 133 21.38 28.50 9.49
CA SER A 133 20.33 27.49 9.27
C SER A 133 19.09 27.85 10.09
N GLU A 134 17.92 27.82 9.45
CA GLU A 134 16.64 28.22 10.07
C GLU A 134 16.04 27.02 10.85
N ASP A 135 16.03 27.14 12.18
CA ASP A 135 15.48 26.12 13.10
C ASP A 135 13.94 26.23 13.12
N LEU A 136 13.26 25.22 12.53
CA LEU A 136 11.80 25.20 12.40
C LEU A 136 11.29 23.75 12.22
N GLN A 137 10.11 23.45 12.80
CA GLN A 137 9.44 22.13 12.72
C GLN A 137 8.08 22.20 13.45
N SER A 138 6.98 22.10 12.67
CA SER A 138 5.61 22.16 13.20
C SER A 138 4.64 21.51 12.18
N SER A 139 3.31 21.62 12.43
CA SER A 139 2.22 21.06 11.59
C SER A 139 2.44 19.55 11.34
N VAL A 140 2.24 18.76 12.41
CA VAL A 140 2.47 17.30 12.38
C VAL A 140 1.24 16.56 11.80
N ASP A 141 1.52 15.58 10.93
CA ASP A 141 0.49 14.69 10.34
C ASP A 141 0.70 13.26 10.88
N SER A 142 -0.36 12.44 10.81
CA SER A 142 -0.33 11.05 11.33
C SER A 142 -1.14 10.09 10.44
N GLN A 143 -1.66 10.59 9.31
CA GLN A 143 -2.50 9.80 8.39
C GLN A 143 -1.62 8.81 7.60
N LEU A 144 -2.21 7.64 7.26
CA LEU A 144 -1.46 6.50 6.66
C LEU A 144 -2.02 6.15 5.28
N TYR A 145 -1.10 5.80 4.37
CA TYR A 145 -1.39 5.41 2.98
C TYR A 145 -0.78 4.02 2.73
N TYR A 146 -1.42 3.24 1.85
CA TYR A 146 -0.98 1.86 1.52
C TYR A 146 -0.05 1.87 0.30
N LEU A 147 1.26 1.90 0.59
CA LEU A 147 2.33 1.94 -0.39
C LEU A 147 2.51 0.55 -1.06
N ILE A 148 2.48 0.55 -2.39
CA ILE A 148 2.83 -0.61 -3.22
C ILE A 148 4.29 -0.53 -3.60
N ASP A 149 5.10 -1.35 -2.93
CA ASP A 149 6.52 -1.47 -3.21
C ASP A 149 6.76 -2.38 -4.42
N GLU A 150 8.00 -2.42 -4.89
CA GLU A 150 8.41 -3.13 -6.12
C GLU A 150 8.35 -4.68 -6.01
N SER A 151 8.09 -5.22 -4.81
CA SER A 151 7.91 -6.67 -4.59
C SER A 151 6.42 -7.06 -4.67
N SER A 152 5.53 -6.05 -4.59
CA SER A 152 4.07 -6.22 -4.68
C SER A 152 3.61 -6.70 -6.08
N HIS A 153 2.48 -7.43 -6.08
CA HIS A 153 1.85 -8.00 -7.29
C HIS A 153 0.33 -7.79 -7.20
N VAL A 154 -0.27 -7.21 -8.25
CA VAL A 154 -1.72 -7.03 -8.37
C VAL A 154 -2.26 -8.10 -9.34
N LEU A 155 -2.97 -9.10 -8.79
CA LEU A 155 -3.48 -10.25 -9.57
C LEU A 155 -4.97 -10.05 -9.85
N GLU A 156 -5.31 -9.62 -11.09
CA GLU A 156 -6.71 -9.41 -11.51
C GLU A 156 -7.46 -10.74 -11.60
N ASP A 157 -8.64 -10.79 -10.96
CA ASP A 157 -9.59 -11.89 -11.13
C ASP A 157 -10.40 -11.63 -12.41
N ASP A 158 -10.36 -12.61 -13.33
CA ASP A 158 -11.03 -12.53 -14.63
C ASP A 158 -12.56 -12.59 -14.46
N SER A 159 -13.02 -13.40 -13.49
CA SER A 159 -14.45 -13.57 -13.21
C SER A 159 -14.73 -13.14 -11.74
N MET A 160 -14.96 -14.10 -10.82
CA MET A 160 -15.16 -13.82 -9.39
C MET A 160 -14.89 -15.10 -8.56
N ASP A 161 -14.11 -16.02 -9.14
CA ASP A 161 -13.84 -17.34 -8.55
C ASP A 161 -12.61 -17.30 -7.62
N PHE A 162 -11.64 -16.41 -7.90
CA PHE A 162 -10.48 -16.19 -7.01
C PHE A 162 -10.99 -15.50 -5.73
N ILE A 163 -11.92 -14.53 -5.93
CA ILE A 163 -12.65 -13.85 -4.85
C ILE A 163 -13.44 -14.86 -4.02
N SER A 164 -14.18 -15.74 -4.73
CA SER A 164 -14.98 -16.83 -4.14
C SER A 164 -14.11 -17.75 -3.27
N THR A 165 -12.89 -18.08 -3.77
CA THR A 165 -11.91 -18.92 -3.05
C THR A 165 -11.50 -18.26 -1.71
N LEU A 166 -11.07 -16.99 -1.79
CA LEU A 166 -10.54 -16.26 -0.63
C LEU A 166 -11.60 -16.04 0.47
N THR A 167 -12.84 -15.77 0.04
CA THR A 167 -13.95 -15.45 0.96
C THR A 167 -14.62 -16.72 1.52
N ARG A 168 -14.46 -17.88 0.83
CA ARG A 168 -14.97 -19.18 1.35
C ARG A 168 -13.93 -19.83 2.29
N LEU A 169 -12.65 -19.47 2.10
CA LEU A 169 -11.54 -19.90 2.98
C LEU A 169 -11.59 -19.12 4.32
N SER A 170 -11.70 -17.78 4.23
CA SER A 170 -11.78 -16.90 5.41
C SER A 170 -13.17 -17.02 6.06
N ASP A 171 -14.22 -16.86 5.23
CA ASP A 171 -15.65 -16.96 5.63
C ASP A 171 -16.06 -15.78 6.56
N SER A 172 -17.39 -15.52 6.64
CA SER A 172 -17.97 -14.49 7.53
C SER A 172 -17.54 -13.06 7.12
N GLN B 1 17.92 10.88 -1.62
CA GLN B 1 18.07 10.12 -2.85
C GLN B 1 16.84 9.22 -3.08
N ASP B 2 16.67 8.21 -2.20
CA ASP B 2 15.58 7.22 -2.27
C ASP B 2 14.21 7.88 -1.97
N ASP B 3 13.15 7.29 -2.53
CA ASP B 3 11.77 7.83 -2.43
C ASP B 3 11.31 7.90 -0.95
N PHE B 4 11.60 6.82 -0.20
CA PHE B 4 11.21 6.67 1.21
C PHE B 4 12.47 6.69 2.09
N GLY B 5 13.52 7.38 1.58
CA GLY B 5 14.77 7.57 2.31
C GLY B 5 14.81 8.90 3.07
N ASP B 6 16.03 9.36 3.40
CA ASP B 6 16.24 10.63 4.14
C ASP B 6 15.66 11.83 3.38
N GLY B 7 14.53 12.36 3.90
CA GLY B 7 13.80 13.46 3.26
C GLY B 7 12.40 13.05 2.81
N CYS B 8 11.94 11.87 3.24
CA CYS B 8 10.55 11.44 3.07
C CYS B 8 9.69 11.96 4.24
N LEU B 9 8.43 12.31 3.92
CA LEU B 9 7.45 12.83 4.90
C LEU B 9 6.55 11.70 5.45
N LEU B 10 6.97 10.45 5.20
CA LEU B 10 6.26 9.23 5.65
C LEU B 10 7.26 8.09 5.88
N GLN B 11 6.92 7.21 6.84
CA GLN B 11 7.74 6.07 7.25
C GLN B 11 6.81 4.86 7.47
N ILE B 12 7.35 3.66 7.24
CA ILE B 12 6.60 2.41 7.32
C ILE B 12 6.12 2.16 8.78
N VAL B 13 4.92 1.57 8.94
CA VAL B 13 4.34 1.21 10.26
C VAL B 13 5.19 0.10 10.97
N ASN B 14 6.30 0.56 11.58
CA ASN B 14 7.24 -0.26 12.38
C ASN B 14 7.47 0.49 13.71
N MET A 1 8.81 -27.39 -24.21
CA MET A 1 9.58 -26.83 -23.07
C MET A 1 8.72 -26.90 -21.80
N GLU A 2 9.14 -27.73 -20.83
CA GLU A 2 8.48 -27.85 -19.52
C GLU A 2 8.63 -26.53 -18.75
N ILE A 3 7.55 -25.75 -18.70
CA ILE A 3 7.52 -24.46 -17.99
C ILE A 3 6.97 -24.67 -16.58
N GLU A 4 5.66 -24.99 -16.49
CA GLU A 4 4.85 -24.98 -15.25
C GLU A 4 4.71 -23.53 -14.70
N GLU A 5 3.53 -23.22 -14.18
CA GLU A 5 3.15 -21.87 -13.70
C GLU A 5 3.63 -21.62 -12.24
N ASP A 6 4.91 -21.98 -11.94
CA ASP A 6 5.55 -21.82 -10.61
C ASP A 6 5.32 -20.43 -9.99
N LEU A 7 5.48 -19.38 -10.82
CA LEU A 7 5.27 -17.98 -10.44
C LEU A 7 3.81 -17.75 -10.01
N ASN A 8 2.88 -18.22 -10.86
CA ASN A 8 1.42 -18.08 -10.62
C ASN A 8 0.95 -18.92 -9.42
N LEU A 9 1.68 -20.00 -9.11
CA LEU A 9 1.37 -20.92 -7.99
C LEU A 9 1.87 -20.34 -6.68
N LYS A 10 3.07 -19.70 -6.70
CA LYS A 10 3.70 -19.16 -5.49
C LYS A 10 3.00 -17.86 -5.07
N ILE A 11 2.59 -17.04 -6.06
CA ILE A 11 1.81 -15.82 -5.78
C ILE A 11 0.40 -16.22 -5.30
N LEU A 12 -0.14 -17.34 -5.84
CA LEU A 12 -1.46 -17.88 -5.42
C LEU A 12 -1.44 -18.27 -3.94
N GLU A 13 -0.41 -19.04 -3.52
CA GLU A 13 -0.28 -19.53 -2.13
C GLU A 13 -0.01 -18.36 -1.18
N ASP A 14 0.84 -17.40 -1.60
CA ASP A 14 1.16 -16.20 -0.81
C ASP A 14 -0.03 -15.26 -0.71
N VAL A 15 -0.85 -15.21 -1.78
CA VAL A 15 -2.06 -14.36 -1.81
C VAL A 15 -3.08 -14.90 -0.81
N LYS A 16 -3.44 -16.20 -0.93
CA LYS A 16 -4.49 -16.81 -0.07
C LYS A 16 -4.08 -16.79 1.41
N LYS A 17 -2.83 -17.16 1.69
CA LYS A 17 -2.25 -17.20 3.05
C LYS A 17 -2.30 -15.82 3.70
N LEU A 18 -1.66 -14.85 3.03
CA LEU A 18 -1.58 -13.47 3.52
C LEU A 18 -2.96 -12.78 3.44
N TYR A 19 -3.90 -13.32 2.64
CA TYR A 19 -5.28 -12.81 2.58
C TYR A 19 -5.99 -13.14 3.89
N LEU A 20 -5.94 -14.44 4.27
CA LEU A 20 -6.60 -14.94 5.50
C LEU A 20 -6.03 -14.22 6.73
N GLN A 21 -4.70 -14.22 6.79
CA GLN A 21 -3.92 -13.62 7.87
C GLN A 21 -4.20 -12.10 7.99
N SER A 22 -3.97 -11.36 6.90
CA SER A 22 -4.10 -9.89 6.90
C SER A 22 -5.56 -9.46 7.10
N PHE A 23 -6.52 -10.13 6.43
CA PHE A 23 -7.97 -9.83 6.56
C PHE A 23 -8.37 -9.76 8.05
N ASP A 24 -7.94 -10.78 8.80
CA ASP A 24 -8.21 -10.89 10.25
C ASP A 24 -7.46 -9.82 11.06
N TYR A 25 -6.22 -9.52 10.63
CA TYR A 25 -5.35 -8.50 11.24
C TYR A 25 -5.90 -7.07 11.01
N ILE A 26 -6.56 -6.85 9.86
CA ILE A 26 -7.09 -5.52 9.46
C ILE A 26 -8.46 -5.28 10.14
N LYS A 27 -9.21 -6.37 10.39
CA LYS A 27 -10.42 -6.36 11.26
C LYS A 27 -10.02 -5.96 12.69
N ASN A 28 -8.88 -6.54 13.12
CA ASN A 28 -8.33 -6.38 14.48
C ASN A 28 -7.77 -4.95 14.66
N GLY A 29 -7.09 -4.46 13.61
CA GLY A 29 -6.47 -3.14 13.61
C GLY A 29 -5.03 -3.21 13.10
N ILE A 30 -4.63 -2.21 12.28
CA ILE A 30 -3.26 -2.11 11.73
C ILE A 30 -2.31 -1.60 12.84
N SER A 31 -1.80 -2.55 13.66
CA SER A 31 -0.97 -2.26 14.87
C SER A 31 -1.69 -1.29 15.83
N SER A 32 -3.04 -1.33 15.82
CA SER A 32 -3.90 -0.39 16.57
C SER A 32 -4.01 -0.75 18.06
N GLY A 33 -3.51 -1.94 18.44
CA GLY A 33 -3.53 -2.40 19.83
C GLY A 33 -4.67 -3.36 20.10
N GLY A 34 -4.55 -4.58 19.54
CA GLY A 34 -5.58 -5.61 19.68
C GLY A 34 -5.30 -6.57 20.82
N SER A 35 -4.10 -7.22 20.76
CA SER A 35 -3.64 -8.25 21.72
C SER A 35 -4.57 -9.48 21.75
N GLY A 36 -5.32 -9.69 20.65
CA GLY A 36 -6.27 -10.78 20.51
C GLY A 36 -5.77 -11.84 19.54
N GLY A 37 -4.55 -12.34 19.80
CA GLY A 37 -3.92 -13.35 18.96
C GLY A 37 -3.61 -12.84 17.56
N SER A 38 -4.28 -13.41 16.53
CA SER A 38 -4.14 -13.00 15.12
C SER A 38 -2.66 -13.18 14.66
N ILE A 39 -2.22 -12.38 13.68
CA ILE A 39 -0.81 -12.30 13.25
C ILE A 39 -0.36 -10.83 13.24
N ASP A 40 0.93 -10.59 12.96
CA ASP A 40 1.45 -9.24 12.70
C ASP A 40 2.37 -9.30 11.47
N LEU A 41 2.29 -8.25 10.65
CA LEU A 41 3.14 -8.08 9.46
C LEU A 41 3.15 -6.60 9.06
N SER A 42 4.20 -6.19 8.34
CA SER A 42 4.35 -4.82 7.83
C SER A 42 3.64 -4.69 6.47
N ARG A 43 3.61 -5.82 5.74
CA ARG A 43 3.02 -5.93 4.39
C ARG A 43 1.84 -6.90 4.43
N ILE A 44 0.73 -6.46 3.83
CA ILE A 44 -0.58 -7.16 3.86
C ILE A 44 -0.96 -7.63 2.44
N THR A 45 -1.96 -8.52 2.35
CA THR A 45 -2.58 -8.92 1.08
C THR A 45 -4.10 -8.95 1.26
N PHE A 46 -4.81 -8.36 0.30
CA PHE A 46 -6.27 -8.26 0.30
C PHE A 46 -6.77 -8.23 -1.15
N LEU A 47 -8.10 -8.32 -1.28
CA LEU A 47 -8.79 -8.30 -2.59
C LEU A 47 -9.79 -7.14 -2.56
N TYR A 48 -9.97 -6.47 -3.71
CA TYR A 48 -11.08 -5.52 -3.93
C TYR A 48 -11.17 -5.16 -5.42
N LYS A 49 -12.28 -4.50 -5.82
CA LYS A 49 -12.44 -3.93 -7.16
C LYS A 49 -12.11 -2.44 -7.15
N PHE A 50 -11.46 -1.96 -8.22
CA PHE A 50 -10.96 -0.60 -8.34
C PHE A 50 -12.11 0.43 -8.19
N ILE A 51 -11.84 1.55 -7.53
CA ILE A 51 -12.81 2.64 -7.40
C ILE A 51 -12.50 3.69 -8.48
N SER A 52 -11.54 4.60 -8.21
CA SER A 52 -11.19 5.69 -9.13
C SER A 52 -9.74 6.13 -8.90
N VAL A 53 -9.21 6.93 -9.83
CA VAL A 53 -7.96 7.70 -9.65
C VAL A 53 -8.35 9.13 -9.27
N ASN A 54 -7.63 9.70 -8.32
CA ASN A 54 -7.86 11.08 -7.87
C ASN A 54 -7.01 12.01 -8.76
N PRO A 55 -7.57 13.18 -9.23
CA PRO A 55 -6.81 14.17 -10.04
C PRO A 55 -5.55 14.68 -9.31
N THR A 56 -5.58 14.66 -7.97
CA THR A 56 -4.47 15.14 -7.14
C THR A 56 -3.51 13.98 -6.83
N LEU A 57 -2.22 14.32 -6.67
CA LEU A 57 -1.13 13.36 -6.36
C LEU A 57 -0.59 13.61 -4.93
N LEU A 58 0.33 12.75 -4.48
CA LEU A 58 0.81 12.76 -3.09
C LEU A 58 2.34 12.73 -3.03
N LEU A 59 2.94 13.74 -2.39
CA LEU A 59 4.39 13.85 -2.21
C LEU A 59 4.87 12.88 -1.12
N ILE A 60 5.77 11.96 -1.49
CA ILE A 60 6.31 10.93 -0.59
C ILE A 60 7.75 11.26 -0.12
N ASN A 61 8.42 12.23 -0.79
CA ASN A 61 9.79 12.67 -0.44
C ASN A 61 10.04 14.15 -0.80
N GLU A 62 10.22 14.99 0.23
CA GLU A 62 10.37 16.45 0.07
C GLU A 62 11.76 16.83 -0.49
N LYS A 63 12.82 16.06 -0.12
CA LYS A 63 14.21 16.34 -0.56
C LYS A 63 14.38 16.15 -2.09
N THR A 64 13.75 15.12 -2.66
CA THR A 64 13.94 14.75 -4.08
C THR A 64 12.62 14.90 -4.89
N GLN A 65 11.58 15.49 -4.24
CA GLN A 65 10.33 15.97 -4.88
C GLN A 65 9.68 14.95 -5.86
N ALA A 66 9.27 13.78 -5.31
CA ALA A 66 8.57 12.73 -6.09
C ALA A 66 7.15 12.52 -5.56
N LYS A 67 6.16 12.65 -6.46
CA LYS A 67 4.74 12.50 -6.15
C LYS A 67 4.18 11.28 -6.88
N ARG A 68 3.20 10.60 -6.26
CA ARG A 68 2.55 9.39 -6.83
C ARG A 68 1.04 9.62 -6.98
N ARG A 69 0.41 8.92 -7.95
CA ARG A 69 -1.05 8.99 -8.13
C ARG A 69 -1.78 8.33 -6.95
N ILE A 70 -2.99 8.82 -6.68
CA ILE A 70 -3.86 8.32 -5.63
C ILE A 70 -4.89 7.39 -6.27
N PHE A 71 -4.83 6.10 -5.94
CA PHE A 71 -5.78 5.09 -6.41
C PHE A 71 -6.71 4.73 -5.24
N GLN A 72 -7.99 5.16 -5.32
CA GLN A 72 -8.98 4.94 -4.25
C GLN A 72 -9.23 3.43 -4.07
N GLY A 73 -8.90 2.93 -2.85
CA GLY A 73 -8.99 1.51 -2.55
C GLY A 73 -9.75 1.24 -1.26
N GLU A 74 -10.98 0.71 -1.38
CA GLU A 74 -11.82 0.35 -0.23
C GLU A 74 -12.25 -1.12 -0.34
N TYR A 75 -12.39 -1.75 0.84
CA TYR A 75 -12.90 -3.12 0.99
C TYR A 75 -13.42 -3.30 2.43
N LEU A 76 -14.42 -4.18 2.61
CA LEU A 76 -15.01 -4.46 3.93
C LEU A 76 -14.26 -5.63 4.58
N TYR A 77 -13.62 -5.35 5.72
CA TYR A 77 -12.94 -6.37 6.53
C TYR A 77 -13.75 -6.62 7.79
N GLY A 78 -14.51 -7.73 7.78
CA GLY A 78 -15.22 -8.20 8.97
C GLY A 78 -16.41 -7.33 9.36
N LYS A 79 -16.15 -6.36 10.24
CA LYS A 79 -17.20 -5.49 10.83
C LYS A 79 -17.23 -4.11 10.14
N LYS A 80 -16.08 -3.69 9.60
CA LYS A 80 -15.86 -2.31 9.09
C LYS A 80 -15.47 -2.32 7.60
N LYS A 81 -15.58 -1.14 6.95
CA LYS A 81 -15.03 -0.92 5.60
C LYS A 81 -13.78 -0.02 5.69
N ILE A 82 -12.63 -0.61 5.37
CA ILE A 82 -11.33 0.07 5.36
C ILE A 82 -11.12 0.77 4.01
N GLN A 83 -10.96 2.10 4.06
CA GLN A 83 -10.91 3.00 2.89
C GLN A 83 -9.60 3.81 2.92
N PHE A 84 -8.60 3.39 2.12
CA PHE A 84 -7.29 4.07 2.05
C PHE A 84 -6.82 4.25 0.61
N ASN A 85 -5.80 5.12 0.45
CA ASN A 85 -5.25 5.50 -0.86
C ASN A 85 -4.05 4.59 -1.18
N ILE A 86 -4.10 3.96 -2.36
CA ILE A 86 -3.03 3.09 -2.86
C ILE A 86 -1.97 3.96 -3.56
N ILE A 87 -0.70 3.74 -3.21
CA ILE A 87 0.46 4.56 -3.66
C ILE A 87 1.48 3.65 -4.40
N ALA A 88 2.51 4.24 -5.04
CA ALA A 88 3.55 3.51 -5.77
C ALA A 88 4.95 3.84 -5.22
N LYS A 89 5.88 2.85 -5.20
CA LYS A 89 7.25 3.05 -4.66
C LYS A 89 8.07 3.95 -5.60
N ASN A 90 8.16 3.52 -6.87
CA ASN A 90 8.97 4.20 -7.90
C ASN A 90 8.07 4.58 -9.09
N LEU A 91 8.70 5.19 -10.12
CA LEU A 91 8.07 5.49 -11.42
C LEU A 91 7.69 4.20 -12.18
N GLU A 92 8.48 3.12 -11.97
CA GLU A 92 8.20 1.79 -12.54
C GLU A 92 6.92 1.18 -11.94
N ILE A 93 6.73 1.43 -10.63
CA ILE A 93 5.56 0.92 -9.89
C ILE A 93 4.33 1.78 -10.21
N GLU A 94 4.58 3.07 -10.43
CA GLU A 94 3.55 4.05 -10.76
C GLU A 94 2.96 3.74 -12.15
N ARG A 95 3.84 3.45 -13.12
CA ARG A 95 3.44 3.19 -14.51
C ARG A 95 2.67 1.86 -14.63
N GLU A 96 3.10 0.81 -13.89
CA GLU A 96 2.42 -0.50 -13.95
C GLU A 96 1.01 -0.41 -13.32
N LEU A 97 0.86 0.40 -12.25
CA LEU A 97 -0.41 0.61 -11.55
C LEU A 97 -1.41 1.38 -12.44
N ILE A 98 -1.00 2.56 -12.97
CA ILE A 98 -1.87 3.42 -13.80
C ILE A 98 -2.36 2.67 -15.07
N GLN A 99 -1.46 1.84 -15.64
CA GLN A 99 -1.73 1.05 -16.87
C GLN A 99 -2.54 -0.22 -16.56
N PHE A 100 -2.53 -0.63 -15.28
CA PHE A 100 -3.33 -1.79 -14.82
C PHE A 100 -4.77 -1.33 -14.53
N PHE A 101 -4.92 -0.12 -13.95
CA PHE A 101 -6.20 0.41 -13.45
C PHE A 101 -6.98 1.18 -14.54
N LYS A 102 -6.90 0.69 -15.80
CA LYS A 102 -7.60 1.30 -16.96
C LYS A 102 -9.11 1.31 -16.74
N LYS A 103 -9.65 0.16 -16.33
CA LYS A 103 -11.09 -0.03 -16.08
C LYS A 103 -11.39 0.20 -14.58
N PRO A 104 -12.41 1.06 -14.24
CA PRO A 104 -12.96 1.14 -12.87
C PRO A 104 -13.84 -0.10 -12.55
N TYR A 105 -13.93 -0.42 -11.26
CA TYR A 105 -14.67 -1.60 -10.72
C TYR A 105 -14.07 -2.94 -11.20
N GLN A 106 -12.78 -2.88 -11.57
CA GLN A 106 -11.99 -4.03 -11.98
C GLN A 106 -11.48 -4.79 -10.74
N CYS A 107 -11.82 -6.08 -10.62
CA CYS A 107 -11.50 -6.89 -9.43
C CYS A 107 -10.08 -7.50 -9.52
N TYR A 108 -9.35 -7.44 -8.40
CA TYR A 108 -7.96 -7.90 -8.30
C TYR A 108 -7.55 -8.11 -6.84
N ILE A 109 -6.42 -8.80 -6.64
CA ILE A 109 -5.82 -9.05 -5.33
C ILE A 109 -4.51 -8.25 -5.24
N MET A 110 -4.46 -7.31 -4.30
CA MET A 110 -3.25 -6.53 -4.03
C MET A 110 -2.41 -7.27 -2.98
N HIS A 111 -1.28 -7.81 -3.45
CA HIS A 111 -0.34 -8.62 -2.65
C HIS A 111 0.83 -7.75 -2.16
N ASN A 112 1.28 -8.01 -0.91
CA ASN A 112 2.56 -7.44 -0.33
C ASN A 112 2.45 -5.92 -0.07
N VAL A 113 1.20 -5.43 0.03
CA VAL A 113 0.90 -3.99 0.20
C VAL A 113 1.52 -3.43 1.50
N GLN A 114 2.53 -2.58 1.34
CA GLN A 114 3.34 -2.07 2.44
C GLN A 114 2.73 -0.77 3.00
N VAL A 115 2.16 -0.80 4.21
CA VAL A 115 1.47 0.37 4.79
C VAL A 115 2.50 1.40 5.33
N PHE A 116 2.39 2.65 4.86
CA PHE A 116 3.23 3.78 5.31
C PHE A 116 2.36 4.85 6.00
N GLN A 117 2.73 5.19 7.24
CA GLN A 117 2.09 6.25 8.03
C GLN A 117 2.86 7.56 7.84
N MET A 118 2.17 8.62 7.38
CA MET A 118 2.82 9.90 7.06
C MET A 118 3.12 10.74 8.33
N LEU A 119 4.37 11.21 8.39
CA LEU A 119 4.93 11.98 9.50
C LEU A 119 6.10 12.85 8.95
N ASN A 120 6.78 13.60 9.82
CA ASN A 120 8.03 14.29 9.49
C ASN A 120 8.72 14.79 10.77
N LYS A 121 9.94 15.32 10.61
CA LYS A 121 10.70 15.98 11.68
C LYS A 121 10.29 17.47 11.78
N ASN A 122 10.99 18.24 12.63
CA ASN A 122 10.92 19.71 12.64
C ASN A 122 12.08 20.28 13.45
N LYS A 123 13.09 20.81 12.73
CA LYS A 123 14.30 21.41 13.34
C LYS A 123 14.68 22.71 12.61
N ASN A 124 15.73 23.36 13.10
CA ASN A 124 16.31 24.56 12.51
C ASN A 124 17.77 24.68 12.97
N ASN A 125 18.69 24.16 12.16
CA ASN A 125 20.14 24.17 12.44
C ASN A 125 20.93 24.64 11.22
N ASN A 126 20.80 25.95 10.93
CA ASN A 126 21.47 26.59 9.78
C ASN A 126 21.80 28.06 10.13
N VAL A 127 22.17 28.32 11.40
CA VAL A 127 22.54 29.66 11.90
C VAL A 127 23.87 30.14 11.26
N VAL A 128 24.72 29.16 10.88
CA VAL A 128 26.04 29.40 10.28
C VAL A 128 25.87 29.91 8.82
N GLU A 129 25.91 31.24 8.64
CA GLU A 129 25.65 31.89 7.34
C GLU A 129 26.78 31.60 6.34
N PHE A 130 26.43 30.90 5.25
CA PHE A 130 27.31 30.64 4.07
C PHE A 130 26.43 30.44 2.82
N MET A 131 27.07 30.28 1.65
CA MET A 131 26.39 30.03 0.35
C MET A 131 25.75 28.61 0.32
N ASP A 132 24.62 28.48 1.04
CA ASP A 132 23.92 27.20 1.25
C ASP A 132 22.41 27.46 1.45
N SER A 133 21.59 26.43 1.23
CA SER A 133 20.14 26.48 1.45
C SER A 133 19.80 26.66 2.94
N GLU A 134 18.56 27.08 3.24
CA GLU A 134 18.07 27.19 4.61
C GLU A 134 17.38 25.88 5.02
N ASP A 135 17.41 25.57 6.32
CA ASP A 135 16.95 24.28 6.86
C ASP A 135 15.41 24.27 7.09
N LEU A 136 14.64 24.07 6.00
CA LEU A 136 13.16 23.92 6.07
C LEU A 136 12.79 22.44 5.94
N GLN A 137 11.77 22.01 6.69
CA GLN A 137 11.15 20.67 6.57
C GLN A 137 9.62 20.84 6.64
N SER A 138 8.88 19.77 6.35
CA SER A 138 7.42 19.72 6.60
C SER A 138 7.19 19.23 8.05
N SER A 139 5.91 19.12 8.46
CA SER A 139 5.54 18.61 9.81
C SER A 139 4.11 18.02 9.80
N VAL A 140 3.09 18.90 9.77
CA VAL A 140 1.70 18.54 10.16
C VAL A 140 1.05 17.50 9.21
N ASP A 141 0.79 16.32 9.78
CA ASP A 141 0.08 15.21 9.13
C ASP A 141 -0.62 14.34 10.20
N SER A 142 -1.40 13.34 9.79
CA SER A 142 -2.03 12.35 10.69
C SER A 142 -2.55 11.10 9.94
N GLN A 143 -2.53 11.14 8.58
CA GLN A 143 -3.15 10.10 7.73
C GLN A 143 -2.09 9.09 7.23
N LEU A 144 -2.45 7.80 7.24
CA LEU A 144 -1.62 6.71 6.66
C LEU A 144 -2.22 6.24 5.34
N TYR A 145 -1.35 5.80 4.41
CA TYR A 145 -1.73 5.36 3.06
C TYR A 145 -1.08 4.00 2.78
N TYR A 146 -1.68 3.23 1.87
CA TYR A 146 -1.22 1.88 1.51
C TYR A 146 -0.28 1.94 0.30
N LEU A 147 1.03 1.87 0.57
CA LEU A 147 2.09 1.93 -0.44
C LEU A 147 2.27 0.55 -1.10
N ILE A 148 2.49 0.58 -2.42
CA ILE A 148 2.82 -0.61 -3.22
C ILE A 148 4.28 -0.54 -3.63
N ASP A 149 5.08 -1.47 -3.11
CA ASP A 149 6.51 -1.58 -3.43
C ASP A 149 6.74 -2.54 -4.60
N GLU A 150 8.01 -2.68 -5.00
CA GLU A 150 8.41 -3.52 -6.14
C GLU A 150 8.33 -5.03 -5.87
N SER A 151 8.15 -5.44 -4.59
CA SER A 151 7.86 -6.85 -4.24
C SER A 151 6.36 -7.13 -4.28
N SER A 152 5.55 -6.05 -4.35
CA SER A 152 4.09 -6.14 -4.47
C SER A 152 3.65 -6.50 -5.88
N HIS A 153 2.49 -7.18 -5.94
CA HIS A 153 1.92 -7.72 -7.18
C HIS A 153 0.41 -7.49 -7.15
N VAL A 154 -0.13 -6.86 -8.20
CA VAL A 154 -1.59 -6.60 -8.32
C VAL A 154 -2.17 -7.62 -9.33
N LEU A 155 -2.71 -8.72 -8.80
CA LEU A 155 -3.16 -9.87 -9.62
C LEU A 155 -4.64 -9.72 -10.02
N GLU A 156 -4.91 -9.40 -11.30
CA GLU A 156 -6.30 -9.38 -11.85
C GLU A 156 -6.88 -10.80 -11.79
N ASP A 157 -8.14 -10.94 -11.31
CA ASP A 157 -8.80 -12.25 -11.22
C ASP A 157 -9.09 -12.77 -12.64
N ASP A 158 -8.70 -14.03 -12.94
CA ASP A 158 -8.98 -14.66 -14.24
C ASP A 158 -10.49 -14.89 -14.36
N SER A 159 -11.01 -15.62 -13.39
CA SER A 159 -12.45 -15.83 -13.19
C SER A 159 -12.78 -15.42 -11.75
N MET A 160 -14.09 -15.21 -11.48
CA MET A 160 -14.56 -14.77 -10.15
C MET A 160 -14.26 -15.83 -9.07
N ASP A 161 -13.94 -17.08 -9.49
CA ASP A 161 -13.62 -18.18 -8.55
C ASP A 161 -12.45 -17.82 -7.62
N PHE A 162 -11.53 -16.95 -8.10
CA PHE A 162 -10.40 -16.44 -7.30
C PHE A 162 -10.96 -15.65 -6.08
N ILE A 163 -11.89 -14.73 -6.39
CA ILE A 163 -12.61 -13.89 -5.40
C ILE A 163 -13.40 -14.77 -4.43
N SER A 164 -14.19 -15.68 -5.02
CA SER A 164 -15.08 -16.61 -4.34
C SER A 164 -14.34 -17.47 -3.31
N THR A 165 -13.18 -18.02 -3.73
CA THR A 165 -12.34 -18.89 -2.90
C THR A 165 -11.84 -18.13 -1.66
N LEU A 166 -11.25 -16.95 -1.89
CA LEU A 166 -10.61 -16.15 -0.83
C LEU A 166 -11.63 -15.67 0.22
N THR A 167 -12.78 -15.15 -0.26
CA THR A 167 -13.80 -14.55 0.62
C THR A 167 -14.49 -15.61 1.50
N ARG A 168 -14.66 -16.84 0.97
CA ARG A 168 -15.31 -17.94 1.73
C ARG A 168 -14.30 -18.60 2.68
N LEU A 169 -13.01 -18.54 2.30
CA LEU A 169 -11.90 -19.18 3.04
C LEU A 169 -11.55 -18.36 4.30
N SER A 170 -11.71 -17.02 4.19
CA SER A 170 -11.55 -16.09 5.33
C SER A 170 -12.86 -15.99 6.12
N ASP A 171 -13.98 -15.97 5.37
CA ASP A 171 -15.36 -15.76 5.89
C ASP A 171 -15.55 -14.30 6.34
N SER A 172 -16.79 -13.78 6.15
CA SER A 172 -17.17 -12.39 6.45
C SER A 172 -16.37 -11.39 5.61
N GLN B 1 18.89 9.68 -0.37
CA GLN B 1 18.61 9.76 -1.81
C GLN B 1 17.30 9.03 -2.14
N ASP B 2 17.06 7.91 -1.42
CA ASP B 2 15.88 7.05 -1.58
C ASP B 2 14.57 7.81 -1.32
N ASP B 3 13.50 7.41 -2.03
CA ASP B 3 12.16 8.05 -1.92
C ASP B 3 11.67 7.97 -0.45
N PHE B 4 11.75 6.76 0.10
CA PHE B 4 11.27 6.44 1.47
C PHE B 4 12.46 6.44 2.48
N GLY B 5 13.55 7.12 2.09
CA GLY B 5 14.69 7.40 2.98
C GLY B 5 14.54 8.74 3.69
N ASP B 6 15.61 9.21 4.37
CA ASP B 6 15.57 10.47 5.17
C ASP B 6 15.13 11.68 4.31
N GLY B 7 14.08 12.37 4.78
CA GLY B 7 13.44 13.46 4.03
C GLY B 7 12.20 12.98 3.29
N CYS B 8 11.73 11.79 3.65
CA CYS B 8 10.42 11.27 3.25
C CYS B 8 9.29 11.93 4.08
N LEU B 9 8.05 11.77 3.59
CA LEU B 9 6.84 12.26 4.26
C LEU B 9 6.16 11.12 5.05
N LEU B 10 6.77 9.92 5.04
CA LEU B 10 6.14 8.68 5.57
C LEU B 10 7.20 7.66 6.04
N GLN B 11 6.85 6.93 7.11
CA GLN B 11 7.61 5.77 7.61
C GLN B 11 6.65 4.58 7.70
N ILE B 12 7.17 3.39 7.41
CA ILE B 12 6.40 2.13 7.38
C ILE B 12 5.93 1.75 8.82
N VAL B 13 4.72 1.17 8.94
CA VAL B 13 4.18 0.71 10.23
C VAL B 13 4.91 -0.60 10.69
N ASN B 14 5.68 -0.47 11.79
CA ASN B 14 6.39 -1.60 12.44
C ASN B 14 6.87 -1.16 13.85
N MET A 1 10.05 -29.42 -12.61
CA MET A 1 9.09 -28.31 -12.47
C MET A 1 9.86 -26.99 -12.31
N GLU A 2 10.09 -26.30 -13.44
CA GLU A 2 10.86 -25.03 -13.49
C GLU A 2 10.09 -23.99 -14.34
N ILE A 3 8.78 -24.21 -14.51
CA ILE A 3 7.94 -23.46 -15.45
C ILE A 3 7.50 -22.11 -14.82
N GLU A 4 6.92 -21.19 -15.62
CA GLU A 4 6.33 -19.93 -15.12
C GLU A 4 5.25 -20.21 -14.05
N GLU A 5 4.56 -21.38 -14.17
CA GLU A 5 3.51 -21.79 -13.23
C GLU A 5 4.01 -21.76 -11.78
N ASP A 6 5.29 -22.15 -11.56
CA ASP A 6 5.94 -22.18 -10.23
C ASP A 6 5.82 -20.83 -9.50
N LEU A 7 5.99 -19.74 -10.27
CA LEU A 7 5.84 -18.36 -9.77
C LEU A 7 4.37 -18.13 -9.41
N ASN A 8 3.48 -18.48 -10.34
CA ASN A 8 2.01 -18.31 -10.17
C ASN A 8 1.45 -19.19 -9.03
N LEU A 9 2.18 -20.24 -8.68
CA LEU A 9 1.80 -21.18 -7.61
C LEU A 9 2.30 -20.65 -6.26
N LYS A 10 3.51 -20.05 -6.26
CA LYS A 10 4.13 -19.52 -5.03
C LYS A 10 3.39 -18.24 -4.59
N ILE A 11 2.95 -17.43 -5.57
CA ILE A 11 2.17 -16.21 -5.31
C ILE A 11 0.71 -16.60 -4.99
N LEU A 12 0.22 -17.74 -5.52
CA LEU A 12 -1.13 -18.27 -5.20
C LEU A 12 -1.23 -18.56 -3.69
N GLU A 13 -0.27 -19.36 -3.18
CA GLU A 13 -0.21 -19.74 -1.77
C GLU A 13 0.13 -18.52 -0.89
N ASP A 14 0.99 -17.61 -1.41
CA ASP A 14 1.37 -16.36 -0.72
C ASP A 14 0.16 -15.41 -0.57
N VAL A 15 -0.67 -15.33 -1.62
CA VAL A 15 -1.85 -14.46 -1.63
C VAL A 15 -2.89 -14.96 -0.63
N LYS A 16 -3.33 -16.23 -0.78
CA LYS A 16 -4.41 -16.81 0.05
C LYS A 16 -4.03 -16.85 1.54
N LYS A 17 -2.76 -17.21 1.84
CA LYS A 17 -2.23 -17.27 3.21
C LYS A 17 -2.23 -15.88 3.84
N LEU A 18 -1.52 -14.94 3.20
CA LEU A 18 -1.40 -13.56 3.69
C LEU A 18 -2.75 -12.82 3.64
N TYR A 19 -3.71 -13.33 2.83
CA TYR A 19 -5.08 -12.78 2.76
C TYR A 19 -5.79 -13.07 4.07
N LEU A 20 -5.88 -14.37 4.41
CA LEU A 20 -6.58 -14.86 5.62
C LEU A 20 -6.01 -14.23 6.89
N GLN A 21 -4.68 -14.28 6.98
CA GLN A 21 -3.90 -13.76 8.10
C GLN A 21 -4.13 -12.24 8.27
N SER A 22 -3.91 -11.47 7.18
CA SER A 22 -4.04 -10.01 7.23
C SER A 22 -5.50 -9.60 7.43
N PHE A 23 -6.44 -10.37 6.86
CA PHE A 23 -7.89 -10.10 6.92
C PHE A 23 -8.34 -9.97 8.37
N ASP A 24 -7.89 -10.94 9.19
CA ASP A 24 -8.22 -11.00 10.63
C ASP A 24 -7.44 -9.93 11.42
N TYR A 25 -6.21 -9.63 10.97
CA TYR A 25 -5.36 -8.55 11.51
C TYR A 25 -5.98 -7.15 11.27
N ILE A 26 -6.67 -6.97 10.13
CA ILE A 26 -7.28 -5.69 9.72
C ILE A 26 -8.66 -5.52 10.41
N LYS A 27 -9.41 -6.65 10.54
CA LYS A 27 -10.64 -6.75 11.36
C LYS A 27 -10.33 -6.39 12.82
N ASN A 28 -9.13 -6.81 13.25
CA ASN A 28 -8.60 -6.55 14.59
C ASN A 28 -8.21 -5.06 14.72
N GLY A 29 -7.62 -4.54 13.65
CA GLY A 29 -7.11 -3.17 13.60
C GLY A 29 -5.65 -3.17 13.21
N ILE A 30 -5.24 -2.18 12.40
CA ILE A 30 -3.85 -2.05 11.95
C ILE A 30 -2.94 -1.68 13.13
N SER A 31 -1.89 -2.51 13.34
CA SER A 31 -0.88 -2.35 14.41
C SER A 31 -1.46 -2.67 15.81
N SER A 32 -2.67 -3.28 15.87
CA SER A 32 -3.29 -3.69 17.14
C SER A 32 -2.70 -5.03 17.64
N GLY A 33 -3.24 -6.17 17.15
CA GLY A 33 -2.71 -7.50 17.48
C GLY A 33 -3.23 -8.10 18.80
N GLY A 34 -3.37 -7.25 19.84
CA GLY A 34 -3.73 -7.70 21.20
C GLY A 34 -5.17 -8.17 21.32
N SER A 35 -5.40 -9.47 21.04
CA SER A 35 -6.71 -10.12 21.14
C SER A 35 -6.53 -11.64 21.32
N GLY A 36 -5.69 -12.24 20.46
CA GLY A 36 -5.43 -13.68 20.50
C GLY A 36 -4.61 -14.14 19.30
N GLY A 37 -5.28 -14.77 18.32
CA GLY A 37 -4.62 -15.35 17.14
C GLY A 37 -4.33 -14.34 16.02
N SER A 38 -4.43 -13.04 16.35
CA SER A 38 -4.06 -11.95 15.44
C SER A 38 -2.54 -12.00 15.19
N ILE A 39 -2.13 -11.86 13.92
CA ILE A 39 -0.73 -11.98 13.49
C ILE A 39 -0.05 -10.61 13.36
N ASP A 40 1.29 -10.61 13.20
CA ASP A 40 2.10 -9.38 13.06
C ASP A 40 2.92 -9.44 11.76
N LEU A 41 2.81 -8.39 10.94
CA LEU A 41 3.57 -8.23 9.68
C LEU A 41 3.56 -6.74 9.24
N SER A 42 4.56 -6.36 8.45
CA SER A 42 4.68 -5.01 7.87
C SER A 42 3.87 -4.92 6.56
N ARG A 43 3.80 -6.06 5.85
CA ARG A 43 3.11 -6.20 4.55
C ARG A 43 1.91 -7.13 4.68
N ILE A 44 0.85 -6.80 3.94
CA ILE A 44 -0.43 -7.52 3.96
C ILE A 44 -0.81 -7.94 2.52
N THR A 45 -1.92 -8.69 2.38
CA THR A 45 -2.51 -9.03 1.08
C THR A 45 -4.04 -9.03 1.23
N PHE A 46 -4.71 -8.30 0.34
CA PHE A 46 -6.17 -8.15 0.38
C PHE A 46 -6.75 -8.18 -1.03
N LEU A 47 -8.07 -8.18 -1.08
CA LEU A 47 -8.85 -8.14 -2.33
C LEU A 47 -9.69 -6.87 -2.30
N TYR A 48 -9.79 -6.18 -3.45
CA TYR A 48 -10.77 -5.08 -3.65
C TYR A 48 -10.90 -4.78 -5.16
N LYS A 49 -11.86 -3.90 -5.49
CA LYS A 49 -12.09 -3.42 -6.87
C LYS A 49 -11.72 -1.93 -7.00
N PHE A 50 -11.13 -1.56 -8.15
CA PHE A 50 -10.60 -0.21 -8.38
C PHE A 50 -11.70 0.86 -8.29
N ILE A 51 -11.64 1.68 -7.23
CA ILE A 51 -12.63 2.75 -7.01
C ILE A 51 -12.46 3.84 -8.07
N SER A 52 -11.33 4.54 -7.99
CA SER A 52 -10.97 5.64 -8.90
C SER A 52 -9.53 6.09 -8.56
N VAL A 53 -8.95 6.92 -9.43
CA VAL A 53 -7.67 7.61 -9.13
C VAL A 53 -8.00 9.07 -8.81
N ASN A 54 -7.27 9.63 -7.84
CA ASN A 54 -7.43 11.02 -7.42
C ASN A 54 -6.68 11.93 -8.41
N PRO A 55 -7.32 13.06 -8.89
CA PRO A 55 -6.64 14.04 -9.77
C PRO A 55 -5.36 14.60 -9.12
N THR A 56 -5.37 14.66 -7.78
CA THR A 56 -4.27 15.16 -6.97
C THR A 56 -3.29 14.01 -6.62
N LEU A 57 -2.03 14.38 -6.38
CA LEU A 57 -0.94 13.43 -6.05
C LEU A 57 -0.39 13.72 -4.63
N LEU A 58 0.46 12.81 -4.12
CA LEU A 58 0.99 12.86 -2.74
C LEU A 58 2.51 13.06 -2.73
N LEU A 59 2.97 14.11 -1.99
CA LEU A 59 4.40 14.34 -1.74
C LEU A 59 4.93 13.33 -0.72
N ILE A 60 5.92 12.54 -1.15
CA ILE A 60 6.53 11.46 -0.36
C ILE A 60 7.94 11.85 0.14
N ASN A 61 8.61 12.77 -0.58
CA ASN A 61 9.97 13.24 -0.25
C ASN A 61 10.12 14.75 -0.57
N GLU A 62 10.36 15.57 0.48
CA GLU A 62 10.46 17.02 0.36
C GLU A 62 11.75 17.45 -0.39
N LYS A 63 12.85 16.70 -0.19
CA LYS A 63 14.19 17.05 -0.74
C LYS A 63 14.17 17.08 -2.29
N THR A 64 13.80 15.95 -2.90
CA THR A 64 13.77 15.81 -4.38
C THR A 64 12.37 16.07 -4.98
N GLN A 65 11.39 16.45 -4.11
CA GLN A 65 10.06 16.93 -4.54
C GLN A 65 9.32 15.94 -5.48
N ALA A 66 9.37 14.64 -5.14
CA ALA A 66 8.70 13.59 -5.93
C ALA A 66 7.29 13.34 -5.37
N LYS A 67 6.29 13.31 -6.27
CA LYS A 67 4.89 13.00 -5.93
C LYS A 67 4.38 11.88 -6.84
N ARG A 68 3.33 11.17 -6.40
CA ARG A 68 2.68 10.14 -7.23
C ARG A 68 1.21 9.92 -6.87
N ARG A 69 0.52 9.28 -7.82
CA ARG A 69 -0.96 9.20 -7.88
C ARG A 69 -1.57 8.35 -6.76
N ILE A 70 -2.86 8.60 -6.52
CA ILE A 70 -3.63 8.01 -5.43
C ILE A 70 -4.65 7.03 -6.03
N PHE A 71 -4.32 5.73 -6.03
CA PHE A 71 -5.23 4.67 -6.49
C PHE A 71 -6.17 4.32 -5.32
N GLN A 72 -7.32 5.00 -5.25
CA GLN A 72 -8.27 4.91 -4.11
C GLN A 72 -8.80 3.47 -3.96
N GLY A 73 -8.78 2.99 -2.71
CA GLY A 73 -9.21 1.63 -2.40
C GLY A 73 -9.98 1.57 -1.09
N GLU A 74 -11.27 1.27 -1.17
CA GLU A 74 -12.08 0.95 0.03
C GLU A 74 -12.51 -0.53 -0.06
N TYR A 75 -12.58 -1.19 1.10
CA TYR A 75 -13.05 -2.58 1.22
C TYR A 75 -13.46 -2.85 2.68
N LEU A 76 -14.50 -3.67 2.87
CA LEU A 76 -15.00 -4.04 4.20
C LEU A 76 -14.31 -5.33 4.67
N TYR A 77 -13.63 -5.24 5.82
CA TYR A 77 -13.00 -6.38 6.50
C TYR A 77 -13.81 -6.73 7.75
N GLY A 78 -14.56 -7.85 7.69
CA GLY A 78 -15.34 -8.34 8.81
C GLY A 78 -16.63 -7.55 9.04
N LYS A 79 -16.50 -6.41 9.74
CA LYS A 79 -17.63 -5.51 10.06
C LYS A 79 -17.30 -4.06 9.66
N LYS A 80 -16.00 -3.73 9.62
CA LYS A 80 -15.51 -2.35 9.39
C LYS A 80 -15.08 -2.16 7.93
N LYS A 81 -15.10 -0.90 7.44
CA LYS A 81 -14.57 -0.56 6.12
C LYS A 81 -13.28 0.25 6.28
N ILE A 82 -12.21 -0.21 5.62
CA ILE A 82 -10.91 0.46 5.61
C ILE A 82 -10.72 1.14 4.24
N GLN A 83 -10.45 2.45 4.28
CA GLN A 83 -10.29 3.29 3.09
C GLN A 83 -8.79 3.63 2.92
N PHE A 84 -8.11 2.74 2.20
CA PHE A 84 -6.67 2.76 1.97
C PHE A 84 -6.35 3.37 0.58
N ASN A 85 -5.49 4.39 0.56
CA ASN A 85 -5.05 5.06 -0.68
C ASN A 85 -3.74 4.42 -1.17
N ILE A 86 -3.85 3.65 -2.27
CA ILE A 86 -2.73 2.86 -2.82
C ILE A 86 -1.73 3.77 -3.56
N ILE A 87 -0.43 3.52 -3.33
CA ILE A 87 0.71 4.29 -3.90
C ILE A 87 1.67 3.30 -4.59
N ALA A 88 2.58 3.80 -5.44
CA ALA A 88 3.63 2.99 -6.10
C ALA A 88 4.98 3.15 -5.38
N LYS A 89 5.97 2.26 -5.63
CA LYS A 89 7.36 2.42 -5.10
C LYS A 89 8.16 3.36 -5.99
N ASN A 90 7.98 3.23 -7.31
CA ASN A 90 8.74 4.03 -8.30
C ASN A 90 7.82 4.44 -9.45
N LEU A 91 8.40 5.18 -10.41
CA LEU A 91 7.73 5.56 -11.67
C LEU A 91 7.35 4.31 -12.49
N GLU A 92 8.19 3.27 -12.41
CA GLU A 92 7.98 1.97 -13.11
C GLU A 92 6.77 1.23 -12.53
N ILE A 93 6.57 1.36 -11.21
CA ILE A 93 5.44 0.72 -10.50
C ILE A 93 4.17 1.54 -10.76
N GLU A 94 4.33 2.86 -10.85
CA GLU A 94 3.22 3.80 -11.07
C GLU A 94 2.65 3.64 -12.48
N ARG A 95 3.56 3.47 -13.47
CA ARG A 95 3.17 3.34 -14.88
C ARG A 95 2.51 1.98 -15.14
N GLU A 96 3.00 0.89 -14.48
CA GLU A 96 2.38 -0.44 -14.65
C GLU A 96 0.97 -0.43 -14.05
N LEU A 97 0.79 0.28 -12.90
CA LEU A 97 -0.52 0.39 -12.20
C LEU A 97 -1.55 1.18 -13.02
N ILE A 98 -1.17 2.37 -13.57
CA ILE A 98 -2.12 3.22 -14.34
C ILE A 98 -2.53 2.53 -15.66
N GLN A 99 -1.60 1.73 -16.23
CA GLN A 99 -1.85 0.94 -17.46
C GLN A 99 -2.60 -0.36 -17.15
N PHE A 100 -2.50 -0.84 -15.90
CA PHE A 100 -3.15 -2.08 -15.45
C PHE A 100 -4.64 -1.82 -15.14
N PHE A 101 -4.89 -0.68 -14.47
CA PHE A 101 -6.23 -0.27 -14.01
C PHE A 101 -6.96 0.50 -15.13
N LYS A 102 -7.31 -0.23 -16.21
CA LYS A 102 -8.08 0.30 -17.33
C LYS A 102 -9.57 0.34 -17.01
N LYS A 103 -10.08 -0.79 -16.52
CA LYS A 103 -11.50 -0.94 -16.16
C LYS A 103 -11.79 -0.32 -14.79
N PRO A 104 -12.83 0.59 -14.68
CA PRO A 104 -13.34 1.05 -13.38
C PRO A 104 -14.09 -0.08 -12.65
N TYR A 105 -13.88 -0.16 -11.34
CA TYR A 105 -14.46 -1.19 -10.43
C TYR A 105 -13.98 -2.60 -10.81
N GLN A 106 -12.74 -2.67 -11.36
CA GLN A 106 -12.09 -3.93 -11.75
C GLN A 106 -11.61 -4.68 -10.49
N CYS A 107 -12.01 -5.94 -10.35
CA CYS A 107 -11.72 -6.74 -9.15
C CYS A 107 -10.37 -7.47 -9.28
N TYR A 108 -9.53 -7.33 -8.25
CA TYR A 108 -8.17 -7.91 -8.20
C TYR A 108 -7.72 -8.11 -6.75
N ILE A 109 -6.66 -8.93 -6.59
CA ILE A 109 -6.04 -9.21 -5.29
C ILE A 109 -4.67 -8.53 -5.24
N MET A 110 -4.50 -7.52 -4.37
CA MET A 110 -3.22 -6.83 -4.20
C MET A 110 -2.38 -7.57 -3.13
N HIS A 111 -1.18 -7.99 -3.54
CA HIS A 111 -0.28 -8.84 -2.74
C HIS A 111 0.95 -8.03 -2.28
N ASN A 112 1.39 -8.30 -1.03
CA ASN A 112 2.69 -7.79 -0.46
C ASN A 112 2.61 -6.26 -0.18
N VAL A 113 1.38 -5.78 0.02
CA VAL A 113 1.08 -4.34 0.19
C VAL A 113 1.63 -3.81 1.53
N GLN A 114 2.62 -2.92 1.47
CA GLN A 114 3.30 -2.37 2.66
C GLN A 114 2.62 -1.05 3.09
N VAL A 115 2.37 -0.87 4.39
CA VAL A 115 1.65 0.31 4.91
C VAL A 115 2.64 1.40 5.41
N PHE A 116 2.48 2.64 4.90
CA PHE A 116 3.26 3.83 5.31
C PHE A 116 2.32 4.92 5.88
N GLN A 117 2.50 5.24 7.17
CA GLN A 117 1.72 6.28 7.88
C GLN A 117 2.47 7.63 7.83
N MET A 118 1.78 8.71 7.39
CA MET A 118 2.39 10.05 7.23
C MET A 118 2.62 10.74 8.58
N LEU A 119 3.69 11.53 8.62
CA LEU A 119 4.12 12.29 9.81
C LEU A 119 4.94 13.51 9.33
N ASN A 120 5.59 14.20 10.27
CA ASN A 120 6.60 15.23 9.95
C ASN A 120 7.61 15.38 11.11
N LYS A 121 8.71 16.08 10.84
CA LYS A 121 9.77 16.35 11.84
C LYS A 121 9.25 17.24 12.99
N ASN A 122 9.88 17.13 14.16
CA ASN A 122 9.51 17.90 15.35
C ASN A 122 10.76 18.61 15.90
N LYS A 123 11.22 19.63 15.13
CA LYS A 123 12.38 20.47 15.50
C LYS A 123 12.39 21.76 14.67
N ASN A 124 13.15 22.74 15.20
CA ASN A 124 13.44 24.04 14.55
C ASN A 124 14.77 24.60 15.08
N ASN A 125 15.55 23.72 15.75
CA ASN A 125 16.81 24.06 16.42
C ASN A 125 17.99 23.92 15.44
N ASN A 126 18.91 24.90 15.50
CA ASN A 126 20.11 24.96 14.65
C ASN A 126 21.29 25.42 15.49
N VAL A 127 22.48 24.84 15.23
CA VAL A 127 23.75 25.26 15.87
C VAL A 127 24.19 26.67 15.36
N VAL A 128 23.65 27.07 14.19
CA VAL A 128 23.97 28.35 13.50
C VAL A 128 25.48 28.39 13.14
N GLU A 129 26.01 27.20 12.76
CA GLU A 129 27.37 27.07 12.21
C GLU A 129 27.33 27.57 10.76
N PHE A 130 28.17 28.59 10.46
CA PHE A 130 28.10 29.34 9.20
C PHE A 130 26.78 30.13 9.15
N MET A 131 25.71 29.52 8.57
CA MET A 131 24.38 30.15 8.41
C MET A 131 23.31 29.02 8.45
N ASP A 132 23.15 28.33 7.30
CA ASP A 132 22.21 27.20 7.09
C ASP A 132 20.74 27.60 7.43
N SER A 133 20.34 27.45 8.71
CA SER A 133 19.01 27.86 9.25
C SER A 133 17.83 27.05 8.64
N GLU A 134 17.16 26.24 9.48
CA GLU A 134 15.96 25.48 9.09
C GLU A 134 15.01 25.43 10.30
N ASP A 135 13.95 26.23 10.26
CA ASP A 135 12.97 26.36 11.36
C ASP A 135 11.54 26.46 10.82
N LEU A 136 11.36 26.13 9.54
CA LEU A 136 10.08 26.25 8.83
C LEU A 136 9.20 25.04 9.19
N GLN A 137 8.32 25.24 10.19
CA GLN A 137 7.51 24.17 10.79
C GLN A 137 6.49 23.60 9.79
N SER A 138 6.74 22.36 9.36
CA SER A 138 5.95 21.68 8.32
C SER A 138 5.05 20.60 8.95
N SER A 139 4.81 20.68 10.27
CA SER A 139 3.99 19.70 11.02
C SER A 139 2.57 19.59 10.43
N VAL A 140 2.39 18.59 9.56
CA VAL A 140 1.10 18.27 8.93
C VAL A 140 0.38 17.16 9.70
N ASP A 141 -0.89 16.96 9.36
CA ASP A 141 -1.74 15.92 9.95
C ASP A 141 -1.32 14.52 9.46
N SER A 142 -1.60 13.49 10.28
CA SER A 142 -1.25 12.09 9.98
C SER A 142 -2.37 11.40 9.17
N GLN A 143 -1.95 10.51 8.25
CA GLN A 143 -2.85 9.68 7.42
C GLN A 143 -2.03 8.56 6.76
N LEU A 144 -2.53 7.32 6.78
CA LEU A 144 -1.76 6.15 6.28
C LEU A 144 -2.16 5.82 4.83
N TYR A 145 -1.15 5.69 3.97
CA TYR A 145 -1.28 5.32 2.55
C TYR A 145 -0.55 3.99 2.33
N TYR A 146 -1.12 3.12 1.48
CA TYR A 146 -0.61 1.75 1.26
C TYR A 146 0.36 1.72 0.07
N LEU A 147 1.65 1.65 0.40
CA LEU A 147 2.76 1.55 -0.57
C LEU A 147 2.80 0.16 -1.25
N ILE A 148 2.94 0.18 -2.58
CA ILE A 148 3.15 -1.01 -3.42
C ILE A 148 4.58 -1.01 -3.93
N ASP A 149 5.38 -1.93 -3.40
CA ASP A 149 6.78 -2.09 -3.80
C ASP A 149 6.90 -2.98 -5.05
N GLU A 150 8.12 -3.04 -5.59
CA GLU A 150 8.45 -3.84 -6.80
C GLU A 150 8.40 -5.36 -6.56
N SER A 151 8.25 -5.79 -5.29
CA SER A 151 8.03 -7.21 -4.95
C SER A 151 6.50 -7.52 -4.93
N SER A 152 5.69 -6.47 -4.71
CA SER A 152 4.22 -6.55 -4.71
C SER A 152 3.67 -6.89 -6.12
N HIS A 153 2.53 -7.61 -6.14
CA HIS A 153 1.87 -8.07 -7.39
C HIS A 153 0.36 -7.84 -7.30
N VAL A 154 -0.24 -7.35 -8.39
CA VAL A 154 -1.69 -7.14 -8.50
C VAL A 154 -2.28 -8.25 -9.38
N LEU A 155 -2.84 -9.28 -8.74
CA LEU A 155 -3.38 -10.46 -9.42
C LEU A 155 -4.86 -10.20 -9.78
N GLU A 156 -5.09 -9.71 -11.00
CA GLU A 156 -6.44 -9.39 -11.50
C GLU A 156 -7.23 -10.68 -11.75
N ASP A 157 -8.44 -10.76 -11.18
CA ASP A 157 -9.29 -11.93 -11.34
C ASP A 157 -10.15 -11.74 -12.61
N ASP A 158 -9.72 -12.41 -13.69
CA ASP A 158 -10.38 -12.37 -15.01
C ASP A 158 -11.84 -12.87 -14.92
N SER A 159 -12.02 -13.91 -14.10
CA SER A 159 -13.35 -14.48 -13.77
C SER A 159 -13.76 -13.93 -12.38
N MET A 160 -14.61 -14.66 -11.63
CA MET A 160 -14.95 -14.30 -10.23
C MET A 160 -14.55 -15.48 -9.31
N ASP A 161 -13.65 -16.35 -9.79
CA ASP A 161 -13.33 -17.63 -9.12
C ASP A 161 -12.30 -17.43 -7.99
N PHE A 162 -11.34 -16.49 -8.17
CA PHE A 162 -10.32 -16.18 -7.14
C PHE A 162 -11.00 -15.46 -5.96
N ILE A 163 -11.96 -14.57 -6.30
CA ILE A 163 -12.83 -13.89 -5.32
C ILE A 163 -13.65 -14.92 -4.55
N SER A 164 -14.25 -15.86 -5.31
CA SER A 164 -15.13 -16.92 -4.76
C SER A 164 -14.35 -17.75 -3.73
N THR A 165 -13.11 -18.09 -4.09
CA THR A 165 -12.17 -18.85 -3.25
C THR A 165 -11.93 -18.13 -1.91
N LEU A 166 -11.52 -16.86 -1.99
CA LEU A 166 -11.07 -16.08 -0.81
C LEU A 166 -12.23 -15.69 0.13
N THR A 167 -13.43 -15.45 -0.44
CA THR A 167 -14.60 -15.01 0.34
C THR A 167 -15.21 -16.19 1.14
N ARG A 168 -15.14 -17.42 0.57
CA ARG A 168 -15.59 -18.65 1.27
C ARG A 168 -14.49 -19.16 2.23
N LEU A 169 -13.23 -18.77 1.94
CA LEU A 169 -12.05 -19.18 2.72
C LEU A 169 -11.99 -18.40 4.04
N SER A 170 -12.21 -17.08 3.96
CA SER A 170 -12.19 -16.17 5.11
C SER A 170 -13.56 -16.21 5.83
N ASP A 171 -14.61 -15.85 5.08
CA ASP A 171 -16.03 -15.82 5.55
C ASP A 171 -16.26 -14.76 6.66
N SER A 172 -17.54 -14.47 6.98
CA SER A 172 -17.91 -13.50 8.03
C SER A 172 -19.17 -13.97 8.77
N GLN B 1 17.59 12.26 -1.10
CA GLN B 1 17.38 12.08 -2.53
C GLN B 1 16.41 10.92 -2.80
N ASP B 2 16.45 9.90 -1.92
CA ASP B 2 15.55 8.74 -1.99
C ASP B 2 14.13 9.12 -1.60
N ASP B 3 13.15 8.48 -2.24
CA ASP B 3 11.71 8.72 -2.01
C ASP B 3 11.30 8.42 -0.55
N PHE B 4 11.90 7.38 0.04
CA PHE B 4 11.66 6.99 1.45
C PHE B 4 12.96 7.18 2.28
N GLY B 5 13.81 8.12 1.84
CA GLY B 5 15.05 8.47 2.54
C GLY B 5 14.85 9.54 3.61
N ASP B 6 15.95 10.13 4.11
CA ASP B 6 15.89 11.19 5.15
C ASP B 6 15.35 12.49 4.53
N GLY B 7 14.14 12.89 4.97
CA GLY B 7 13.36 13.97 4.33
C GLY B 7 12.08 13.43 3.67
N CYS B 8 11.73 12.18 4.02
CA CYS B 8 10.45 11.56 3.63
C CYS B 8 9.33 12.03 4.57
N LEU B 9 8.10 12.17 4.04
CA LEU B 9 6.94 12.69 4.80
C LEU B 9 6.04 11.53 5.33
N LEU B 10 6.49 10.27 5.13
CA LEU B 10 5.78 9.07 5.64
C LEU B 10 6.77 7.98 6.05
N GLN B 11 6.36 7.17 7.03
CA GLN B 11 7.17 6.12 7.67
C GLN B 11 6.35 4.83 7.74
N ILE B 12 7.01 3.69 7.48
CA ILE B 12 6.37 2.36 7.48
C ILE B 12 5.93 1.99 8.94
N VAL B 13 4.75 1.39 9.08
CA VAL B 13 4.20 0.99 10.40
C VAL B 13 4.99 -0.21 11.00
N ASN B 14 5.94 0.10 11.91
CA ASN B 14 6.73 -0.90 12.67
C ASN B 14 7.32 -0.24 13.94
N MET A 1 13.35 -13.44 -17.57
CA MET A 1 13.29 -14.68 -18.38
C MET A 1 11.83 -14.98 -18.76
N GLU A 2 11.03 -15.42 -17.75
CA GLU A 2 9.58 -15.66 -17.89
C GLU A 2 9.01 -16.03 -16.50
N ILE A 3 7.87 -15.41 -16.15
CA ILE A 3 7.11 -15.76 -14.94
C ILE A 3 6.29 -17.04 -15.25
N GLU A 4 6.96 -18.19 -15.12
CA GLU A 4 6.35 -19.52 -15.32
C GLU A 4 5.36 -19.86 -14.19
N GLU A 5 4.56 -20.93 -14.39
CA GLU A 5 3.39 -21.25 -13.54
C GLU A 5 3.76 -21.39 -12.06
N ASP A 6 4.92 -22.00 -11.76
CA ASP A 6 5.37 -22.27 -10.38
C ASP A 6 5.61 -20.97 -9.60
N LEU A 7 6.00 -19.90 -10.31
CA LEU A 7 6.09 -18.55 -9.73
C LEU A 7 4.68 -18.02 -9.43
N ASN A 8 3.76 -18.21 -10.39
CA ASN A 8 2.34 -17.78 -10.26
C ASN A 8 1.61 -18.60 -9.17
N LEU A 9 2.10 -19.81 -8.90
CA LEU A 9 1.55 -20.73 -7.89
C LEU A 9 2.18 -20.46 -6.51
N LYS A 10 3.40 -19.89 -6.51
CA LYS A 10 4.11 -19.50 -5.27
C LYS A 10 3.53 -18.17 -4.75
N ILE A 11 3.27 -17.22 -5.67
CA ILE A 11 2.63 -15.95 -5.31
C ILE A 11 1.16 -16.20 -4.99
N LEU A 12 0.57 -17.26 -5.58
CA LEU A 12 -0.78 -17.74 -5.23
C LEU A 12 -0.85 -18.18 -3.76
N GLU A 13 0.10 -19.06 -3.32
CA GLU A 13 0.10 -19.57 -1.93
C GLU A 13 0.42 -18.44 -0.95
N ASP A 14 1.22 -17.45 -1.40
CA ASP A 14 1.49 -16.20 -0.63
C ASP A 14 0.24 -15.31 -0.57
N VAL A 15 -0.49 -15.20 -1.69
CA VAL A 15 -1.70 -14.34 -1.77
C VAL A 15 -2.75 -14.84 -0.79
N LYS A 16 -3.11 -16.13 -0.90
CA LYS A 16 -4.18 -16.73 -0.09
C LYS A 16 -3.79 -16.80 1.41
N LYS A 17 -2.53 -17.17 1.69
CA LYS A 17 -1.98 -17.24 3.08
C LYS A 17 -2.04 -15.86 3.76
N LEU A 18 -1.37 -14.87 3.12
CA LEU A 18 -1.34 -13.49 3.63
C LEU A 18 -2.73 -12.88 3.63
N TYR A 19 -3.61 -13.34 2.72
CA TYR A 19 -5.00 -12.86 2.65
C TYR A 19 -5.73 -13.24 3.92
N LEU A 20 -5.73 -14.56 4.26
CA LEU A 20 -6.44 -15.10 5.43
C LEU A 20 -5.95 -14.43 6.72
N GLN A 21 -4.62 -14.48 6.89
CA GLN A 21 -3.92 -13.92 8.05
C GLN A 21 -4.23 -12.42 8.23
N SER A 22 -4.00 -11.63 7.15
CA SER A 22 -4.17 -10.16 7.21
C SER A 22 -5.64 -9.79 7.29
N PHE A 23 -6.54 -10.57 6.65
CA PHE A 23 -7.99 -10.27 6.57
C PHE A 23 -8.56 -10.21 7.99
N ASP A 24 -8.17 -11.20 8.82
CA ASP A 24 -8.61 -11.31 10.23
C ASP A 24 -7.94 -10.25 11.11
N TYR A 25 -6.69 -9.93 10.76
CA TYR A 25 -5.90 -8.84 11.37
C TYR A 25 -6.56 -7.46 11.11
N ILE A 26 -7.12 -7.27 9.89
CA ILE A 26 -7.74 -6.00 9.46
C ILE A 26 -9.17 -5.88 10.05
N LYS A 27 -9.88 -7.04 10.15
CA LYS A 27 -11.17 -7.17 10.85
C LYS A 27 -11.02 -6.75 12.32
N ASN A 28 -9.88 -7.15 12.90
CA ASN A 28 -9.52 -6.90 14.31
C ASN A 28 -9.08 -5.42 14.47
N GLY A 29 -8.37 -4.90 13.45
CA GLY A 29 -7.83 -3.55 13.45
C GLY A 29 -6.33 -3.55 13.15
N ILE A 30 -5.87 -2.57 12.35
CA ILE A 30 -4.45 -2.42 11.99
C ILE A 30 -3.63 -1.99 13.24
N SER A 31 -2.83 -2.92 13.77
CA SER A 31 -2.17 -2.80 15.10
C SER A 31 -1.01 -3.80 15.20
N SER A 32 -0.60 -4.14 16.44
CA SER A 32 0.41 -5.17 16.70
C SER A 32 -0.11 -6.14 17.78
N GLY A 33 0.26 -7.42 17.66
CA GLY A 33 -0.11 -8.44 18.64
C GLY A 33 -0.19 -9.83 18.02
N GLY A 34 0.91 -10.24 17.38
CA GLY A 34 1.00 -11.53 16.70
C GLY A 34 1.25 -12.68 17.67
N SER A 35 0.17 -13.31 18.15
CA SER A 35 0.25 -14.45 19.09
C SER A 35 -0.10 -15.77 18.35
N GLY A 36 -1.10 -15.72 17.46
CA GLY A 36 -1.52 -16.90 16.71
C GLY A 36 -2.62 -16.57 15.70
N GLY A 37 -3.88 -16.47 16.21
CA GLY A 37 -5.04 -16.12 15.38
C GLY A 37 -4.95 -14.69 14.88
N SER A 38 -4.79 -13.76 15.82
CA SER A 38 -4.45 -12.37 15.53
C SER A 38 -2.94 -12.27 15.30
N ILE A 39 -2.57 -12.04 14.03
CA ILE A 39 -1.17 -11.79 13.62
C ILE A 39 -0.95 -10.28 13.43
N ASP A 40 0.30 -9.87 13.21
CA ASP A 40 0.63 -8.52 12.71
C ASP A 40 1.87 -8.60 11.80
N LEU A 41 1.85 -7.85 10.71
CA LEU A 41 2.93 -7.82 9.70
C LEU A 41 2.97 -6.46 9.00
N SER A 42 4.14 -6.13 8.44
CA SER A 42 4.39 -4.85 7.75
C SER A 42 3.68 -4.80 6.38
N ARG A 43 3.53 -6.00 5.77
CA ARG A 43 2.98 -6.17 4.42
C ARG A 43 1.76 -7.10 4.49
N ILE A 44 0.69 -6.72 3.79
CA ILE A 44 -0.61 -7.42 3.82
C ILE A 44 -1.05 -7.81 2.40
N THR A 45 -2.14 -8.58 2.30
CA THR A 45 -2.77 -8.95 1.02
C THR A 45 -4.29 -8.97 1.19
N PHE A 46 -5.00 -8.23 0.35
CA PHE A 46 -6.47 -8.09 0.42
C PHE A 46 -7.06 -8.10 -1.00
N LEU A 47 -8.38 -8.28 -1.06
CA LEU A 47 -9.14 -8.29 -2.31
C LEU A 47 -10.17 -7.15 -2.26
N TYR A 48 -10.22 -6.36 -3.34
CA TYR A 48 -11.25 -5.33 -3.54
C TYR A 48 -11.32 -4.98 -5.03
N LYS A 49 -12.39 -4.28 -5.44
CA LYS A 49 -12.53 -3.74 -6.79
C LYS A 49 -12.08 -2.27 -6.84
N PHE A 50 -11.37 -1.90 -7.92
CA PHE A 50 -10.81 -0.55 -8.13
C PHE A 50 -11.93 0.51 -8.12
N ILE A 51 -11.71 1.62 -7.41
CA ILE A 51 -12.69 2.72 -7.36
C ILE A 51 -12.38 3.74 -8.47
N SER A 52 -11.22 4.44 -8.33
CA SER A 52 -10.77 5.48 -9.29
C SER A 52 -9.34 5.97 -8.94
N VAL A 53 -8.77 6.82 -9.82
CA VAL A 53 -7.56 7.64 -9.52
C VAL A 53 -8.03 9.05 -9.16
N ASN A 54 -7.38 9.64 -8.14
CA ASN A 54 -7.72 10.99 -7.66
C ASN A 54 -7.00 12.03 -8.55
N PRO A 55 -7.67 13.17 -8.90
CA PRO A 55 -7.05 14.24 -9.74
C PRO A 55 -5.70 14.74 -9.20
N THR A 56 -5.58 14.75 -7.86
CA THR A 56 -4.39 15.25 -7.15
C THR A 56 -3.47 14.09 -6.75
N LEU A 57 -2.17 14.38 -6.62
CA LEU A 57 -1.12 13.38 -6.31
C LEU A 57 -0.43 13.72 -4.97
N LEU A 58 0.08 12.67 -4.33
CA LEU A 58 0.70 12.74 -2.99
C LEU A 58 2.21 13.00 -3.08
N LEU A 59 2.69 14.06 -2.42
CA LEU A 59 4.12 14.32 -2.24
C LEU A 59 4.66 13.40 -1.13
N ILE A 60 5.53 12.45 -1.52
CA ILE A 60 6.07 11.43 -0.61
C ILE A 60 7.48 11.79 -0.09
N ASN A 61 8.16 12.76 -0.76
CA ASN A 61 9.54 13.16 -0.41
C ASN A 61 9.79 14.64 -0.75
N GLU A 62 10.09 15.44 0.28
CA GLU A 62 10.22 16.89 0.17
C GLU A 62 11.58 17.32 -0.42
N LYS A 63 12.65 16.57 -0.08
CA LYS A 63 14.04 16.88 -0.51
C LYS A 63 14.20 16.89 -2.06
N THR A 64 13.54 15.94 -2.75
CA THR A 64 13.70 15.76 -4.21
C THR A 64 12.36 15.92 -4.97
N GLN A 65 11.28 16.28 -4.23
CA GLN A 65 9.94 16.62 -4.79
C GLN A 65 9.44 15.59 -5.83
N ALA A 66 9.26 14.34 -5.39
CA ALA A 66 8.66 13.28 -6.21
C ALA A 66 7.29 12.94 -5.62
N LYS A 67 6.28 12.93 -6.51
CA LYS A 67 4.88 12.67 -6.16
C LYS A 67 4.45 11.34 -6.80
N ARG A 68 3.44 10.69 -6.20
CA ARG A 68 2.82 9.46 -6.73
C ARG A 68 1.30 9.64 -6.72
N ARG A 69 0.60 8.89 -7.58
CA ARG A 69 -0.85 8.99 -7.73
C ARG A 69 -1.58 8.28 -6.57
N ILE A 70 -2.79 8.78 -6.30
CA ILE A 70 -3.69 8.23 -5.28
C ILE A 70 -4.69 7.30 -5.99
N PHE A 71 -4.64 6.01 -5.69
CA PHE A 71 -5.63 5.03 -6.16
C PHE A 71 -6.61 4.77 -5.01
N GLN A 72 -7.86 5.19 -5.17
CA GLN A 72 -8.92 5.03 -4.15
C GLN A 72 -9.21 3.53 -3.96
N GLY A 73 -9.03 3.07 -2.72
CA GLY A 73 -9.29 1.70 -2.33
C GLY A 73 -10.01 1.66 -1.01
N GLU A 74 -11.33 1.46 -1.04
CA GLU A 74 -12.13 1.27 0.17
C GLU A 74 -12.87 -0.05 0.07
N TYR A 75 -12.88 -0.82 1.18
CA TYR A 75 -13.54 -2.12 1.23
C TYR A 75 -13.83 -2.46 2.71
N LEU A 76 -14.91 -3.23 2.94
CA LEU A 76 -15.33 -3.60 4.30
C LEU A 76 -14.74 -4.97 4.68
N TYR A 77 -13.88 -4.96 5.70
CA TYR A 77 -13.28 -6.15 6.27
C TYR A 77 -13.91 -6.37 7.66
N GLY A 78 -14.79 -7.40 7.74
CA GLY A 78 -15.46 -7.75 9.00
C GLY A 78 -16.18 -6.58 9.63
N LYS A 79 -17.19 -6.07 8.88
CA LYS A 79 -18.09 -4.96 9.29
C LYS A 79 -17.46 -3.55 9.07
N LYS A 80 -16.13 -3.40 9.32
CA LYS A 80 -15.48 -2.07 9.28
C LYS A 80 -14.90 -1.78 7.88
N LYS A 81 -15.18 -0.57 7.36
CA LYS A 81 -14.63 -0.14 6.06
C LYS A 81 -13.25 0.51 6.30
N ILE A 82 -12.23 -0.05 5.64
CA ILE A 82 -10.88 0.52 5.64
C ILE A 82 -10.71 1.32 4.34
N GLN A 83 -10.50 2.64 4.50
CA GLN A 83 -10.38 3.60 3.39
C GLN A 83 -8.90 3.93 3.17
N PHE A 84 -8.26 3.11 2.34
CA PHE A 84 -6.82 3.17 2.05
C PHE A 84 -6.55 3.76 0.66
N ASN A 85 -5.52 4.62 0.58
CA ASN A 85 -5.07 5.24 -0.69
C ASN A 85 -3.78 4.53 -1.15
N ILE A 86 -3.88 3.81 -2.27
CA ILE A 86 -2.77 3.01 -2.83
C ILE A 86 -1.76 3.95 -3.53
N ILE A 87 -0.45 3.65 -3.35
CA ILE A 87 0.69 4.48 -3.82
C ILE A 87 1.70 3.59 -4.58
N ALA A 88 2.60 4.21 -5.38
CA ALA A 88 3.70 3.50 -6.07
C ALA A 88 5.06 3.85 -5.41
N LYS A 89 6.03 2.91 -5.47
CA LYS A 89 7.40 3.14 -4.96
C LYS A 89 8.15 4.11 -5.90
N ASN A 90 8.11 3.78 -7.20
CA ASN A 90 8.89 4.47 -8.24
C ASN A 90 7.98 4.87 -9.41
N LEU A 91 8.57 5.46 -10.46
CA LEU A 91 7.87 5.78 -11.72
C LEU A 91 7.61 4.50 -12.55
N GLU A 92 8.50 3.49 -12.41
CA GLU A 92 8.30 2.16 -13.03
C GLU A 92 7.08 1.45 -12.38
N ILE A 93 6.94 1.62 -11.05
CA ILE A 93 5.83 1.03 -10.29
C ILE A 93 4.53 1.81 -10.57
N GLU A 94 4.70 3.11 -10.82
CA GLU A 94 3.58 4.01 -11.17
C GLU A 94 2.93 3.56 -12.49
N ARG A 95 3.78 3.42 -13.53
CA ARG A 95 3.34 3.14 -14.90
C ARG A 95 2.65 1.76 -15.00
N GLU A 96 3.16 0.75 -14.25
CA GLU A 96 2.56 -0.61 -14.27
C GLU A 96 1.17 -0.60 -13.61
N LEU A 97 1.02 0.14 -12.49
CA LEU A 97 -0.25 0.25 -11.75
C LEU A 97 -1.34 0.96 -12.59
N ILE A 98 -1.02 2.17 -13.09
CA ILE A 98 -1.98 3.03 -13.84
C ILE A 98 -2.44 2.38 -15.16
N GLN A 99 -1.53 1.63 -15.81
CA GLN A 99 -1.83 0.92 -17.07
C GLN A 99 -2.53 -0.42 -16.81
N PHE A 100 -2.50 -0.90 -15.55
CA PHE A 100 -3.23 -2.10 -15.12
C PHE A 100 -4.64 -1.73 -14.61
N PHE A 101 -4.77 -0.50 -14.06
CA PHE A 101 -6.04 0.03 -13.48
C PHE A 101 -6.85 0.83 -14.53
N LYS A 102 -6.75 0.39 -15.80
CA LYS A 102 -7.50 0.96 -16.94
C LYS A 102 -9.01 0.72 -16.79
N LYS A 103 -9.37 -0.46 -16.29
CA LYS A 103 -10.77 -0.81 -16.02
C LYS A 103 -11.15 -0.38 -14.59
N PRO A 104 -12.21 0.49 -14.42
CA PRO A 104 -12.79 0.77 -13.09
C PRO A 104 -13.64 -0.42 -12.60
N TYR A 105 -13.78 -0.53 -11.26
CA TYR A 105 -14.49 -1.63 -10.58
C TYR A 105 -13.85 -3.00 -10.88
N GLN A 106 -12.54 -2.97 -11.16
CA GLN A 106 -11.73 -4.13 -11.48
C GLN A 106 -11.43 -4.93 -10.20
N CYS A 107 -12.02 -6.13 -10.07
CA CYS A 107 -11.89 -6.97 -8.86
C CYS A 107 -10.57 -7.76 -8.92
N TYR A 108 -9.65 -7.42 -7.99
CA TYR A 108 -8.30 -8.00 -7.94
C TYR A 108 -7.84 -8.20 -6.48
N ILE A 109 -6.72 -8.93 -6.33
CA ILE A 109 -6.03 -9.14 -5.04
C ILE A 109 -4.70 -8.36 -5.08
N MET A 110 -4.57 -7.33 -4.23
CA MET A 110 -3.31 -6.60 -4.08
C MET A 110 -2.45 -7.34 -3.06
N HIS A 111 -1.26 -7.77 -3.51
CA HIS A 111 -0.33 -8.61 -2.73
C HIS A 111 0.87 -7.78 -2.26
N ASN A 112 1.35 -8.07 -1.02
CA ASN A 112 2.62 -7.51 -0.43
C ASN A 112 2.47 -5.99 -0.12
N VAL A 113 1.21 -5.54 0.05
CA VAL A 113 0.87 -4.12 0.24
C VAL A 113 1.46 -3.59 1.57
N GLN A 114 2.46 -2.72 1.46
CA GLN A 114 3.26 -2.24 2.58
C GLN A 114 2.76 -0.86 3.05
N VAL A 115 2.23 -0.76 4.28
CA VAL A 115 1.57 0.47 4.78
C VAL A 115 2.60 1.48 5.33
N PHE A 116 2.57 2.72 4.80
CA PHE A 116 3.45 3.84 5.24
C PHE A 116 2.60 4.98 5.84
N GLN A 117 2.84 5.28 7.13
CA GLN A 117 2.14 6.36 7.86
C GLN A 117 2.96 7.67 7.83
N MET A 118 2.28 8.82 7.76
CA MET A 118 2.91 10.15 7.61
C MET A 118 3.58 10.65 8.91
N LEU A 119 4.83 11.12 8.77
CA LEU A 119 5.63 11.75 9.83
C LEU A 119 6.78 12.56 9.18
N ASN A 120 7.49 13.38 9.96
CA ASN A 120 8.68 14.12 9.46
C ASN A 120 9.50 14.64 10.64
N LYS A 121 10.72 15.15 10.35
CA LYS A 121 11.65 15.67 11.36
C LYS A 121 11.29 17.11 11.77
N ASN A 122 11.84 17.53 12.91
CA ASN A 122 11.77 18.92 13.40
C ASN A 122 13.12 19.30 14.03
N LYS A 123 14.19 18.64 13.54
CA LYS A 123 15.57 18.84 14.01
C LYS A 123 16.16 20.10 13.34
N ASN A 124 15.78 21.27 13.90
CA ASN A 124 16.25 22.59 13.44
C ASN A 124 17.70 22.82 13.87
N ASN A 125 18.43 23.66 13.09
CA ASN A 125 19.90 23.88 13.20
C ASN A 125 20.65 22.62 12.65
N ASN A 126 22.00 22.64 12.72
CA ASN A 126 22.89 21.54 12.24
C ASN A 126 22.84 21.36 10.71
N VAL A 127 22.23 22.33 10.00
CA VAL A 127 22.13 22.34 8.51
C VAL A 127 23.24 23.25 7.89
N VAL A 128 24.06 23.87 8.76
CA VAL A 128 25.09 24.83 8.34
C VAL A 128 26.39 24.09 7.94
N GLU A 129 26.62 24.00 6.62
CA GLU A 129 27.85 23.41 6.04
C GLU A 129 28.21 24.23 4.76
N PHE A 130 29.36 23.90 4.12
CA PHE A 130 29.94 24.73 3.04
C PHE A 130 29.24 24.48 1.67
N MET A 131 29.80 23.58 0.83
CA MET A 131 29.36 23.40 -0.56
C MET A 131 28.31 22.27 -0.67
N ASP A 132 27.06 22.62 -0.35
CA ASP A 132 25.89 21.72 -0.48
C ASP A 132 24.59 22.53 -0.32
N SER A 133 23.46 21.97 -0.77
CA SER A 133 22.15 22.63 -0.69
C SER A 133 21.33 22.06 0.48
N GLU A 134 21.36 22.76 1.63
CA GLU A 134 20.57 22.39 2.83
C GLU A 134 19.43 23.40 3.02
N ASP A 135 18.22 22.98 2.62
CA ASP A 135 16.99 23.80 2.72
C ASP A 135 16.08 23.16 3.77
N LEU A 136 16.08 23.74 4.97
CA LEU A 136 15.34 23.21 6.14
C LEU A 136 13.83 23.50 5.95
N GLN A 137 13.05 22.43 5.79
CA GLN A 137 11.58 22.48 5.67
C GLN A 137 10.97 21.24 6.34
N SER A 138 9.63 21.26 6.47
CA SER A 138 8.85 20.15 7.02
C SER A 138 7.39 20.27 6.55
N SER A 139 7.07 19.61 5.41
CA SER A 139 5.72 19.60 4.82
C SER A 139 4.88 18.48 5.48
N VAL A 140 4.69 18.61 6.80
CA VAL A 140 4.12 17.57 7.66
C VAL A 140 2.60 17.39 7.42
N ASP A 141 2.14 16.15 7.57
CA ASP A 141 0.72 15.75 7.48
C ASP A 141 0.50 14.51 8.38
N SER A 142 -0.76 14.17 8.68
CA SER A 142 -1.11 13.00 9.50
C SER A 142 -2.17 12.15 8.76
N GLN A 143 -1.69 11.10 8.07
CA GLN A 143 -2.53 10.14 7.33
C GLN A 143 -1.66 8.93 6.93
N LEU A 144 -2.27 7.75 6.68
CA LEU A 144 -1.51 6.55 6.27
C LEU A 144 -1.95 6.11 4.86
N TYR A 145 -0.95 5.76 4.04
CA TYR A 145 -1.11 5.42 2.62
C TYR A 145 -0.45 4.07 2.35
N TYR A 146 -1.16 3.22 1.58
CA TYR A 146 -0.74 1.84 1.30
C TYR A 146 0.20 1.80 0.09
N LEU A 147 1.50 1.75 0.39
CA LEU A 147 2.58 1.74 -0.60
C LEU A 147 2.68 0.35 -1.29
N ILE A 148 2.78 0.39 -2.61
CA ILE A 148 3.05 -0.77 -3.48
C ILE A 148 4.47 -0.64 -4.02
N ASP A 149 5.31 -1.63 -3.71
CA ASP A 149 6.71 -1.64 -4.16
C ASP A 149 6.90 -2.67 -5.29
N GLU A 150 8.16 -2.80 -5.72
CA GLU A 150 8.60 -3.73 -6.79
C GLU A 150 8.25 -5.21 -6.50
N SER A 151 8.21 -5.60 -5.21
CA SER A 151 7.87 -6.96 -4.77
C SER A 151 6.34 -7.17 -4.67
N SER A 152 5.58 -6.07 -4.62
CA SER A 152 4.11 -6.10 -4.60
C SER A 152 3.54 -6.40 -6.00
N HIS A 153 2.50 -7.25 -6.03
CA HIS A 153 1.86 -7.72 -7.28
C HIS A 153 0.35 -7.59 -7.18
N VAL A 154 -0.29 -7.06 -8.24
CA VAL A 154 -1.76 -6.92 -8.30
C VAL A 154 -2.32 -7.97 -9.28
N LEU A 155 -3.06 -8.94 -8.75
CA LEU A 155 -3.56 -10.10 -9.52
C LEU A 155 -5.07 -9.95 -9.77
N GLU A 156 -5.43 -9.47 -10.97
CA GLU A 156 -6.83 -9.38 -11.40
C GLU A 156 -7.40 -10.77 -11.65
N ASP A 157 -8.57 -11.05 -11.05
CA ASP A 157 -9.34 -12.25 -11.36
C ASP A 157 -10.23 -11.93 -12.57
N ASP A 158 -10.02 -12.68 -13.67
CA ASP A 158 -10.85 -12.56 -14.88
C ASP A 158 -12.24 -13.17 -14.65
N SER A 159 -12.28 -14.22 -13.83
CA SER A 159 -13.50 -14.93 -13.43
C SER A 159 -14.00 -14.36 -12.08
N MET A 160 -14.72 -15.18 -11.29
CA MET A 160 -15.04 -14.85 -9.89
C MET A 160 -14.72 -16.07 -8.98
N ASP A 161 -14.00 -17.07 -9.53
CA ASP A 161 -13.71 -18.32 -8.80
C ASP A 161 -12.55 -18.13 -7.79
N PHE A 162 -11.58 -17.26 -8.13
CA PHE A 162 -10.46 -16.92 -7.24
C PHE A 162 -10.97 -16.04 -6.09
N ILE A 163 -11.87 -15.10 -6.43
CA ILE A 163 -12.60 -14.26 -5.43
C ILE A 163 -13.43 -15.17 -4.50
N SER A 164 -14.11 -16.15 -5.13
CA SER A 164 -14.98 -17.12 -4.43
C SER A 164 -14.16 -17.90 -3.41
N THR A 165 -12.99 -18.41 -3.85
CA THR A 165 -12.05 -19.18 -3.02
C THR A 165 -11.67 -18.39 -1.77
N LEU A 166 -11.16 -17.17 -1.98
CA LEU A 166 -10.59 -16.33 -0.90
C LEU A 166 -11.64 -15.90 0.12
N THR A 167 -12.85 -15.56 -0.35
CA THR A 167 -13.93 -15.04 0.53
C THR A 167 -14.52 -16.17 1.42
N ARG A 168 -14.63 -17.40 0.87
CA ARG A 168 -15.14 -18.57 1.64
C ARG A 168 -14.03 -19.11 2.58
N LEU A 169 -12.77 -18.83 2.19
CA LEU A 169 -11.57 -19.31 2.91
C LEU A 169 -11.31 -18.45 4.16
N SER A 170 -11.60 -17.13 4.04
CA SER A 170 -11.41 -16.16 5.13
C SER A 170 -12.68 -16.09 6.01
N ASP A 171 -13.81 -15.68 5.38
CA ASP A 171 -15.16 -15.65 6.01
C ASP A 171 -15.27 -14.62 7.18
N SER A 172 -16.53 -14.21 7.47
CA SER A 172 -16.88 -13.34 8.61
C SER A 172 -16.59 -14.02 9.97
N GLN B 1 19.29 8.78 -0.88
CA GLN B 1 18.74 9.80 -1.77
C GLN B 1 17.35 9.37 -2.30
N ASP B 2 16.96 8.11 -2.00
CA ASP B 2 15.65 7.53 -2.41
C ASP B 2 14.47 8.32 -1.84
N ASP B 3 13.30 8.15 -2.48
CA ASP B 3 12.05 8.84 -2.13
C ASP B 3 11.64 8.54 -0.68
N PHE B 4 11.69 7.24 -0.33
CA PHE B 4 11.29 6.74 1.00
C PHE B 4 12.49 6.69 1.96
N GLY B 5 13.60 7.38 1.59
CA GLY B 5 14.77 7.54 2.45
C GLY B 5 14.66 8.78 3.35
N ASP B 6 15.81 9.35 3.77
CA ASP B 6 15.84 10.55 4.63
C ASP B 6 15.24 11.77 3.88
N GLY B 7 14.19 12.37 4.46
CA GLY B 7 13.46 13.48 3.84
C GLY B 7 12.16 13.05 3.21
N CYS B 8 11.77 11.78 3.45
CA CYS B 8 10.42 11.29 3.17
C CYS B 8 9.42 11.87 4.19
N LEU B 9 8.15 11.89 3.80
CA LEU B 9 7.04 12.34 4.66
C LEU B 9 6.30 11.14 5.25
N LEU B 10 6.79 9.91 4.99
CA LEU B 10 6.14 8.66 5.45
C LEU B 10 7.17 7.54 5.72
N GLN B 11 6.90 6.74 6.77
CA GLN B 11 7.69 5.57 7.16
C GLN B 11 6.73 4.42 7.47
N ILE B 12 7.20 3.18 7.28
CA ILE B 12 6.37 1.97 7.37
C ILE B 12 5.87 1.74 8.83
N VAL B 13 4.62 1.23 8.98
CA VAL B 13 4.05 0.84 10.29
C VAL B 13 4.68 -0.49 10.80
N ASN B 14 5.42 -0.42 11.91
CA ASN B 14 6.08 -1.58 12.54
C ASN B 14 6.53 -1.20 13.97
N MET A 1 17.56 -19.17 -12.36
CA MET A 1 16.16 -19.51 -12.05
C MET A 1 15.21 -18.57 -12.82
N GLU A 2 14.17 -19.14 -13.44
CA GLU A 2 13.13 -18.36 -14.17
C GLU A 2 11.87 -18.23 -13.27
N ILE A 3 10.91 -17.39 -13.72
CA ILE A 3 9.60 -17.26 -13.06
C ILE A 3 8.88 -18.62 -13.08
N GLU A 4 8.40 -19.03 -14.27
CA GLU A 4 7.54 -20.24 -14.48
C GLU A 4 6.19 -20.09 -13.73
N GLU A 5 5.30 -21.06 -13.95
CA GLU A 5 4.04 -21.16 -13.19
C GLU A 5 4.31 -21.34 -11.69
N ASP A 6 5.44 -22.02 -11.39
CA ASP A 6 5.90 -22.35 -10.02
C ASP A 6 5.98 -21.09 -9.12
N LEU A 7 6.47 -19.97 -9.68
CA LEU A 7 6.56 -18.68 -8.97
C LEU A 7 5.14 -18.13 -8.73
N ASN A 8 4.28 -18.23 -9.76
CA ASN A 8 2.88 -17.78 -9.70
C ASN A 8 2.05 -18.65 -8.74
N LEU A 9 2.51 -19.89 -8.50
CA LEU A 9 1.87 -20.85 -7.59
C LEU A 9 2.35 -20.64 -6.15
N LYS A 10 3.61 -20.19 -6.00
CA LYS A 10 4.21 -19.93 -4.67
C LYS A 10 3.61 -18.63 -4.11
N ILE A 11 3.47 -17.61 -4.97
CA ILE A 11 2.88 -16.32 -4.58
C ILE A 11 1.37 -16.50 -4.41
N LEU A 12 0.77 -17.46 -5.17
CA LEU A 12 -0.65 -17.86 -5.02
C LEU A 12 -0.97 -18.35 -3.60
N GLU A 13 -0.12 -19.27 -3.09
CA GLU A 13 -0.30 -19.83 -1.73
C GLU A 13 0.03 -18.76 -0.67
N ASP A 14 0.96 -17.84 -1.02
CA ASP A 14 1.25 -16.65 -0.19
C ASP A 14 0.10 -15.61 -0.27
N VAL A 15 -0.66 -15.59 -1.38
CA VAL A 15 -1.81 -14.68 -1.54
C VAL A 15 -2.90 -15.10 -0.56
N LYS A 16 -3.36 -16.35 -0.70
CA LYS A 16 -4.49 -16.89 0.08
C LYS A 16 -4.17 -16.94 1.59
N LYS A 17 -2.97 -17.43 1.95
CA LYS A 17 -2.49 -17.49 3.36
C LYS A 17 -2.44 -16.09 3.99
N LEU A 18 -1.67 -15.17 3.36
CA LEU A 18 -1.54 -13.78 3.86
C LEU A 18 -2.88 -13.06 3.82
N TYR A 19 -3.78 -13.46 2.90
CA TYR A 19 -5.13 -12.88 2.81
C TYR A 19 -5.90 -13.18 4.10
N LEU A 20 -5.96 -14.46 4.49
CA LEU A 20 -6.73 -14.91 5.68
C LEU A 20 -6.20 -14.23 6.96
N GLN A 21 -4.87 -14.30 7.10
CA GLN A 21 -4.14 -13.74 8.24
C GLN A 21 -4.37 -12.22 8.35
N SER A 22 -4.10 -11.49 7.24
CA SER A 22 -4.16 -10.03 7.23
C SER A 22 -5.61 -9.55 7.23
N PHE A 23 -6.55 -10.37 6.68
CA PHE A 23 -8.00 -10.03 6.63
C PHE A 23 -8.50 -9.79 8.05
N ASP A 24 -8.13 -10.72 8.96
CA ASP A 24 -8.46 -10.64 10.39
C ASP A 24 -7.68 -9.51 11.09
N TYR A 25 -6.42 -9.31 10.68
CA TYR A 25 -5.54 -8.21 11.17
C TYR A 25 -6.10 -6.82 10.77
N ILE A 26 -6.83 -6.76 9.64
CA ILE A 26 -7.49 -5.52 9.17
C ILE A 26 -8.83 -5.33 9.92
N LYS A 27 -9.54 -6.46 10.13
CA LYS A 27 -10.78 -6.52 10.96
C LYS A 27 -10.50 -6.12 12.42
N ASN A 28 -9.26 -6.34 12.86
CA ASN A 28 -8.81 -6.05 14.24
C ASN A 28 -8.29 -4.60 14.30
N GLY A 29 -7.46 -4.23 13.31
CA GLY A 29 -6.83 -2.89 13.24
C GLY A 29 -5.37 -2.98 12.80
N ILE A 30 -4.95 -2.05 11.90
CA ILE A 30 -3.58 -2.02 11.33
C ILE A 30 -2.58 -1.44 12.37
N SER A 31 -2.16 -2.29 13.33
CA SER A 31 -1.25 -1.94 14.47
C SER A 31 -1.84 -0.84 15.40
N SER A 32 -1.46 -0.90 16.70
CA SER A 32 -1.86 0.08 17.74
C SER A 32 -3.39 0.07 18.00
N GLY A 33 -4.16 0.71 17.09
CA GLY A 33 -5.62 0.81 17.19
C GLY A 33 -6.33 -0.48 16.81
N GLY A 34 -6.23 -1.46 17.71
CA GLY A 34 -6.84 -2.78 17.53
C GLY A 34 -6.87 -3.54 18.85
N SER A 35 -7.80 -4.50 18.99
CA SER A 35 -7.95 -5.32 20.19
C SER A 35 -6.80 -6.35 20.26
N GLY A 36 -5.64 -5.87 20.74
CA GLY A 36 -4.39 -6.64 20.78
C GLY A 36 -3.83 -6.92 19.40
N GLY A 37 -4.39 -7.96 18.75
CA GLY A 37 -3.97 -8.41 17.42
C GLY A 37 -4.17 -9.91 17.28
N SER A 38 -3.57 -10.51 16.25
CA SER A 38 -3.57 -11.97 16.05
C SER A 38 -2.21 -12.37 15.44
N ILE A 39 -1.96 -11.90 14.22
CA ILE A 39 -0.66 -12.03 13.53
C ILE A 39 -0.05 -10.62 13.36
N ASP A 40 1.25 -10.57 13.07
CA ASP A 40 1.99 -9.31 12.93
C ASP A 40 2.89 -9.37 11.68
N LEU A 41 2.64 -8.45 10.74
CA LEU A 41 3.37 -8.36 9.47
C LEU A 41 3.43 -6.89 8.99
N SER A 42 4.47 -6.58 8.22
CA SER A 42 4.69 -5.25 7.63
C SER A 42 3.91 -5.11 6.32
N ARG A 43 3.67 -6.27 5.69
CA ARG A 43 2.97 -6.39 4.40
C ARG A 43 1.75 -7.29 4.55
N ILE A 44 0.66 -6.87 3.91
CA ILE A 44 -0.64 -7.54 3.95
C ILE A 44 -1.02 -8.03 2.54
N THR A 45 -2.12 -8.78 2.44
CA THR A 45 -2.73 -9.20 1.16
C THR A 45 -4.25 -9.15 1.31
N PHE A 46 -4.91 -8.45 0.40
CA PHE A 46 -6.36 -8.25 0.45
C PHE A 46 -6.96 -8.34 -0.95
N LEU A 47 -8.29 -8.35 -0.97
CA LEU A 47 -9.10 -8.39 -2.18
C LEU A 47 -9.99 -7.15 -2.16
N TYR A 48 -10.01 -6.40 -3.28
CA TYR A 48 -10.91 -5.24 -3.43
C TYR A 48 -11.10 -4.92 -4.92
N LYS A 49 -11.97 -3.94 -5.21
CA LYS A 49 -12.18 -3.42 -6.57
C LYS A 49 -11.68 -1.97 -6.68
N PHE A 50 -10.97 -1.67 -7.77
CA PHE A 50 -10.39 -0.35 -8.05
C PHE A 50 -11.48 0.72 -8.12
N ILE A 51 -11.33 1.82 -7.38
CA ILE A 51 -12.31 2.93 -7.44
C ILE A 51 -11.95 3.86 -8.62
N SER A 52 -10.93 4.71 -8.43
CA SER A 52 -10.44 5.67 -9.44
C SER A 52 -9.06 6.18 -9.02
N VAL A 53 -8.33 6.85 -9.92
CA VAL A 53 -7.16 7.65 -9.54
C VAL A 53 -7.66 9.05 -9.16
N ASN A 54 -7.30 9.50 -7.95
CA ASN A 54 -7.64 10.85 -7.44
C ASN A 54 -6.87 11.90 -8.27
N PRO A 55 -7.55 13.01 -8.71
CA PRO A 55 -6.88 14.14 -9.45
C PRO A 55 -5.69 14.75 -8.67
N THR A 56 -5.68 14.55 -7.34
CA THR A 56 -4.65 15.08 -6.45
C THR A 56 -3.50 14.06 -6.30
N LEU A 57 -2.29 14.57 -6.04
CA LEU A 57 -1.05 13.76 -5.92
C LEU A 57 -0.32 14.10 -4.59
N LEU A 58 0.13 13.05 -3.87
CA LEU A 58 0.67 13.15 -2.50
C LEU A 58 2.18 13.43 -2.49
N LEU A 59 2.60 14.56 -1.90
CA LEU A 59 4.01 14.85 -1.63
C LEU A 59 4.51 13.86 -0.55
N ILE A 60 5.37 12.92 -0.97
CA ILE A 60 5.92 11.87 -0.09
C ILE A 60 7.40 12.13 0.27
N ASN A 61 8.01 13.18 -0.37
CA ASN A 61 9.45 13.52 -0.17
C ASN A 61 9.72 15.00 -0.50
N GLU A 62 10.24 15.72 0.49
CA GLU A 62 10.50 17.17 0.39
C GLU A 62 11.76 17.48 -0.46
N LYS A 63 12.79 16.62 -0.37
CA LYS A 63 14.10 16.86 -1.02
C LYS A 63 14.05 16.72 -2.58
N THR A 64 13.23 15.80 -3.11
CA THR A 64 13.10 15.58 -4.58
C THR A 64 11.70 16.01 -5.10
N GLN A 65 10.81 16.49 -4.18
CA GLN A 65 9.50 17.10 -4.53
C GLN A 65 8.63 16.19 -5.44
N ALA A 66 8.54 14.90 -5.09
CA ALA A 66 7.74 13.93 -5.84
C ALA A 66 6.32 13.84 -5.25
N LYS A 67 5.37 14.47 -5.95
CA LYS A 67 3.94 14.36 -5.63
C LYS A 67 3.37 13.26 -6.53
N ARG A 68 3.01 12.11 -5.93
CA ARG A 68 2.74 10.86 -6.66
C ARG A 68 1.32 10.34 -6.43
N ARG A 69 0.85 9.53 -7.40
CA ARG A 69 -0.57 9.22 -7.61
C ARG A 69 -1.26 8.45 -6.47
N ILE A 70 -2.56 8.74 -6.32
CA ILE A 70 -3.46 8.12 -5.35
C ILE A 70 -4.43 7.17 -6.09
N PHE A 71 -4.11 5.87 -6.11
CA PHE A 71 -5.02 4.84 -6.63
C PHE A 71 -6.02 4.49 -5.51
N GLN A 72 -7.19 5.14 -5.54
CA GLN A 72 -8.20 5.05 -4.46
C GLN A 72 -8.75 3.62 -4.33
N GLY A 73 -8.79 3.14 -3.08
CA GLY A 73 -9.25 1.80 -2.77
C GLY A 73 -10.08 1.77 -1.50
N GLU A 74 -11.37 1.45 -1.62
CA GLU A 74 -12.25 1.26 -0.46
C GLU A 74 -12.91 -0.12 -0.54
N TYR A 75 -13.02 -0.80 0.63
CA TYR A 75 -13.63 -2.13 0.72
C TYR A 75 -13.95 -2.46 2.18
N LEU A 76 -14.87 -3.42 2.38
CA LEU A 76 -15.31 -3.88 3.71
C LEU A 76 -14.54 -5.13 4.12
N TYR A 77 -13.98 -5.10 5.35
CA TYR A 77 -13.30 -6.22 5.98
C TYR A 77 -13.99 -6.53 7.32
N GLY A 78 -14.79 -7.62 7.34
CA GLY A 78 -15.48 -8.10 8.56
C GLY A 78 -16.70 -7.26 8.93
N LYS A 79 -16.48 -6.16 9.67
CA LYS A 79 -17.56 -5.27 10.16
C LYS A 79 -17.11 -3.78 10.07
N LYS A 80 -16.05 -3.52 9.31
CA LYS A 80 -15.51 -2.16 9.12
C LYS A 80 -15.11 -1.95 7.65
N LYS A 81 -15.40 -0.75 7.13
CA LYS A 81 -15.06 -0.38 5.75
C LYS A 81 -13.79 0.48 5.77
N ILE A 82 -12.70 -0.07 5.20
CA ILE A 82 -11.40 0.59 5.16
C ILE A 82 -11.24 1.34 3.83
N GLN A 83 -11.14 2.67 3.93
CA GLN A 83 -10.92 3.57 2.78
C GLN A 83 -9.44 3.97 2.74
N PHE A 84 -8.66 3.15 2.02
CA PHE A 84 -7.20 3.28 1.89
C PHE A 84 -6.82 3.89 0.52
N ASN A 85 -5.53 4.24 0.37
CA ASN A 85 -4.99 4.86 -0.86
C ASN A 85 -3.72 4.10 -1.29
N ILE A 86 -3.82 3.42 -2.43
CA ILE A 86 -2.73 2.64 -3.04
C ILE A 86 -1.73 3.62 -3.70
N ILE A 87 -0.46 3.54 -3.29
CA ILE A 87 0.67 4.32 -3.86
C ILE A 87 1.63 3.33 -4.53
N ALA A 88 2.59 3.82 -5.31
CA ALA A 88 3.62 2.99 -5.94
C ALA A 88 4.99 3.31 -5.31
N LYS A 89 5.97 2.38 -5.46
CA LYS A 89 7.32 2.55 -4.89
C LYS A 89 8.14 3.57 -5.70
N ASN A 90 8.07 3.43 -7.03
CA ASN A 90 8.79 4.31 -7.96
C ASN A 90 7.85 4.77 -9.07
N LEU A 91 8.32 5.74 -9.86
CA LEU A 91 7.59 6.28 -11.03
C LEU A 91 7.32 5.19 -12.10
N GLU A 92 8.27 4.24 -12.20
CA GLU A 92 8.14 3.07 -13.08
C GLU A 92 6.99 2.14 -12.62
N ILE A 93 6.79 2.07 -11.29
CA ILE A 93 5.72 1.26 -10.68
C ILE A 93 4.36 1.97 -10.90
N GLU A 94 4.36 3.33 -10.90
CA GLU A 94 3.15 4.13 -11.20
C GLU A 94 2.67 3.89 -12.64
N ARG A 95 3.62 3.95 -13.60
CA ARG A 95 3.29 3.89 -15.04
C ARG A 95 2.74 2.50 -15.43
N GLU A 96 3.26 1.43 -14.79
CA GLU A 96 2.75 0.06 -15.05
C GLU A 96 1.36 -0.12 -14.41
N LEU A 97 1.13 0.50 -13.23
CA LEU A 97 -0.18 0.43 -12.52
C LEU A 97 -1.29 1.18 -13.28
N ILE A 98 -1.00 2.40 -13.81
CA ILE A 98 -2.01 3.20 -14.55
C ILE A 98 -2.39 2.50 -15.88
N GLN A 99 -1.40 1.82 -16.49
CA GLN A 99 -1.59 1.07 -17.75
C GLN A 99 -2.18 -0.33 -17.50
N PHE A 100 -2.18 -0.78 -16.22
CA PHE A 100 -2.82 -2.05 -15.81
C PHE A 100 -4.30 -1.81 -15.42
N PHE A 101 -4.55 -0.70 -14.70
CA PHE A 101 -5.90 -0.34 -14.19
C PHE A 101 -6.67 0.48 -15.25
N LYS A 102 -6.84 -0.12 -16.43
CA LYS A 102 -7.58 0.50 -17.55
C LYS A 102 -9.06 0.61 -17.18
N LYS A 103 -9.61 -0.51 -16.70
CA LYS A 103 -11.02 -0.62 -16.28
C LYS A 103 -11.16 -0.19 -14.80
N PRO A 104 -12.09 0.77 -14.47
CA PRO A 104 -12.49 1.03 -13.07
C PRO A 104 -13.44 -0.06 -12.54
N TYR A 105 -13.62 -0.07 -11.20
CA TYR A 105 -14.44 -1.06 -10.45
C TYR A 105 -13.94 -2.50 -10.69
N GLN A 106 -12.63 -2.59 -11.00
CA GLN A 106 -11.95 -3.83 -11.37
C GLN A 106 -11.57 -4.64 -10.12
N CYS A 107 -12.18 -5.82 -9.97
CA CYS A 107 -11.96 -6.70 -8.80
C CYS A 107 -10.68 -7.52 -9.00
N TYR A 108 -9.70 -7.30 -8.11
CA TYR A 108 -8.42 -8.01 -8.13
C TYR A 108 -7.87 -8.17 -6.70
N ILE A 109 -6.88 -9.05 -6.59
CA ILE A 109 -6.19 -9.35 -5.34
C ILE A 109 -4.85 -8.61 -5.33
N MET A 110 -4.61 -7.79 -4.30
CA MET A 110 -3.31 -7.12 -4.12
C MET A 110 -2.50 -7.87 -3.05
N HIS A 111 -1.36 -8.43 -3.48
CA HIS A 111 -0.46 -9.23 -2.66
C HIS A 111 0.78 -8.42 -2.26
N ASN A 112 1.31 -8.64 -1.04
CA ASN A 112 2.62 -8.10 -0.57
C ASN A 112 2.55 -6.55 -0.41
N VAL A 113 1.35 -6.07 -0.07
CA VAL A 113 1.05 -4.62 0.05
C VAL A 113 1.62 -4.05 1.36
N GLN A 114 2.61 -3.17 1.25
CA GLN A 114 3.29 -2.62 2.42
C GLN A 114 2.60 -1.32 2.86
N VAL A 115 2.45 -1.09 4.17
CA VAL A 115 1.73 0.11 4.68
C VAL A 115 2.73 1.15 5.23
N PHE A 116 2.60 2.40 4.76
CA PHE A 116 3.44 3.54 5.20
C PHE A 116 2.58 4.64 5.84
N GLN A 117 2.83 4.90 7.13
CA GLN A 117 2.18 5.99 7.88
C GLN A 117 3.04 7.26 7.80
N MET A 118 2.41 8.40 7.44
CA MET A 118 3.14 9.68 7.27
C MET A 118 3.59 10.28 8.61
N LEU A 119 4.74 11.00 8.59
CA LEU A 119 5.32 11.67 9.79
C LEU A 119 6.30 12.77 9.34
N ASN A 120 6.96 13.43 10.32
CA ASN A 120 8.02 14.43 10.06
C ASN A 120 9.03 14.44 11.21
N LYS A 121 9.71 13.29 11.39
CA LYS A 121 10.70 13.09 12.46
C LYS A 121 12.08 12.83 11.81
N ASN A 122 12.75 13.91 11.41
CA ASN A 122 14.08 13.86 10.77
C ASN A 122 14.81 15.20 11.01
N LYS A 123 15.53 15.28 12.14
CA LYS A 123 16.38 16.43 12.48
C LYS A 123 17.82 16.10 12.04
N ASN A 124 18.11 16.40 10.75
CA ASN A 124 19.43 16.20 10.15
C ASN A 124 20.21 17.52 10.17
N ASN A 125 21.45 17.47 10.68
CA ASN A 125 22.37 18.61 10.71
C ASN A 125 22.99 18.81 9.31
N ASN A 126 22.93 20.06 8.81
CA ASN A 126 23.44 20.41 7.48
C ASN A 126 24.98 20.41 7.43
N VAL A 127 25.53 20.04 6.27
CA VAL A 127 26.99 20.01 6.03
C VAL A 127 27.51 21.44 5.68
N VAL A 128 28.84 21.59 5.63
CA VAL A 128 29.48 22.81 5.11
C VAL A 128 29.23 22.90 3.58
N GLU A 129 28.16 23.61 3.23
CA GLU A 129 27.67 23.71 1.84
C GLU A 129 28.52 24.70 1.01
N PHE A 130 28.54 24.46 -0.30
CA PHE A 130 29.08 25.40 -1.28
C PHE A 130 27.95 25.73 -2.28
N MET A 131 27.02 26.57 -1.79
CA MET A 131 25.79 26.98 -2.49
C MET A 131 24.86 25.77 -2.77
N ASP A 132 24.01 25.45 -1.79
CA ASP A 132 22.99 24.39 -1.91
C ASP A 132 21.75 24.80 -1.09
N SER A 133 21.92 24.85 0.25
CA SER A 133 20.89 25.23 1.23
C SER A 133 19.72 24.22 1.29
N GLU A 134 19.28 23.95 2.53
CA GLU A 134 18.10 23.10 2.80
C GLU A 134 17.05 23.91 3.59
N ASP A 135 15.79 23.47 3.50
CA ASP A 135 14.66 24.06 4.23
C ASP A 135 13.80 22.94 4.82
N LEU A 136 13.01 23.26 5.84
CA LEU A 136 12.07 22.32 6.46
C LEU A 136 10.82 23.06 6.95
N GLN A 137 9.70 22.34 6.98
CA GLN A 137 8.41 22.78 7.53
C GLN A 137 7.81 21.60 8.30
N SER A 138 7.39 21.85 9.55
CA SER A 138 6.88 20.82 10.46
C SER A 138 5.43 20.43 10.09
N SER A 139 5.28 19.23 9.48
CA SER A 139 3.98 18.69 9.05
C SER A 139 3.14 18.22 10.26
N VAL A 140 1.81 18.43 10.21
CA VAL A 140 0.90 18.05 11.31
C VAL A 140 0.17 16.73 11.02
N ASP A 141 0.12 16.34 9.73
CA ASP A 141 -0.62 15.13 9.30
C ASP A 141 0.24 13.87 9.46
N SER A 142 -0.43 12.70 9.58
CA SER A 142 0.22 11.42 9.85
C SER A 142 -0.64 10.22 9.41
N GLN A 143 -1.46 10.41 8.35
CA GLN A 143 -2.35 9.34 7.84
C GLN A 143 -1.54 8.26 7.08
N LEU A 144 -2.05 7.01 7.09
CA LEU A 144 -1.37 5.86 6.47
C LEU A 144 -1.93 5.58 5.06
N TYR A 145 -1.00 5.32 4.12
CA TYR A 145 -1.28 5.00 2.72
C TYR A 145 -0.62 3.64 2.40
N TYR A 146 -1.26 2.85 1.53
CA TYR A 146 -0.82 1.48 1.19
C TYR A 146 0.18 1.52 0.03
N LEU A 147 1.47 1.47 0.39
CA LEU A 147 2.61 1.47 -0.54
C LEU A 147 2.70 0.12 -1.28
N ILE A 148 2.81 0.20 -2.62
CA ILE A 148 3.04 -0.95 -3.50
C ILE A 148 4.46 -0.93 -4.02
N ASP A 149 5.26 -1.82 -3.45
CA ASP A 149 6.62 -2.09 -3.88
C ASP A 149 6.65 -2.99 -5.12
N GLU A 150 7.83 -3.11 -5.69
CA GLU A 150 8.11 -3.97 -6.87
C GLU A 150 8.03 -5.48 -6.54
N SER A 151 7.91 -5.82 -5.24
CA SER A 151 7.73 -7.20 -4.76
C SER A 151 6.23 -7.58 -4.73
N SER A 152 5.36 -6.55 -4.69
CA SER A 152 3.89 -6.71 -4.76
C SER A 152 3.44 -7.27 -6.12
N HIS A 153 2.33 -8.02 -6.09
CA HIS A 153 1.72 -8.65 -7.28
C HIS A 153 0.21 -8.39 -7.29
N VAL A 154 -0.29 -7.79 -8.37
CA VAL A 154 -1.71 -7.49 -8.58
C VAL A 154 -2.34 -8.58 -9.47
N LEU A 155 -3.02 -9.55 -8.84
CA LEU A 155 -3.67 -10.69 -9.51
C LEU A 155 -5.11 -10.30 -9.91
N GLU A 156 -5.29 -9.93 -11.18
CA GLU A 156 -6.60 -9.52 -11.72
C GLU A 156 -7.52 -10.76 -11.84
N ASP A 157 -8.74 -10.68 -11.28
CA ASP A 157 -9.73 -11.78 -11.37
C ASP A 157 -10.84 -11.37 -12.35
N ASP A 158 -10.70 -11.82 -13.60
CA ASP A 158 -11.67 -11.56 -14.68
C ASP A 158 -12.94 -12.41 -14.48
N SER A 159 -12.76 -13.58 -13.84
CA SER A 159 -13.87 -14.43 -13.36
C SER A 159 -14.23 -14.00 -11.92
N MET A 160 -14.90 -14.88 -11.14
CA MET A 160 -15.17 -14.63 -9.70
C MET A 160 -14.74 -15.87 -8.85
N ASP A 161 -13.96 -16.79 -9.47
CA ASP A 161 -13.57 -18.06 -8.80
C ASP A 161 -12.47 -17.84 -7.76
N PHE A 162 -11.59 -16.85 -8.01
CA PHE A 162 -10.51 -16.49 -7.07
C PHE A 162 -11.14 -15.80 -5.84
N ILE A 163 -12.09 -14.89 -6.12
CA ILE A 163 -12.91 -14.21 -5.10
C ILE A 163 -13.68 -15.24 -4.26
N SER A 164 -14.25 -16.26 -4.95
CA SER A 164 -15.06 -17.32 -4.34
C SER A 164 -14.22 -18.12 -3.33
N THR A 165 -12.98 -18.48 -3.76
CA THR A 165 -12.02 -19.23 -2.93
C THR A 165 -11.70 -18.44 -1.64
N LEU A 166 -11.25 -17.20 -1.81
CA LEU A 166 -10.77 -16.36 -0.68
C LEU A 166 -11.87 -16.07 0.35
N THR A 167 -13.11 -15.84 -0.13
CA THR A 167 -14.23 -15.47 0.75
C THR A 167 -14.78 -16.68 1.54
N ARG A 168 -14.67 -17.91 0.96
CA ARG A 168 -15.11 -19.15 1.64
C ARG A 168 -13.99 -19.72 2.53
N LEU A 169 -12.75 -19.24 2.29
CA LEU A 169 -11.58 -19.56 3.13
C LEU A 169 -11.58 -18.68 4.41
N SER A 170 -11.80 -17.37 4.23
CA SER A 170 -11.74 -16.39 5.33
C SER A 170 -13.06 -16.39 6.12
N ASP A 171 -14.16 -16.03 5.41
CA ASP A 171 -15.54 -16.01 5.96
C ASP A 171 -15.66 -15.03 7.17
N SER A 172 -16.90 -14.90 7.72
CA SER A 172 -17.20 -14.15 8.98
C SER A 172 -16.65 -12.71 8.99
N GLN B 1 17.16 10.09 -5.81
CA GLN B 1 16.57 8.87 -6.36
C GLN B 1 15.69 8.16 -5.29
N ASP B 2 15.97 8.44 -4.01
CA ASP B 2 15.33 7.76 -2.87
C ASP B 2 14.13 8.58 -2.35
N ASP B 3 12.94 8.35 -2.93
CA ASP B 3 11.70 9.07 -2.55
C ASP B 3 11.21 8.65 -1.14
N PHE B 4 11.50 7.39 -0.77
CA PHE B 4 11.18 6.84 0.57
C PHE B 4 12.44 6.78 1.45
N GLY B 5 13.51 7.50 1.03
CA GLY B 5 14.78 7.57 1.77
C GLY B 5 14.85 8.76 2.72
N ASP B 6 16.05 9.37 2.84
CA ASP B 6 16.30 10.48 3.81
C ASP B 6 15.65 11.78 3.31
N GLY B 7 14.53 12.18 3.95
CA GLY B 7 13.75 13.36 3.54
C GLY B 7 12.35 12.98 3.06
N CYS B 8 11.97 11.71 3.26
CA CYS B 8 10.59 11.24 3.06
C CYS B 8 9.70 11.68 4.23
N LEU B 9 8.41 11.95 3.93
CA LEU B 9 7.41 12.36 4.93
C LEU B 9 6.51 11.16 5.31
N LEU B 10 7.03 9.93 5.13
CA LEU B 10 6.34 8.68 5.53
C LEU B 10 7.34 7.56 5.85
N GLN B 11 6.91 6.66 6.74
CA GLN B 11 7.70 5.53 7.25
C GLN B 11 6.77 4.32 7.40
N ILE B 12 7.33 3.12 7.22
CA ILE B 12 6.58 1.85 7.27
C ILE B 12 6.05 1.61 8.72
N VAL B 13 4.84 1.02 8.82
CA VAL B 13 4.19 0.67 10.11
C VAL B 13 4.97 -0.46 10.85
N ASN B 14 6.07 -0.07 11.52
CA ASN B 14 6.98 -0.97 12.26
C ASN B 14 7.23 -0.37 13.67
N MET A 1 15.44 -18.97 -12.95
CA MET A 1 13.97 -19.04 -12.88
C MET A 1 13.35 -17.85 -13.61
N GLU A 2 12.35 -18.12 -14.46
CA GLU A 2 11.56 -17.09 -15.14
C GLU A 2 10.31 -16.79 -14.26
N ILE A 3 9.22 -16.27 -14.87
CA ILE A 3 7.92 -16.21 -14.17
C ILE A 3 7.38 -17.65 -14.08
N GLU A 4 7.04 -18.24 -15.26
CA GLU A 4 6.52 -19.63 -15.35
C GLU A 4 5.22 -19.79 -14.55
N GLU A 5 4.80 -21.03 -14.30
CA GLU A 5 3.70 -21.33 -13.40
C GLU A 5 4.15 -21.12 -11.93
N ASP A 6 5.43 -21.47 -11.64
CA ASP A 6 6.00 -21.52 -10.27
C ASP A 6 5.91 -20.19 -9.51
N LEU A 7 6.13 -19.05 -10.21
CA LEU A 7 5.98 -17.70 -9.59
C LEU A 7 4.52 -17.50 -9.17
N ASN A 8 3.60 -17.82 -10.10
CA ASN A 8 2.15 -17.70 -9.89
C ASN A 8 1.65 -18.68 -8.80
N LEU A 9 2.40 -19.77 -8.57
CA LEU A 9 2.06 -20.80 -7.56
C LEU A 9 2.52 -20.36 -6.16
N LYS A 10 3.77 -19.83 -6.07
CA LYS A 10 4.34 -19.40 -4.78
C LYS A 10 3.64 -18.14 -4.28
N ILE A 11 3.22 -17.24 -5.20
CA ILE A 11 2.44 -16.05 -4.85
C ILE A 11 1.01 -16.45 -4.49
N LEU A 12 0.45 -17.47 -5.18
CA LEU A 12 -0.93 -17.97 -4.93
C LEU A 12 -1.09 -18.44 -3.48
N GLU A 13 -0.14 -19.29 -3.03
CA GLU A 13 -0.14 -19.84 -1.67
C GLU A 13 0.21 -18.74 -0.65
N ASP A 14 1.02 -17.76 -1.09
CA ASP A 14 1.40 -16.59 -0.29
C ASP A 14 0.21 -15.60 -0.18
N VAL A 15 -0.65 -15.57 -1.21
CA VAL A 15 -1.84 -14.68 -1.27
C VAL A 15 -2.88 -15.19 -0.29
N LYS A 16 -3.27 -16.48 -0.42
CA LYS A 16 -4.32 -17.11 0.40
C LYS A 16 -3.93 -17.11 1.89
N LYS A 17 -2.62 -17.32 2.16
CA LYS A 17 -2.06 -17.28 3.52
C LYS A 17 -2.18 -15.86 4.09
N LEU A 18 -1.49 -14.90 3.43
CA LEU A 18 -1.44 -13.50 3.89
C LEU A 18 -2.83 -12.87 3.90
N TYR A 19 -3.76 -13.37 3.06
CA TYR A 19 -5.14 -12.84 3.00
C TYR A 19 -5.91 -13.22 4.27
N LEU A 20 -5.83 -14.50 4.66
CA LEU A 20 -6.50 -15.01 5.87
C LEU A 20 -5.94 -14.33 7.12
N GLN A 21 -4.60 -14.30 7.16
CA GLN A 21 -3.84 -13.68 8.23
C GLN A 21 -4.18 -12.17 8.35
N SER A 22 -4.24 -11.49 7.19
CA SER A 22 -4.58 -10.06 7.14
C SER A 22 -6.07 -9.83 7.42
N PHE A 23 -6.94 -10.77 7.02
CA PHE A 23 -8.42 -10.65 7.22
C PHE A 23 -8.70 -10.44 8.71
N ASP A 24 -8.08 -11.29 9.52
CA ASP A 24 -8.13 -11.24 11.00
C ASP A 24 -7.47 -9.95 11.53
N TYR A 25 -6.25 -9.70 11.02
CA TYR A 25 -5.37 -8.57 11.44
C TYR A 25 -6.01 -7.19 11.15
N ILE A 26 -6.83 -7.11 10.10
CA ILE A 26 -7.50 -5.86 9.64
C ILE A 26 -8.76 -5.61 10.49
N LYS A 27 -9.48 -6.72 10.81
CA LYS A 27 -10.64 -6.69 11.74
C LYS A 27 -10.20 -6.35 13.17
N ASN A 28 -8.95 -6.73 13.50
CA ASN A 28 -8.33 -6.47 14.81
C ASN A 28 -7.84 -5.01 14.88
N GLY A 29 -7.16 -4.58 13.82
CA GLY A 29 -6.55 -3.24 13.73
C GLY A 29 -5.15 -3.33 13.15
N ILE A 30 -4.81 -2.39 12.24
CA ILE A 30 -3.50 -2.34 11.57
C ILE A 30 -2.44 -1.85 12.60
N SER A 31 -1.91 -2.81 13.38
CA SER A 31 -0.98 -2.57 14.48
C SER A 31 -0.04 -3.78 14.62
N SER A 32 1.26 -3.50 14.85
CA SER A 32 2.29 -4.55 15.02
C SER A 32 2.16 -5.19 16.43
N GLY A 33 1.15 -6.06 16.57
CA GLY A 33 0.80 -6.67 17.86
C GLY A 33 -0.71 -6.66 18.06
N GLY A 34 -1.41 -7.52 17.30
CA GLY A 34 -2.86 -7.66 17.41
C GLY A 34 -3.29 -8.39 18.68
N SER A 35 -4.46 -8.00 19.23
CA SER A 35 -5.00 -8.56 20.48
C SER A 35 -5.76 -9.89 20.21
N GLY A 36 -5.28 -10.98 20.82
CA GLY A 36 -5.92 -12.31 20.72
C GLY A 36 -5.03 -13.30 19.98
N GLY A 37 -5.65 -14.23 19.24
CA GLY A 37 -4.93 -15.15 18.36
C GLY A 37 -4.68 -14.53 17.01
N SER A 38 -3.84 -13.49 17.00
CA SER A 38 -3.56 -12.68 15.81
C SER A 38 -2.08 -12.78 15.42
N ILE A 39 -1.80 -12.48 14.15
CA ILE A 39 -0.46 -12.57 13.55
C ILE A 39 0.25 -11.20 13.53
N ASP A 40 1.53 -11.20 13.11
CA ASP A 40 2.37 -10.00 13.12
C ASP A 40 3.03 -9.80 11.76
N LEU A 41 2.49 -8.85 10.97
CA LEU A 41 3.08 -8.43 9.69
C LEU A 41 2.83 -6.93 9.47
N SER A 42 3.66 -6.31 8.64
CA SER A 42 3.55 -4.91 8.23
C SER A 42 3.02 -4.81 6.79
N ARG A 43 3.27 -5.89 6.02
CA ARG A 43 2.74 -6.09 4.67
C ARG A 43 1.54 -7.03 4.74
N ILE A 44 0.46 -6.67 4.04
CA ILE A 44 -0.81 -7.42 4.07
C ILE A 44 -1.16 -7.92 2.66
N THR A 45 -2.24 -8.69 2.56
CA THR A 45 -2.87 -9.05 1.28
C THR A 45 -4.39 -8.94 1.44
N PHE A 46 -4.99 -8.10 0.60
CA PHE A 46 -6.42 -7.79 0.66
C PHE A 46 -6.92 -7.58 -0.79
N LEU A 47 -8.22 -7.77 -1.03
CA LEU A 47 -8.79 -7.74 -2.39
C LEU A 47 -9.94 -6.72 -2.48
N TYR A 48 -10.15 -6.16 -3.68
CA TYR A 48 -11.28 -5.23 -3.97
C TYR A 48 -11.39 -4.96 -5.49
N LYS A 49 -12.44 -4.23 -5.89
CA LYS A 49 -12.57 -3.69 -7.27
C LYS A 49 -12.19 -2.20 -7.30
N PHE A 50 -11.50 -1.78 -8.37
CA PHE A 50 -10.92 -0.43 -8.50
C PHE A 50 -11.99 0.67 -8.38
N ILE A 51 -11.82 1.61 -7.44
CA ILE A 51 -12.80 2.68 -7.21
C ILE A 51 -12.60 3.80 -8.25
N SER A 52 -11.45 4.51 -8.16
CA SER A 52 -11.11 5.64 -9.06
C SER A 52 -9.69 6.15 -8.75
N VAL A 53 -9.10 6.89 -9.70
CA VAL A 53 -7.87 7.68 -9.44
C VAL A 53 -8.29 9.05 -8.91
N ASN A 54 -7.74 9.43 -7.75
CA ASN A 54 -7.89 10.79 -7.19
C ASN A 54 -7.10 11.75 -8.09
N PRO A 55 -7.71 12.90 -8.55
CA PRO A 55 -7.05 13.87 -9.47
C PRO A 55 -5.71 14.40 -8.91
N THR A 56 -5.65 14.50 -7.57
CA THR A 56 -4.47 15.03 -6.86
C THR A 56 -3.42 13.93 -6.68
N LEU A 57 -2.15 14.36 -6.57
CA LEU A 57 -0.97 13.47 -6.41
C LEU A 57 -0.33 13.69 -5.02
N LEU A 58 0.14 12.59 -4.41
CA LEU A 58 0.73 12.58 -3.07
C LEU A 58 2.26 12.73 -3.13
N LEU A 59 2.79 13.76 -2.44
CA LEU A 59 4.23 13.92 -2.22
C LEU A 59 4.70 12.96 -1.13
N ILE A 60 5.86 12.30 -1.36
CA ILE A 60 6.44 11.32 -0.41
C ILE A 60 7.88 11.70 0.00
N ASN A 61 8.50 12.66 -0.72
CA ASN A 61 9.87 13.13 -0.43
C ASN A 61 10.07 14.57 -0.91
N GLU A 62 10.24 15.49 0.05
CA GLU A 62 10.33 16.93 -0.22
C GLU A 62 11.68 17.33 -0.87
N LYS A 63 12.78 16.69 -0.42
CA LYS A 63 14.16 17.02 -0.88
C LYS A 63 14.34 16.82 -2.41
N THR A 64 13.58 15.89 -3.00
CA THR A 64 13.62 15.61 -4.45
C THR A 64 12.22 15.73 -5.10
N GLN A 65 11.23 16.25 -4.33
CA GLN A 65 9.89 16.65 -4.83
C GLN A 65 9.21 15.59 -5.74
N ALA A 66 9.22 14.32 -5.32
CA ALA A 66 8.60 13.22 -6.11
C ALA A 66 7.15 12.98 -5.64
N LYS A 67 6.19 13.27 -6.55
CA LYS A 67 4.76 13.01 -6.34
C LYS A 67 4.34 11.79 -7.17
N ARG A 68 3.19 11.20 -6.79
CA ARG A 68 2.65 9.99 -7.45
C ARG A 68 1.13 9.92 -7.26
N ARG A 69 0.44 9.28 -8.21
CA ARG A 69 -1.04 9.28 -8.28
C ARG A 69 -1.65 8.36 -7.19
N ILE A 70 -2.86 8.74 -6.74
CA ILE A 70 -3.62 8.02 -5.72
C ILE A 70 -4.66 7.12 -6.41
N PHE A 71 -4.66 5.84 -6.04
CA PHE A 71 -5.61 4.83 -6.53
C PHE A 71 -6.51 4.44 -5.34
N GLN A 72 -7.71 5.04 -5.29
CA GLN A 72 -8.65 4.88 -4.17
C GLN A 72 -9.13 3.41 -4.07
N GLY A 73 -9.03 2.84 -2.85
CA GLY A 73 -9.35 1.44 -2.61
C GLY A 73 -10.05 1.22 -1.27
N GLU A 74 -11.36 0.90 -1.34
CA GLU A 74 -12.18 0.53 -0.15
C GLU A 74 -12.71 -0.92 -0.29
N TYR A 75 -12.80 -1.63 0.86
CA TYR A 75 -13.44 -2.98 0.95
C TYR A 75 -13.72 -3.32 2.44
N LEU A 76 -14.81 -4.06 2.71
CA LEU A 76 -15.27 -4.41 4.08
C LEU A 76 -14.64 -5.73 4.57
N TYR A 77 -13.98 -5.67 5.75
CA TYR A 77 -13.45 -6.84 6.47
C TYR A 77 -14.09 -6.88 7.87
N GLY A 78 -14.84 -7.97 8.16
CA GLY A 78 -15.56 -8.10 9.44
C GLY A 78 -16.61 -7.02 9.62
N LYS A 79 -17.28 -6.68 8.49
CA LYS A 79 -18.38 -5.70 8.39
C LYS A 79 -17.87 -4.23 8.41
N LYS A 80 -16.62 -3.97 8.84
CA LYS A 80 -16.06 -2.60 8.88
C LYS A 80 -15.41 -2.30 7.51
N LYS A 81 -15.70 -1.12 6.94
CA LYS A 81 -15.15 -0.74 5.63
C LYS A 81 -13.76 -0.11 5.81
N ILE A 82 -12.79 -0.62 5.03
CA ILE A 82 -11.40 -0.20 5.07
C ILE A 82 -11.10 0.66 3.85
N GLN A 83 -11.08 1.98 4.07
CA GLN A 83 -10.94 2.99 3.02
C GLN A 83 -9.54 3.59 3.07
N PHE A 84 -8.68 3.21 2.12
CA PHE A 84 -7.30 3.77 2.04
C PHE A 84 -6.88 4.04 0.60
N ASN A 85 -5.80 4.81 0.48
CA ASN A 85 -5.22 5.21 -0.79
C ASN A 85 -4.07 4.28 -1.15
N ILE A 86 -4.11 3.75 -2.36
CA ILE A 86 -3.07 2.88 -2.91
C ILE A 86 -2.10 3.74 -3.74
N ILE A 87 -0.79 3.50 -3.57
CA ILE A 87 0.28 4.21 -4.31
C ILE A 87 1.34 3.21 -4.78
N ALA A 88 2.37 3.72 -5.47
CA ALA A 88 3.40 2.90 -6.12
C ALA A 88 4.80 3.35 -5.71
N LYS A 89 5.67 2.35 -5.42
CA LYS A 89 7.03 2.56 -4.85
C LYS A 89 7.87 3.53 -5.69
N ASN A 90 7.92 3.24 -6.99
CA ASN A 90 8.75 3.99 -7.95
C ASN A 90 7.89 4.55 -9.08
N LEU A 91 8.53 5.36 -9.94
CA LEU A 91 7.94 5.89 -11.18
C LEU A 91 7.59 4.75 -12.19
N GLU A 92 8.40 3.69 -12.16
CA GLU A 92 8.21 2.48 -13.00
C GLU A 92 6.97 1.68 -12.55
N ILE A 93 6.74 1.65 -11.23
CA ILE A 93 5.59 0.93 -10.61
C ILE A 93 4.31 1.80 -10.74
N GLU A 94 4.52 3.13 -10.80
CA GLU A 94 3.42 4.12 -10.90
C GLU A 94 2.83 4.09 -12.32
N ARG A 95 3.72 4.10 -13.33
CA ARG A 95 3.31 3.96 -14.74
C ARG A 95 2.71 2.56 -14.99
N GLU A 96 3.22 1.54 -14.27
CA GLU A 96 2.68 0.17 -14.30
C GLU A 96 1.20 0.17 -13.86
N LEU A 97 0.91 0.81 -12.72
CA LEU A 97 -0.44 0.79 -12.12
C LEU A 97 -1.48 1.53 -12.98
N ILE A 98 -1.14 2.73 -13.51
CA ILE A 98 -2.08 3.51 -14.36
C ILE A 98 -2.37 2.80 -15.70
N GLN A 99 -1.35 2.11 -16.24
CA GLN A 99 -1.47 1.36 -17.51
C GLN A 99 -2.15 -0.01 -17.29
N PHE A 100 -2.22 -0.45 -16.02
CA PHE A 100 -2.90 -1.71 -15.63
C PHE A 100 -4.37 -1.43 -15.25
N PHE A 101 -4.62 -0.26 -14.63
CA PHE A 101 -5.98 0.13 -14.18
C PHE A 101 -6.68 0.91 -15.32
N LYS A 102 -6.86 0.21 -16.45
CA LYS A 102 -7.57 0.72 -17.64
C LYS A 102 -9.08 0.69 -17.38
N LYS A 103 -9.51 -0.43 -16.79
CA LYS A 103 -10.90 -0.70 -16.43
C LYS A 103 -11.20 -0.17 -15.01
N PRO A 104 -12.19 0.76 -14.84
CA PRO A 104 -12.75 1.08 -13.52
C PRO A 104 -13.57 -0.11 -12.98
N TYR A 105 -13.56 -0.27 -11.65
CA TYR A 105 -14.23 -1.38 -10.92
C TYR A 105 -13.64 -2.74 -11.31
N GLN A 106 -12.34 -2.70 -11.69
CA GLN A 106 -11.54 -3.89 -12.02
C GLN A 106 -11.28 -4.72 -10.76
N CYS A 107 -11.81 -5.95 -10.74
CA CYS A 107 -11.67 -6.86 -9.59
C CYS A 107 -10.28 -7.52 -9.62
N TYR A 108 -9.45 -7.19 -8.62
CA TYR A 108 -8.10 -7.72 -8.48
C TYR A 108 -7.77 -8.00 -7.01
N ILE A 109 -6.68 -8.76 -6.82
CA ILE A 109 -6.18 -9.16 -5.52
C ILE A 109 -4.85 -8.42 -5.26
N MET A 110 -4.83 -7.51 -4.28
CA MET A 110 -3.62 -6.74 -3.96
C MET A 110 -2.79 -7.51 -2.94
N HIS A 111 -1.57 -7.88 -3.33
CA HIS A 111 -0.67 -8.75 -2.55
C HIS A 111 0.58 -7.95 -2.10
N ASN A 112 1.02 -8.20 -0.83
CA ASN A 112 2.27 -7.62 -0.24
C ASN A 112 2.12 -6.10 0.00
N VAL A 113 0.87 -5.66 0.21
CA VAL A 113 0.51 -4.24 0.36
C VAL A 113 1.14 -3.66 1.65
N GLN A 114 2.18 -2.83 1.46
CA GLN A 114 3.04 -2.34 2.55
C GLN A 114 2.57 -0.96 3.04
N VAL A 115 2.13 -0.88 4.30
CA VAL A 115 1.56 0.35 4.87
C VAL A 115 2.66 1.35 5.31
N PHE A 116 2.56 2.61 4.85
CA PHE A 116 3.47 3.71 5.23
C PHE A 116 2.70 4.86 5.91
N GLN A 117 3.06 5.16 7.16
CA GLN A 117 2.45 6.23 7.98
C GLN A 117 3.24 7.54 7.81
N MET A 118 2.52 8.66 7.58
CA MET A 118 3.14 10.01 7.43
C MET A 118 3.76 10.52 8.76
N LEU A 119 5.03 10.94 8.68
CA LEU A 119 5.79 11.56 9.78
C LEU A 119 6.99 12.35 9.19
N ASN A 120 7.67 13.16 10.00
CA ASN A 120 8.79 14.02 9.51
C ASN A 120 9.68 14.50 10.67
N LYS A 121 9.22 14.34 11.92
CA LYS A 121 9.94 14.80 13.13
C LYS A 121 10.96 13.74 13.59
N ASN A 122 11.74 13.21 12.62
CA ASN A 122 12.77 12.21 12.87
C ASN A 122 14.03 12.90 13.46
N LYS A 123 14.14 12.87 14.78
CA LYS A 123 15.24 13.51 15.51
C LYS A 123 15.64 12.65 16.72
N ASN A 124 16.80 11.98 16.59
CA ASN A 124 17.33 11.07 17.62
C ASN A 124 18.15 11.81 18.69
N ASN A 125 18.95 12.81 18.25
CA ASN A 125 19.87 13.56 19.14
C ASN A 125 19.83 15.06 18.86
N ASN A 126 20.46 15.83 19.77
CA ASN A 126 20.70 17.27 19.62
C ASN A 126 22.07 17.61 20.22
N VAL A 127 23.11 17.46 19.41
CA VAL A 127 24.49 17.80 19.78
C VAL A 127 25.20 18.33 18.52
N VAL A 128 26.14 19.27 18.72
CA VAL A 128 26.91 19.88 17.62
C VAL A 128 27.92 18.87 17.04
N GLU A 129 28.27 19.09 15.78
CA GLU A 129 29.24 18.27 15.04
C GLU A 129 29.94 19.16 14.00
N PHE A 130 31.25 18.92 13.78
CA PHE A 130 32.06 19.70 12.83
C PHE A 130 31.79 19.20 11.40
N MET A 131 30.60 19.55 10.90
CA MET A 131 30.12 19.19 9.56
C MET A 131 29.36 20.39 8.99
N ASP A 132 28.19 20.67 9.60
CA ASP A 132 27.31 21.81 9.24
C ASP A 132 26.20 21.97 10.30
N SER A 133 25.41 23.03 10.13
CA SER A 133 24.24 23.32 10.97
C SER A 133 22.98 23.33 10.09
N GLU A 134 22.31 22.17 10.02
CA GLU A 134 21.07 21.99 9.24
C GLU A 134 19.85 22.17 10.15
N ASP A 135 18.92 23.05 9.73
CA ASP A 135 17.64 23.27 10.43
C ASP A 135 16.51 22.53 9.68
N LEU A 136 15.67 21.80 10.44
CA LEU A 136 14.56 20.99 9.86
C LEU A 136 13.26 21.81 9.82
N GLN A 137 12.72 22.01 8.61
CA GLN A 137 11.39 22.58 8.40
C GLN A 137 10.37 21.44 8.57
N SER A 138 9.56 21.50 9.63
CA SER A 138 8.67 20.40 10.04
C SER A 138 7.33 20.46 9.27
N SER A 139 7.28 19.77 8.12
CA SER A 139 6.07 19.64 7.28
C SER A 139 5.25 18.43 7.78
N VAL A 140 4.35 18.66 8.75
CA VAL A 140 3.64 17.59 9.48
C VAL A 140 2.41 17.05 8.74
N ASP A 141 2.28 15.71 8.80
CA ASP A 141 1.05 14.98 8.44
C ASP A 141 1.02 13.69 9.31
N SER A 142 -0.13 13.00 9.35
CA SER A 142 -0.34 11.86 10.29
C SER A 142 -1.21 10.73 9.67
N GLN A 143 -1.49 10.82 8.36
CA GLN A 143 -2.36 9.84 7.67
C GLN A 143 -1.49 8.69 7.12
N LEU A 144 -1.87 7.44 7.44
CA LEU A 144 -1.21 6.24 6.87
C LEU A 144 -1.88 5.87 5.54
N TYR A 145 -1.04 5.52 4.56
CA TYR A 145 -1.46 5.15 3.21
C TYR A 145 -0.94 3.74 2.90
N TYR A 146 -1.56 3.06 1.92
CA TYR A 146 -1.19 1.71 1.51
C TYR A 146 -0.29 1.77 0.26
N LEU A 147 1.01 1.60 0.47
CA LEU A 147 2.04 1.64 -0.57
C LEU A 147 2.23 0.24 -1.17
N ILE A 148 2.27 0.18 -2.51
CA ILE A 148 2.57 -1.04 -3.28
C ILE A 148 4.02 -0.98 -3.74
N ASP A 149 4.85 -1.87 -3.18
CA ASP A 149 6.27 -1.94 -3.53
C ASP A 149 6.49 -2.82 -4.77
N GLU A 150 7.75 -2.91 -5.19
CA GLU A 150 8.15 -3.62 -6.42
C GLU A 150 8.08 -5.16 -6.25
N SER A 151 8.02 -5.65 -5.00
CA SER A 151 7.85 -7.09 -4.69
C SER A 151 6.35 -7.44 -4.54
N SER A 152 5.49 -6.40 -4.46
CA SER A 152 4.04 -6.54 -4.45
C SER A 152 3.50 -6.95 -5.83
N HIS A 153 2.34 -7.64 -5.83
CA HIS A 153 1.73 -8.19 -7.05
C HIS A 153 0.22 -7.88 -7.06
N VAL A 154 -0.26 -7.27 -8.14
CA VAL A 154 -1.71 -6.99 -8.34
C VAL A 154 -2.28 -8.04 -9.31
N LEU A 155 -2.88 -9.11 -8.75
CA LEU A 155 -3.39 -10.25 -9.54
C LEU A 155 -4.84 -10.01 -9.94
N GLU A 156 -5.06 -9.58 -11.20
CA GLU A 156 -6.43 -9.32 -11.71
C GLU A 156 -7.19 -10.63 -11.84
N ASP A 157 -8.31 -10.73 -11.10
CA ASP A 157 -9.24 -11.84 -11.20
C ASP A 157 -10.00 -11.73 -12.52
N ASP A 158 -9.88 -12.76 -13.37
CA ASP A 158 -10.47 -12.77 -14.72
C ASP A 158 -12.01 -12.72 -14.66
N SER A 159 -12.60 -13.35 -13.62
CA SER A 159 -14.06 -13.37 -13.42
C SER A 159 -14.40 -12.99 -11.96
N MET A 160 -14.48 -13.98 -11.07
CA MET A 160 -14.74 -13.77 -9.62
C MET A 160 -14.36 -15.08 -8.88
N ASP A 161 -13.48 -15.87 -9.51
CA ASP A 161 -13.12 -17.22 -9.04
C ASP A 161 -12.03 -17.15 -7.97
N PHE A 162 -11.08 -16.21 -8.14
CA PHE A 162 -9.99 -15.99 -7.16
C PHE A 162 -10.60 -15.38 -5.88
N ILE A 163 -11.54 -14.42 -6.08
CA ILE A 163 -12.32 -13.77 -5.02
C ILE A 163 -13.15 -14.82 -4.27
N SER A 164 -13.82 -15.71 -5.04
CA SER A 164 -14.70 -16.77 -4.51
C SER A 164 -13.93 -17.64 -3.52
N THR A 165 -12.73 -18.09 -3.97
CA THR A 165 -11.81 -18.90 -3.18
C THR A 165 -11.43 -18.21 -1.86
N LEU A 166 -10.92 -16.97 -1.96
CA LEU A 166 -10.43 -16.21 -0.79
C LEU A 166 -11.55 -15.92 0.23
N THR A 167 -12.71 -15.49 -0.28
CA THR A 167 -13.82 -14.98 0.56
C THR A 167 -14.59 -16.13 1.26
N ARG A 168 -14.50 -17.36 0.71
CA ARG A 168 -15.08 -18.57 1.35
C ARG A 168 -14.04 -19.19 2.30
N LEU A 169 -12.74 -18.97 1.99
CA LEU A 169 -11.61 -19.38 2.85
C LEU A 169 -11.66 -18.59 4.19
N SER A 170 -11.96 -17.29 4.09
CA SER A 170 -12.10 -16.41 5.26
C SER A 170 -13.51 -16.54 5.84
N ASP A 171 -14.52 -16.20 5.01
CA ASP A 171 -15.95 -16.33 5.32
C ASP A 171 -16.38 -15.47 6.54
N SER A 172 -17.70 -15.45 6.83
CA SER A 172 -18.26 -14.83 8.06
C SER A 172 -18.00 -13.32 8.11
N GLN B 1 17.24 12.70 -1.78
CA GLN B 1 17.66 11.79 -2.85
C GLN B 1 16.78 10.53 -2.84
N ASP B 2 16.89 9.75 -1.74
CA ASP B 2 16.15 8.49 -1.54
C ASP B 2 14.68 8.80 -1.18
N ASP B 3 13.73 8.32 -1.99
CA ASP B 3 12.28 8.67 -1.85
C ASP B 3 11.70 8.30 -0.48
N PHE B 4 12.24 7.22 0.12
CA PHE B 4 11.80 6.73 1.46
C PHE B 4 12.93 6.88 2.50
N GLY B 5 14.02 7.60 2.12
CA GLY B 5 15.09 8.01 3.04
C GLY B 5 14.88 9.43 3.53
N ASP B 6 15.76 9.90 4.46
CA ASP B 6 15.61 11.21 5.18
C ASP B 6 15.26 12.38 4.25
N GLY B 7 14.21 13.12 4.64
CA GLY B 7 13.58 14.11 3.77
C GLY B 7 12.29 13.57 3.13
N CYS B 8 11.99 12.29 3.42
CA CYS B 8 10.69 11.68 3.12
C CYS B 8 9.63 12.19 4.12
N LEU B 9 8.36 12.03 3.77
CA LEU B 9 7.22 12.46 4.60
C LEU B 9 6.51 11.24 5.21
N LEU B 10 7.02 10.02 4.95
CA LEU B 10 6.42 8.76 5.46
C LEU B 10 7.49 7.68 5.74
N GLN B 11 7.11 6.75 6.64
CA GLN B 11 7.91 5.57 7.03
C GLN B 11 6.95 4.39 7.26
N ILE B 12 7.44 3.18 6.99
CA ILE B 12 6.66 1.94 7.10
C ILE B 12 6.26 1.67 8.58
N VAL B 13 5.01 1.17 8.82
CA VAL B 13 4.54 0.80 10.17
C VAL B 13 5.30 -0.44 10.71
N ASN B 14 6.38 -0.19 11.46
CA ASN B 14 7.18 -1.23 12.15
C ASN B 14 7.17 -0.94 13.67
N MET A 1 8.01 -11.80 -13.15
CA MET A 1 8.76 -12.85 -13.91
C MET A 1 8.12 -14.24 -13.68
N GLU A 2 6.85 -14.36 -14.09
CA GLU A 2 6.08 -15.62 -14.01
C GLU A 2 6.38 -16.46 -15.26
N ILE A 3 7.58 -17.03 -15.29
CA ILE A 3 8.09 -17.83 -16.42
C ILE A 3 7.48 -19.23 -16.37
N GLU A 4 7.54 -19.82 -15.17
CA GLU A 4 7.01 -21.15 -14.87
C GLU A 4 5.79 -21.02 -13.96
N GLU A 5 4.96 -22.08 -13.93
CA GLU A 5 3.77 -22.15 -13.08
C GLU A 5 4.15 -22.07 -11.59
N ASP A 6 5.38 -22.51 -11.26
CA ASP A 6 5.94 -22.54 -9.88
C ASP A 6 5.93 -21.15 -9.24
N LEU A 7 6.15 -20.09 -10.05
CA LEU A 7 6.06 -18.68 -9.61
C LEU A 7 4.58 -18.37 -9.28
N ASN A 8 3.69 -18.76 -10.21
CA ASN A 8 2.23 -18.55 -10.09
C ASN A 8 1.65 -19.36 -8.91
N LEU A 9 2.35 -20.43 -8.51
CA LEU A 9 1.93 -21.33 -7.42
C LEU A 9 2.42 -20.79 -6.07
N LYS A 10 3.65 -20.22 -6.04
CA LYS A 10 4.24 -19.69 -4.79
C LYS A 10 3.55 -18.38 -4.38
N ILE A 11 3.16 -17.56 -5.39
CA ILE A 11 2.37 -16.33 -5.14
C ILE A 11 0.93 -16.73 -4.78
N LEU A 12 0.39 -17.79 -5.42
CA LEU A 12 -0.97 -18.32 -5.15
C LEU A 12 -1.15 -18.63 -3.66
N GLU A 13 -0.24 -19.46 -3.11
CA GLU A 13 -0.29 -19.89 -1.71
C GLU A 13 -0.01 -18.70 -0.79
N ASP A 14 0.84 -17.76 -1.25
CA ASP A 14 1.25 -16.58 -0.46
C ASP A 14 0.14 -15.52 -0.42
N VAL A 15 -0.67 -15.46 -1.50
CA VAL A 15 -1.79 -14.51 -1.64
C VAL A 15 -2.90 -14.90 -0.69
N LYS A 16 -3.37 -16.15 -0.81
CA LYS A 16 -4.49 -16.67 0.00
C LYS A 16 -4.14 -16.64 1.50
N LYS A 17 -2.93 -17.10 1.85
CA LYS A 17 -2.42 -17.15 3.24
C LYS A 17 -2.36 -15.75 3.85
N LEU A 18 -1.61 -14.84 3.21
CA LEU A 18 -1.48 -13.45 3.69
C LEU A 18 -2.82 -12.74 3.70
N TYR A 19 -3.73 -13.11 2.76
CA TYR A 19 -5.09 -12.55 2.68
C TYR A 19 -5.85 -12.83 3.98
N LEU A 20 -5.90 -14.12 4.36
CA LEU A 20 -6.66 -14.59 5.55
C LEU A 20 -6.11 -13.95 6.84
N GLN A 21 -4.78 -14.04 6.96
CA GLN A 21 -4.03 -13.54 8.13
C GLN A 21 -4.25 -12.02 8.30
N SER A 22 -3.98 -11.26 7.22
CA SER A 22 -4.09 -9.79 7.24
C SER A 22 -5.55 -9.36 7.35
N PHE A 23 -6.49 -10.11 6.73
CA PHE A 23 -7.95 -9.81 6.74
C PHE A 23 -8.42 -9.63 8.19
N ASP A 24 -8.03 -10.58 9.05
CA ASP A 24 -8.33 -10.57 10.49
C ASP A 24 -7.62 -9.40 11.20
N TYR A 25 -6.34 -9.18 10.85
CA TYR A 25 -5.51 -8.09 11.40
C TYR A 25 -6.11 -6.69 11.05
N ILE A 26 -6.74 -6.57 9.87
CA ILE A 26 -7.33 -5.29 9.38
C ILE A 26 -8.73 -5.05 10.03
N LYS A 27 -9.49 -6.16 10.22
CA LYS A 27 -10.76 -6.18 11.01
C LYS A 27 -10.50 -5.73 12.45
N ASN A 28 -9.36 -6.15 12.96
CA ASN A 28 -8.91 -5.90 14.34
C ASN A 28 -8.23 -4.52 14.45
N GLY A 29 -7.80 -3.97 13.30
CA GLY A 29 -7.23 -2.63 13.21
C GLY A 29 -5.74 -2.68 12.90
N ILE A 30 -5.29 -1.86 11.94
CA ILE A 30 -3.87 -1.75 11.59
C ILE A 30 -3.10 -1.13 12.77
N SER A 31 -2.10 -1.88 13.27
CA SER A 31 -1.19 -1.44 14.36
C SER A 31 -1.94 -1.29 15.70
N SER A 32 -3.00 -2.12 15.88
CA SER A 32 -3.82 -2.13 17.09
C SER A 32 -3.18 -3.03 18.18
N GLY A 33 -1.99 -2.60 18.64
CA GLY A 33 -1.24 -3.29 19.71
C GLY A 33 -0.89 -4.74 19.38
N GLY A 34 -1.77 -5.66 19.83
CA GLY A 34 -1.60 -7.09 19.62
C GLY A 34 -2.79 -7.87 20.19
N SER A 35 -3.98 -7.25 20.17
CA SER A 35 -5.20 -7.79 20.78
C SER A 35 -5.76 -9.00 19.99
N GLY A 36 -6.20 -10.04 20.72
CA GLY A 36 -6.81 -11.23 20.11
C GLY A 36 -5.84 -12.11 19.34
N GLY A 37 -4.53 -11.84 19.50
CA GLY A 37 -3.49 -12.55 18.77
C GLY A 37 -3.42 -12.14 17.30
N SER A 38 -3.28 -10.83 17.05
CA SER A 38 -3.08 -10.30 15.70
C SER A 38 -1.66 -10.63 15.21
N ILE A 39 -1.58 -11.28 14.04
CA ILE A 39 -0.32 -11.64 13.37
C ILE A 39 0.52 -10.38 13.03
N ASP A 40 1.85 -10.53 13.11
CA ASP A 40 2.81 -9.42 12.93
C ASP A 40 3.40 -9.47 11.52
N LEU A 41 2.97 -8.53 10.66
CA LEU A 41 3.53 -8.33 9.30
C LEU A 41 3.57 -6.83 8.97
N SER A 42 4.53 -6.44 8.13
CA SER A 42 4.70 -5.07 7.65
C SER A 42 4.04 -4.90 6.26
N ARG A 43 3.82 -6.04 5.58
CA ARG A 43 3.14 -6.11 4.28
C ARG A 43 1.88 -6.97 4.42
N ILE A 44 0.81 -6.57 3.74
CA ILE A 44 -0.49 -7.26 3.78
C ILE A 44 -0.92 -7.69 2.37
N THR A 45 -2.00 -8.48 2.28
CA THR A 45 -2.64 -8.87 1.01
C THR A 45 -4.15 -8.81 1.18
N PHE A 46 -4.83 -8.20 0.22
CA PHE A 46 -6.29 -8.04 0.24
C PHE A 46 -6.84 -8.03 -1.18
N LEU A 47 -8.17 -8.01 -1.25
CA LEU A 47 -8.93 -8.08 -2.50
C LEU A 47 -9.90 -6.90 -2.51
N TYR A 48 -10.01 -6.21 -3.67
CA TYR A 48 -11.03 -5.17 -3.89
C TYR A 48 -11.14 -4.87 -5.39
N LYS A 49 -12.15 -4.07 -5.76
CA LYS A 49 -12.30 -3.55 -7.13
C LYS A 49 -11.87 -2.08 -7.18
N PHE A 50 -11.19 -1.70 -8.27
CA PHE A 50 -10.65 -0.33 -8.47
C PHE A 50 -11.78 0.71 -8.40
N ILE A 51 -11.63 1.71 -7.54
CA ILE A 51 -12.62 2.79 -7.44
C ILE A 51 -12.32 3.83 -8.54
N SER A 52 -11.17 4.50 -8.40
CA SER A 52 -10.70 5.56 -9.31
C SER A 52 -9.36 6.08 -8.80
N VAL A 53 -8.56 6.68 -9.68
CA VAL A 53 -7.36 7.42 -9.27
C VAL A 53 -7.76 8.90 -9.03
N ASN A 54 -7.21 9.50 -7.98
CA ASN A 54 -7.41 10.91 -7.64
C ASN A 54 -6.51 11.75 -8.58
N PRO A 55 -7.03 12.88 -9.18
CA PRO A 55 -6.22 13.82 -10.00
C PRO A 55 -5.03 14.38 -9.22
N THR A 56 -5.19 14.45 -7.89
CA THR A 56 -4.16 14.93 -6.96
C THR A 56 -3.19 13.79 -6.61
N LEU A 57 -1.95 14.16 -6.31
CA LEU A 57 -0.86 13.23 -5.99
C LEU A 57 -0.24 13.56 -4.62
N LEU A 58 0.28 12.52 -3.95
CA LEU A 58 0.75 12.59 -2.56
C LEU A 58 2.27 12.78 -2.50
N LEU A 59 2.73 13.87 -1.85
CA LEU A 59 4.16 14.11 -1.63
C LEU A 59 4.70 13.11 -0.60
N ILE A 60 5.62 12.26 -1.05
CA ILE A 60 6.25 11.22 -0.21
C ILE A 60 7.65 11.66 0.25
N ASN A 61 8.24 12.66 -0.43
CA ASN A 61 9.60 13.14 -0.15
C ASN A 61 9.71 14.66 -0.36
N GLU A 62 9.93 15.39 0.73
CA GLU A 62 10.02 16.86 0.72
C GLU A 62 11.39 17.32 0.16
N LYS A 63 12.45 16.57 0.47
CA LYS A 63 13.84 16.93 0.07
C LYS A 63 14.03 16.95 -1.47
N THR A 64 13.51 15.93 -2.17
CA THR A 64 13.72 15.77 -3.62
C THR A 64 12.41 16.04 -4.41
N GLN A 65 11.33 16.43 -3.69
CA GLN A 65 10.04 16.92 -4.26
C GLN A 65 9.45 15.98 -5.33
N ALA A 66 9.03 14.78 -4.90
CA ALA A 66 8.38 13.78 -5.78
C ALA A 66 7.08 13.28 -5.15
N LYS A 67 6.02 13.23 -5.97
CA LYS A 67 4.68 12.80 -5.56
C LYS A 67 4.30 11.49 -6.28
N ARG A 68 3.32 10.76 -5.71
CA ARG A 68 2.84 9.46 -6.25
C ARG A 68 1.32 9.50 -6.38
N ARG A 69 0.77 8.78 -7.38
CA ARG A 69 -0.68 8.79 -7.66
C ARG A 69 -1.47 8.06 -6.57
N ILE A 70 -2.68 8.58 -6.32
CA ILE A 70 -3.59 8.09 -5.28
C ILE A 70 -4.62 7.13 -5.91
N PHE A 71 -4.33 5.82 -5.85
CA PHE A 71 -5.26 4.78 -6.30
C PHE A 71 -6.24 4.48 -5.16
N GLN A 72 -7.40 5.14 -5.19
CA GLN A 72 -8.40 5.07 -4.11
C GLN A 72 -8.93 3.63 -3.96
N GLY A 73 -8.66 3.04 -2.79
CA GLY A 73 -8.91 1.62 -2.55
C GLY A 73 -9.64 1.38 -1.24
N GLU A 74 -10.97 1.21 -1.32
CA GLU A 74 -11.82 0.79 -0.19
C GLU A 74 -12.25 -0.68 -0.34
N TYR A 75 -12.51 -1.32 0.81
CA TYR A 75 -13.06 -2.69 0.88
C TYR A 75 -13.61 -2.94 2.28
N LEU A 76 -14.59 -3.85 2.40
CA LEU A 76 -15.22 -4.22 3.67
C LEU A 76 -14.52 -5.46 4.26
N TYR A 77 -13.86 -5.26 5.42
CA TYR A 77 -13.20 -6.33 6.18
C TYR A 77 -14.04 -6.59 7.44
N GLY A 78 -14.68 -7.77 7.51
CA GLY A 78 -15.49 -8.16 8.66
C GLY A 78 -16.81 -7.41 8.71
N LYS A 79 -16.84 -6.31 9.48
CA LYS A 79 -18.03 -5.44 9.65
C LYS A 79 -17.74 -4.00 9.22
N LYS A 80 -16.44 -3.64 9.14
CA LYS A 80 -15.99 -2.26 8.85
C LYS A 80 -15.57 -2.14 7.38
N LYS A 81 -15.72 -0.93 6.81
CA LYS A 81 -15.19 -0.60 5.48
C LYS A 81 -13.90 0.23 5.66
N ILE A 82 -12.77 -0.38 5.32
CA ILE A 82 -11.45 0.26 5.37
C ILE A 82 -11.19 0.99 4.05
N GLN A 83 -11.00 2.31 4.14
CA GLN A 83 -10.85 3.21 3.00
C GLN A 83 -9.50 3.92 3.09
N PHE A 84 -8.51 3.46 2.30
CA PHE A 84 -7.16 4.08 2.24
C PHE A 84 -6.70 4.21 0.80
N ASN A 85 -5.59 4.94 0.62
CA ASN A 85 -5.06 5.26 -0.71
C ASN A 85 -3.86 4.37 -1.02
N ILE A 86 -3.98 3.60 -2.10
CA ILE A 86 -2.89 2.79 -2.64
C ILE A 86 -1.88 3.71 -3.36
N ILE A 87 -0.60 3.53 -3.03
CA ILE A 87 0.52 4.37 -3.51
C ILE A 87 1.43 3.49 -4.38
N ALA A 88 2.33 4.11 -5.14
CA ALA A 88 3.32 3.41 -5.98
C ALA A 88 4.74 3.91 -5.62
N LYS A 89 5.78 3.05 -5.76
CA LYS A 89 7.16 3.41 -5.35
C LYS A 89 7.76 4.55 -6.19
N ASN A 90 7.90 4.33 -7.50
CA ASN A 90 8.62 5.26 -8.40
C ASN A 90 7.76 5.50 -9.66
N LEU A 91 8.22 6.39 -10.57
CA LEU A 91 7.51 6.72 -11.82
C LEU A 91 7.17 5.46 -12.67
N GLU A 92 8.04 4.45 -12.56
CA GLU A 92 7.89 3.14 -13.19
C GLU A 92 6.68 2.36 -12.63
N ILE A 93 6.40 2.53 -11.33
CA ILE A 93 5.31 1.83 -10.63
C ILE A 93 3.96 2.59 -10.81
N GLU A 94 4.01 3.96 -10.97
CA GLU A 94 2.79 4.74 -11.37
C GLU A 94 2.25 4.22 -12.70
N ARG A 95 3.14 4.21 -13.72
CA ARG A 95 2.78 3.82 -15.09
C ARG A 95 2.38 2.32 -15.13
N GLU A 96 2.99 1.50 -14.26
CA GLU A 96 2.64 0.08 -14.11
C GLU A 96 1.17 -0.07 -13.67
N LEU A 97 0.84 0.53 -12.51
CA LEU A 97 -0.47 0.38 -11.86
C LEU A 97 -1.61 1.00 -12.69
N ILE A 98 -1.39 2.20 -13.29
CA ILE A 98 -2.44 2.87 -14.09
C ILE A 98 -2.75 2.08 -15.38
N GLN A 99 -1.70 1.50 -15.99
CA GLN A 99 -1.84 0.69 -17.22
C GLN A 99 -2.30 -0.73 -16.91
N PHE A 100 -2.21 -1.14 -15.62
CA PHE A 100 -2.73 -2.44 -15.17
C PHE A 100 -4.23 -2.29 -14.83
N PHE A 101 -4.59 -1.15 -14.23
CA PHE A 101 -5.98 -0.84 -13.84
C PHE A 101 -6.68 -0.14 -15.01
N LYS A 102 -6.76 -0.88 -16.14
CA LYS A 102 -7.36 -0.40 -17.41
C LYS A 102 -8.83 -0.04 -17.21
N LYS A 103 -9.58 -1.02 -16.69
CA LYS A 103 -11.01 -0.88 -16.43
C LYS A 103 -11.22 -0.47 -14.96
N PRO A 104 -12.04 0.58 -14.67
CA PRO A 104 -12.49 0.87 -13.30
C PRO A 104 -13.53 -0.18 -12.83
N TYR A 105 -13.60 -0.35 -11.49
CA TYR A 105 -14.49 -1.33 -10.82
C TYR A 105 -14.12 -2.78 -11.17
N GLN A 106 -12.85 -2.95 -11.59
CA GLN A 106 -12.23 -4.23 -11.93
C GLN A 106 -11.66 -4.87 -10.65
N CYS A 107 -12.04 -6.14 -10.38
CA CYS A 107 -11.72 -6.82 -9.09
C CYS A 107 -10.46 -7.69 -9.21
N TYR A 108 -9.48 -7.36 -8.38
CA TYR A 108 -8.14 -7.96 -8.35
C TYR A 108 -7.67 -8.14 -6.89
N ILE A 109 -6.58 -8.93 -6.73
CA ILE A 109 -5.98 -9.21 -5.42
C ILE A 109 -4.63 -8.48 -5.34
N MET A 110 -4.51 -7.49 -4.45
CA MET A 110 -3.25 -6.75 -4.26
C MET A 110 -2.40 -7.47 -3.21
N HIS A 111 -1.23 -7.97 -3.65
CA HIS A 111 -0.29 -8.76 -2.84
C HIS A 111 0.97 -7.94 -2.49
N ASN A 112 1.51 -8.16 -1.27
CA ASN A 112 2.82 -7.60 -0.80
C ASN A 112 2.69 -6.08 -0.47
N VAL A 113 1.44 -5.64 -0.20
CA VAL A 113 1.09 -4.23 0.00
C VAL A 113 1.72 -3.68 1.30
N GLN A 114 2.76 -2.85 1.16
CA GLN A 114 3.56 -2.36 2.28
C GLN A 114 2.97 -1.05 2.85
N VAL A 115 2.52 -1.07 4.11
CA VAL A 115 1.86 0.11 4.75
C VAL A 115 2.90 1.16 5.23
N PHE A 116 2.65 2.44 4.90
CA PHE A 116 3.49 3.59 5.31
C PHE A 116 2.63 4.63 6.05
N GLN A 117 2.94 4.86 7.34
CA GLN A 117 2.21 5.80 8.22
C GLN A 117 2.95 7.16 8.29
N MET A 118 2.23 8.27 8.02
CA MET A 118 2.85 9.61 7.94
C MET A 118 3.32 10.16 9.29
N LEU A 119 4.47 10.84 9.21
CA LEU A 119 5.11 11.58 10.32
C LEU A 119 5.86 12.77 9.71
N ASN A 120 6.48 13.63 10.54
CA ASN A 120 7.30 14.74 10.01
C ASN A 120 8.25 15.32 11.09
N LYS A 121 9.23 16.14 10.63
CA LYS A 121 10.36 16.61 11.44
C LYS A 121 10.77 18.04 11.01
N ASN A 122 9.77 18.95 10.80
CA ASN A 122 9.99 20.34 10.29
C ASN A 122 11.12 21.12 11.05
N LYS A 123 12.35 21.05 10.51
CA LYS A 123 13.52 21.80 10.98
C LYS A 123 13.85 22.92 9.99
N ASN A 124 13.62 24.17 10.39
CA ASN A 124 13.91 25.35 9.56
C ASN A 124 15.33 25.85 9.87
N ASN A 125 16.33 25.20 9.24
CA ASN A 125 17.75 25.52 9.44
C ASN A 125 18.13 26.80 8.69
N ASN A 126 17.60 26.94 7.45
CA ASN A 126 17.87 28.09 6.54
C ASN A 126 19.33 28.07 6.00
N VAL A 127 19.50 28.53 4.75
CA VAL A 127 20.79 28.55 4.05
C VAL A 127 21.27 30.00 3.81
N VAL A 128 22.58 30.17 3.55
CA VAL A 128 23.22 31.50 3.39
C VAL A 128 23.73 31.73 1.95
N GLU A 129 23.27 30.89 1.00
CA GLU A 129 23.63 31.01 -0.43
C GLU A 129 22.38 30.82 -1.31
N PHE A 130 22.27 31.59 -2.39
CA PHE A 130 21.10 31.58 -3.28
C PHE A 130 21.22 30.43 -4.30
N MET A 131 20.57 29.29 -3.99
CA MET A 131 20.58 28.08 -4.82
C MET A 131 19.56 27.06 -4.26
N ASP A 132 18.42 26.90 -4.96
CA ASP A 132 17.33 25.96 -4.60
C ASP A 132 16.68 26.29 -3.24
N SER A 133 15.75 27.27 -3.27
CA SER A 133 14.92 27.67 -2.10
C SER A 133 13.74 28.53 -2.57
N GLU A 134 13.45 28.45 -3.88
CA GLU A 134 12.42 29.29 -4.55
C GLU A 134 11.01 28.69 -4.41
N ASP A 135 10.88 27.58 -3.66
CA ASP A 135 9.59 26.92 -3.38
C ASP A 135 9.62 26.22 -2.02
N LEU A 136 8.46 26.28 -1.32
CA LEU A 136 8.21 25.59 -0.06
C LEU A 136 6.69 25.57 0.19
N GLN A 137 6.17 24.42 0.68
CA GLN A 137 4.74 24.26 1.00
C GLN A 137 4.58 23.53 2.36
N SER A 138 3.42 23.72 3.00
CA SER A 138 3.13 23.19 4.35
C SER A 138 1.88 22.29 4.32
N SER A 139 1.64 21.62 3.18
CA SER A 139 0.48 20.74 2.95
C SER A 139 0.74 19.32 3.52
N VAL A 140 1.13 19.26 4.81
CA VAL A 140 1.50 18.01 5.51
C VAL A 140 0.48 17.65 6.60
N ASP A 141 0.11 16.37 6.64
CA ASP A 141 -0.82 15.81 7.66
C ASP A 141 -0.40 14.37 8.02
N SER A 142 -1.04 13.80 9.06
CA SER A 142 -0.72 12.45 9.56
C SER A 142 -1.85 11.46 9.20
N GLN A 143 -1.55 10.55 8.25
CA GLN A 143 -2.45 9.46 7.82
C GLN A 143 -1.61 8.31 7.24
N LEU A 144 -2.09 7.06 7.31
CA LEU A 144 -1.38 5.88 6.76
C LEU A 144 -1.96 5.50 5.39
N TYR A 145 -1.05 5.29 4.43
CA TYR A 145 -1.38 4.95 3.04
C TYR A 145 -0.69 3.64 2.69
N TYR A 146 -1.31 2.86 1.79
CA TYR A 146 -0.85 1.50 1.45
C TYR A 146 0.04 1.52 0.19
N LEU A 147 1.36 1.55 0.40
CA LEU A 147 2.39 1.64 -0.66
C LEU A 147 2.55 0.30 -1.42
N ILE A 148 2.74 0.40 -2.74
CA ILE A 148 3.04 -0.72 -3.65
C ILE A 148 4.42 -0.52 -4.28
N ASP A 149 5.19 -1.60 -4.36
CA ASP A 149 6.55 -1.63 -4.92
C ASP A 149 6.66 -2.64 -6.05
N GLU A 150 7.85 -2.70 -6.66
CA GLU A 150 8.16 -3.58 -7.81
C GLU A 150 8.28 -5.07 -7.42
N SER A 151 8.26 -5.38 -6.11
CA SER A 151 8.19 -6.78 -5.61
C SER A 151 6.72 -7.19 -5.36
N SER A 152 5.85 -6.17 -5.19
CA SER A 152 4.40 -6.37 -5.08
C SER A 152 3.78 -6.85 -6.41
N HIS A 153 2.76 -7.71 -6.30
CA HIS A 153 2.07 -8.31 -7.47
C HIS A 153 0.56 -8.14 -7.31
N VAL A 154 -0.09 -7.60 -8.34
CA VAL A 154 -1.55 -7.50 -8.40
C VAL A 154 -2.08 -8.58 -9.35
N LEU A 155 -2.98 -9.44 -8.85
CA LEU A 155 -3.51 -10.59 -9.60
C LEU A 155 -4.96 -10.32 -10.00
N GLU A 156 -5.18 -9.95 -11.26
CA GLU A 156 -6.52 -9.64 -11.79
C GLU A 156 -7.30 -10.96 -12.04
N ASP A 157 -8.52 -11.06 -11.47
CA ASP A 157 -9.36 -12.28 -11.62
C ASP A 157 -10.43 -12.04 -12.70
N ASP A 158 -10.24 -12.69 -13.87
CA ASP A 158 -11.18 -12.64 -15.01
C ASP A 158 -12.55 -13.20 -14.61
N SER A 159 -12.52 -14.26 -13.79
CA SER A 159 -13.73 -14.89 -13.23
C SER A 159 -14.00 -14.28 -11.83
N MET A 160 -14.81 -14.96 -11.00
CA MET A 160 -15.01 -14.56 -9.58
C MET A 160 -14.89 -15.79 -8.66
N ASP A 161 -14.23 -16.83 -9.17
CA ASP A 161 -14.10 -18.11 -8.44
C ASP A 161 -12.93 -18.07 -7.44
N PHE A 162 -11.86 -17.31 -7.78
CA PHE A 162 -10.73 -17.09 -6.86
C PHE A 162 -11.15 -16.11 -5.75
N ILE A 163 -11.93 -15.09 -6.15
CA ILE A 163 -12.59 -14.15 -5.22
C ILE A 163 -13.53 -14.90 -4.27
N SER A 164 -14.29 -15.87 -4.84
CA SER A 164 -15.21 -16.73 -4.07
C SER A 164 -14.44 -17.54 -3.02
N THR A 165 -13.28 -18.09 -3.44
CA THR A 165 -12.40 -18.89 -2.59
C THR A 165 -11.87 -18.06 -1.40
N LEU A 166 -11.38 -16.85 -1.68
CA LEU A 166 -10.74 -16.01 -0.64
C LEU A 166 -11.74 -15.53 0.42
N THR A 167 -12.94 -15.12 -0.02
CA THR A 167 -13.98 -14.56 0.88
C THR A 167 -14.67 -15.67 1.73
N ARG A 168 -14.70 -16.92 1.24
CA ARG A 168 -15.27 -18.07 1.99
C ARG A 168 -14.23 -18.65 2.96
N LEU A 169 -12.95 -18.60 2.55
CA LEU A 169 -11.81 -19.07 3.36
C LEU A 169 -11.67 -18.21 4.63
N SER A 170 -11.77 -16.88 4.46
CA SER A 170 -11.70 -15.92 5.56
C SER A 170 -13.02 -15.94 6.35
N ASP A 171 -14.13 -15.70 5.61
CA ASP A 171 -15.52 -15.69 6.14
C ASP A 171 -15.76 -14.52 7.11
N SER A 172 -16.91 -13.84 6.94
CA SER A 172 -17.39 -12.77 7.85
C SER A 172 -16.42 -11.59 7.92
N GLN B 1 19.10 9.96 -0.74
CA GLN B 1 18.79 9.74 -2.15
C GLN B 1 17.33 9.22 -2.26
N ASP B 2 17.03 8.20 -1.44
CA ASP B 2 15.74 7.46 -1.47
C ASP B 2 14.54 8.38 -1.13
N ASP B 3 13.49 8.26 -1.96
CA ASP B 3 12.20 8.96 -1.77
C ASP B 3 11.49 8.55 -0.46
N PHE B 4 11.61 7.26 -0.10
CA PHE B 4 11.08 6.74 1.18
C PHE B 4 12.19 6.62 2.25
N GLY B 5 13.29 7.39 2.07
CA GLY B 5 14.42 7.42 3.01
C GLY B 5 14.31 8.57 4.02
N ASP B 6 15.42 9.30 4.24
CA ASP B 6 15.46 10.47 5.16
C ASP B 6 14.92 11.72 4.42
N GLY B 7 13.97 12.42 5.06
CA GLY B 7 13.24 13.53 4.44
C GLY B 7 11.99 13.06 3.70
N CYS B 8 11.55 11.85 4.04
CA CYS B 8 10.26 11.28 3.62
C CYS B 8 9.12 11.75 4.55
N LEU B 9 7.90 11.79 4.02
CA LEU B 9 6.70 12.25 4.76
C LEU B 9 6.02 11.08 5.52
N LEU B 10 6.46 9.83 5.23
CA LEU B 10 5.86 8.61 5.83
C LEU B 10 6.93 7.52 6.09
N GLN B 11 6.72 6.77 7.18
CA GLN B 11 7.61 5.69 7.66
C GLN B 11 6.82 4.38 7.71
N ILE B 12 7.47 3.28 7.33
CA ILE B 12 6.84 1.95 7.22
C ILE B 12 6.44 1.42 8.62
N VAL B 13 5.28 0.71 8.69
CA VAL B 13 4.79 0.07 9.93
C VAL B 13 5.75 -1.08 10.40
N ASN B 14 6.79 -0.69 11.15
CA ASN B 14 7.75 -1.62 11.78
C ASN B 14 7.72 -1.40 13.31
N MET A 1 12.32 -22.72 -12.60
CA MET A 1 13.51 -21.89 -12.84
C MET A 1 13.07 -20.47 -13.18
N GLU A 2 12.32 -20.34 -14.29
CA GLU A 2 11.69 -19.08 -14.73
C GLU A 2 10.36 -18.85 -13.96
N ILE A 3 9.41 -18.09 -14.57
CA ILE A 3 8.07 -17.90 -14.01
C ILE A 3 7.37 -19.27 -13.84
N GLU A 4 7.05 -19.93 -14.99
CA GLU A 4 6.39 -21.26 -15.03
C GLU A 4 4.99 -21.19 -14.35
N GLU A 5 4.31 -22.34 -14.20
CA GLU A 5 3.14 -22.46 -13.31
C GLU A 5 3.52 -22.14 -11.85
N ASP A 6 4.80 -22.43 -11.51
CA ASP A 6 5.33 -22.38 -10.13
C ASP A 6 5.16 -21.00 -9.48
N LEU A 7 5.41 -19.92 -10.24
CA LEU A 7 5.24 -18.53 -9.75
C LEU A 7 3.76 -18.29 -9.43
N ASN A 8 2.90 -18.67 -10.37
CA ASN A 8 1.43 -18.51 -10.25
C ASN A 8 0.86 -19.32 -9.07
N LEU A 9 1.55 -20.41 -8.72
CA LEU A 9 1.14 -21.32 -7.63
C LEU A 9 1.70 -20.85 -6.27
N LYS A 10 2.93 -20.30 -6.28
CA LYS A 10 3.59 -19.84 -5.03
C LYS A 10 2.93 -18.56 -4.54
N ILE A 11 2.53 -17.69 -5.50
CA ILE A 11 1.77 -16.47 -5.19
C ILE A 11 0.34 -16.85 -4.82
N LEU A 12 -0.22 -17.91 -5.45
CA LEU A 12 -1.59 -18.39 -5.15
C LEU A 12 -1.73 -18.76 -3.66
N GLU A 13 -0.77 -19.58 -3.17
CA GLU A 13 -0.77 -20.06 -1.78
C GLU A 13 -0.35 -18.92 -0.83
N ASP A 14 0.55 -18.02 -1.31
CA ASP A 14 1.04 -16.89 -0.49
C ASP A 14 -0.03 -15.80 -0.36
N VAL A 15 -0.86 -15.68 -1.41
CA VAL A 15 -1.97 -14.73 -1.44
C VAL A 15 -3.01 -15.17 -0.43
N LYS A 16 -3.53 -16.41 -0.58
CA LYS A 16 -4.63 -16.93 0.28
C LYS A 16 -4.20 -16.98 1.76
N LYS A 17 -2.97 -17.42 2.02
CA LYS A 17 -2.38 -17.49 3.37
C LYS A 17 -2.30 -16.10 4.00
N LEU A 18 -1.61 -15.16 3.33
CA LEU A 18 -1.46 -13.77 3.82
C LEU A 18 -2.82 -13.04 3.83
N TYR A 19 -3.75 -13.47 2.98
CA TYR A 19 -5.10 -12.85 2.87
C TYR A 19 -5.88 -13.13 4.13
N LEU A 20 -5.94 -14.41 4.53
CA LEU A 20 -6.69 -14.87 5.71
C LEU A 20 -6.10 -14.30 7.01
N GLN A 21 -4.76 -14.37 7.09
CA GLN A 21 -4.00 -13.85 8.24
C GLN A 21 -4.23 -12.33 8.40
N SER A 22 -3.99 -11.58 7.31
CA SER A 22 -4.11 -10.12 7.32
C SER A 22 -5.57 -9.68 7.45
N PHE A 23 -6.51 -10.50 6.93
CA PHE A 23 -7.97 -10.22 7.00
C PHE A 23 -8.36 -10.02 8.47
N ASP A 24 -7.90 -10.96 9.31
CA ASP A 24 -8.04 -10.91 10.78
C ASP A 24 -7.36 -9.65 11.39
N TYR A 25 -6.12 -9.40 10.93
CA TYR A 25 -5.29 -8.26 11.38
C TYR A 25 -5.93 -6.88 11.01
N ILE A 26 -6.67 -6.84 9.88
CA ILE A 26 -7.31 -5.62 9.36
C ILE A 26 -8.64 -5.35 10.11
N LYS A 27 -9.40 -6.44 10.39
CA LYS A 27 -10.62 -6.39 11.23
C LYS A 27 -10.29 -5.97 12.67
N ASN A 28 -9.07 -6.34 13.11
CA ASN A 28 -8.56 -5.98 14.44
C ASN A 28 -8.05 -4.53 14.43
N GLY A 29 -7.46 -4.12 13.29
CA GLY A 29 -6.94 -2.77 13.08
C GLY A 29 -5.47 -2.79 12.72
N ILE A 30 -5.09 -1.98 11.71
CA ILE A 30 -3.71 -1.88 11.19
C ILE A 30 -2.78 -1.30 12.28
N SER A 31 -1.96 -2.19 12.89
CA SER A 31 -1.02 -1.89 13.99
C SER A 31 -1.76 -1.66 15.34
N SER A 32 -3.10 -1.64 15.32
CA SER A 32 -3.94 -1.46 16.52
C SER A 32 -4.10 -2.80 17.26
N GLY A 33 -3.93 -3.90 16.51
CA GLY A 33 -4.04 -5.26 17.05
C GLY A 33 -2.91 -6.16 16.60
N GLY A 34 -2.74 -7.29 17.32
CA GLY A 34 -1.67 -8.25 17.06
C GLY A 34 -1.04 -8.73 18.37
N SER A 35 0.09 -9.47 18.25
CA SER A 35 0.86 -10.02 19.38
C SER A 35 0.03 -11.06 20.16
N GLY A 36 0.10 -12.33 19.70
CA GLY A 36 -0.72 -13.41 20.26
C GLY A 36 -2.14 -13.38 19.67
N GLY A 37 -2.58 -14.52 19.10
CA GLY A 37 -3.89 -14.63 18.45
C GLY A 37 -3.87 -14.04 17.05
N SER A 38 -3.91 -12.71 16.96
CA SER A 38 -3.80 -11.98 15.69
C SER A 38 -2.32 -11.83 15.30
N ILE A 39 -2.01 -12.15 14.03
CA ILE A 39 -0.63 -12.16 13.48
C ILE A 39 -0.01 -10.74 13.42
N ASP A 40 1.32 -10.73 13.29
CA ASP A 40 2.12 -9.49 13.26
C ASP A 40 2.85 -9.39 11.92
N LEU A 41 2.45 -8.40 11.11
CA LEU A 41 3.14 -8.02 9.86
C LEU A 41 2.81 -6.56 9.50
N SER A 42 3.60 -6.00 8.59
CA SER A 42 3.46 -4.64 8.08
C SER A 42 2.90 -4.66 6.66
N ARG A 43 3.28 -5.70 5.91
CA ARG A 43 2.76 -6.00 4.58
C ARG A 43 1.57 -6.96 4.71
N ILE A 44 0.50 -6.64 3.99
CA ILE A 44 -0.78 -7.37 4.04
C ILE A 44 -1.18 -7.83 2.64
N THR A 45 -2.21 -8.67 2.53
CA THR A 45 -2.78 -9.08 1.24
C THR A 45 -4.30 -9.06 1.34
N PHE A 46 -4.94 -8.35 0.41
CA PHE A 46 -6.39 -8.22 0.37
C PHE A 46 -6.89 -8.22 -1.08
N LEU A 47 -8.22 -8.18 -1.19
CA LEU A 47 -8.94 -8.27 -2.47
C LEU A 47 -9.95 -7.11 -2.51
N TYR A 48 -10.06 -6.44 -3.68
CA TYR A 48 -11.11 -5.43 -3.96
C TYR A 48 -11.13 -5.06 -5.45
N LYS A 49 -12.17 -4.32 -5.88
CA LYS A 49 -12.26 -3.77 -7.24
C LYS A 49 -11.92 -2.27 -7.23
N PHE A 50 -11.24 -1.80 -8.28
CA PHE A 50 -10.75 -0.42 -8.38
C PHE A 50 -11.92 0.57 -8.28
N ILE A 51 -11.72 1.65 -7.51
CA ILE A 51 -12.75 2.66 -7.32
C ILE A 51 -12.49 3.82 -8.29
N SER A 52 -11.51 4.69 -7.96
CA SER A 52 -11.23 5.91 -8.73
C SER A 52 -9.81 6.42 -8.42
N VAL A 53 -9.24 7.20 -9.37
CA VAL A 53 -8.03 8.00 -9.12
C VAL A 53 -8.48 9.36 -8.55
N ASN A 54 -7.89 9.77 -7.41
CA ASN A 54 -8.16 11.08 -6.80
C ASN A 54 -7.53 12.18 -7.71
N PRO A 55 -8.22 13.37 -7.90
CA PRO A 55 -7.68 14.49 -8.73
C PRO A 55 -6.30 14.99 -8.26
N THR A 56 -6.00 14.82 -6.96
CA THR A 56 -4.75 15.27 -6.35
C THR A 56 -3.79 14.07 -6.15
N LEU A 57 -2.48 14.37 -6.14
CA LEU A 57 -1.40 13.38 -5.93
C LEU A 57 -0.77 13.53 -4.53
N LEU A 58 0.25 12.70 -4.24
CA LEU A 58 0.90 12.64 -2.91
C LEU A 58 2.41 12.91 -3.03
N LEU A 59 2.90 14.01 -2.42
CA LEU A 59 4.34 14.28 -2.28
C LEU A 59 4.92 13.41 -1.15
N ILE A 60 5.88 12.55 -1.48
CA ILE A 60 6.48 11.58 -0.54
C ILE A 60 7.86 12.05 -0.03
N ASN A 61 8.55 12.94 -0.78
CA ASN A 61 9.93 13.40 -0.44
C ASN A 61 10.17 14.86 -0.87
N GLU A 62 10.68 15.66 0.06
CA GLU A 62 10.96 17.09 -0.15
C GLU A 62 12.24 17.32 -1.00
N LYS A 63 13.30 16.54 -0.71
CA LYS A 63 14.67 16.76 -1.26
C LYS A 63 14.78 16.48 -2.78
N THR A 64 13.99 15.54 -3.32
CA THR A 64 14.01 15.19 -4.76
C THR A 64 12.62 15.42 -5.41
N GLN A 65 11.64 15.93 -4.60
CA GLN A 65 10.29 16.37 -5.06
C GLN A 65 9.57 15.34 -5.97
N ALA A 66 9.28 14.14 -5.43
CA ALA A 66 8.57 13.08 -6.18
C ALA A 66 7.12 12.94 -5.68
N LYS A 67 6.15 13.11 -6.61
CA LYS A 67 4.71 12.98 -6.33
C LYS A 67 4.16 11.79 -7.11
N ARG A 68 3.20 11.04 -6.52
CA ARG A 68 2.58 9.85 -7.15
C ARG A 68 1.07 9.84 -6.97
N ARG A 69 0.35 9.11 -7.85
CA ARG A 69 -1.13 9.09 -7.86
C ARG A 69 -1.73 8.41 -6.62
N ILE A 70 -3.00 8.79 -6.34
CA ILE A 70 -3.81 8.20 -5.28
C ILE A 70 -4.85 7.25 -5.91
N PHE A 71 -4.63 5.95 -5.74
CA PHE A 71 -5.55 4.90 -6.21
C PHE A 71 -6.47 4.51 -5.06
N GLN A 72 -7.67 5.09 -5.03
CA GLN A 72 -8.66 4.90 -3.95
C GLN A 72 -9.08 3.42 -3.85
N GLY A 73 -8.91 2.86 -2.64
CA GLY A 73 -9.18 1.45 -2.39
C GLY A 73 -10.00 1.24 -1.12
N GLU A 74 -11.27 0.87 -1.30
CA GLU A 74 -12.18 0.51 -0.20
C GLU A 74 -12.61 -0.96 -0.33
N TYR A 75 -12.87 -1.58 0.83
CA TYR A 75 -13.47 -2.94 0.92
C TYR A 75 -13.92 -3.18 2.37
N LEU A 76 -14.96 -4.01 2.54
CA LEU A 76 -15.51 -4.38 3.85
C LEU A 76 -14.85 -5.66 4.37
N TYR A 77 -14.00 -5.52 5.40
CA TYR A 77 -13.31 -6.64 6.05
C TYR A 77 -13.99 -6.97 7.37
N GLY A 78 -14.68 -8.13 7.41
CA GLY A 78 -15.29 -8.65 8.63
C GLY A 78 -16.49 -7.86 9.10
N LYS A 79 -16.19 -6.81 9.87
CA LYS A 79 -17.18 -6.02 10.63
C LYS A 79 -16.99 -4.51 10.41
N LYS A 80 -16.18 -4.14 9.40
CA LYS A 80 -15.83 -2.73 9.14
C LYS A 80 -15.51 -2.50 7.65
N LYS A 81 -15.73 -1.26 7.19
CA LYS A 81 -15.33 -0.81 5.85
C LYS A 81 -14.02 -0.03 5.96
N ILE A 82 -12.95 -0.61 5.40
CA ILE A 82 -11.60 -0.04 5.39
C ILE A 82 -11.37 0.70 4.07
N GLN A 83 -11.14 2.02 4.16
CA GLN A 83 -10.97 2.93 3.01
C GLN A 83 -9.60 3.62 3.11
N PHE A 84 -8.63 3.18 2.28
CA PHE A 84 -7.26 3.77 2.26
C PHE A 84 -6.76 3.98 0.82
N ASN A 85 -5.67 4.78 0.74
CA ASN A 85 -5.10 5.28 -0.52
C ASN A 85 -3.92 4.40 -0.96
N ILE A 86 -4.10 3.65 -2.06
CA ILE A 86 -3.07 2.79 -2.66
C ILE A 86 -2.08 3.66 -3.48
N ILE A 87 -0.77 3.41 -3.30
CA ILE A 87 0.33 4.16 -3.95
C ILE A 87 1.27 3.15 -4.66
N ALA A 88 2.19 3.64 -5.50
CA ALA A 88 3.23 2.79 -6.17
C ALA A 88 4.63 3.12 -5.61
N LYS A 89 5.61 2.18 -5.66
CA LYS A 89 6.97 2.40 -5.08
C LYS A 89 7.84 3.35 -5.93
N ASN A 90 7.89 3.09 -7.24
CA ASN A 90 8.80 3.80 -8.18
C ASN A 90 8.01 4.44 -9.32
N LEU A 91 8.77 5.00 -10.31
CA LEU A 91 8.21 5.51 -11.58
C LEU A 91 7.76 4.34 -12.49
N GLU A 92 8.49 3.22 -12.41
CA GLU A 92 8.15 1.97 -13.13
C GLU A 92 6.87 1.35 -12.56
N ILE A 93 6.73 1.36 -11.22
CA ILE A 93 5.55 0.80 -10.53
C ILE A 93 4.37 1.77 -10.67
N GLU A 94 4.69 3.08 -10.77
CA GLU A 94 3.71 4.14 -11.03
C GLU A 94 3.01 3.90 -12.37
N ARG A 95 3.82 3.84 -13.44
CA ARG A 95 3.33 3.65 -14.81
C ARG A 95 2.67 2.27 -14.96
N GLU A 96 3.13 1.29 -14.16
CA GLU A 96 2.51 -0.05 -14.10
C GLU A 96 1.05 0.08 -13.64
N LEU A 97 0.86 0.77 -12.50
CA LEU A 97 -0.46 0.92 -11.85
C LEU A 97 -1.42 1.80 -12.66
N ILE A 98 -0.96 3.00 -13.13
CA ILE A 98 -1.83 3.92 -13.91
C ILE A 98 -2.23 3.34 -15.28
N GLN A 99 -1.38 2.43 -15.83
CA GLN A 99 -1.67 1.74 -17.12
C GLN A 99 -2.44 0.42 -16.88
N PHE A 100 -2.48 -0.05 -15.62
CA PHE A 100 -3.24 -1.25 -15.24
C PHE A 100 -4.71 -0.88 -14.93
N PHE A 101 -4.89 0.22 -14.17
CA PHE A 101 -6.21 0.71 -13.73
C PHE A 101 -6.86 1.57 -14.84
N LYS A 102 -7.11 0.92 -16.00
CA LYS A 102 -7.80 1.56 -17.14
C LYS A 102 -9.30 1.55 -16.89
N LYS A 103 -9.80 0.37 -16.55
CA LYS A 103 -11.20 0.12 -16.24
C LYS A 103 -11.45 0.41 -14.74
N PRO A 104 -12.38 1.36 -14.39
CA PRO A 104 -12.91 1.43 -13.01
C PRO A 104 -13.81 0.21 -12.72
N TYR A 105 -13.93 -0.13 -11.43
CA TYR A 105 -14.66 -1.32 -10.93
C TYR A 105 -13.99 -2.65 -11.40
N GLN A 106 -12.67 -2.56 -11.65
CA GLN A 106 -11.83 -3.69 -12.08
C GLN A 106 -11.35 -4.49 -10.86
N CYS A 107 -11.78 -5.75 -10.73
CA CYS A 107 -11.41 -6.59 -9.57
C CYS A 107 -10.02 -7.22 -9.76
N TYR A 108 -9.27 -7.26 -8.64
CA TYR A 108 -7.92 -7.80 -8.57
C TYR A 108 -7.57 -8.14 -7.09
N ILE A 109 -6.43 -8.80 -6.91
CA ILE A 109 -5.93 -9.23 -5.60
C ILE A 109 -4.62 -8.48 -5.32
N MET A 110 -4.67 -7.55 -4.36
CA MET A 110 -3.49 -6.77 -3.95
C MET A 110 -2.64 -7.59 -2.96
N HIS A 111 -1.45 -8.02 -3.39
CA HIS A 111 -0.57 -8.89 -2.60
C HIS A 111 0.68 -8.10 -2.14
N ASN A 112 1.11 -8.35 -0.89
CA ASN A 112 2.38 -7.81 -0.29
C ASN A 112 2.26 -6.28 -0.03
N VAL A 113 1.02 -5.80 0.12
CA VAL A 113 0.67 -4.37 0.28
C VAL A 113 1.33 -3.78 1.55
N GLN A 114 2.39 -2.99 1.35
CA GLN A 114 3.13 -2.37 2.46
C GLN A 114 2.39 -1.09 2.89
N VAL A 115 2.49 -0.72 4.17
CA VAL A 115 1.84 0.51 4.70
C VAL A 115 2.90 1.52 5.15
N PHE A 116 2.78 2.77 4.66
CA PHE A 116 3.64 3.91 5.05
C PHE A 116 2.79 5.01 5.70
N GLN A 117 3.05 5.31 6.98
CA GLN A 117 2.36 6.37 7.74
C GLN A 117 3.13 7.69 7.64
N MET A 118 2.43 8.79 7.31
CA MET A 118 3.01 10.15 7.18
C MET A 118 3.46 10.70 8.55
N LEU A 119 4.68 11.25 8.56
CA LEU A 119 5.26 12.00 9.71
C LEU A 119 5.95 13.26 9.16
N ASN A 120 6.47 14.11 10.06
CA ASN A 120 7.20 15.33 9.63
C ASN A 120 8.16 15.81 10.73
N LYS A 121 9.22 16.52 10.28
CA LYS A 121 10.23 17.12 11.16
C LYS A 121 9.64 18.32 11.92
N ASN A 122 10.06 18.47 13.19
CA ASN A 122 9.46 19.45 14.11
C ASN A 122 10.52 20.02 15.05
N LYS A 123 10.31 21.29 15.44
CA LYS A 123 11.16 22.06 16.36
C LYS A 123 12.59 22.23 15.79
N ASN A 124 12.65 22.84 14.60
CA ASN A 124 13.91 23.17 13.90
C ASN A 124 14.36 24.61 14.23
N ASN A 125 15.51 25.02 13.70
CA ASN A 125 16.05 26.38 13.89
C ASN A 125 15.36 27.39 12.93
N ASN A 126 15.40 28.68 13.30
CA ASN A 126 14.85 29.78 12.49
C ASN A 126 15.92 30.34 11.53
N VAL A 127 17.20 30.21 11.91
CA VAL A 127 18.34 30.69 11.09
C VAL A 127 18.58 29.79 9.86
N VAL A 128 18.02 28.54 9.91
CA VAL A 128 18.20 27.50 8.89
C VAL A 128 19.68 27.06 8.84
N GLU A 129 20.49 27.76 8.02
CA GLU A 129 21.94 27.57 7.86
C GLU A 129 22.39 28.44 6.67
N PHE A 130 22.10 27.95 5.44
CA PHE A 130 22.41 28.65 4.17
C PHE A 130 21.38 28.25 3.10
N MET A 131 21.43 26.95 2.70
CA MET A 131 20.58 26.33 1.64
C MET A 131 20.83 26.94 0.24
N ASP A 132 21.34 26.10 -0.69
CA ASP A 132 21.46 26.44 -2.12
C ASP A 132 20.05 26.54 -2.73
N SER A 133 19.32 25.42 -2.71
CA SER A 133 17.91 25.38 -3.08
C SER A 133 17.08 25.73 -1.81
N GLU A 134 16.96 27.05 -1.56
CA GLU A 134 16.31 27.60 -0.34
C GLU A 134 14.77 27.44 -0.41
N ASP A 135 14.31 26.23 -0.06
CA ASP A 135 12.87 25.88 0.00
C ASP A 135 12.72 24.51 0.68
N LEU A 136 11.76 24.41 1.60
CA LEU A 136 11.40 23.18 2.30
C LEU A 136 9.91 23.21 2.63
N GLN A 137 9.19 22.11 2.36
CA GLN A 137 7.75 22.00 2.65
C GLN A 137 7.54 21.36 4.04
N SER A 138 6.27 21.08 4.38
CA SER A 138 5.90 20.30 5.58
C SER A 138 4.77 19.32 5.21
N SER A 139 4.54 18.33 6.09
CA SER A 139 3.49 17.32 5.94
C SER A 139 2.46 17.53 7.06
N VAL A 140 1.35 18.22 6.73
CA VAL A 140 0.22 18.46 7.63
C VAL A 140 -0.68 17.21 7.66
N ASP A 141 -1.22 16.90 8.86
CA ASP A 141 -2.11 15.75 9.14
C ASP A 141 -1.34 14.40 9.13
N SER A 142 -1.60 13.59 10.16
CA SER A 142 -1.01 12.24 10.33
C SER A 142 -1.95 11.21 9.69
N GLN A 143 -1.59 10.72 8.49
CA GLN A 143 -2.43 9.79 7.71
C GLN A 143 -1.55 8.71 7.06
N LEU A 144 -2.04 7.46 7.04
CA LEU A 144 -1.29 6.30 6.52
C LEU A 144 -1.82 5.90 5.13
N TYR A 145 -0.89 5.80 4.17
CA TYR A 145 -1.16 5.46 2.76
C TYR A 145 -0.53 4.09 2.48
N TYR A 146 -1.28 3.23 1.78
CA TYR A 146 -0.86 1.85 1.47
C TYR A 146 0.08 1.85 0.25
N LEU A 147 1.38 1.76 0.53
CA LEU A 147 2.45 1.79 -0.47
C LEU A 147 2.65 0.38 -1.08
N ILE A 148 2.41 0.25 -2.39
CA ILE A 148 2.68 -0.97 -3.15
C ILE A 148 4.13 -0.95 -3.61
N ASP A 149 4.95 -1.84 -3.02
CA ASP A 149 6.37 -1.96 -3.35
C ASP A 149 6.57 -2.76 -4.63
N GLU A 150 7.83 -2.82 -5.11
CA GLU A 150 8.19 -3.45 -6.39
C GLU A 150 8.23 -4.99 -6.29
N SER A 151 8.11 -5.52 -5.07
CA SER A 151 8.01 -6.98 -4.80
C SER A 151 6.52 -7.39 -4.67
N SER A 152 5.63 -6.39 -4.48
CA SER A 152 4.17 -6.58 -4.47
C SER A 152 3.65 -6.99 -5.86
N HIS A 153 2.52 -7.71 -5.86
CA HIS A 153 1.90 -8.25 -7.08
C HIS A 153 0.41 -7.90 -7.07
N VAL A 154 -0.04 -7.16 -8.10
CA VAL A 154 -1.46 -6.85 -8.31
C VAL A 154 -2.06 -7.90 -9.26
N LEU A 155 -2.55 -9.03 -8.69
CA LEU A 155 -3.07 -10.16 -9.46
C LEU A 155 -4.45 -9.83 -10.04
N GLU A 156 -4.48 -9.42 -11.33
CA GLU A 156 -5.72 -9.16 -12.08
C GLU A 156 -6.63 -10.39 -12.04
N ASP A 157 -7.83 -10.25 -11.47
CA ASP A 157 -8.79 -11.37 -11.36
C ASP A 157 -9.35 -11.69 -12.77
N ASP A 158 -8.70 -12.65 -13.43
CA ASP A 158 -9.12 -13.16 -14.74
C ASP A 158 -10.38 -14.02 -14.57
N SER A 159 -10.31 -14.94 -13.61
CA SER A 159 -11.34 -15.94 -13.34
C SER A 159 -11.82 -15.79 -11.89
N MET A 160 -13.12 -15.50 -11.71
CA MET A 160 -13.73 -15.10 -10.41
C MET A 160 -13.68 -16.21 -9.34
N ASP A 161 -13.28 -17.45 -9.73
CA ASP A 161 -13.09 -18.56 -8.76
C ASP A 161 -11.97 -18.24 -7.75
N PHE A 162 -11.08 -17.27 -8.10
CA PHE A 162 -10.01 -16.80 -7.22
C PHE A 162 -10.65 -15.98 -6.06
N ILE A 163 -11.56 -15.05 -6.43
CA ILE A 163 -12.40 -14.32 -5.47
C ILE A 163 -13.20 -15.29 -4.59
N SER A 164 -13.88 -16.25 -5.26
CA SER A 164 -14.78 -17.22 -4.66
C SER A 164 -14.07 -17.98 -3.53
N THR A 165 -12.85 -18.46 -3.83
CA THR A 165 -11.95 -19.10 -2.86
C THR A 165 -11.70 -18.20 -1.64
N LEU A 166 -11.13 -17.01 -1.90
CA LEU A 166 -10.65 -16.09 -0.85
C LEU A 166 -11.76 -15.65 0.10
N THR A 167 -12.95 -15.34 -0.47
CA THR A 167 -14.07 -14.80 0.30
C THR A 167 -14.81 -15.90 1.12
N ARG A 168 -14.81 -17.15 0.63
CA ARG A 168 -15.46 -18.28 1.35
C ARG A 168 -14.49 -18.92 2.36
N LEU A 169 -13.19 -18.57 2.24
CA LEU A 169 -12.16 -18.95 3.21
C LEU A 169 -12.15 -17.93 4.38
N SER A 170 -12.24 -16.63 4.03
CA SER A 170 -12.21 -15.53 5.02
C SER A 170 -13.54 -15.45 5.78
N ASP A 171 -14.64 -15.49 5.03
CA ASP A 171 -16.00 -15.64 5.59
C ASP A 171 -16.29 -17.14 5.70
N SER A 172 -16.34 -17.65 6.96
CA SER A 172 -16.63 -19.07 7.25
C SER A 172 -15.59 -20.02 6.64
N GLN B 1 17.58 10.42 -5.56
CA GLN B 1 16.82 9.27 -6.05
C GLN B 1 16.37 8.35 -4.88
N ASP B 2 16.84 8.66 -3.66
CA ASP B 2 16.45 7.92 -2.43
C ASP B 2 15.14 8.51 -1.87
N ASP B 3 14.05 8.31 -2.60
CA ASP B 3 12.73 8.91 -2.32
C ASP B 3 12.13 8.41 -0.99
N PHE B 4 12.58 7.22 -0.53
CA PHE B 4 12.23 6.67 0.81
C PHE B 4 13.41 6.75 1.80
N GLY B 5 14.51 7.39 1.36
CA GLY B 5 15.61 7.78 2.24
C GLY B 5 15.35 9.12 2.90
N ASP B 6 16.33 9.64 3.67
CA ASP B 6 16.19 10.88 4.49
C ASP B 6 15.65 12.05 3.66
N GLY B 7 14.52 12.64 4.12
CA GLY B 7 13.80 13.66 3.35
C GLY B 7 12.42 13.19 2.94
N CYS B 8 12.18 11.87 3.06
CA CYS B 8 10.85 11.26 2.93
C CYS B 8 9.96 11.65 4.12
N LEU B 9 8.72 12.09 3.83
CA LEU B 9 7.75 12.53 4.84
C LEU B 9 6.81 11.39 5.26
N LEU B 10 7.18 10.14 4.94
CA LEU B 10 6.47 8.92 5.40
C LEU B 10 7.47 7.83 5.79
N GLN B 11 7.07 7.02 6.78
CA GLN B 11 7.85 5.89 7.31
C GLN B 11 6.95 4.66 7.38
N ILE B 12 7.55 3.49 7.12
CA ILE B 12 6.84 2.20 7.11
C ILE B 12 6.33 1.88 8.56
N VAL B 13 5.10 1.32 8.66
CA VAL B 13 4.50 0.94 9.95
C VAL B 13 5.24 -0.27 10.58
N ASN B 14 5.74 -0.07 11.82
CA ASN B 14 6.45 -1.12 12.60
C ASN B 14 6.63 -0.61 14.04
N MET A 1 10.02 -12.09 -21.40
CA MET A 1 8.69 -12.20 -20.74
C MET A 1 8.38 -13.68 -20.39
N GLU A 2 7.16 -13.91 -19.87
CA GLU A 2 6.62 -15.25 -19.54
C GLU A 2 7.41 -15.93 -18.40
N ILE A 3 6.87 -15.77 -17.18
CA ILE A 3 7.41 -16.40 -15.95
C ILE A 3 6.69 -17.75 -15.74
N GLU A 4 7.44 -18.78 -15.33
CA GLU A 4 6.89 -20.14 -15.06
C GLU A 4 5.87 -20.09 -13.90
N GLU A 5 5.02 -21.13 -13.82
CA GLU A 5 3.94 -21.22 -12.80
C GLU A 5 4.50 -21.20 -11.37
N ASP A 6 5.76 -21.66 -11.18
CA ASP A 6 6.40 -21.80 -9.85
C ASP A 6 6.32 -20.51 -9.01
N LEU A 7 6.59 -19.38 -9.69
CA LEU A 7 6.48 -18.03 -9.09
C LEU A 7 5.01 -17.74 -8.78
N ASN A 8 4.14 -17.98 -9.78
CA ASN A 8 2.68 -17.71 -9.68
C ASN A 8 2.01 -18.59 -8.59
N LEU A 9 2.65 -19.71 -8.25
CA LEU A 9 2.15 -20.68 -7.25
C LEU A 9 2.61 -20.28 -5.85
N LYS A 10 3.86 -19.76 -5.75
CA LYS A 10 4.43 -19.33 -4.47
C LYS A 10 3.72 -18.04 -4.00
N ILE A 11 3.41 -17.15 -4.96
CA ILE A 11 2.65 -15.91 -4.67
C ILE A 11 1.17 -16.22 -4.48
N LEU A 12 0.66 -17.33 -5.07
CA LEU A 12 -0.72 -17.82 -4.85
C LEU A 12 -0.90 -18.25 -3.37
N GLU A 13 0.06 -19.02 -2.84
CA GLU A 13 0.02 -19.49 -1.44
C GLU A 13 0.32 -18.33 -0.48
N ASP A 14 1.16 -17.37 -0.94
CA ASP A 14 1.35 -16.09 -0.26
C ASP A 14 0.02 -15.35 -0.13
N VAL A 15 -0.72 -15.25 -1.26
CA VAL A 15 -1.98 -14.50 -1.37
C VAL A 15 -3.02 -15.05 -0.38
N LYS A 16 -3.34 -16.35 -0.50
CA LYS A 16 -4.41 -16.98 0.29
C LYS A 16 -4.12 -16.88 1.79
N LYS A 17 -2.89 -17.22 2.20
CA LYS A 17 -2.43 -17.19 3.60
C LYS A 17 -2.47 -15.76 4.15
N LEU A 18 -1.69 -14.85 3.51
CA LEU A 18 -1.56 -13.45 3.94
C LEU A 18 -2.90 -12.72 3.90
N TYR A 19 -3.83 -13.16 3.02
CA TYR A 19 -5.18 -12.59 2.95
C TYR A 19 -5.89 -12.84 4.27
N LEU A 20 -5.98 -14.12 4.66
CA LEU A 20 -6.69 -14.55 5.89
C LEU A 20 -6.10 -13.90 7.15
N GLN A 21 -4.76 -13.93 7.23
CA GLN A 21 -3.99 -13.39 8.35
C GLN A 21 -4.19 -11.86 8.48
N SER A 22 -3.97 -11.15 7.35
CA SER A 22 -4.04 -9.68 7.34
C SER A 22 -5.48 -9.20 7.48
N PHE A 23 -6.44 -9.95 6.88
CA PHE A 23 -7.88 -9.61 6.89
C PHE A 23 -8.36 -9.48 8.34
N ASP A 24 -7.98 -10.48 9.15
CA ASP A 24 -8.33 -10.55 10.59
C ASP A 24 -7.51 -9.54 11.41
N TYR A 25 -6.27 -9.29 10.97
CA TYR A 25 -5.36 -8.25 11.53
C TYR A 25 -5.92 -6.83 11.31
N ILE A 26 -6.62 -6.62 10.17
CA ILE A 26 -7.20 -5.33 9.78
C ILE A 26 -8.54 -5.13 10.53
N LYS A 27 -9.30 -6.25 10.69
CA LYS A 27 -10.50 -6.30 11.55
C LYS A 27 -10.12 -6.01 13.02
N ASN A 28 -8.91 -6.45 13.41
CA ASN A 28 -8.36 -6.24 14.76
C ASN A 28 -7.86 -4.79 14.90
N GLY A 29 -7.38 -4.23 13.77
CA GLY A 29 -6.82 -2.87 13.70
C GLY A 29 -5.36 -2.92 13.28
N ILE A 30 -4.96 -2.01 12.36
CA ILE A 30 -3.56 -1.93 11.88
C ILE A 30 -2.63 -1.55 13.05
N SER A 31 -2.02 -2.57 13.67
CA SER A 31 -1.13 -2.42 14.83
C SER A 31 -0.27 -3.69 14.94
N SER A 32 1.05 -3.55 14.69
CA SER A 32 2.01 -4.67 14.65
C SER A 32 1.99 -5.47 15.97
N GLY A 33 1.46 -6.70 15.91
CA GLY A 33 1.30 -7.55 17.09
C GLY A 33 2.60 -8.23 17.53
N GLY A 34 2.47 -9.45 18.06
CA GLY A 34 3.62 -10.23 18.52
C GLY A 34 3.36 -11.71 18.36
N SER A 35 2.83 -12.07 17.17
CA SER A 35 2.45 -13.45 16.77
C SER A 35 1.26 -13.99 17.61
N GLY A 36 0.76 -15.19 17.26
CA GLY A 36 -0.34 -15.84 17.99
C GLY A 36 -1.66 -15.07 17.85
N GLY A 37 -2.28 -15.18 16.66
CA GLY A 37 -3.49 -14.42 16.34
C GLY A 37 -3.14 -13.06 15.73
N SER A 38 -2.53 -12.19 16.57
CA SER A 38 -2.05 -10.86 16.14
C SER A 38 -0.71 -11.01 15.39
N ILE A 39 -0.81 -11.39 14.10
CA ILE A 39 0.34 -11.55 13.21
C ILE A 39 1.01 -10.18 12.93
N ASP A 40 2.34 -10.15 13.08
CA ASP A 40 3.14 -8.92 12.90
C ASP A 40 3.94 -9.02 11.58
N LEU A 41 3.55 -8.21 10.60
CA LEU A 41 4.21 -8.13 9.28
C LEU A 41 4.22 -6.68 8.79
N SER A 42 5.09 -6.40 7.82
CA SER A 42 5.21 -5.09 7.19
C SER A 42 4.30 -4.98 5.97
N ARG A 43 4.11 -6.13 5.29
CA ARG A 43 3.35 -6.23 4.03
C ARG A 43 2.18 -7.20 4.19
N ILE A 44 1.01 -6.75 3.70
CA ILE A 44 -0.28 -7.47 3.81
C ILE A 44 -0.73 -7.96 2.41
N THR A 45 -1.87 -8.68 2.37
CA THR A 45 -2.55 -9.05 1.12
C THR A 45 -4.06 -8.95 1.32
N PHE A 46 -4.73 -8.23 0.43
CA PHE A 46 -6.16 -8.01 0.48
C PHE A 46 -6.75 -8.05 -0.93
N LEU A 47 -8.03 -7.71 -1.01
CA LEU A 47 -8.85 -7.82 -2.21
C LEU A 47 -9.74 -6.57 -2.28
N TYR A 48 -9.86 -5.97 -3.48
CA TYR A 48 -10.87 -4.93 -3.77
C TYR A 48 -10.91 -4.66 -5.28
N LYS A 49 -11.99 -4.01 -5.74
CA LYS A 49 -12.11 -3.51 -7.14
C LYS A 49 -11.72 -2.01 -7.19
N PHE A 50 -11.01 -1.62 -8.27
CA PHE A 50 -10.47 -0.25 -8.44
C PHE A 50 -11.58 0.81 -8.40
N ILE A 51 -11.61 1.65 -7.35
CA ILE A 51 -12.65 2.68 -7.18
C ILE A 51 -12.45 3.79 -8.23
N SER A 52 -11.28 4.47 -8.14
CA SER A 52 -10.89 5.59 -9.01
C SER A 52 -9.50 6.08 -8.57
N VAL A 53 -8.75 6.71 -9.49
CA VAL A 53 -7.53 7.46 -9.13
C VAL A 53 -7.94 8.94 -8.92
N ASN A 54 -7.51 9.50 -7.78
CA ASN A 54 -7.76 10.91 -7.41
C ASN A 54 -6.96 11.83 -8.36
N PRO A 55 -7.59 12.93 -8.89
CA PRO A 55 -6.90 13.90 -9.78
C PRO A 55 -5.64 14.53 -9.14
N THR A 56 -5.62 14.52 -7.79
CA THR A 56 -4.54 15.12 -7.01
C THR A 56 -3.50 14.04 -6.61
N LEU A 57 -2.26 14.47 -6.41
CA LEU A 57 -1.11 13.60 -6.09
C LEU A 57 -0.52 13.98 -4.72
N LEU A 58 -0.03 12.97 -3.97
CA LEU A 58 0.57 13.15 -2.63
C LEU A 58 2.10 13.14 -2.72
N LEU A 59 2.73 14.15 -2.09
CA LEU A 59 4.17 14.16 -1.87
C LEU A 59 4.56 13.09 -0.84
N ILE A 60 5.40 12.15 -1.26
CA ILE A 60 5.87 11.04 -0.41
C ILE A 60 7.31 11.29 0.09
N ASN A 61 7.97 12.36 -0.42
CA ASN A 61 9.40 12.65 -0.12
C ASN A 61 9.73 14.17 -0.25
N GLU A 62 10.05 14.82 0.88
CA GLU A 62 10.36 16.25 0.93
C GLU A 62 11.74 16.57 0.30
N LYS A 63 12.71 15.65 0.50
CA LYS A 63 14.12 15.86 0.05
C LYS A 63 14.25 15.87 -1.50
N THR A 64 13.60 14.91 -2.17
CA THR A 64 13.72 14.74 -3.63
C THR A 64 12.47 15.30 -4.39
N GLN A 65 11.43 15.71 -3.63
CA GLN A 65 10.23 16.41 -4.15
C GLN A 65 9.51 15.62 -5.29
N ALA A 66 8.95 14.44 -4.94
CA ALA A 66 8.21 13.58 -5.89
C ALA A 66 6.80 13.30 -5.36
N LYS A 67 5.79 13.80 -6.11
CA LYS A 67 4.37 13.64 -5.78
C LYS A 67 3.79 12.52 -6.65
N ARG A 68 3.34 11.41 -6.02
CA ARG A 68 2.81 10.22 -6.74
C ARG A 68 1.28 10.15 -6.60
N ARG A 69 0.64 9.38 -7.51
CA ARG A 69 -0.82 9.32 -7.65
C ARG A 69 -1.51 8.55 -6.51
N ILE A 70 -2.83 8.78 -6.39
CA ILE A 70 -3.66 8.23 -5.30
C ILE A 70 -4.70 7.25 -5.90
N PHE A 71 -4.38 5.94 -5.87
CA PHE A 71 -5.31 4.90 -6.35
C PHE A 71 -6.28 4.54 -5.21
N GLN A 72 -7.43 5.22 -5.17
CA GLN A 72 -8.42 5.11 -4.08
C GLN A 72 -8.93 3.66 -3.95
N GLY A 73 -8.94 3.17 -2.71
CA GLY A 73 -9.34 1.82 -2.40
C GLY A 73 -10.14 1.75 -1.11
N GLU A 74 -11.42 1.38 -1.20
CA GLU A 74 -12.24 1.08 -0.03
C GLU A 74 -12.76 -0.37 -0.11
N TYR A 75 -12.66 -1.08 1.01
CA TYR A 75 -13.12 -2.47 1.13
C TYR A 75 -13.54 -2.73 2.58
N LEU A 76 -14.51 -3.64 2.76
CA LEU A 76 -15.06 -4.00 4.08
C LEU A 76 -14.39 -5.27 4.59
N TYR A 77 -13.58 -5.11 5.65
CA TYR A 77 -12.89 -6.20 6.33
C TYR A 77 -13.69 -6.56 7.60
N GLY A 78 -14.38 -7.71 7.55
CA GLY A 78 -15.19 -8.18 8.67
C GLY A 78 -16.51 -7.43 8.78
N LYS A 79 -16.52 -6.36 9.60
CA LYS A 79 -17.71 -5.51 9.83
C LYS A 79 -17.33 -4.01 9.76
N LYS A 80 -16.05 -3.72 9.48
CA LYS A 80 -15.55 -2.34 9.34
C LYS A 80 -15.10 -2.10 7.89
N LYS A 81 -15.33 -0.88 7.39
CA LYS A 81 -14.82 -0.44 6.09
C LYS A 81 -13.50 0.31 6.34
N ILE A 82 -12.47 -0.05 5.56
CA ILE A 82 -11.17 0.64 5.57
C ILE A 82 -11.01 1.37 4.24
N GLN A 83 -10.98 2.71 4.31
CA GLN A 83 -10.79 3.59 3.16
C GLN A 83 -9.30 3.98 3.11
N PHE A 84 -8.55 3.18 2.36
CA PHE A 84 -7.09 3.36 2.15
C PHE A 84 -6.84 3.93 0.76
N ASN A 85 -5.60 4.39 0.50
CA ASN A 85 -5.18 4.87 -0.83
C ASN A 85 -3.87 4.20 -1.22
N ILE A 86 -3.90 3.50 -2.35
CA ILE A 86 -2.77 2.76 -2.89
C ILE A 86 -1.78 3.74 -3.57
N ILE A 87 -0.48 3.58 -3.25
CA ILE A 87 0.61 4.38 -3.86
C ILE A 87 1.52 3.40 -4.66
N ALA A 88 2.39 3.94 -5.52
CA ALA A 88 3.40 3.13 -6.23
C ALA A 88 4.82 3.52 -5.76
N LYS A 89 5.72 2.53 -5.68
CA LYS A 89 7.07 2.70 -5.13
C LYS A 89 7.93 3.57 -6.05
N ASN A 90 7.78 3.34 -7.36
CA ASN A 90 8.62 3.97 -8.38
C ASN A 90 7.75 4.55 -9.50
N LEU A 91 8.41 5.22 -10.45
CA LEU A 91 7.80 5.71 -11.69
C LEU A 91 7.36 4.53 -12.59
N GLU A 92 8.19 3.46 -12.59
CA GLU A 92 7.94 2.24 -13.37
C GLU A 92 6.75 1.45 -12.79
N ILE A 93 6.57 1.57 -11.46
CA ILE A 93 5.47 0.90 -10.73
C ILE A 93 4.17 1.73 -10.86
N GLU A 94 4.30 3.06 -11.01
CA GLU A 94 3.13 3.95 -11.20
C GLU A 94 2.53 3.79 -12.59
N ARG A 95 3.42 3.79 -13.61
CA ARG A 95 3.01 3.57 -15.01
C ARG A 95 2.42 2.15 -15.16
N GLU A 96 2.96 1.20 -14.39
CA GLU A 96 2.43 -0.17 -14.29
C GLU A 96 0.95 -0.13 -13.84
N LEU A 97 0.71 0.47 -12.67
CA LEU A 97 -0.61 0.47 -12.03
C LEU A 97 -1.67 1.20 -12.89
N ILE A 98 -1.37 2.42 -13.38
CA ILE A 98 -2.33 3.23 -14.17
C ILE A 98 -2.72 2.50 -15.49
N GLN A 99 -1.71 1.87 -16.14
CA GLN A 99 -1.90 1.16 -17.42
C GLN A 99 -2.52 -0.23 -17.21
N PHE A 100 -2.51 -0.72 -15.96
CA PHE A 100 -3.11 -2.03 -15.59
C PHE A 100 -4.56 -1.85 -15.12
N PHE A 101 -4.87 -0.67 -14.55
CA PHE A 101 -6.21 -0.33 -14.02
C PHE A 101 -7.02 0.47 -15.07
N LYS A 102 -6.87 0.08 -16.37
CA LYS A 102 -7.57 0.72 -17.50
C LYS A 102 -9.10 0.62 -17.36
N LYS A 103 -9.58 -0.57 -16.95
CA LYS A 103 -11.00 -0.78 -16.65
C LYS A 103 -11.29 -0.25 -15.23
N PRO A 104 -12.27 0.67 -15.04
CA PRO A 104 -12.72 1.07 -13.69
C PRO A 104 -13.45 -0.12 -13.01
N TYR A 105 -13.35 -0.19 -11.68
CA TYR A 105 -13.86 -1.31 -10.86
C TYR A 105 -13.18 -2.63 -11.27
N GLN A 106 -11.88 -2.50 -11.60
CA GLN A 106 -10.97 -3.61 -11.93
C GLN A 106 -10.82 -4.51 -10.68
N CYS A 107 -11.37 -5.72 -10.72
CA CYS A 107 -11.34 -6.64 -9.57
C CYS A 107 -9.98 -7.36 -9.50
N TYR A 108 -9.21 -7.09 -8.44
CA TYR A 108 -7.87 -7.68 -8.28
C TYR A 108 -7.52 -7.92 -6.82
N ILE A 109 -6.56 -8.82 -6.62
CA ILE A 109 -6.00 -9.18 -5.33
C ILE A 109 -4.64 -8.48 -5.20
N MET A 110 -4.52 -7.57 -4.24
CA MET A 110 -3.26 -6.84 -4.02
C MET A 110 -2.40 -7.61 -3.00
N HIS A 111 -1.33 -8.26 -3.49
CA HIS A 111 -0.36 -9.03 -2.68
C HIS A 111 0.88 -8.18 -2.36
N ASN A 112 1.44 -8.36 -1.12
CA ASN A 112 2.77 -7.82 -0.71
C ASN A 112 2.70 -6.28 -0.57
N VAL A 113 1.52 -5.80 -0.16
CA VAL A 113 1.21 -4.36 -0.08
C VAL A 113 1.79 -3.80 1.23
N GLN A 114 2.75 -2.89 1.10
CA GLN A 114 3.51 -2.36 2.23
C GLN A 114 2.82 -1.10 2.78
N VAL A 115 2.32 -1.17 4.03
CA VAL A 115 1.55 -0.06 4.64
C VAL A 115 2.49 1.05 5.15
N PHE A 116 2.29 2.28 4.64
CA PHE A 116 3.03 3.48 5.06
C PHE A 116 2.09 4.47 5.75
N GLN A 117 2.36 4.73 7.04
CA GLN A 117 1.63 5.71 7.85
C GLN A 117 2.39 7.05 7.84
N MET A 118 1.65 8.16 7.61
CA MET A 118 2.26 9.50 7.43
C MET A 118 2.75 10.11 8.73
N LEU A 119 3.91 10.76 8.65
CA LEU A 119 4.62 11.41 9.77
C LEU A 119 5.64 12.43 9.20
N ASN A 120 6.55 12.95 10.05
CA ASN A 120 7.66 13.78 9.59
C ASN A 120 8.78 13.81 10.65
N LYS A 121 10.02 14.02 10.18
CA LYS A 121 11.24 14.01 11.02
C LYS A 121 11.46 15.36 11.73
N ASN A 122 11.05 16.46 11.10
CA ASN A 122 11.05 17.81 11.71
C ASN A 122 10.10 18.71 10.91
N LYS A 123 8.90 18.95 11.47
CA LYS A 123 7.83 19.71 10.79
C LYS A 123 8.15 21.21 10.86
N ASN A 124 8.98 21.68 9.92
CA ASN A 124 9.35 23.10 9.81
C ASN A 124 9.27 23.53 8.34
N ASN A 125 8.79 24.76 8.12
CA ASN A 125 8.79 25.39 6.79
C ASN A 125 9.93 26.43 6.75
N ASN A 126 10.74 26.36 5.69
CA ASN A 126 11.89 27.27 5.51
C ASN A 126 12.27 27.32 4.01
N VAL A 127 12.67 28.51 3.55
CA VAL A 127 13.13 28.73 2.16
C VAL A 127 14.60 28.25 1.99
N VAL A 128 15.31 28.16 3.14
CA VAL A 128 16.69 27.63 3.27
C VAL A 128 17.72 28.55 2.56
N GLU A 129 18.42 29.37 3.36
CA GLU A 129 19.44 30.30 2.88
C GLU A 129 20.69 29.52 2.41
N PHE A 130 20.75 29.30 1.08
CA PHE A 130 21.90 28.71 0.38
C PHE A 130 21.67 28.87 -1.13
N MET A 131 20.64 28.18 -1.64
CA MET A 131 20.21 28.25 -3.06
C MET A 131 19.04 29.23 -3.18
N ASP A 132 18.83 29.77 -4.40
CA ASP A 132 17.71 30.69 -4.69
C ASP A 132 16.40 29.88 -4.72
N SER A 133 15.73 29.82 -3.55
CA SER A 133 14.49 29.07 -3.36
C SER A 133 13.57 29.84 -2.41
N GLU A 134 12.32 30.10 -2.81
CA GLU A 134 11.35 30.83 -1.99
C GLU A 134 9.92 30.38 -2.36
N ASP A 135 9.60 29.14 -1.93
CA ASP A 135 8.23 28.55 -1.97
C ASP A 135 8.26 27.18 -1.28
N LEU A 136 7.07 26.62 -1.00
CA LEU A 136 6.93 25.27 -0.41
C LEU A 136 5.52 24.75 -0.70
N GLN A 137 5.42 23.74 -1.59
CA GLN A 137 4.15 23.06 -1.91
C GLN A 137 3.77 22.14 -0.73
N SER A 138 2.62 22.43 -0.09
CA SER A 138 2.11 21.67 1.05
C SER A 138 1.48 20.32 0.60
N SER A 139 1.25 19.42 1.58
CA SER A 139 0.73 18.06 1.33
C SER A 139 -0.33 17.68 2.40
N VAL A 140 -1.18 16.69 2.08
CA VAL A 140 -2.12 16.09 3.05
C VAL A 140 -1.36 15.12 3.98
N ASP A 141 -1.84 14.96 5.22
CA ASP A 141 -1.14 14.21 6.28
C ASP A 141 -2.16 13.58 7.26
N SER A 142 -1.67 12.66 8.13
CA SER A 142 -2.44 12.04 9.24
C SER A 142 -3.42 10.99 8.69
N GLN A 143 -2.91 10.20 7.73
CA GLN A 143 -3.63 9.06 7.12
C GLN A 143 -2.58 7.97 6.75
N LEU A 144 -3.03 6.71 6.56
CA LEU A 144 -2.11 5.62 6.15
C LEU A 144 -2.44 5.17 4.71
N TYR A 145 -1.40 5.21 3.86
CA TYR A 145 -1.48 4.92 2.43
C TYR A 145 -0.76 3.59 2.15
N TYR A 146 -1.45 2.68 1.44
CA TYR A 146 -0.96 1.31 1.18
C TYR A 146 -0.07 1.31 -0.07
N LEU A 147 1.23 1.39 0.18
CA LEU A 147 2.28 1.45 -0.85
C LEU A 147 2.45 0.08 -1.55
N ILE A 148 2.64 0.12 -2.88
CA ILE A 148 2.91 -1.04 -3.73
C ILE A 148 4.34 -0.98 -4.23
N ASP A 149 5.13 -1.98 -3.84
CA ASP A 149 6.54 -2.11 -4.22
C ASP A 149 6.68 -2.99 -5.47
N GLU A 150 7.91 -3.07 -5.98
CA GLU A 150 8.28 -3.90 -7.14
C GLU A 150 8.14 -5.42 -6.85
N SER A 151 8.12 -5.80 -5.55
CA SER A 151 7.94 -7.20 -5.11
C SER A 151 6.44 -7.58 -5.04
N SER A 152 5.56 -6.56 -5.01
CA SER A 152 4.09 -6.71 -5.03
C SER A 152 3.59 -7.37 -6.33
N HIS A 153 2.43 -8.04 -6.21
CA HIS A 153 1.75 -8.73 -7.32
C HIS A 153 0.26 -8.40 -7.28
N VAL A 154 -0.25 -7.78 -8.35
CA VAL A 154 -1.67 -7.43 -8.49
C VAL A 154 -2.35 -8.49 -9.39
N LEU A 155 -3.07 -9.43 -8.75
CA LEU A 155 -3.70 -10.59 -9.43
C LEU A 155 -5.12 -10.23 -9.90
N GLU A 156 -5.23 -9.87 -11.19
CA GLU A 156 -6.52 -9.50 -11.80
C GLU A 156 -7.38 -10.77 -11.99
N ASP A 157 -8.64 -10.71 -11.56
CA ASP A 157 -9.56 -11.86 -11.56
C ASP A 157 -10.23 -12.01 -12.94
N ASP A 158 -10.38 -13.26 -13.40
CA ASP A 158 -11.00 -13.59 -14.69
C ASP A 158 -12.50 -13.24 -14.69
N SER A 159 -13.20 -13.72 -13.65
CA SER A 159 -14.65 -13.51 -13.48
C SER A 159 -14.91 -13.00 -12.06
N MET A 160 -14.89 -13.94 -11.09
CA MET A 160 -15.06 -13.64 -9.66
C MET A 160 -14.61 -14.89 -8.87
N ASP A 161 -13.75 -15.70 -9.50
CA ASP A 161 -13.38 -17.03 -9.01
C ASP A 161 -12.25 -16.95 -7.97
N PHE A 162 -11.33 -16.00 -8.15
CA PHE A 162 -10.22 -15.77 -7.19
C PHE A 162 -10.82 -15.12 -5.92
N ILE A 163 -11.78 -14.19 -6.13
CA ILE A 163 -12.55 -13.55 -5.06
C ILE A 163 -13.33 -14.60 -4.28
N SER A 164 -13.96 -15.52 -5.04
CA SER A 164 -14.76 -16.62 -4.49
C SER A 164 -13.90 -17.45 -3.53
N THR A 165 -12.71 -17.87 -4.01
CA THR A 165 -11.74 -18.70 -3.26
C THR A 165 -11.34 -18.04 -1.92
N LEU A 166 -10.91 -16.78 -1.97
CA LEU A 166 -10.37 -16.06 -0.79
C LEU A 166 -11.45 -15.81 0.27
N THR A 167 -12.63 -15.37 -0.18
CA THR A 167 -13.73 -14.99 0.72
C THR A 167 -14.40 -16.23 1.36
N ARG A 168 -14.31 -17.41 0.69
CA ARG A 168 -14.85 -18.68 1.22
C ARG A 168 -13.81 -19.36 2.13
N LEU A 169 -12.53 -18.98 1.98
CA LEU A 169 -11.45 -19.35 2.94
C LEU A 169 -11.59 -18.51 4.22
N SER A 170 -11.99 -17.23 4.06
CA SER A 170 -12.20 -16.29 5.19
C SER A 170 -13.70 -16.22 5.57
N ASP A 171 -14.48 -17.22 5.11
CA ASP A 171 -15.92 -17.33 5.41
C ASP A 171 -16.12 -17.69 6.88
N SER A 172 -17.05 -17.00 7.55
CA SER A 172 -17.34 -17.20 8.97
C SER A 172 -18.72 -16.62 9.33
N GLN B 1 19.32 8.63 -1.31
CA GLN B 1 18.30 9.62 -0.99
C GLN B 1 16.94 9.25 -1.61
N ASP B 2 16.70 7.92 -1.71
CA ASP B 2 15.45 7.34 -2.30
C ASP B 2 14.19 7.82 -1.56
N ASP B 3 13.06 7.81 -2.29
CA ASP B 3 11.79 8.48 -1.90
C ASP B 3 11.30 8.13 -0.47
N PHE B 4 11.21 6.82 -0.18
CA PHE B 4 10.66 6.31 1.10
C PHE B 4 11.74 6.16 2.19
N GLY B 5 12.94 6.74 1.93
CA GLY B 5 14.04 6.75 2.89
C GLY B 5 13.95 7.91 3.88
N ASP B 6 15.10 8.47 4.29
CA ASP B 6 15.15 9.60 5.23
C ASP B 6 14.68 10.90 4.53
N GLY B 7 13.59 11.49 5.06
CA GLY B 7 12.96 12.67 4.45
C GLY B 7 11.74 12.31 3.63
N CYS B 8 11.10 11.20 3.99
CA CYS B 8 9.78 10.81 3.49
C CYS B 8 8.68 11.45 4.38
N LEU B 9 7.50 11.68 3.77
CA LEU B 9 6.30 12.19 4.48
C LEU B 9 5.48 11.02 5.08
N LEU B 10 5.92 9.77 4.79
CA LEU B 10 5.28 8.54 5.29
C LEU B 10 6.35 7.45 5.47
N GLN B 11 6.27 6.73 6.60
CA GLN B 11 7.20 5.63 6.95
C GLN B 11 6.38 4.37 7.23
N ILE B 12 6.99 3.22 6.95
CA ILE B 12 6.33 1.91 7.04
C ILE B 12 5.97 1.57 8.51
N VAL B 13 4.78 0.95 8.72
CA VAL B 13 4.32 0.50 10.05
C VAL B 13 5.19 -0.68 10.58
N ASN B 14 6.11 -0.36 11.52
CA ASN B 14 6.94 -1.36 12.22
C ASN B 14 7.50 -0.72 13.52
N MET A 1 7.30 -11.50 -12.34
CA MET A 1 8.42 -12.29 -11.77
C MET A 1 8.15 -13.80 -11.93
N GLU A 2 6.92 -14.15 -12.35
CA GLU A 2 6.43 -15.53 -12.45
C GLU A 2 7.17 -16.29 -13.57
N ILE A 3 8.26 -16.99 -13.18
CA ILE A 3 9.13 -17.73 -14.12
C ILE A 3 8.39 -18.94 -14.71
N GLU A 4 7.97 -19.84 -13.82
CA GLU A 4 7.23 -21.08 -14.16
C GLU A 4 5.91 -21.11 -13.39
N GLU A 5 5.13 -22.18 -13.64
CA GLU A 5 3.87 -22.47 -12.93
C GLU A 5 4.12 -22.52 -11.40
N ASP A 6 5.33 -22.97 -11.03
CA ASP A 6 5.84 -23.04 -9.64
C ASP A 6 5.76 -21.69 -8.94
N LEU A 7 6.14 -20.63 -9.68
CA LEU A 7 6.10 -19.24 -9.18
C LEU A 7 4.65 -18.74 -9.15
N ASN A 8 3.80 -19.26 -10.04
CA ASN A 8 2.35 -18.96 -10.05
C ASN A 8 1.67 -19.60 -8.82
N LEU A 9 2.27 -20.71 -8.34
CA LEU A 9 1.81 -21.43 -7.13
C LEU A 9 2.41 -20.78 -5.88
N LYS A 10 3.58 -20.13 -6.05
CA LYS A 10 4.28 -19.38 -5.00
C LYS A 10 3.52 -18.09 -4.65
N ILE A 11 3.22 -17.27 -5.66
CA ILE A 11 2.39 -16.05 -5.49
C ILE A 11 0.97 -16.45 -5.02
N LEU A 12 0.46 -17.59 -5.53
CA LEU A 12 -0.86 -18.15 -5.13
C LEU A 12 -0.89 -18.44 -3.62
N GLU A 13 0.12 -19.21 -3.13
CA GLU A 13 0.16 -19.64 -1.72
C GLU A 13 0.42 -18.43 -0.81
N ASP A 14 1.25 -17.48 -1.30
CA ASP A 14 1.54 -16.22 -0.59
C ASP A 14 0.29 -15.33 -0.49
N VAL A 15 -0.51 -15.28 -1.57
CA VAL A 15 -1.73 -14.47 -1.61
C VAL A 15 -2.76 -15.02 -0.63
N LYS A 16 -3.13 -16.31 -0.78
CA LYS A 16 -4.18 -16.94 0.04
C LYS A 16 -3.80 -16.94 1.54
N LYS A 17 -2.54 -17.32 1.85
CA LYS A 17 -1.99 -17.32 3.24
C LYS A 17 -2.06 -15.92 3.86
N LEU A 18 -1.38 -14.94 3.22
CA LEU A 18 -1.30 -13.57 3.73
C LEU A 18 -2.67 -12.90 3.70
N TYR A 19 -3.60 -13.40 2.85
CA TYR A 19 -4.97 -12.89 2.81
C TYR A 19 -5.69 -13.31 4.09
N LEU A 20 -5.70 -14.62 4.40
CA LEU A 20 -6.41 -15.15 5.59
C LEU A 20 -5.90 -14.47 6.88
N GLN A 21 -4.57 -14.36 6.96
CA GLN A 21 -3.86 -13.75 8.09
C GLN A 21 -4.19 -12.24 8.19
N SER A 22 -3.86 -11.47 7.12
CA SER A 22 -3.95 -10.01 7.16
C SER A 22 -5.41 -9.55 7.19
N PHE A 23 -6.28 -10.16 6.37
CA PHE A 23 -7.71 -9.81 6.29
C PHE A 23 -8.36 -9.91 7.68
N ASP A 24 -8.03 -11.00 8.42
CA ASP A 24 -8.47 -11.20 9.83
C ASP A 24 -7.88 -10.10 10.76
N TYR A 25 -6.60 -9.78 10.54
CA TYR A 25 -5.86 -8.72 11.27
C TYR A 25 -6.47 -7.32 11.03
N ILE A 26 -6.96 -7.09 9.80
CA ILE A 26 -7.54 -5.80 9.40
C ILE A 26 -8.98 -5.70 9.94
N LYS A 27 -9.71 -6.85 9.94
CA LYS A 27 -11.04 -6.98 10.58
C LYS A 27 -10.94 -6.72 12.09
N ASN A 28 -9.78 -7.11 12.65
CA ASN A 28 -9.49 -6.91 14.09
C ASN A 28 -9.12 -5.43 14.35
N GLY A 29 -8.37 -4.86 13.40
CA GLY A 29 -7.84 -3.51 13.49
C GLY A 29 -6.32 -3.52 13.34
N ILE A 30 -5.79 -2.55 12.56
CA ILE A 30 -4.34 -2.42 12.31
C ILE A 30 -3.61 -2.06 13.61
N SER A 31 -2.88 -3.05 14.17
CA SER A 31 -2.11 -2.93 15.43
C SER A 31 -3.04 -2.71 16.63
N SER A 32 -4.28 -3.25 16.55
CA SER A 32 -5.28 -3.15 17.62
C SER A 32 -4.83 -3.92 18.88
N GLY A 33 -4.35 -5.15 18.66
CA GLY A 33 -3.85 -6.00 19.74
C GLY A 33 -2.41 -6.42 19.55
N GLY A 34 -1.89 -7.21 20.51
CA GLY A 34 -0.51 -7.72 20.46
C GLY A 34 -0.43 -9.12 19.86
N SER A 35 -1.57 -9.84 19.84
CA SER A 35 -1.63 -11.24 19.39
C SER A 35 -3.12 -11.63 19.15
N GLY A 36 -3.37 -12.95 18.90
CA GLY A 36 -4.72 -13.46 18.66
C GLY A 36 -5.19 -13.15 17.25
N GLY A 37 -6.20 -12.27 17.14
CA GLY A 37 -6.70 -11.79 15.85
C GLY A 37 -5.68 -10.90 15.15
N SER A 38 -4.87 -10.18 15.95
CA SER A 38 -3.80 -9.33 15.44
C SER A 38 -2.50 -10.16 15.24
N ILE A 39 -2.26 -10.62 14.00
CA ILE A 39 -0.97 -11.22 13.61
C ILE A 39 0.04 -10.13 13.20
N ASP A 40 1.34 -10.43 13.35
CA ASP A 40 2.43 -9.49 13.06
C ASP A 40 2.86 -9.61 11.59
N LEU A 41 2.72 -8.50 10.85
CA LEU A 41 3.31 -8.33 9.51
C LEU A 41 3.45 -6.83 9.18
N SER A 42 4.41 -6.52 8.31
CA SER A 42 4.65 -5.16 7.81
C SER A 42 3.93 -4.95 6.46
N ARG A 43 3.77 -6.06 5.72
CA ARG A 43 3.10 -6.09 4.40
C ARG A 43 1.91 -7.05 4.45
N ILE A 44 0.77 -6.60 3.89
CA ILE A 44 -0.52 -7.32 3.91
C ILE A 44 -0.90 -7.82 2.50
N THR A 45 -1.98 -8.59 2.41
CA THR A 45 -2.59 -9.00 1.13
C THR A 45 -4.13 -9.00 1.29
N PHE A 46 -4.81 -8.22 0.45
CA PHE A 46 -6.26 -8.06 0.50
C PHE A 46 -6.85 -8.07 -0.91
N LEU A 47 -8.18 -7.96 -0.97
CA LEU A 47 -8.97 -8.00 -2.21
C LEU A 47 -9.90 -6.79 -2.22
N TYR A 48 -9.99 -6.09 -3.36
CA TYR A 48 -10.97 -5.00 -3.58
C TYR A 48 -11.10 -4.68 -5.08
N LYS A 49 -12.07 -3.81 -5.43
CA LYS A 49 -12.28 -3.33 -6.81
C LYS A 49 -11.85 -1.85 -6.95
N PHE A 50 -11.18 -1.54 -8.07
CA PHE A 50 -10.59 -0.21 -8.33
C PHE A 50 -11.67 0.89 -8.36
N ILE A 51 -11.65 1.77 -7.35
CA ILE A 51 -12.63 2.88 -7.24
C ILE A 51 -12.37 3.89 -8.38
N SER A 52 -11.23 4.58 -8.30
CA SER A 52 -10.80 5.61 -9.26
C SER A 52 -9.42 6.14 -8.82
N VAL A 53 -8.67 6.76 -9.73
CA VAL A 53 -7.45 7.49 -9.36
C VAL A 53 -7.79 8.98 -9.17
N ASN A 54 -7.38 9.53 -8.03
CA ASN A 54 -7.57 10.95 -7.68
C ASN A 54 -6.60 11.80 -8.54
N PRO A 55 -7.09 12.91 -9.19
CA PRO A 55 -6.23 13.85 -9.98
C PRO A 55 -5.07 14.44 -9.15
N THR A 56 -5.28 14.50 -7.83
CA THR A 56 -4.31 15.01 -6.88
C THR A 56 -3.34 13.88 -6.49
N LEU A 57 -2.07 14.25 -6.25
CA LEU A 57 -0.97 13.30 -6.00
C LEU A 57 -0.29 13.59 -4.64
N LEU A 58 0.17 12.51 -3.99
CA LEU A 58 0.79 12.57 -2.65
C LEU A 58 2.30 12.81 -2.76
N LEU A 59 2.77 13.93 -2.18
CA LEU A 59 4.21 14.23 -2.06
C LEU A 59 4.80 13.31 -0.95
N ILE A 60 5.66 12.37 -1.37
CA ILE A 60 6.24 11.33 -0.48
C ILE A 60 7.68 11.69 -0.05
N ASN A 61 8.29 12.72 -0.68
CA ASN A 61 9.68 13.15 -0.39
C ASN A 61 9.90 14.64 -0.73
N GLU A 62 10.27 15.41 0.29
CA GLU A 62 10.47 16.87 0.19
C GLU A 62 11.78 17.23 -0.56
N LYS A 63 12.87 16.48 -0.25
CA LYS A 63 14.22 16.78 -0.77
C LYS A 63 14.35 16.69 -2.32
N THR A 64 13.70 15.68 -2.93
CA THR A 64 13.81 15.43 -4.39
C THR A 64 12.44 15.67 -5.09
N GLN A 65 11.42 16.10 -4.32
CA GLN A 65 10.08 16.53 -4.83
C GLN A 65 9.45 15.53 -5.82
N ALA A 66 9.23 14.30 -5.35
CA ALA A 66 8.59 13.23 -6.15
C ALA A 66 7.24 12.88 -5.51
N LYS A 67 6.20 12.91 -6.34
CA LYS A 67 4.81 12.64 -5.93
C LYS A 67 4.36 11.29 -6.52
N ARG A 68 3.28 10.74 -5.98
CA ARG A 68 2.69 9.46 -6.45
C ARG A 68 1.18 9.61 -6.58
N ARG A 69 0.62 8.98 -7.62
CA ARG A 69 -0.82 9.02 -7.89
C ARG A 69 -1.61 8.17 -6.87
N ILE A 70 -2.84 8.63 -6.61
CA ILE A 70 -3.70 8.12 -5.54
C ILE A 70 -4.71 7.12 -6.12
N PHE A 71 -4.38 5.83 -6.05
CA PHE A 71 -5.28 4.75 -6.48
C PHE A 71 -6.23 4.43 -5.31
N GLN A 72 -7.37 5.14 -5.28
CA GLN A 72 -8.32 5.10 -4.14
C GLN A 72 -8.84 3.68 -3.88
N GLY A 73 -8.67 3.20 -2.63
CA GLY A 73 -8.96 1.82 -2.26
C GLY A 73 -9.79 1.70 -0.99
N GLU A 74 -11.11 1.53 -1.15
CA GLU A 74 -12.04 1.29 -0.04
C GLU A 74 -12.73 -0.07 -0.23
N TYR A 75 -12.82 -0.83 0.87
CA TYR A 75 -13.43 -2.17 0.90
C TYR A 75 -13.89 -2.48 2.34
N LEU A 76 -14.90 -3.34 2.49
CA LEU A 76 -15.40 -3.78 3.80
C LEU A 76 -14.69 -5.06 4.24
N TYR A 77 -13.81 -4.92 5.24
CA TYR A 77 -13.10 -6.02 5.87
C TYR A 77 -13.91 -6.45 7.10
N GLY A 78 -14.68 -7.54 6.94
CA GLY A 78 -15.57 -8.03 7.98
C GLY A 78 -16.69 -7.04 8.30
N LYS A 79 -16.60 -6.39 9.47
CA LYS A 79 -17.65 -5.50 10.00
C LYS A 79 -17.28 -4.01 9.78
N LYS A 80 -16.02 -3.74 9.38
CA LYS A 80 -15.53 -2.35 9.19
C LYS A 80 -15.16 -2.09 7.72
N LYS A 81 -15.42 -0.84 7.26
CA LYS A 81 -15.02 -0.37 5.94
C LYS A 81 -13.67 0.37 6.06
N ILE A 82 -12.61 -0.20 5.50
CA ILE A 82 -11.27 0.42 5.47
C ILE A 82 -11.10 1.22 4.18
N GLN A 83 -10.78 2.52 4.33
CA GLN A 83 -10.70 3.49 3.22
C GLN A 83 -9.32 4.16 3.23
N PHE A 84 -8.38 3.64 2.43
CA PHE A 84 -7.01 4.21 2.31
C PHE A 84 -6.58 4.20 0.85
N ASN A 85 -5.57 5.03 0.54
CA ASN A 85 -5.13 5.26 -0.83
C ASN A 85 -3.92 4.38 -1.15
N ILE A 86 -4.02 3.65 -2.27
CA ILE A 86 -2.95 2.81 -2.80
C ILE A 86 -1.93 3.72 -3.53
N ILE A 87 -0.65 3.53 -3.20
CA ILE A 87 0.47 4.40 -3.65
C ILE A 87 1.47 3.56 -4.46
N ALA A 88 2.30 4.22 -5.26
CA ALA A 88 3.38 3.56 -6.03
C ALA A 88 4.75 3.81 -5.36
N LYS A 89 5.67 2.83 -5.41
CA LYS A 89 7.02 2.97 -4.82
C LYS A 89 7.88 3.85 -5.71
N ASN A 90 7.76 3.62 -7.02
CA ASN A 90 8.60 4.28 -8.04
C ASN A 90 7.71 4.80 -9.19
N LEU A 91 8.37 5.50 -10.12
CA LEU A 91 7.77 5.91 -11.41
C LEU A 91 7.31 4.68 -12.23
N GLU A 92 8.10 3.59 -12.15
CA GLU A 92 7.82 2.34 -12.87
C GLU A 92 6.55 1.66 -12.33
N ILE A 93 6.33 1.76 -11.01
CA ILE A 93 5.16 1.18 -10.34
C ILE A 93 3.91 2.03 -10.64
N GLU A 94 4.11 3.34 -10.73
CA GLU A 94 3.04 4.31 -11.03
C GLU A 94 2.51 4.11 -12.45
N ARG A 95 3.44 3.99 -13.42
CA ARG A 95 3.12 3.89 -14.85
C ARG A 95 2.41 2.55 -15.15
N GLU A 96 2.87 1.43 -14.56
CA GLU A 96 2.30 0.11 -14.83
C GLU A 96 0.90 -0.01 -14.19
N LEU A 97 0.71 0.60 -13.01
CA LEU A 97 -0.60 0.58 -12.30
C LEU A 97 -1.68 1.36 -13.09
N ILE A 98 -1.37 2.60 -13.54
CA ILE A 98 -2.34 3.44 -14.31
C ILE A 98 -2.70 2.77 -15.67
N GLN A 99 -1.74 2.01 -16.23
CA GLN A 99 -1.91 1.31 -17.53
C GLN A 99 -2.47 -0.12 -17.35
N PHE A 100 -2.52 -0.60 -16.09
CA PHE A 100 -3.12 -1.91 -15.74
C PHE A 100 -4.59 -1.73 -15.35
N PHE A 101 -4.90 -0.60 -14.68
CA PHE A 101 -6.25 -0.28 -14.18
C PHE A 101 -7.05 0.46 -15.27
N LYS A 102 -7.11 -0.17 -16.46
CA LYS A 102 -7.87 0.34 -17.61
C LYS A 102 -9.36 0.22 -17.34
N LYS A 103 -9.77 -0.99 -16.95
CA LYS A 103 -11.14 -1.28 -16.51
C LYS A 103 -11.39 -0.62 -15.13
N PRO A 104 -12.45 0.24 -15.00
CA PRO A 104 -12.88 0.77 -13.68
C PRO A 104 -13.67 -0.31 -12.91
N TYR A 105 -13.69 -0.18 -11.57
CA TYR A 105 -14.32 -1.16 -10.65
C TYR A 105 -13.70 -2.57 -10.82
N GLN A 106 -12.39 -2.57 -11.18
CA GLN A 106 -11.64 -3.78 -11.52
C GLN A 106 -11.30 -4.57 -10.24
N CYS A 107 -11.89 -5.77 -10.12
CA CYS A 107 -11.73 -6.63 -8.93
C CYS A 107 -10.42 -7.44 -9.02
N TYR A 108 -9.48 -7.12 -8.12
CA TYR A 108 -8.15 -7.75 -8.08
C TYR A 108 -7.68 -7.94 -6.64
N ILE A 109 -6.65 -8.78 -6.48
CA ILE A 109 -6.00 -9.07 -5.20
C ILE A 109 -4.67 -8.30 -5.16
N MET A 110 -4.49 -7.47 -4.14
CA MET A 110 -3.24 -6.74 -3.94
C MET A 110 -2.36 -7.50 -2.93
N HIS A 111 -1.26 -8.06 -3.42
CA HIS A 111 -0.29 -8.85 -2.63
C HIS A 111 0.91 -7.97 -2.22
N ASN A 112 1.41 -8.16 -0.97
CA ASN A 112 2.70 -7.56 -0.47
C ASN A 112 2.57 -6.02 -0.28
N VAL A 113 1.34 -5.58 0.06
CA VAL A 113 1.01 -4.16 0.23
C VAL A 113 1.62 -3.60 1.53
N GLN A 114 2.62 -2.72 1.39
CA GLN A 114 3.40 -2.20 2.51
C GLN A 114 2.78 -0.88 3.03
N VAL A 115 2.25 -0.89 4.25
CA VAL A 115 1.58 0.29 4.84
C VAL A 115 2.63 1.32 5.36
N PHE A 116 2.45 2.60 4.96
CA PHE A 116 3.33 3.72 5.38
C PHE A 116 2.51 4.81 6.09
N GLN A 117 2.83 5.03 7.37
CA GLN A 117 2.24 6.08 8.21
C GLN A 117 3.00 7.40 8.03
N MET A 118 2.32 8.41 7.46
CA MET A 118 2.91 9.71 7.14
C MET A 118 3.24 10.54 8.40
N LEU A 119 4.41 11.20 8.33
CA LEU A 119 4.96 12.07 9.38
C LEU A 119 5.97 13.03 8.73
N ASN A 120 6.68 13.84 9.53
CA ASN A 120 7.74 14.72 9.01
C ASN A 120 8.77 15.07 10.09
N LYS A 121 9.90 15.64 9.64
CA LYS A 121 10.98 16.13 10.49
C LYS A 121 10.58 17.41 11.28
N ASN A 122 11.54 17.90 12.07
CA ASN A 122 11.47 19.23 12.71
C ASN A 122 12.92 19.78 12.70
N LYS A 123 13.31 20.38 11.55
CA LYS A 123 14.67 20.91 11.33
C LYS A 123 14.66 22.44 11.45
N ASN A 124 14.75 22.91 12.69
CA ASN A 124 14.89 24.35 13.02
C ASN A 124 16.34 24.65 13.42
N ASN A 125 16.99 23.67 14.06
CA ASN A 125 18.36 23.79 14.60
C ASN A 125 19.44 23.44 13.55
N ASN A 126 19.10 23.62 12.26
CA ASN A 126 20.05 23.41 11.14
C ASN A 126 21.07 24.57 11.10
N VAL A 127 22.29 24.29 11.58
CA VAL A 127 23.38 25.28 11.70
C VAL A 127 24.44 25.09 10.57
N VAL A 128 24.02 24.42 9.49
CA VAL A 128 24.90 24.04 8.37
C VAL A 128 25.10 25.25 7.41
N GLU A 129 26.36 25.77 7.38
CA GLU A 129 26.74 26.85 6.46
C GLU A 129 27.00 26.28 5.04
N PHE A 130 25.96 26.36 4.20
CA PHE A 130 25.96 25.80 2.84
C PHE A 130 25.09 26.69 1.92
N MET A 131 25.19 26.45 0.59
CA MET A 131 24.34 27.06 -0.45
C MET A 131 22.85 26.91 -0.06
N ASP A 132 22.18 28.04 0.21
CA ASP A 132 20.78 28.06 0.67
C ASP A 132 19.85 27.44 -0.40
N SER A 133 19.06 26.45 0.02
CA SER A 133 18.16 25.70 -0.85
C SER A 133 16.68 26.03 -0.49
N GLU A 134 16.48 27.23 0.13
CA GLU A 134 15.19 27.70 0.69
C GLU A 134 14.76 26.82 1.88
N ASP A 135 14.82 27.39 3.10
CA ASP A 135 14.42 26.71 4.36
C ASP A 135 12.93 26.30 4.32
N LEU A 136 12.70 24.98 4.20
CA LEU A 136 11.35 24.39 4.06
C LEU A 136 10.66 24.24 5.43
N GLN A 137 9.35 24.56 5.45
CA GLN A 137 8.51 24.48 6.65
C GLN A 137 8.12 23.00 6.91
N SER A 138 8.34 22.53 8.15
CA SER A 138 8.05 21.14 8.54
C SER A 138 6.52 20.88 8.52
N SER A 139 6.09 19.95 7.64
CA SER A 139 4.67 19.57 7.49
C SER A 139 4.15 18.89 8.78
N VAL A 140 2.89 19.22 9.14
CA VAL A 140 2.21 18.64 10.33
C VAL A 140 0.97 17.86 9.87
N ASP A 141 1.09 16.52 9.93
CA ASP A 141 0.08 15.57 9.41
C ASP A 141 0.12 14.25 10.20
N SER A 142 -1.01 13.52 10.19
CA SER A 142 -1.17 12.22 10.86
C SER A 142 -2.22 11.37 10.13
N GLN A 143 -1.74 10.53 9.19
CA GLN A 143 -2.57 9.61 8.39
C GLN A 143 -1.64 8.55 7.77
N LEU A 144 -2.18 7.39 7.35
CA LEU A 144 -1.39 6.35 6.64
C LEU A 144 -2.00 6.03 5.28
N TYR A 145 -1.13 5.66 4.34
CA TYR A 145 -1.49 5.28 2.96
C TYR A 145 -0.86 3.90 2.67
N TYR A 146 -1.54 3.09 1.84
CA TYR A 146 -1.10 1.72 1.51
C TYR A 146 -0.16 1.75 0.29
N LEU A 147 1.15 1.71 0.56
CA LEU A 147 2.21 1.76 -0.46
C LEU A 147 2.36 0.39 -1.16
N ILE A 148 2.56 0.44 -2.50
CA ILE A 148 2.81 -0.72 -3.36
C ILE A 148 4.23 -0.64 -3.91
N ASP A 149 5.00 -1.71 -3.69
CA ASP A 149 6.40 -1.80 -4.08
C ASP A 149 6.58 -2.71 -5.31
N GLU A 150 7.82 -2.80 -5.78
CA GLU A 150 8.20 -3.65 -6.94
C GLU A 150 8.16 -5.16 -6.63
N SER A 151 8.00 -5.54 -5.36
CA SER A 151 7.80 -6.96 -4.95
C SER A 151 6.29 -7.26 -4.77
N SER A 152 5.46 -6.21 -4.79
CA SER A 152 3.99 -6.33 -4.78
C SER A 152 3.48 -6.82 -6.13
N HIS A 153 2.41 -7.63 -6.08
CA HIS A 153 1.78 -8.26 -7.27
C HIS A 153 0.28 -7.98 -7.25
N VAL A 154 -0.25 -7.39 -8.34
CA VAL A 154 -1.70 -7.13 -8.49
C VAL A 154 -2.32 -8.25 -9.35
N LEU A 155 -2.89 -9.26 -8.68
CA LEU A 155 -3.49 -10.44 -9.34
C LEU A 155 -4.95 -10.15 -9.69
N GLU A 156 -5.18 -9.69 -10.92
CA GLU A 156 -6.51 -9.35 -11.42
C GLU A 156 -7.31 -10.63 -11.69
N ASP A 157 -8.51 -10.73 -11.07
CA ASP A 157 -9.40 -11.88 -11.28
C ASP A 157 -10.51 -11.46 -12.26
N ASP A 158 -10.32 -11.82 -13.55
CA ASP A 158 -11.31 -11.61 -14.64
C ASP A 158 -12.62 -12.39 -14.37
N SER A 159 -12.48 -13.51 -13.65
CA SER A 159 -13.61 -14.31 -13.13
C SER A 159 -13.96 -13.81 -11.71
N MET A 160 -14.70 -14.61 -10.94
CA MET A 160 -14.93 -14.36 -9.50
C MET A 160 -14.62 -15.65 -8.71
N ASP A 161 -13.78 -16.52 -9.29
CA ASP A 161 -13.48 -17.85 -8.69
C ASP A 161 -12.35 -17.74 -7.66
N PHE A 162 -11.39 -16.82 -7.90
CA PHE A 162 -10.29 -16.56 -6.96
C PHE A 162 -10.80 -15.69 -5.81
N ILE A 163 -11.74 -14.78 -6.15
CA ILE A 163 -12.48 -13.98 -5.16
C ILE A 163 -13.33 -14.92 -4.28
N SER A 164 -13.95 -15.92 -4.94
CA SER A 164 -14.79 -16.95 -4.27
C SER A 164 -13.93 -17.76 -3.29
N THR A 165 -12.72 -18.16 -3.77
CA THR A 165 -11.71 -18.87 -2.97
C THR A 165 -11.40 -18.12 -1.67
N LEU A 166 -10.88 -16.90 -1.82
CA LEU A 166 -10.34 -16.11 -0.72
C LEU A 166 -11.40 -15.75 0.34
N THR A 167 -12.63 -15.45 -0.11
CA THR A 167 -13.72 -15.02 0.81
C THR A 167 -14.29 -16.23 1.60
N ARG A 168 -14.34 -17.42 0.97
CA ARG A 168 -14.89 -18.65 1.61
C ARG A 168 -13.81 -19.31 2.49
N LEU A 169 -12.53 -19.02 2.19
CA LEU A 169 -11.38 -19.46 3.01
C LEU A 169 -11.27 -18.61 4.29
N SER A 170 -11.41 -17.26 4.15
CA SER A 170 -11.27 -16.32 5.27
C SER A 170 -12.49 -16.41 6.21
N ASP A 171 -13.68 -16.28 5.60
CA ASP A 171 -15.00 -16.43 6.28
C ASP A 171 -15.26 -15.26 7.28
N SER A 172 -16.53 -15.06 7.65
CA SER A 172 -16.93 -14.03 8.63
C SER A 172 -16.50 -14.43 10.05
N GLN B 1 19.37 10.35 -3.45
CA GLN B 1 18.68 9.99 -2.22
C GLN B 1 17.32 9.34 -2.54
N ASP B 2 17.10 8.12 -2.02
CA ASP B 2 15.83 7.37 -2.20
C ASP B 2 14.62 8.12 -1.59
N ASP B 3 13.46 7.98 -2.24
CA ASP B 3 12.23 8.72 -1.89
C ASP B 3 11.69 8.31 -0.51
N PHE B 4 11.79 7.01 -0.19
CA PHE B 4 11.34 6.44 1.09
C PHE B 4 12.50 6.35 2.11
N GLY B 5 13.65 6.97 1.77
CA GLY B 5 14.81 7.04 2.65
C GLY B 5 14.81 8.31 3.49
N ASP B 6 15.99 8.98 3.60
CA ASP B 6 16.12 10.25 4.34
C ASP B 6 15.46 11.39 3.55
N GLY B 7 14.44 12.03 4.16
CA GLY B 7 13.69 13.13 3.53
C GLY B 7 12.32 12.68 3.05
N CYS B 8 11.89 11.49 3.49
CA CYS B 8 10.54 10.97 3.23
C CYS B 8 9.51 11.66 4.13
N LEU B 9 8.25 11.64 3.68
CA LEU B 9 7.10 12.20 4.41
C LEU B 9 6.26 11.05 5.03
N LEU B 10 6.84 9.83 5.07
CA LEU B 10 6.15 8.61 5.54
C LEU B 10 7.15 7.55 6.03
N GLN B 11 6.76 6.84 7.10
CA GLN B 11 7.55 5.74 7.70
C GLN B 11 6.66 4.48 7.77
N ILE B 12 7.27 3.31 7.53
CA ILE B 12 6.55 2.02 7.46
C ILE B 12 6.01 1.61 8.86
N VAL B 13 4.81 0.96 8.91
CA VAL B 13 4.21 0.47 10.17
C VAL B 13 5.00 -0.76 10.71
N ASN B 14 5.55 -0.61 11.93
CA ASN B 14 6.30 -1.67 12.63
C ASN B 14 6.62 -1.20 14.07
N MET A 1 11.33 -29.83 -13.23
CA MET A 1 10.67 -28.87 -14.13
C MET A 1 9.65 -28.02 -13.35
N GLU A 2 10.15 -26.94 -12.73
CA GLU A 2 9.31 -25.91 -12.10
C GLU A 2 8.80 -24.97 -13.21
N ILE A 3 7.56 -25.19 -13.65
CA ILE A 3 6.92 -24.42 -14.75
C ILE A 3 6.63 -22.98 -14.24
N GLU A 4 6.35 -22.03 -15.17
CA GLU A 4 6.02 -20.64 -14.81
C GLU A 4 4.79 -20.60 -13.88
N GLU A 5 3.84 -21.54 -14.10
CA GLU A 5 2.60 -21.65 -13.30
C GLU A 5 2.93 -21.98 -11.83
N ASP A 6 4.03 -22.71 -11.57
CA ASP A 6 4.49 -23.06 -10.19
C ASP A 6 4.86 -21.80 -9.39
N LEU A 7 5.30 -20.74 -10.09
CA LEU A 7 5.51 -19.40 -9.51
C LEU A 7 4.13 -18.82 -9.13
N ASN A 8 3.18 -18.93 -10.05
CA ASN A 8 1.78 -18.45 -9.85
C ASN A 8 1.04 -19.27 -8.77
N LEU A 9 1.52 -20.50 -8.52
CA LEU A 9 0.93 -21.40 -7.52
C LEU A 9 1.49 -21.10 -6.12
N LYS A 10 2.79 -20.75 -6.05
CA LYS A 10 3.45 -20.44 -4.77
C LYS A 10 2.99 -19.06 -4.26
N ILE A 11 2.81 -18.09 -5.20
CA ILE A 11 2.27 -16.76 -4.85
C ILE A 11 0.79 -16.87 -4.50
N LEU A 12 0.07 -17.82 -5.16
CA LEU A 12 -1.36 -18.13 -4.87
C LEU A 12 -1.55 -18.54 -3.40
N GLU A 13 -0.69 -19.45 -2.92
CA GLU A 13 -0.76 -19.96 -1.53
C GLU A 13 -0.27 -18.87 -0.56
N ASP A 14 0.67 -18.01 -1.02
CA ASP A 14 1.10 -16.81 -0.25
C ASP A 14 -0.03 -15.77 -0.18
N VAL A 15 -0.85 -15.68 -1.24
CA VAL A 15 -1.96 -14.72 -1.32
C VAL A 15 -3.02 -15.09 -0.28
N LYS A 16 -3.56 -16.33 -0.38
CA LYS A 16 -4.64 -16.81 0.50
C LYS A 16 -4.20 -16.85 1.97
N LYS A 17 -2.92 -17.26 2.21
CA LYS A 17 -2.33 -17.31 3.56
C LYS A 17 -2.26 -15.92 4.18
N LEU A 18 -1.55 -14.99 3.51
CA LEU A 18 -1.40 -13.60 3.99
C LEU A 18 -2.76 -12.89 4.02
N TYR A 19 -3.70 -13.30 3.16
CA TYR A 19 -5.05 -12.73 3.12
C TYR A 19 -5.78 -13.03 4.43
N LEU A 20 -5.84 -14.32 4.81
CA LEU A 20 -6.55 -14.78 6.03
C LEU A 20 -5.93 -14.17 7.30
N GLN A 21 -4.58 -14.25 7.35
CA GLN A 21 -3.78 -13.70 8.45
C GLN A 21 -4.03 -12.20 8.63
N SER A 22 -3.85 -11.43 7.53
CA SER A 22 -3.98 -9.98 7.55
C SER A 22 -5.44 -9.55 7.70
N PHE A 23 -6.39 -10.38 7.19
CA PHE A 23 -7.83 -10.08 7.25
C PHE A 23 -8.23 -9.87 8.71
N ASP A 24 -7.77 -10.82 9.56
CA ASP A 24 -7.97 -10.78 11.03
C ASP A 24 -7.24 -9.60 11.67
N TYR A 25 -5.99 -9.37 11.21
CA TYR A 25 -5.11 -8.27 11.69
C TYR A 25 -5.76 -6.88 11.47
N ILE A 26 -6.45 -6.74 10.34
CA ILE A 26 -7.09 -5.48 9.91
C ILE A 26 -8.47 -5.31 10.60
N LYS A 27 -9.21 -6.45 10.76
CA LYS A 27 -10.47 -6.49 11.57
C LYS A 27 -10.21 -6.05 13.00
N ASN A 28 -9.06 -6.46 13.52
CA ASN A 28 -8.62 -6.15 14.88
C ASN A 28 -8.17 -4.68 14.96
N GLY A 29 -7.39 -4.27 13.95
CA GLY A 29 -6.83 -2.92 13.86
C GLY A 29 -5.34 -2.97 13.55
N ILE A 30 -4.89 -2.07 12.66
CA ILE A 30 -3.49 -2.01 12.20
C ILE A 30 -2.58 -1.63 13.39
N SER A 31 -1.88 -2.63 13.95
CA SER A 31 -0.93 -2.50 15.08
C SER A 31 -1.63 -1.97 16.36
N SER A 32 -2.94 -2.19 16.46
CA SER A 32 -3.80 -1.63 17.54
C SER A 32 -3.86 -2.57 18.78
N GLY A 33 -2.68 -2.96 19.27
CA GLY A 33 -2.57 -3.80 20.47
C GLY A 33 -2.73 -5.29 20.18
N GLY A 34 -3.97 -5.71 19.85
CA GLY A 34 -4.29 -7.11 19.56
C GLY A 34 -5.18 -7.73 20.63
N SER A 35 -5.52 -9.01 20.45
CA SER A 35 -6.39 -9.78 21.38
C SER A 35 -6.10 -11.29 21.33
N GLY A 36 -5.09 -11.70 20.54
CA GLY A 36 -4.71 -13.12 20.41
C GLY A 36 -4.12 -13.44 19.05
N GLY A 37 -4.83 -13.00 18.00
CA GLY A 37 -4.34 -13.09 16.62
C GLY A 37 -3.50 -11.87 16.25
N SER A 38 -4.04 -11.01 15.36
CA SER A 38 -3.41 -9.73 14.93
C SER A 38 -1.90 -9.90 14.64
N ILE A 39 -1.61 -10.75 13.64
CA ILE A 39 -0.23 -11.15 13.25
C ILE A 39 0.68 -9.95 12.89
N ASP A 40 1.98 -10.13 13.14
CA ASP A 40 3.00 -9.07 13.00
C ASP A 40 3.64 -9.13 11.62
N LEU A 41 3.37 -8.12 10.78
CA LEU A 41 4.02 -7.95 9.45
C LEU A 41 3.94 -6.49 8.98
N SER A 42 4.84 -6.16 8.04
CA SER A 42 4.92 -4.85 7.39
C SER A 42 3.99 -4.78 6.17
N ARG A 43 3.78 -5.96 5.55
CA ARG A 43 3.01 -6.11 4.30
C ARG A 43 1.84 -7.06 4.53
N ILE A 44 0.74 -6.77 3.86
CA ILE A 44 -0.54 -7.49 3.98
C ILE A 44 -0.98 -8.00 2.60
N THR A 45 -2.09 -8.74 2.53
CA THR A 45 -2.72 -9.15 1.26
C THR A 45 -4.24 -9.12 1.39
N PHE A 46 -4.88 -8.58 0.36
CA PHE A 46 -6.33 -8.48 0.26
C PHE A 46 -6.73 -8.43 -1.22
N LEU A 47 -7.98 -8.08 -1.46
CA LEU A 47 -8.53 -7.93 -2.81
C LEU A 47 -9.64 -6.86 -2.78
N TYR A 48 -9.85 -6.19 -3.92
CA TYR A 48 -10.96 -5.22 -4.09
C TYR A 48 -11.09 -4.85 -5.58
N LYS A 49 -12.13 -4.07 -5.92
CA LYS A 49 -12.34 -3.54 -7.29
C LYS A 49 -11.94 -2.07 -7.35
N PHE A 50 -11.32 -1.67 -8.48
CA PHE A 50 -10.72 -0.33 -8.63
C PHE A 50 -11.78 0.79 -8.48
N ILE A 51 -11.60 1.66 -7.49
CA ILE A 51 -12.57 2.73 -7.21
C ILE A 51 -12.41 3.87 -8.23
N SER A 52 -11.28 4.58 -8.16
CA SER A 52 -10.98 5.74 -9.04
C SER A 52 -9.56 6.28 -8.74
N VAL A 53 -8.97 6.96 -9.74
CA VAL A 53 -7.78 7.81 -9.52
C VAL A 53 -8.28 9.20 -9.08
N ASN A 54 -7.82 9.64 -7.91
CA ASN A 54 -8.15 10.95 -7.36
C ASN A 54 -7.43 12.05 -8.20
N PRO A 55 -8.05 13.27 -8.39
CA PRO A 55 -7.40 14.39 -9.14
C PRO A 55 -6.02 14.77 -8.60
N THR A 56 -5.84 14.59 -7.29
CA THR A 56 -4.60 14.94 -6.58
C THR A 56 -3.64 13.74 -6.56
N LEU A 57 -2.33 14.05 -6.49
CA LEU A 57 -1.24 13.07 -6.35
C LEU A 57 -0.45 13.39 -5.05
N LEU A 58 -0.21 12.35 -4.25
CA LEU A 58 0.36 12.48 -2.89
C LEU A 58 1.87 12.81 -2.95
N LEU A 59 2.25 13.99 -2.42
CA LEU A 59 3.66 14.35 -2.22
C LEU A 59 4.25 13.47 -1.10
N ILE A 60 5.11 12.52 -1.52
CA ILE A 60 5.70 11.51 -0.63
C ILE A 60 7.09 11.95 -0.11
N ASN A 61 7.72 12.95 -0.77
CA ASN A 61 9.07 13.45 -0.38
C ASN A 61 9.31 14.90 -0.84
N GLU A 62 9.72 15.76 0.11
CA GLU A 62 9.90 17.20 -0.14
C GLU A 62 11.26 17.52 -0.81
N LYS A 63 12.32 16.75 -0.45
CA LYS A 63 13.69 16.99 -0.96
C LYS A 63 13.80 16.82 -2.50
N THR A 64 13.17 15.76 -3.04
CA THR A 64 13.28 15.42 -4.49
C THR A 64 11.94 15.62 -5.23
N GLN A 65 10.88 16.07 -4.50
CA GLN A 65 9.59 16.55 -5.09
C GLN A 65 8.87 15.48 -5.95
N ALA A 66 8.78 14.26 -5.42
CA ALA A 66 8.08 13.14 -6.10
C ALA A 66 6.65 13.02 -5.58
N LYS A 67 5.67 12.99 -6.51
CA LYS A 67 4.26 12.74 -6.20
C LYS A 67 3.81 11.45 -6.87
N ARG A 68 3.07 10.61 -6.12
CA ARG A 68 2.50 9.36 -6.64
C ARG A 68 0.98 9.48 -6.65
N ARG A 69 0.37 9.11 -7.79
CA ARG A 69 -1.08 9.21 -8.01
C ARG A 69 -1.86 8.31 -7.05
N ILE A 70 -3.00 8.83 -6.58
CA ILE A 70 -3.85 8.18 -5.60
C ILE A 70 -4.80 7.18 -6.29
N PHE A 71 -4.54 5.88 -6.06
CA PHE A 71 -5.44 4.79 -6.49
C PHE A 71 -6.35 4.44 -5.31
N GLN A 72 -7.54 5.05 -5.26
CA GLN A 72 -8.48 4.90 -4.14
C GLN A 72 -8.90 3.43 -3.98
N GLY A 73 -8.81 2.92 -2.73
CA GLY A 73 -9.05 1.51 -2.43
C GLY A 73 -9.81 1.30 -1.14
N GLU A 74 -11.10 0.95 -1.25
CA GLU A 74 -11.96 0.61 -0.09
C GLU A 74 -12.36 -0.88 -0.18
N TYR A 75 -12.35 -1.55 0.98
CA TYR A 75 -12.80 -2.95 1.12
C TYR A 75 -13.26 -3.17 2.57
N LEU A 76 -14.23 -4.08 2.76
CA LEU A 76 -14.81 -4.39 4.07
C LEU A 76 -14.14 -5.65 4.66
N TYR A 77 -13.40 -5.46 5.76
CA TYR A 77 -12.74 -6.54 6.50
C TYR A 77 -13.55 -6.82 7.77
N GLY A 78 -14.24 -7.97 7.78
CA GLY A 78 -15.02 -8.39 8.94
C GLY A 78 -16.30 -7.58 9.09
N LYS A 79 -16.21 -6.48 9.86
CA LYS A 79 -17.36 -5.60 10.18
C LYS A 79 -16.99 -4.11 10.03
N LYS A 80 -15.82 -3.82 9.41
CA LYS A 80 -15.37 -2.43 9.16
C LYS A 80 -14.94 -2.26 7.70
N LYS A 81 -15.26 -1.09 7.12
CA LYS A 81 -14.81 -0.72 5.77
C LYS A 81 -13.55 0.15 5.88
N ILE A 82 -12.42 -0.44 5.49
CA ILE A 82 -11.12 0.21 5.48
C ILE A 82 -10.92 0.90 4.12
N GLN A 83 -10.88 2.23 4.17
CA GLN A 83 -10.76 3.10 2.99
C GLN A 83 -9.40 3.82 3.05
N PHE A 84 -8.42 3.33 2.29
CA PHE A 84 -7.08 3.95 2.21
C PHE A 84 -6.64 4.06 0.75
N ASN A 85 -5.68 4.96 0.53
CA ASN A 85 -5.21 5.29 -0.80
C ASN A 85 -3.98 4.44 -1.14
N ILE A 86 -4.12 3.65 -2.21
CA ILE A 86 -3.07 2.78 -2.73
C ILE A 86 -2.04 3.66 -3.48
N ILE A 87 -0.76 3.56 -3.05
CA ILE A 87 0.36 4.37 -3.56
C ILE A 87 1.33 3.44 -4.34
N ALA A 88 2.26 4.01 -5.10
CA ALA A 88 3.29 3.26 -5.85
C ALA A 88 4.70 3.62 -5.34
N LYS A 89 5.62 2.63 -5.27
CA LYS A 89 6.97 2.83 -4.70
C LYS A 89 7.82 3.69 -5.64
N ASN A 90 8.18 3.12 -6.79
CA ASN A 90 9.03 3.80 -7.77
C ASN A 90 8.19 4.39 -8.90
N LEU A 91 8.86 5.12 -9.79
CA LEU A 91 8.29 5.60 -11.06
C LEU A 91 7.82 4.42 -11.95
N GLU A 92 8.59 3.30 -11.90
CA GLU A 92 8.27 2.08 -12.66
C GLU A 92 6.99 1.41 -12.12
N ILE A 93 6.73 1.58 -10.81
CA ILE A 93 5.54 1.01 -10.16
C ILE A 93 4.34 1.95 -10.37
N GLU A 94 4.59 3.25 -10.49
CA GLU A 94 3.53 4.24 -10.76
C GLU A 94 2.99 4.06 -12.20
N ARG A 95 3.92 3.92 -13.17
CA ARG A 95 3.56 3.68 -14.58
C ARG A 95 2.92 2.30 -14.74
N GLU A 96 3.34 1.33 -13.89
CA GLU A 96 2.74 -0.01 -13.83
C GLU A 96 1.24 0.11 -13.50
N LEU A 97 0.93 0.68 -12.33
CA LEU A 97 -0.44 0.74 -11.80
C LEU A 97 -1.39 1.56 -12.71
N ILE A 98 -0.95 2.75 -13.19
CA ILE A 98 -1.81 3.61 -14.05
C ILE A 98 -2.11 2.92 -15.40
N GLN A 99 -1.12 2.20 -15.95
CA GLN A 99 -1.27 1.52 -17.26
C GLN A 99 -1.98 0.16 -17.11
N PHE A 100 -2.00 -0.35 -15.87
CA PHE A 100 -2.65 -1.63 -15.55
C PHE A 100 -4.15 -1.41 -15.21
N PHE A 101 -4.45 -0.24 -14.62
CA PHE A 101 -5.82 0.14 -14.22
C PHE A 101 -6.44 1.02 -15.33
N LYS A 102 -6.64 0.42 -16.51
CA LYS A 102 -7.36 1.05 -17.64
C LYS A 102 -8.88 0.95 -17.44
N LYS A 103 -9.32 -0.24 -17.00
CA LYS A 103 -10.72 -0.51 -16.69
C LYS A 103 -11.05 0.01 -15.27
N PRO A 104 -12.11 0.86 -15.10
CA PRO A 104 -12.63 1.23 -13.77
C PRO A 104 -13.48 0.08 -13.18
N TYR A 105 -13.48 -0.04 -11.84
CA TYR A 105 -14.19 -1.09 -11.07
C TYR A 105 -13.63 -2.50 -11.41
N GLN A 106 -12.34 -2.51 -11.75
CA GLN A 106 -11.57 -3.70 -12.09
C GLN A 106 -11.24 -4.50 -10.81
N CYS A 107 -11.83 -5.69 -10.66
CA CYS A 107 -11.63 -6.55 -9.48
C CYS A 107 -10.31 -7.34 -9.60
N TYR A 108 -9.36 -7.01 -8.72
CA TYR A 108 -8.03 -7.61 -8.69
C TYR A 108 -7.62 -7.94 -7.25
N ILE A 109 -6.59 -8.78 -7.13
CA ILE A 109 -6.09 -9.30 -5.85
C ILE A 109 -4.73 -8.65 -5.55
N MET A 110 -4.69 -7.79 -4.53
CA MET A 110 -3.47 -7.04 -4.18
C MET A 110 -2.66 -7.80 -3.11
N HIS A 111 -1.52 -8.37 -3.54
CA HIS A 111 -0.61 -9.16 -2.69
C HIS A 111 0.60 -8.30 -2.28
N ASN A 112 1.07 -8.46 -1.02
CA ASN A 112 2.33 -7.84 -0.49
C ASN A 112 2.18 -6.30 -0.38
N VAL A 113 0.96 -5.86 -0.06
CA VAL A 113 0.64 -4.43 0.07
C VAL A 113 1.27 -3.86 1.35
N GLN A 114 2.28 -3.01 1.19
CA GLN A 114 3.00 -2.42 2.33
C GLN A 114 2.26 -1.17 2.83
N VAL A 115 2.51 -0.74 4.08
CA VAL A 115 1.82 0.42 4.68
C VAL A 115 2.83 1.48 5.17
N PHE A 116 2.61 2.76 4.78
CA PHE A 116 3.47 3.90 5.15
C PHE A 116 2.64 5.00 5.85
N GLN A 117 2.99 5.28 7.13
CA GLN A 117 2.33 6.30 7.97
C GLN A 117 3.04 7.66 7.81
N MET A 118 2.26 8.74 7.56
CA MET A 118 2.80 10.10 7.39
C MET A 118 3.39 10.66 8.72
N LEU A 119 4.63 11.18 8.63
CA LEU A 119 5.36 11.83 9.74
C LEU A 119 6.49 12.70 9.14
N ASN A 120 7.05 13.62 9.93
CA ASN A 120 8.16 14.51 9.48
C ASN A 120 8.80 15.24 10.66
N LYS A 121 9.86 16.04 10.35
CA LYS A 121 10.64 16.84 11.31
C LYS A 121 11.31 15.95 12.39
N ASN A 122 11.95 14.86 11.91
CA ASN A 122 12.59 13.87 12.80
C ASN A 122 14.01 14.36 13.20
N LYS A 123 14.92 14.45 12.20
CA LYS A 123 16.31 14.90 12.42
C LYS A 123 16.87 15.60 11.16
N ASN A 124 17.41 16.81 11.39
CA ASN A 124 18.13 17.61 10.39
C ASN A 124 18.94 18.69 11.16
N ASN A 125 20.20 18.90 10.76
CA ASN A 125 21.08 19.87 11.41
C ASN A 125 22.01 20.50 10.34
N ASN A 126 21.44 21.43 9.55
CA ASN A 126 22.20 22.19 8.53
C ASN A 126 22.99 23.32 9.23
N VAL A 127 24.28 23.42 8.91
CA VAL A 127 25.18 24.49 9.41
C VAL A 127 25.89 25.13 8.20
N VAL A 128 26.27 26.43 8.33
CA VAL A 128 26.90 27.24 7.25
C VAL A 128 25.89 27.54 6.12
N GLU A 129 25.50 28.82 5.99
CA GLU A 129 24.52 29.31 4.99
C GLU A 129 25.21 29.61 3.62
N PHE A 130 26.02 28.63 3.14
CA PHE A 130 26.87 28.72 1.93
C PHE A 130 26.14 29.35 0.71
N MET A 131 25.14 28.64 0.19
CA MET A 131 24.25 29.16 -0.88
C MET A 131 22.94 28.37 -0.88
N ASP A 132 22.67 27.72 0.26
CA ASP A 132 21.58 26.76 0.43
C ASP A 132 20.56 27.34 1.41
N SER A 133 19.72 28.27 0.88
CA SER A 133 18.65 28.92 1.64
C SER A 133 17.54 27.90 1.95
N GLU A 134 17.20 27.11 0.91
CA GLU A 134 16.24 25.97 0.97
C GLU A 134 14.80 26.40 1.28
N ASP A 135 13.87 25.46 1.07
CA ASP A 135 12.45 25.64 1.40
C ASP A 135 11.94 24.34 2.05
N LEU A 136 11.99 24.31 3.40
CA LEU A 136 11.43 23.22 4.19
C LEU A 136 9.90 23.20 4.03
N GLN A 137 9.35 22.06 3.62
CA GLN A 137 7.91 21.93 3.32
C GLN A 137 7.15 21.46 4.55
N SER A 138 7.63 20.34 5.16
CA SER A 138 7.00 19.72 6.35
C SER A 138 5.57 19.20 6.00
N SER A 139 4.81 18.73 7.02
CA SER A 139 3.41 18.31 6.85
C SER A 139 2.70 18.31 8.21
N VAL A 140 1.39 18.59 8.17
CA VAL A 140 0.50 18.49 9.33
C VAL A 140 -0.27 17.15 9.29
N ASP A 141 -0.23 16.48 8.12
CA ASP A 141 -0.90 15.19 7.87
C ASP A 141 -0.11 14.06 8.55
N SER A 142 -0.83 13.02 9.01
CA SER A 142 -0.25 11.90 9.76
C SER A 142 -1.01 10.58 9.50
N GLN A 143 -1.73 10.50 8.36
CA GLN A 143 -2.50 9.29 7.99
C GLN A 143 -1.59 8.25 7.30
N LEU A 144 -1.93 6.97 7.47
CA LEU A 144 -1.22 5.83 6.82
C LEU A 144 -1.90 5.47 5.48
N TYR A 145 -1.09 5.43 4.41
CA TYR A 145 -1.54 5.09 3.05
C TYR A 145 -0.88 3.76 2.63
N TYR A 146 -1.63 2.94 1.87
CA TYR A 146 -1.20 1.57 1.51
C TYR A 146 -0.30 1.58 0.27
N LEU A 147 1.02 1.56 0.53
CA LEU A 147 2.08 1.59 -0.47
C LEU A 147 2.20 0.23 -1.21
N ILE A 148 2.46 0.29 -2.53
CA ILE A 148 2.71 -0.89 -3.38
C ILE A 148 4.16 -0.85 -3.85
N ASP A 149 4.93 -1.82 -3.39
CA ASP A 149 6.34 -1.98 -3.73
C ASP A 149 6.52 -2.87 -4.97
N GLU A 150 7.77 -2.97 -5.42
CA GLU A 150 8.17 -3.77 -6.61
C GLU A 150 7.98 -5.29 -6.45
N SER A 151 7.83 -5.78 -5.20
CA SER A 151 7.56 -7.21 -4.93
C SER A 151 6.03 -7.48 -4.86
N SER A 152 5.25 -6.40 -4.64
CA SER A 152 3.79 -6.45 -4.60
C SER A 152 3.19 -6.82 -5.97
N HIS A 153 2.28 -7.82 -5.96
CA HIS A 153 1.68 -8.42 -7.18
C HIS A 153 0.17 -8.09 -7.25
N VAL A 154 -0.27 -7.49 -8.37
CA VAL A 154 -1.70 -7.18 -8.60
C VAL A 154 -2.31 -8.25 -9.54
N LEU A 155 -2.85 -9.33 -8.93
CA LEU A 155 -3.43 -10.47 -9.66
C LEU A 155 -4.85 -10.10 -10.15
N GLU A 156 -4.93 -9.51 -11.36
CA GLU A 156 -6.21 -9.09 -11.95
C GLU A 156 -7.07 -10.33 -12.25
N ASP A 157 -8.22 -10.44 -11.56
CA ASP A 157 -9.09 -11.61 -11.69
C ASP A 157 -9.93 -11.45 -12.97
N ASP A 158 -9.52 -12.19 -14.02
CA ASP A 158 -10.17 -12.21 -15.33
C ASP A 158 -11.64 -12.71 -15.24
N SER A 159 -11.90 -13.52 -14.20
CA SER A 159 -13.24 -14.04 -13.87
C SER A 159 -13.62 -13.53 -12.45
N MET A 160 -14.28 -14.36 -11.62
CA MET A 160 -14.54 -14.03 -10.19
C MET A 160 -14.15 -15.21 -9.28
N ASP A 161 -13.53 -16.27 -9.86
CA ASP A 161 -13.27 -17.54 -9.13
C ASP A 161 -12.14 -17.41 -8.10
N PHE A 162 -11.18 -16.48 -8.32
CA PHE A 162 -10.08 -16.23 -7.36
C PHE A 162 -10.66 -15.51 -6.12
N ILE A 163 -11.54 -14.51 -6.38
CA ILE A 163 -12.32 -13.80 -5.35
C ILE A 163 -13.17 -14.79 -4.55
N SER A 164 -13.81 -15.71 -5.29
CA SER A 164 -14.69 -16.75 -4.74
C SER A 164 -13.93 -17.66 -3.77
N THR A 165 -12.69 -18.04 -4.15
CA THR A 165 -11.77 -18.85 -3.32
C THR A 165 -11.45 -18.14 -1.99
N LEU A 166 -11.04 -16.85 -2.09
CA LEU A 166 -10.61 -16.06 -0.93
C LEU A 166 -11.77 -15.73 0.01
N THR A 167 -12.94 -15.43 -0.58
CA THR A 167 -14.11 -14.95 0.17
C THR A 167 -14.72 -16.09 1.01
N ARG A 168 -14.70 -17.32 0.46
CA ARG A 168 -15.24 -18.51 1.15
C ARG A 168 -14.20 -19.04 2.17
N LEU A 169 -12.91 -18.77 1.90
CA LEU A 169 -11.80 -19.13 2.82
C LEU A 169 -11.85 -18.28 4.10
N SER A 170 -12.25 -17.00 3.97
CA SER A 170 -12.32 -16.06 5.11
C SER A 170 -13.68 -16.16 5.82
N ASP A 171 -14.77 -16.20 5.02
CA ASP A 171 -16.15 -16.26 5.54
C ASP A 171 -16.42 -17.64 6.16
N SER A 172 -16.21 -17.71 7.50
CA SER A 172 -16.37 -18.94 8.32
C SER A 172 -15.44 -20.08 7.84
N GLN B 1 18.72 12.24 -4.03
CA GLN B 1 18.20 11.48 -2.89
C GLN B 1 17.09 10.51 -3.34
N ASP B 2 16.69 9.62 -2.42
CA ASP B 2 15.61 8.62 -2.68
C ASP B 2 14.22 9.28 -2.61
N ASP B 3 13.17 8.46 -2.74
CA ASP B 3 11.78 8.89 -2.57
C ASP B 3 11.38 8.68 -1.10
N PHE B 4 11.33 7.40 -0.68
CA PHE B 4 10.92 7.01 0.69
C PHE B 4 12.11 7.03 1.67
N GLY B 5 13.28 7.54 1.20
CA GLY B 5 14.45 7.81 2.06
C GLY B 5 14.35 9.15 2.77
N ASP B 6 15.35 9.45 3.63
CA ASP B 6 15.36 10.65 4.54
C ASP B 6 14.92 11.95 3.81
N GLY B 7 13.94 12.67 4.38
CA GLY B 7 13.30 13.81 3.71
C GLY B 7 11.95 13.44 3.11
N CYS B 8 11.57 12.16 3.28
CA CYS B 8 10.21 11.68 2.98
C CYS B 8 9.23 12.15 4.06
N LEU B 9 7.95 12.20 3.71
CA LEU B 9 6.87 12.64 4.60
C LEU B 9 6.13 11.42 5.17
N LEU B 10 6.64 10.19 4.92
CA LEU B 10 6.04 8.92 5.38
C LEU B 10 7.12 7.84 5.64
N GLN B 11 6.83 6.95 6.60
CA GLN B 11 7.72 5.84 7.03
C GLN B 11 6.85 4.60 7.24
N ILE B 12 7.42 3.42 6.96
CA ILE B 12 6.70 2.14 7.04
C ILE B 12 6.30 1.82 8.51
N VAL B 13 5.10 1.22 8.69
CA VAL B 13 4.61 0.78 10.02
C VAL B 13 5.47 -0.40 10.58
N ASN B 14 6.25 -0.10 11.64
CA ASN B 14 7.09 -1.08 12.36
C ASN B 14 7.30 -0.61 13.82
N MET A 1 16.78 -16.38 -14.47
CA MET A 1 15.68 -16.95 -13.63
C MET A 1 14.52 -17.38 -14.54
N GLU A 2 14.35 -18.72 -14.70
CA GLU A 2 13.31 -19.31 -15.57
C GLU A 2 11.99 -19.35 -14.79
N ILE A 3 11.11 -18.36 -15.06
CA ILE A 3 9.82 -18.22 -14.36
C ILE A 3 8.86 -19.34 -14.79
N GLU A 4 8.72 -20.35 -13.92
CA GLU A 4 7.79 -21.47 -14.11
C GLU A 4 6.45 -21.15 -13.43
N GLU A 5 5.48 -22.06 -13.57
CA GLU A 5 4.15 -21.92 -12.94
C GLU A 5 4.29 -21.94 -11.40
N ASP A 6 5.31 -22.67 -10.92
CA ASP A 6 5.65 -22.83 -9.50
C ASP A 6 5.83 -21.48 -8.78
N LEU A 7 6.35 -20.48 -9.53
CA LEU A 7 6.49 -19.10 -9.03
C LEU A 7 5.09 -18.49 -8.83
N ASN A 8 4.24 -18.65 -9.85
CA ASN A 8 2.85 -18.14 -9.85
C ASN A 8 1.99 -18.88 -8.81
N LEU A 9 2.40 -20.11 -8.47
CA LEU A 9 1.71 -20.98 -7.51
C LEU A 9 2.17 -20.71 -6.07
N LYS A 10 3.45 -20.30 -5.91
CA LYS A 10 4.01 -20.01 -4.58
C LYS A 10 3.53 -18.63 -4.11
N ILE A 11 3.44 -17.67 -5.04
CA ILE A 11 2.85 -16.35 -4.75
C ILE A 11 1.34 -16.49 -4.55
N LEU A 12 0.70 -17.46 -5.27
CA LEU A 12 -0.72 -17.82 -5.10
C LEU A 12 -1.02 -18.28 -3.66
N GLU A 13 -0.18 -19.21 -3.13
CA GLU A 13 -0.35 -19.73 -1.76
C GLU A 13 0.01 -18.63 -0.74
N ASP A 14 0.97 -17.75 -1.11
CA ASP A 14 1.33 -16.56 -0.32
C ASP A 14 0.18 -15.52 -0.31
N VAL A 15 -0.58 -15.45 -1.42
CA VAL A 15 -1.73 -14.54 -1.55
C VAL A 15 -2.80 -14.94 -0.55
N LYS A 16 -3.27 -16.19 -0.67
CA LYS A 16 -4.40 -16.69 0.12
C LYS A 16 -4.05 -16.82 1.62
N LYS A 17 -2.79 -17.18 1.91
CA LYS A 17 -2.27 -17.26 3.29
C LYS A 17 -2.26 -15.88 3.94
N LEU A 18 -1.52 -14.93 3.32
CA LEU A 18 -1.42 -13.55 3.80
C LEU A 18 -2.78 -12.85 3.75
N TYR A 19 -3.70 -13.32 2.89
CA TYR A 19 -5.06 -12.80 2.81
C TYR A 19 -5.80 -13.15 4.09
N LEU A 20 -5.97 -14.45 4.38
CA LEU A 20 -6.70 -14.93 5.57
C LEU A 20 -6.15 -14.30 6.87
N GLN A 21 -4.81 -14.30 6.96
CA GLN A 21 -4.07 -13.76 8.10
C GLN A 21 -4.31 -12.25 8.26
N SER A 22 -4.04 -11.47 7.18
CA SER A 22 -4.10 -9.99 7.25
C SER A 22 -5.55 -9.50 7.31
N PHE A 23 -6.44 -10.07 6.49
CA PHE A 23 -7.89 -9.73 6.44
C PHE A 23 -8.48 -9.79 7.87
N ASP A 24 -8.17 -10.88 8.58
CA ASP A 24 -8.56 -11.07 10.01
C ASP A 24 -7.95 -9.96 10.89
N TYR A 25 -6.65 -9.71 10.68
CA TYR A 25 -5.87 -8.69 11.41
C TYR A 25 -6.41 -7.25 11.17
N ILE A 26 -6.96 -6.99 9.97
CA ILE A 26 -7.45 -5.64 9.57
C ILE A 26 -8.89 -5.43 10.10
N LYS A 27 -9.68 -6.54 10.15
CA LYS A 27 -11.00 -6.57 10.82
C LYS A 27 -10.84 -6.26 12.31
N ASN A 28 -9.80 -6.88 12.89
CA ASN A 28 -9.47 -6.77 14.32
C ASN A 28 -8.93 -5.34 14.61
N GLY A 29 -8.10 -4.85 13.69
CA GLY A 29 -7.48 -3.53 13.78
C GLY A 29 -5.97 -3.61 13.52
N ILE A 30 -5.45 -2.66 12.72
CA ILE A 30 -3.99 -2.55 12.46
C ILE A 30 -3.28 -2.15 13.78
N SER A 31 -2.84 -3.17 14.54
CA SER A 31 -2.35 -3.00 15.92
C SER A 31 -1.25 -4.01 16.24
N SER A 32 -0.68 -3.91 17.45
CA SER A 32 0.38 -4.81 17.93
C SER A 32 -0.25 -6.03 18.63
N GLY A 33 -0.27 -7.18 17.93
CA GLY A 33 -0.85 -8.43 18.45
C GLY A 33 0.07 -9.16 19.41
N GLY A 34 1.39 -8.98 19.22
CA GLY A 34 2.42 -9.63 20.02
C GLY A 34 2.55 -11.12 19.68
N SER A 35 1.70 -11.94 20.30
CA SER A 35 1.66 -13.39 20.10
C SER A 35 0.26 -13.92 20.48
N GLY A 36 -0.03 -15.16 20.05
CA GLY A 36 -1.33 -15.79 20.31
C GLY A 36 -2.36 -15.43 19.24
N GLY A 37 -2.68 -14.12 19.16
CA GLY A 37 -3.63 -13.59 18.19
C GLY A 37 -3.16 -12.29 17.55
N SER A 38 -3.74 -11.99 16.36
CA SER A 38 -3.42 -10.79 15.54
C SER A 38 -1.94 -10.80 15.06
N ILE A 39 -1.72 -11.26 13.82
CA ILE A 39 -0.39 -11.39 13.22
C ILE A 39 0.23 -10.00 12.88
N ASP A 40 1.51 -9.83 13.24
CA ASP A 40 2.25 -8.57 13.00
C ASP A 40 3.17 -8.73 11.79
N LEU A 41 2.91 -7.91 10.75
CA LEU A 41 3.71 -7.86 9.52
C LEU A 41 3.67 -6.43 8.92
N SER A 42 4.77 -6.06 8.24
CA SER A 42 4.91 -4.75 7.59
C SER A 42 4.17 -4.71 6.24
N ARG A 43 3.96 -5.91 5.63
CA ARG A 43 3.25 -6.06 4.35
C ARG A 43 2.09 -7.08 4.49
N ILE A 44 0.96 -6.76 3.85
CA ILE A 44 -0.31 -7.52 3.91
C ILE A 44 -0.73 -7.99 2.50
N THR A 45 -1.86 -8.71 2.41
CA THR A 45 -2.49 -9.09 1.12
C THR A 45 -4.01 -9.07 1.30
N PHE A 46 -4.72 -8.39 0.40
CA PHE A 46 -6.17 -8.23 0.47
C PHE A 46 -6.78 -8.29 -0.93
N LEU A 47 -8.11 -8.38 -0.94
CA LEU A 47 -8.94 -8.42 -2.14
C LEU A 47 -9.86 -7.20 -2.12
N TYR A 48 -9.94 -6.48 -3.24
CA TYR A 48 -10.94 -5.41 -3.44
C TYR A 48 -11.04 -5.07 -4.94
N LYS A 49 -11.99 -4.19 -5.29
CA LYS A 49 -12.14 -3.68 -6.67
C LYS A 49 -11.73 -2.20 -6.74
N PHE A 50 -11.15 -1.81 -7.88
CA PHE A 50 -10.64 -0.45 -8.11
C PHE A 50 -11.75 0.61 -7.94
N ILE A 51 -11.53 1.61 -7.09
CA ILE A 51 -12.52 2.67 -6.86
C ILE A 51 -12.35 3.74 -7.95
N SER A 52 -11.22 4.48 -7.88
CA SER A 52 -10.90 5.60 -8.79
C SER A 52 -9.52 6.18 -8.45
N VAL A 53 -8.92 6.92 -9.40
CA VAL A 53 -7.73 7.75 -9.11
C VAL A 53 -8.21 9.16 -8.72
N ASN A 54 -7.73 9.67 -7.58
CA ASN A 54 -7.98 11.06 -7.15
C ASN A 54 -7.27 12.02 -8.13
N PRO A 55 -7.92 13.19 -8.52
CA PRO A 55 -7.30 14.19 -9.44
C PRO A 55 -5.93 14.69 -8.94
N THR A 56 -5.76 14.70 -7.60
CA THR A 56 -4.55 15.18 -6.95
C THR A 56 -3.53 14.02 -6.75
N LEU A 57 -2.27 14.40 -6.61
CA LEU A 57 -1.14 13.51 -6.30
C LEU A 57 -0.75 13.62 -4.82
N LEU A 58 0.27 12.85 -4.39
CA LEU A 58 0.79 12.88 -3.01
C LEU A 58 2.32 13.07 -3.01
N LEU A 59 2.79 14.21 -2.48
CA LEU A 59 4.20 14.43 -2.23
C LEU A 59 4.68 13.49 -1.09
N ILE A 60 5.46 12.50 -1.50
CA ILE A 60 5.96 11.42 -0.62
C ILE A 60 7.37 11.74 -0.06
N ASN A 61 8.10 12.68 -0.73
CA ASN A 61 9.47 13.08 -0.31
C ASN A 61 9.82 14.50 -0.80
N GLU A 62 10.27 15.35 0.13
CA GLU A 62 10.51 16.79 -0.13
C GLU A 62 11.88 17.02 -0.80
N LYS A 63 12.90 16.23 -0.37
CA LYS A 63 14.32 16.40 -0.83
C LYS A 63 14.50 16.17 -2.34
N THR A 64 13.71 15.24 -2.93
CA THR A 64 13.81 14.88 -4.36
C THR A 64 12.47 15.13 -5.11
N GLN A 65 11.45 15.62 -4.37
CA GLN A 65 10.14 16.06 -4.94
C GLN A 65 9.49 15.00 -5.84
N ALA A 66 9.15 13.84 -5.25
CA ALA A 66 8.39 12.78 -5.95
C ALA A 66 6.93 12.83 -5.49
N LYS A 67 6.01 12.93 -6.46
CA LYS A 67 4.57 12.96 -6.20
C LYS A 67 3.92 11.78 -6.95
N ARG A 68 3.07 11.01 -6.27
CA ARG A 68 2.48 9.78 -6.83
C ARG A 68 0.95 9.88 -6.91
N ARG A 69 0.38 9.25 -7.97
CA ARG A 69 -1.08 9.07 -8.13
C ARG A 69 -1.71 8.40 -6.88
N ILE A 70 -2.88 8.91 -6.48
CA ILE A 70 -3.69 8.34 -5.40
C ILE A 70 -4.69 7.34 -6.01
N PHE A 71 -4.38 6.04 -5.95
CA PHE A 71 -5.30 4.98 -6.37
C PHE A 71 -6.22 4.65 -5.18
N GLN A 72 -7.35 5.37 -5.10
CA GLN A 72 -8.32 5.25 -3.98
C GLN A 72 -8.83 3.80 -3.87
N GLY A 73 -8.75 3.25 -2.65
CA GLY A 73 -9.14 1.88 -2.38
C GLY A 73 -9.85 1.76 -1.04
N GLU A 74 -11.18 1.71 -1.05
CA GLU A 74 -11.98 1.44 0.15
C GLU A 74 -12.56 0.03 0.03
N TYR A 75 -12.43 -0.76 1.09
CA TYR A 75 -12.98 -2.12 1.15
C TYR A 75 -13.47 -2.39 2.57
N LEU A 76 -14.55 -3.19 2.68
CA LEU A 76 -15.17 -3.55 3.95
C LEU A 76 -14.57 -4.87 4.44
N TYR A 77 -13.81 -4.77 5.54
CA TYR A 77 -13.20 -5.91 6.22
C TYR A 77 -14.11 -6.29 7.39
N GLY A 78 -14.86 -7.39 7.21
CA GLY A 78 -15.75 -7.91 8.25
C GLY A 78 -16.99 -7.05 8.46
N LYS A 79 -16.91 -6.12 9.41
CA LYS A 79 -18.06 -5.27 9.84
C LYS A 79 -17.68 -3.78 9.83
N LYS A 80 -16.56 -3.44 9.16
CA LYS A 80 -16.04 -2.06 9.09
C LYS A 80 -15.44 -1.79 7.70
N LYS A 81 -15.51 -0.53 7.24
CA LYS A 81 -14.87 -0.10 5.98
C LYS A 81 -13.53 0.57 6.30
N ILE A 82 -12.45 0.02 5.73
CA ILE A 82 -11.10 0.59 5.81
C ILE A 82 -10.82 1.33 4.49
N GLN A 83 -10.61 2.65 4.59
CA GLN A 83 -10.37 3.53 3.44
C GLN A 83 -8.86 3.84 3.36
N PHE A 84 -8.21 3.27 2.34
CA PHE A 84 -6.76 3.33 2.14
C PHE A 84 -6.43 3.82 0.72
N ASN A 85 -5.37 4.62 0.60
CA ASN A 85 -4.94 5.17 -0.71
C ASN A 85 -3.70 4.39 -1.18
N ILE A 86 -3.86 3.64 -2.28
CA ILE A 86 -2.78 2.84 -2.88
C ILE A 86 -1.78 3.78 -3.59
N ILE A 87 -0.49 3.64 -3.24
CA ILE A 87 0.61 4.48 -3.76
C ILE A 87 1.59 3.58 -4.57
N ALA A 88 2.52 4.19 -5.33
CA ALA A 88 3.56 3.45 -6.09
C ALA A 88 4.96 3.83 -5.59
N LYS A 89 5.87 2.82 -5.45
CA LYS A 89 7.23 3.04 -4.92
C LYS A 89 8.07 3.87 -5.90
N ASN A 90 8.13 3.38 -7.15
CA ASN A 90 8.96 3.98 -8.21
C ASN A 90 8.09 4.48 -9.37
N LEU A 91 8.76 5.14 -10.33
CA LEU A 91 8.18 5.57 -11.61
C LEU A 91 7.72 4.37 -12.46
N GLU A 92 8.48 3.25 -12.38
CA GLU A 92 8.16 2.00 -13.09
C GLU A 92 6.88 1.37 -12.52
N ILE A 93 6.74 1.42 -11.19
CA ILE A 93 5.59 0.85 -10.47
C ILE A 93 4.35 1.73 -10.70
N GLU A 94 4.60 3.04 -10.85
CA GLU A 94 3.55 4.03 -11.10
C GLU A 94 2.94 3.85 -12.50
N ARG A 95 3.82 3.77 -13.52
CA ARG A 95 3.41 3.70 -14.93
C ARG A 95 2.64 2.38 -15.20
N GLU A 96 3.06 1.27 -14.58
CA GLU A 96 2.39 -0.03 -14.77
C GLU A 96 1.03 -0.07 -14.06
N LEU A 97 0.91 0.58 -12.88
CA LEU A 97 -0.38 0.63 -12.13
C LEU A 97 -1.45 1.46 -12.88
N ILE A 98 -1.07 2.69 -13.34
CA ILE A 98 -2.00 3.59 -14.07
C ILE A 98 -2.48 2.96 -15.41
N GLN A 99 -1.59 2.20 -16.06
CA GLN A 99 -1.92 1.49 -17.32
C GLN A 99 -2.68 0.17 -17.06
N PHE A 100 -2.57 -0.37 -15.83
CA PHE A 100 -3.22 -1.64 -15.45
C PHE A 100 -4.70 -1.41 -15.04
N PHE A 101 -4.95 -0.28 -14.35
CA PHE A 101 -6.27 0.07 -13.78
C PHE A 101 -7.20 0.75 -14.83
N LYS A 102 -7.15 0.24 -16.09
CA LYS A 102 -8.00 0.71 -17.21
C LYS A 102 -9.50 0.53 -16.90
N LYS A 103 -9.83 -0.61 -16.28
CA LYS A 103 -11.19 -0.90 -15.83
C LYS A 103 -11.43 -0.32 -14.43
N PRO A 104 -12.48 0.54 -14.25
CA PRO A 104 -12.98 0.90 -12.92
C PRO A 104 -13.80 -0.28 -12.33
N TYR A 105 -13.66 -0.49 -11.02
CA TYR A 105 -14.32 -1.57 -10.26
C TYR A 105 -13.82 -2.95 -10.73
N GLN A 106 -12.55 -2.95 -11.20
CA GLN A 106 -11.80 -4.16 -11.56
C GLN A 106 -11.42 -4.92 -10.28
N CYS A 107 -11.93 -6.16 -10.14
CA CYS A 107 -11.69 -6.99 -8.94
C CYS A 107 -10.35 -7.72 -9.07
N TYR A 108 -9.42 -7.40 -8.15
CA TYR A 108 -8.06 -7.98 -8.13
C TYR A 108 -7.60 -8.18 -6.67
N ILE A 109 -6.58 -9.03 -6.51
CA ILE A 109 -5.99 -9.37 -5.21
C ILE A 109 -4.60 -8.71 -5.13
N MET A 110 -4.48 -7.66 -4.31
CA MET A 110 -3.20 -6.95 -4.15
C MET A 110 -2.34 -7.70 -3.10
N HIS A 111 -1.22 -8.26 -3.58
CA HIS A 111 -0.28 -9.08 -2.78
C HIS A 111 0.97 -8.28 -2.42
N ASN A 112 1.50 -8.46 -1.18
CA ASN A 112 2.79 -7.85 -0.72
C ASN A 112 2.65 -6.30 -0.61
N VAL A 113 1.48 -5.86 -0.13
CA VAL A 113 1.14 -4.44 -0.03
C VAL A 113 1.71 -3.85 1.26
N GLN A 114 2.62 -2.88 1.13
CA GLN A 114 3.28 -2.24 2.26
C GLN A 114 2.45 -1.03 2.73
N VAL A 115 2.62 -0.61 4.00
CA VAL A 115 1.89 0.56 4.54
C VAL A 115 2.88 1.63 5.02
N PHE A 116 2.72 2.87 4.51
CA PHE A 116 3.51 4.05 4.94
C PHE A 116 2.58 5.11 5.56
N GLN A 117 2.84 5.41 6.84
CA GLN A 117 2.08 6.35 7.67
C GLN A 117 2.81 7.70 7.69
N MET A 118 2.10 8.80 7.35
CA MET A 118 2.74 10.12 7.23
C MET A 118 3.19 10.67 8.60
N LEU A 119 4.30 11.42 8.59
CA LEU A 119 4.90 12.04 9.78
C LEU A 119 5.85 13.18 9.33
N ASN A 120 6.54 13.81 10.29
CA ASN A 120 7.62 14.75 9.99
C ASN A 120 8.59 14.86 11.18
N LYS A 121 9.88 15.11 10.87
CA LYS A 121 10.98 15.18 11.87
C LYS A 121 11.38 16.65 12.15
N ASN A 122 11.40 17.46 11.08
CA ASN A 122 11.87 18.88 11.11
C ASN A 122 11.55 19.54 9.76
N LYS A 123 11.24 20.87 9.77
CA LYS A 123 10.98 21.62 8.54
C LYS A 123 12.31 21.98 7.85
N ASN A 124 12.54 21.39 6.66
CA ASN A 124 13.68 21.74 5.80
C ASN A 124 13.32 22.98 4.98
N ASN A 125 13.61 24.16 5.56
CA ASN A 125 13.32 25.49 4.96
C ASN A 125 14.40 25.87 3.90
N ASN A 126 14.59 24.93 2.94
CA ASN A 126 15.69 24.94 1.96
C ASN A 126 17.05 24.88 2.66
N VAL A 127 17.56 23.65 2.88
CA VAL A 127 18.90 23.44 3.43
C VAL A 127 19.91 23.59 2.28
N VAL A 128 20.23 24.87 1.99
CA VAL A 128 21.16 25.25 0.93
C VAL A 128 22.60 24.90 1.31
N GLU A 129 23.41 24.52 0.30
CA GLU A 129 24.83 24.23 0.46
C GLU A 129 25.54 24.61 -0.85
N PHE A 130 25.32 23.77 -1.90
CA PHE A 130 25.90 23.94 -3.25
C PHE A 130 25.39 22.77 -4.13
N MET A 131 25.87 21.55 -3.81
CA MET A 131 25.53 20.32 -4.56
C MET A 131 24.31 19.63 -3.92
N ASP A 132 23.20 19.51 -4.70
CA ASP A 132 21.95 18.82 -4.30
C ASP A 132 21.41 19.36 -2.95
N SER A 133 20.92 20.60 -2.98
CA SER A 133 20.54 21.33 -1.77
C SER A 133 19.46 22.39 -2.09
N GLU A 134 18.37 21.91 -2.71
CA GLU A 134 17.25 22.76 -3.18
C GLU A 134 15.91 22.24 -2.63
N ASP A 135 15.88 21.99 -1.30
CA ASP A 135 14.66 21.58 -0.58
C ASP A 135 13.61 22.71 -0.63
N LEU A 136 12.32 22.36 -0.69
CA LEU A 136 11.25 23.36 -0.57
C LEU A 136 10.90 23.54 0.91
N GLN A 137 10.04 22.65 1.43
CA GLN A 137 9.57 22.71 2.83
C GLN A 137 8.87 21.39 3.20
N SER A 138 8.74 21.17 4.51
CA SER A 138 8.10 19.97 5.05
C SER A 138 6.57 20.15 5.11
N SER A 139 5.86 19.08 4.76
CA SER A 139 4.42 18.94 5.03
C SER A 139 4.24 18.18 6.34
N VAL A 140 3.18 18.52 7.09
CA VAL A 140 2.84 17.83 8.36
C VAL A 140 1.49 17.13 8.20
N ASP A 141 1.51 15.79 8.27
CA ASP A 141 0.33 14.94 8.17
C ASP A 141 0.58 13.65 8.99
N SER A 142 -0.44 12.77 9.14
CA SER A 142 -0.32 11.55 9.96
C SER A 142 -1.10 10.35 9.38
N GLN A 143 -1.86 10.57 8.29
CA GLN A 143 -2.72 9.56 7.68
C GLN A 143 -1.88 8.47 6.98
N LEU A 144 -2.26 7.20 7.13
CA LEU A 144 -1.52 6.05 6.58
C LEU A 144 -2.10 5.63 5.22
N TYR A 145 -1.21 5.39 4.27
CA TYR A 145 -1.54 5.00 2.89
C TYR A 145 -0.83 3.68 2.57
N TYR A 146 -1.45 2.87 1.69
CA TYR A 146 -0.94 1.53 1.35
C TYR A 146 -0.03 1.61 0.11
N LEU A 147 1.28 1.66 0.38
CA LEU A 147 2.34 1.76 -0.62
C LEU A 147 2.58 0.39 -1.29
N ILE A 148 2.65 0.41 -2.62
CA ILE A 148 3.02 -0.75 -3.44
C ILE A 148 4.49 -0.65 -3.81
N ASP A 149 5.30 -1.49 -3.16
CA ASP A 149 6.73 -1.63 -3.45
C ASP A 149 6.91 -2.52 -4.69
N GLU A 150 8.14 -2.53 -5.21
CA GLU A 150 8.49 -3.21 -6.47
C GLU A 150 8.61 -4.76 -6.34
N SER A 151 8.29 -5.32 -5.16
CA SER A 151 8.19 -6.80 -4.97
C SER A 151 6.72 -7.26 -5.04
N SER A 152 5.78 -6.31 -4.86
CA SER A 152 4.33 -6.53 -4.91
C SER A 152 3.84 -7.08 -6.28
N HIS A 153 2.70 -7.80 -6.22
CA HIS A 153 2.05 -8.43 -7.39
C HIS A 153 0.52 -8.26 -7.27
N VAL A 154 -0.11 -7.67 -8.30
CA VAL A 154 -1.58 -7.46 -8.36
C VAL A 154 -2.20 -8.54 -9.27
N LEU A 155 -2.92 -9.50 -8.65
CA LEU A 155 -3.52 -10.65 -9.34
C LEU A 155 -4.95 -10.32 -9.80
N GLU A 156 -5.09 -9.95 -11.07
CA GLU A 156 -6.37 -9.54 -11.68
C GLU A 156 -7.28 -10.77 -11.86
N ASP A 157 -8.47 -10.74 -11.24
CA ASP A 157 -9.48 -11.81 -11.38
C ASP A 157 -10.44 -11.42 -12.50
N ASP A 158 -10.28 -12.07 -13.66
CA ASP A 158 -11.07 -11.82 -14.88
C ASP A 158 -12.58 -11.98 -14.61
N SER A 159 -12.95 -13.05 -13.91
CA SER A 159 -14.35 -13.39 -13.62
C SER A 159 -14.66 -13.16 -12.12
N MET A 160 -14.60 -14.23 -11.28
CA MET A 160 -14.92 -14.16 -9.84
C MET A 160 -14.44 -15.43 -9.10
N ASP A 161 -13.62 -16.28 -9.75
CA ASP A 161 -13.24 -17.59 -9.18
C ASP A 161 -12.16 -17.46 -8.08
N PHE A 162 -11.30 -16.43 -8.20
CA PHE A 162 -10.27 -16.15 -7.20
C PHE A 162 -10.95 -15.58 -5.93
N ILE A 163 -11.97 -14.73 -6.15
CA ILE A 163 -12.83 -14.19 -5.09
C ILE A 163 -13.57 -15.33 -4.40
N SER A 164 -14.12 -16.24 -5.20
CA SER A 164 -14.87 -17.43 -4.74
C SER A 164 -14.00 -18.28 -3.80
N THR A 165 -12.73 -18.48 -4.19
CA THR A 165 -11.72 -19.18 -3.37
C THR A 165 -11.53 -18.47 -2.01
N LEU A 166 -11.20 -17.18 -2.06
CA LEU A 166 -10.80 -16.42 -0.85
C LEU A 166 -11.98 -16.15 0.10
N THR A 167 -13.21 -16.07 -0.43
CA THR A 167 -14.42 -15.80 0.36
C THR A 167 -14.96 -17.10 1.00
N ARG A 168 -14.60 -18.28 0.43
CA ARG A 168 -14.96 -19.59 1.03
C ARG A 168 -13.86 -20.06 2.01
N LEU A 169 -12.61 -19.57 1.81
CA LEU A 169 -11.51 -19.75 2.78
C LEU A 169 -11.75 -18.87 4.02
N SER A 170 -12.10 -17.60 3.77
CA SER A 170 -12.48 -16.62 4.80
C SER A 170 -14.03 -16.52 4.83
N ASP A 171 -14.69 -17.70 4.89
CA ASP A 171 -16.16 -17.80 4.92
C ASP A 171 -16.70 -17.27 6.26
N SER A 172 -17.69 -16.37 6.18
CA SER A 172 -18.25 -15.66 7.34
C SER A 172 -19.76 -15.84 7.39
N GLN B 1 18.08 10.47 -5.15
CA GLN B 1 18.00 9.71 -3.90
C GLN B 1 16.81 8.74 -3.92
N ASP B 2 16.71 7.91 -2.86
CA ASP B 2 15.53 7.05 -2.63
C ASP B 2 14.30 7.92 -2.32
N ASP B 3 13.15 7.56 -2.92
CA ASP B 3 11.87 8.24 -2.69
C ASP B 3 11.42 8.07 -1.23
N PHE B 4 11.55 6.83 -0.71
CA PHE B 4 11.12 6.47 0.65
C PHE B 4 12.35 6.36 1.59
N GLY B 5 13.42 7.11 1.24
CA GLY B 5 14.59 7.30 2.11
C GLY B 5 14.44 8.55 2.98
N ASP B 6 15.47 8.87 3.78
CA ASP B 6 15.43 9.99 4.76
C ASP B 6 15.11 11.33 4.05
N GLY B 7 14.04 12.01 4.50
CA GLY B 7 13.48 13.17 3.81
C GLY B 7 12.11 12.88 3.22
N CYS B 8 11.65 11.62 3.39
CA CYS B 8 10.27 11.21 3.07
C CYS B 8 9.31 11.72 4.16
N LEU B 9 8.09 12.09 3.73
CA LEU B 9 7.03 12.63 4.61
C LEU B 9 6.13 11.49 5.15
N LEU B 10 6.55 10.23 4.94
CA LEU B 10 5.84 9.03 5.41
C LEU B 10 6.85 7.91 5.72
N GLN B 11 6.57 7.17 6.82
CA GLN B 11 7.43 6.10 7.34
C GLN B 11 6.61 4.81 7.50
N ILE B 12 7.25 3.68 7.18
CA ILE B 12 6.62 2.35 7.13
C ILE B 12 6.16 1.89 8.54
N VAL B 13 4.98 1.24 8.62
CA VAL B 13 4.40 0.72 9.88
C VAL B 13 5.30 -0.40 10.51
N ASN B 14 6.02 -0.03 11.57
CA ASN B 14 6.84 -0.95 12.41
C ASN B 14 6.89 -0.36 13.84
N MET A 1 12.43 -14.15 -18.40
CA MET A 1 12.26 -15.59 -18.12
C MET A 1 10.80 -16.00 -18.37
N GLU A 2 10.59 -17.23 -18.86
CA GLU A 2 9.25 -17.77 -19.11
C GLU A 2 8.50 -17.97 -17.77
N ILE A 3 7.50 -17.09 -17.55
CA ILE A 3 6.68 -17.11 -16.32
C ILE A 3 5.80 -18.38 -16.33
N GLU A 4 6.30 -19.44 -15.67
CA GLU A 4 5.59 -20.71 -15.53
C GLU A 4 4.38 -20.60 -14.59
N GLU A 5 3.60 -21.69 -14.51
CA GLU A 5 2.50 -21.81 -13.54
C GLU A 5 3.05 -21.73 -12.11
N ASP A 6 4.33 -22.17 -11.92
CA ASP A 6 5.03 -22.16 -10.62
C ASP A 6 5.04 -20.75 -10.00
N LEU A 7 5.29 -19.74 -10.86
CA LEU A 7 5.30 -18.32 -10.47
C LEU A 7 3.91 -17.90 -9.97
N ASN A 8 2.88 -18.40 -10.68
CA ASN A 8 1.48 -18.09 -10.40
C ASN A 8 0.94 -18.89 -9.20
N LEU A 9 1.59 -20.02 -8.90
CA LEU A 9 1.21 -20.91 -7.77
C LEU A 9 1.88 -20.46 -6.48
N LYS A 10 3.13 -19.95 -6.60
CA LYS A 10 3.91 -19.49 -5.44
C LYS A 10 3.33 -18.18 -4.90
N ILE A 11 2.93 -17.28 -5.82
CA ILE A 11 2.22 -16.04 -5.44
C ILE A 11 0.84 -16.38 -4.89
N LEU A 12 0.16 -17.40 -5.49
CA LEU A 12 -1.19 -17.85 -5.09
C LEU A 12 -1.23 -18.30 -3.62
N GLU A 13 -0.27 -19.17 -3.22
CA GLU A 13 -0.20 -19.67 -1.84
C GLU A 13 0.14 -18.53 -0.88
N ASP A 14 1.04 -17.63 -1.31
CA ASP A 14 1.41 -16.43 -0.53
C ASP A 14 0.25 -15.43 -0.43
N VAL A 15 -0.61 -15.39 -1.45
CA VAL A 15 -1.78 -14.51 -1.51
C VAL A 15 -2.83 -14.97 -0.49
N LYS A 16 -3.28 -16.22 -0.64
CA LYS A 16 -4.37 -16.80 0.20
C LYS A 16 -3.97 -16.82 1.69
N LYS A 17 -2.69 -17.12 1.96
CA LYS A 17 -2.12 -17.16 3.32
C LYS A 17 -2.12 -15.77 3.95
N LEU A 18 -1.42 -14.81 3.30
CA LEU A 18 -1.34 -13.42 3.79
C LEU A 18 -2.71 -12.75 3.79
N TYR A 19 -3.64 -13.26 2.96
CA TYR A 19 -5.02 -12.74 2.91
C TYR A 19 -5.73 -13.06 4.22
N LEU A 20 -5.76 -14.35 4.59
CA LEU A 20 -6.43 -14.83 5.83
C LEU A 20 -5.86 -14.14 7.07
N GLN A 21 -4.52 -14.13 7.10
CA GLN A 21 -3.73 -13.55 8.17
C GLN A 21 -4.03 -12.05 8.34
N SER A 22 -3.80 -11.27 7.25
CA SER A 22 -3.96 -9.81 7.29
C SER A 22 -5.42 -9.40 7.45
N PHE A 23 -6.35 -10.19 6.86
CA PHE A 23 -7.81 -9.90 6.88
C PHE A 23 -8.28 -9.78 8.34
N ASP A 24 -7.85 -10.75 9.15
CA ASP A 24 -8.13 -10.80 10.60
C ASP A 24 -7.46 -9.61 11.31
N TYR A 25 -6.20 -9.35 10.94
CA TYR A 25 -5.34 -8.29 11.51
C TYR A 25 -5.89 -6.87 11.22
N ILE A 26 -6.57 -6.71 10.07
CA ILE A 26 -7.13 -5.41 9.61
C ILE A 26 -8.50 -5.17 10.31
N LYS A 27 -9.26 -6.26 10.49
CA LYS A 27 -10.50 -6.27 11.31
C LYS A 27 -10.16 -5.98 12.79
N ASN A 28 -8.97 -6.41 13.21
CA ASN A 28 -8.45 -6.24 14.58
C ASN A 28 -7.87 -4.82 14.76
N GLY A 29 -7.29 -4.29 13.66
CA GLY A 29 -6.69 -2.95 13.65
C GLY A 29 -5.20 -3.00 13.31
N ILE A 30 -4.78 -2.19 12.31
CA ILE A 30 -3.37 -2.10 11.86
C ILE A 30 -2.49 -1.58 13.02
N SER A 31 -1.88 -2.53 13.78
CA SER A 31 -1.06 -2.24 14.98
C SER A 31 -1.88 -1.57 16.13
N SER A 32 -3.22 -1.48 15.93
CA SER A 32 -4.15 -0.81 16.85
C SER A 32 -4.83 -1.85 17.76
N GLY A 33 -4.92 -3.09 17.26
CA GLY A 33 -5.45 -4.21 18.04
C GLY A 33 -4.39 -4.84 18.94
N GLY A 34 -4.51 -6.16 19.19
CA GLY A 34 -3.58 -6.89 20.05
C GLY A 34 -2.82 -7.97 19.29
N SER A 35 -1.57 -8.21 19.69
CA SER A 35 -0.73 -9.31 19.16
C SER A 35 -0.96 -10.59 20.00
N GLY A 36 -0.32 -11.71 19.58
CA GLY A 36 -0.45 -13.00 20.27
C GLY A 36 -1.62 -13.81 19.72
N GLY A 37 -1.32 -14.93 19.03
CA GLY A 37 -2.35 -15.73 18.34
C GLY A 37 -2.63 -15.18 16.95
N SER A 38 -2.77 -13.84 16.87
CA SER A 38 -2.80 -13.07 15.63
C SER A 38 -1.38 -12.94 15.05
N ILE A 39 -1.29 -12.39 13.83
CA ILE A 39 -0.01 -12.22 13.10
C ILE A 39 0.47 -10.77 13.17
N ASP A 40 1.79 -10.59 13.00
CA ASP A 40 2.44 -9.27 12.95
C ASP A 40 3.31 -9.20 11.69
N LEU A 41 3.01 -8.21 10.83
CA LEU A 41 3.73 -7.97 9.56
C LEU A 41 3.57 -6.49 9.14
N SER A 42 4.41 -6.08 8.19
CA SER A 42 4.38 -4.74 7.61
C SER A 42 3.64 -4.76 6.27
N ARG A 43 3.87 -5.85 5.51
CA ARG A 43 3.26 -6.10 4.20
C ARG A 43 2.08 -7.06 4.35
N ILE A 44 0.98 -6.74 3.66
CA ILE A 44 -0.32 -7.42 3.77
C ILE A 44 -0.79 -7.91 2.39
N THR A 45 -1.92 -8.64 2.35
CA THR A 45 -2.59 -9.02 1.10
C THR A 45 -4.11 -8.99 1.32
N PHE A 46 -4.80 -8.25 0.46
CA PHE A 46 -6.24 -8.04 0.55
C PHE A 46 -6.87 -8.08 -0.85
N LEU A 47 -8.20 -8.06 -0.88
CA LEU A 47 -9.01 -8.13 -2.10
C LEU A 47 -9.95 -6.92 -2.10
N TYR A 48 -10.10 -6.27 -3.27
CA TYR A 48 -11.13 -5.22 -3.49
C TYR A 48 -11.23 -4.90 -4.99
N LYS A 49 -12.26 -4.13 -5.38
CA LYS A 49 -12.42 -3.65 -6.77
C LYS A 49 -11.98 -2.18 -6.88
N PHE A 50 -11.32 -1.86 -8.00
CA PHE A 50 -10.74 -0.54 -8.26
C PHE A 50 -11.81 0.56 -8.23
N ILE A 51 -11.64 1.57 -7.36
CA ILE A 51 -12.57 2.70 -7.29
C ILE A 51 -12.24 3.71 -8.41
N SER A 52 -11.12 4.46 -8.24
CA SER A 52 -10.67 5.49 -9.21
C SER A 52 -9.26 5.99 -8.85
N VAL A 53 -8.67 6.84 -9.73
CA VAL A 53 -7.41 7.58 -9.45
C VAL A 53 -7.76 9.02 -9.10
N ASN A 54 -7.28 9.50 -7.95
CA ASN A 54 -7.43 10.90 -7.53
C ASN A 54 -6.62 11.80 -8.49
N PRO A 55 -7.18 12.97 -8.97
CA PRO A 55 -6.45 13.94 -9.81
C PRO A 55 -5.12 14.38 -9.17
N THR A 56 -5.14 14.44 -7.83
CA THR A 56 -4.01 14.89 -7.02
C THR A 56 -3.01 13.75 -6.83
N LEU A 57 -1.72 14.10 -6.86
CA LEU A 57 -0.60 13.18 -6.58
C LEU A 57 0.03 13.58 -5.23
N LEU A 58 0.20 12.59 -4.34
CA LEU A 58 0.70 12.82 -2.98
C LEU A 58 2.21 13.01 -2.99
N LEU A 59 2.68 14.13 -2.41
CA LEU A 59 4.10 14.34 -2.14
C LEU A 59 4.55 13.37 -1.03
N ILE A 60 5.35 12.39 -1.44
CA ILE A 60 5.79 11.28 -0.57
C ILE A 60 7.22 11.52 -0.03
N ASN A 61 7.92 12.54 -0.58
CA ASN A 61 9.30 12.87 -0.19
C ASN A 61 9.64 14.35 -0.48
N GLU A 62 9.90 15.13 0.57
CA GLU A 62 10.20 16.58 0.46
C GLU A 62 11.60 16.83 -0.15
N LYS A 63 12.60 15.99 0.24
CA LYS A 63 14.01 16.18 -0.19
C LYS A 63 14.20 16.10 -1.72
N THR A 64 13.59 15.07 -2.36
CA THR A 64 13.68 14.87 -3.82
C THR A 64 12.41 15.36 -4.56
N GLN A 65 11.42 15.91 -3.80
CA GLN A 65 10.20 16.57 -4.35
C GLN A 65 9.41 15.68 -5.35
N ALA A 66 9.40 14.35 -5.09
CA ALA A 66 8.70 13.38 -5.95
C ALA A 66 7.29 13.10 -5.39
N LYS A 67 6.31 13.17 -6.30
CA LYS A 67 4.90 12.88 -6.00
C LYS A 67 4.51 11.55 -6.68
N ARG A 68 3.42 10.92 -6.21
CA ARG A 68 2.97 9.63 -6.75
C ARG A 68 1.44 9.59 -6.84
N ARG A 69 0.90 8.88 -7.86
CA ARG A 69 -0.57 8.73 -8.05
C ARG A 69 -1.25 8.06 -6.83
N ILE A 70 -2.49 8.52 -6.58
CA ILE A 70 -3.37 8.02 -5.52
C ILE A 70 -4.45 7.13 -6.17
N PHE A 71 -4.58 5.89 -5.70
CA PHE A 71 -5.64 4.97 -6.15
C PHE A 71 -6.60 4.73 -4.99
N GLN A 72 -7.82 5.27 -5.09
CA GLN A 72 -8.85 5.12 -4.05
C GLN A 72 -9.19 3.64 -3.88
N GLY A 73 -9.07 3.14 -2.65
CA GLY A 73 -9.34 1.77 -2.33
C GLY A 73 -10.08 1.64 -1.02
N GLU A 74 -11.30 1.14 -1.06
CA GLU A 74 -12.09 0.84 0.14
C GLU A 74 -12.64 -0.59 0.04
N TYR A 75 -12.56 -1.33 1.16
CA TYR A 75 -13.09 -2.68 1.27
C TYR A 75 -13.60 -2.91 2.68
N LEU A 76 -14.62 -3.76 2.81
CA LEU A 76 -15.27 -4.06 4.08
C LEU A 76 -14.71 -5.38 4.64
N TYR A 77 -13.83 -5.24 5.63
CA TYR A 77 -13.20 -6.35 6.33
C TYR A 77 -14.05 -6.68 7.57
N GLY A 78 -14.66 -7.88 7.60
CA GLY A 78 -15.54 -8.29 8.70
C GLY A 78 -16.93 -7.68 8.57
N LYS A 79 -16.97 -6.37 8.80
CA LYS A 79 -18.17 -5.53 8.68
C LYS A 79 -17.71 -4.09 8.40
N LYS A 80 -16.53 -3.72 8.99
CA LYS A 80 -16.00 -2.34 8.96
C LYS A 80 -15.35 -2.04 7.59
N LYS A 81 -15.59 -0.84 7.06
CA LYS A 81 -15.01 -0.40 5.79
C LYS A 81 -13.71 0.36 6.07
N ILE A 82 -12.59 -0.24 5.67
CA ILE A 82 -11.27 0.39 5.78
C ILE A 82 -10.99 1.13 4.45
N GLN A 83 -10.87 2.46 4.55
CA GLN A 83 -10.64 3.36 3.42
C GLN A 83 -9.18 3.80 3.41
N PHE A 84 -8.45 3.28 2.41
CA PHE A 84 -7.01 3.50 2.21
C PHE A 84 -6.78 4.03 0.80
N ASN A 85 -5.58 4.55 0.55
CA ASN A 85 -5.17 5.01 -0.79
C ASN A 85 -3.84 4.32 -1.15
N ILE A 86 -3.87 3.65 -2.31
CA ILE A 86 -2.75 2.87 -2.83
C ILE A 86 -1.71 3.81 -3.46
N ILE A 87 -0.42 3.55 -3.16
CA ILE A 87 0.72 4.33 -3.69
C ILE A 87 1.60 3.38 -4.56
N ALA A 88 2.57 3.92 -5.28
CA ALA A 88 3.57 3.14 -6.02
C ALA A 88 4.97 3.52 -5.54
N LYS A 89 5.91 2.53 -5.49
CA LYS A 89 7.26 2.74 -4.96
C LYS A 89 8.06 3.68 -5.86
N ASN A 90 8.05 3.37 -7.16
CA ASN A 90 8.88 4.06 -8.16
C ASN A 90 7.99 4.70 -9.23
N LEU A 91 8.63 5.38 -10.19
CA LEU A 91 7.98 5.88 -11.41
C LEU A 91 7.62 4.70 -12.34
N GLU A 92 8.44 3.64 -12.30
CA GLU A 92 8.20 2.41 -13.07
C GLU A 92 7.00 1.62 -12.49
N ILE A 93 6.88 1.62 -11.15
CA ILE A 93 5.75 0.98 -10.46
C ILE A 93 4.48 1.85 -10.59
N GLU A 94 4.68 3.18 -10.77
CA GLU A 94 3.60 4.15 -10.98
C GLU A 94 2.95 3.92 -12.35
N ARG A 95 3.78 3.94 -13.43
CA ARG A 95 3.31 3.71 -14.81
C ARG A 95 2.67 2.31 -14.93
N GLU A 96 3.19 1.35 -14.16
CA GLU A 96 2.63 0.00 -14.07
C GLU A 96 1.17 0.07 -13.62
N LEU A 97 0.93 0.63 -12.41
CA LEU A 97 -0.39 0.63 -11.78
C LEU A 97 -1.44 1.46 -12.58
N ILE A 98 -1.06 2.68 -13.00
CA ILE A 98 -1.98 3.60 -13.74
C ILE A 98 -2.38 3.03 -15.12
N GLN A 99 -1.47 2.24 -15.74
CA GLN A 99 -1.72 1.59 -17.05
C GLN A 99 -2.28 0.16 -16.88
N PHE A 100 -2.20 -0.40 -15.66
CA PHE A 100 -2.75 -1.74 -15.35
C PHE A 100 -4.24 -1.63 -14.97
N PHE A 101 -4.60 -0.51 -14.33
CA PHE A 101 -5.98 -0.23 -13.89
C PHE A 101 -6.77 0.44 -15.02
N LYS A 102 -6.98 -0.33 -16.11
CA LYS A 102 -7.70 0.13 -17.31
C LYS A 102 -9.21 0.20 -17.03
N LYS A 103 -9.77 -0.95 -16.65
CA LYS A 103 -11.20 -1.09 -16.34
C LYS A 103 -11.47 -0.58 -14.91
N PRO A 104 -12.48 0.31 -14.71
CA PRO A 104 -12.92 0.70 -13.36
C PRO A 104 -13.81 -0.39 -12.72
N TYR A 105 -13.91 -0.36 -11.38
CA TYR A 105 -14.64 -1.37 -10.56
C TYR A 105 -14.08 -2.79 -10.82
N GLN A 106 -12.77 -2.82 -11.12
CA GLN A 106 -12.05 -4.03 -11.50
C GLN A 106 -11.61 -4.81 -10.26
N CYS A 107 -12.23 -5.97 -10.07
CA CYS A 107 -12.02 -6.80 -8.87
C CYS A 107 -10.71 -7.61 -8.99
N TYR A 108 -9.75 -7.31 -8.10
CA TYR A 108 -8.43 -7.93 -8.07
C TYR A 108 -7.94 -8.12 -6.63
N ILE A 109 -6.82 -8.84 -6.50
CA ILE A 109 -6.13 -9.07 -5.22
C ILE A 109 -4.83 -8.27 -5.23
N MET A 110 -4.60 -7.46 -4.18
CA MET A 110 -3.33 -6.73 -4.02
C MET A 110 -2.47 -7.49 -2.99
N HIS A 111 -1.26 -7.89 -3.41
CA HIS A 111 -0.36 -8.77 -2.65
C HIS A 111 0.92 -8.02 -2.25
N ASN A 112 1.44 -8.32 -1.03
CA ASN A 112 2.75 -7.81 -0.49
C ASN A 112 2.71 -6.27 -0.28
N VAL A 113 1.49 -5.76 -0.05
CA VAL A 113 1.22 -4.31 0.04
C VAL A 113 1.80 -3.73 1.35
N GLN A 114 2.80 -2.84 1.22
CA GLN A 114 3.55 -2.31 2.35
C GLN A 114 2.89 -1.03 2.89
N VAL A 115 2.45 -1.06 4.16
CA VAL A 115 1.73 0.07 4.79
C VAL A 115 2.72 1.18 5.24
N PHE A 116 2.40 2.44 4.88
CA PHE A 116 3.18 3.64 5.26
C PHE A 116 2.26 4.66 5.95
N GLN A 117 2.58 4.98 7.20
CA GLN A 117 1.83 5.96 8.01
C GLN A 117 2.51 7.35 7.89
N MET A 118 1.74 8.41 7.56
CA MET A 118 2.30 9.76 7.28
C MET A 118 2.73 10.49 8.56
N LEU A 119 3.82 11.27 8.39
CA LEU A 119 4.43 12.09 9.46
C LEU A 119 5.30 13.18 8.81
N ASN A 120 5.89 14.08 9.62
CA ASN A 120 6.93 15.03 9.16
C ASN A 120 7.67 15.65 10.35
N LYS A 121 8.99 15.81 10.17
CA LYS A 121 9.88 16.42 11.19
C LYS A 121 9.76 17.96 11.18
N ASN A 122 10.01 18.57 12.37
CA ASN A 122 10.00 20.03 12.59
C ASN A 122 8.62 20.64 12.24
N LYS A 123 7.70 20.57 13.19
CA LYS A 123 6.32 21.09 13.04
C LYS A 123 6.31 22.64 13.04
N ASN A 124 7.39 23.22 13.57
CA ASN A 124 7.64 24.67 13.53
C ASN A 124 9.16 24.91 13.47
N ASN A 125 9.54 26.15 13.07
CA ASN A 125 10.95 26.60 12.92
C ASN A 125 11.70 25.80 11.83
N ASN A 126 10.92 25.17 10.92
CA ASN A 126 11.44 24.37 9.79
C ASN A 126 11.86 25.27 8.61
N VAL A 127 11.33 26.50 8.61
CA VAL A 127 11.57 27.51 7.56
C VAL A 127 13.06 27.96 7.53
N VAL A 128 13.57 28.20 6.32
CA VAL A 128 14.95 28.67 6.11
C VAL A 128 15.04 30.21 6.18
N GLU A 129 13.89 30.87 5.90
CA GLU A 129 13.75 32.33 5.80
C GLU A 129 14.68 32.91 4.71
N PHE A 130 14.21 32.80 3.45
CA PHE A 130 14.88 33.32 2.25
C PHE A 130 13.85 33.35 1.11
N MET A 131 13.24 32.17 0.89
CA MET A 131 12.15 31.97 -0.07
C MET A 131 11.03 31.20 0.63
N ASP A 132 9.82 31.79 0.66
CA ASP A 132 8.61 31.12 1.20
C ASP A 132 8.21 29.97 0.24
N SER A 133 8.65 28.75 0.60
CA SER A 133 8.54 27.56 -0.26
C SER A 133 7.23 26.80 0.02
N GLU A 134 6.11 27.56 0.00
CA GLU A 134 4.73 27.04 0.28
C GLU A 134 4.66 26.40 1.67
N ASP A 135 5.47 26.95 2.61
CA ASP A 135 5.61 26.42 3.98
C ASP A 135 4.25 26.48 4.70
N LEU A 136 3.68 27.72 4.76
CA LEU A 136 2.31 28.03 5.25
C LEU A 136 2.02 27.43 6.64
N GLN A 137 1.62 26.14 6.66
CA GLN A 137 1.22 25.38 7.85
C GLN A 137 1.78 23.95 7.71
N SER A 138 2.14 23.33 8.85
CA SER A 138 2.73 21.99 8.90
C SER A 138 1.65 20.88 8.86
N SER A 139 2.09 19.62 8.69
CA SER A 139 1.21 18.46 8.61
C SER A 139 0.75 18.03 10.02
N VAL A 140 -0.46 18.48 10.39
CA VAL A 140 -1.12 18.09 11.66
C VAL A 140 -1.73 16.68 11.49
N ASP A 141 -2.22 16.39 10.27
CA ASP A 141 -2.86 15.10 9.92
C ASP A 141 -1.82 14.00 9.70
N SER A 142 -2.24 12.75 9.99
CA SER A 142 -1.44 11.53 9.79
C SER A 142 -2.37 10.38 9.37
N GLN A 143 -2.50 10.18 8.05
CA GLN A 143 -3.26 9.06 7.46
C GLN A 143 -2.26 7.99 6.99
N LEU A 144 -2.66 6.71 7.00
CA LEU A 144 -1.80 5.61 6.52
C LEU A 144 -2.25 5.17 5.10
N TYR A 145 -1.30 5.25 4.15
CA TYR A 145 -1.49 4.92 2.74
C TYR A 145 -0.80 3.58 2.44
N TYR A 146 -1.45 2.72 1.65
CA TYR A 146 -0.97 1.38 1.34
C TYR A 146 -0.06 1.42 0.09
N LEU A 147 1.25 1.50 0.33
CA LEU A 147 2.30 1.57 -0.69
C LEU A 147 2.49 0.20 -1.37
N ILE A 148 2.60 0.23 -2.70
CA ILE A 148 2.90 -0.94 -3.55
C ILE A 148 4.37 -0.88 -3.96
N ASP A 149 5.17 -1.81 -3.43
CA ASP A 149 6.60 -1.87 -3.67
C ASP A 149 6.93 -2.77 -4.87
N GLU A 150 8.23 -2.87 -5.16
CA GLU A 150 8.79 -3.68 -6.27
C GLU A 150 8.40 -5.18 -6.18
N SER A 151 8.16 -5.67 -4.95
CA SER A 151 7.82 -7.08 -4.67
C SER A 151 6.30 -7.31 -4.61
N SER A 152 5.51 -6.22 -4.51
CA SER A 152 4.05 -6.27 -4.61
C SER A 152 3.58 -6.74 -6.01
N HIS A 153 2.49 -7.52 -6.02
CA HIS A 153 1.86 -8.06 -7.24
C HIS A 153 0.35 -7.85 -7.17
N VAL A 154 -0.25 -7.31 -8.25
CA VAL A 154 -1.70 -7.10 -8.35
C VAL A 154 -2.31 -8.19 -9.26
N LEU A 155 -2.91 -9.21 -8.62
CA LEU A 155 -3.48 -10.38 -9.30
C LEU A 155 -4.93 -10.11 -9.70
N GLU A 156 -5.10 -9.69 -10.96
CA GLU A 156 -6.40 -9.34 -11.53
C GLU A 156 -7.22 -10.64 -11.74
N ASP A 157 -8.45 -10.70 -11.19
CA ASP A 157 -9.30 -11.90 -11.31
C ASP A 157 -10.01 -11.87 -12.68
N ASP A 158 -9.72 -12.87 -13.52
CA ASP A 158 -10.26 -13.00 -14.89
C ASP A 158 -11.82 -13.04 -14.88
N SER A 159 -12.41 -13.59 -13.79
CA SER A 159 -13.86 -13.66 -13.61
C SER A 159 -14.24 -13.31 -12.14
N MET A 160 -14.46 -14.33 -11.28
CA MET A 160 -14.79 -14.13 -9.85
C MET A 160 -14.44 -15.42 -9.05
N ASP A 161 -13.58 -16.26 -9.63
CA ASP A 161 -13.25 -17.59 -9.06
C ASP A 161 -12.16 -17.49 -8.00
N PHE A 162 -11.22 -16.53 -8.20
CA PHE A 162 -10.14 -16.25 -7.21
C PHE A 162 -10.79 -15.61 -5.96
N ILE A 163 -11.74 -14.69 -6.21
CA ILE A 163 -12.55 -14.01 -5.18
C ILE A 163 -13.38 -15.02 -4.40
N SER A 164 -14.04 -15.95 -5.14
CA SER A 164 -14.93 -16.97 -4.57
C SER A 164 -14.16 -17.81 -3.55
N THR A 165 -12.94 -18.22 -3.94
CA THR A 165 -12.02 -19.00 -3.10
C THR A 165 -11.64 -18.23 -1.83
N LEU A 166 -11.22 -16.96 -1.98
CA LEU A 166 -10.72 -16.14 -0.85
C LEU A 166 -11.84 -15.77 0.15
N THR A 167 -13.05 -15.50 -0.35
CA THR A 167 -14.18 -15.04 0.49
C THR A 167 -14.80 -16.20 1.29
N ARG A 168 -14.69 -17.44 0.76
CA ARG A 168 -15.14 -18.66 1.48
C ARG A 168 -14.03 -19.16 2.42
N LEU A 169 -12.77 -18.84 2.06
CA LEU A 169 -11.59 -19.24 2.82
C LEU A 169 -11.52 -18.46 4.15
N SER A 170 -11.69 -17.14 4.04
CA SER A 170 -11.77 -16.23 5.19
C SER A 170 -13.13 -16.39 5.90
N ASP A 171 -14.18 -16.57 5.06
CA ASP A 171 -15.58 -16.79 5.49
C ASP A 171 -16.20 -15.51 6.12
N SER A 172 -17.46 -15.24 5.75
CA SER A 172 -18.17 -14.01 6.13
C SER A 172 -19.69 -14.23 6.07
N GLN B 1 18.92 7.43 0.56
CA GLN B 1 18.53 8.56 -0.28
C GLN B 1 17.23 8.26 -1.07
N ASP B 2 16.49 7.25 -0.60
CA ASP B 2 15.25 6.77 -1.24
C ASP B 2 14.08 7.75 -1.00
N ASP B 3 13.04 7.66 -1.84
CA ASP B 3 11.79 8.44 -1.70
C ASP B 3 11.17 8.20 -0.31
N PHE B 4 11.10 6.93 0.07
CA PHE B 4 10.46 6.47 1.31
C PHE B 4 11.46 6.42 2.49
N GLY B 5 12.68 6.96 2.26
CA GLY B 5 13.66 7.16 3.33
C GLY B 5 13.56 8.57 3.92
N ASP B 6 14.39 8.85 4.95
CA ASP B 6 14.34 10.10 5.77
C ASP B 6 14.24 11.36 4.89
N GLY B 7 13.27 12.23 5.25
CA GLY B 7 12.82 13.34 4.39
C GLY B 7 11.59 12.94 3.58
N CYS B 8 11.02 11.78 3.91
CA CYS B 8 9.72 11.35 3.40
C CYS B 8 8.58 11.98 4.23
N LEU B 9 7.40 12.08 3.61
CA LEU B 9 6.17 12.54 4.29
C LEU B 9 5.40 11.33 4.87
N LEU B 10 5.93 10.11 4.67
CA LEU B 10 5.34 8.86 5.19
C LEU B 10 6.45 7.83 5.46
N GLN B 11 6.36 7.16 6.62
CA GLN B 11 7.33 6.13 7.04
C GLN B 11 6.59 4.81 7.29
N ILE B 12 7.29 3.72 7.01
CA ILE B 12 6.76 2.36 7.02
C ILE B 12 6.37 1.93 8.47
N VAL B 13 5.24 1.20 8.62
CA VAL B 13 4.80 0.69 9.95
C VAL B 13 5.72 -0.48 10.43
N ASN B 14 6.55 -0.18 11.43
CA ASN B 14 7.48 -1.16 12.05
C ASN B 14 8.01 -0.60 13.39
#